data_9GXE
#
_entry.id   9GXE
#
_cell.length_a   1.00
_cell.length_b   1.00
_cell.length_c   1.00
_cell.angle_alpha   90.00
_cell.angle_beta   90.00
_cell.angle_gamma   90.00
#
_symmetry.space_group_name_H-M   'P 1'
#
loop_
_entity.id
_entity.type
_entity.pdbx_description
1 polymer 'Spike glycoprotein'
2 polymer 'Homotrimeric bicycle molecule'
3 branched 2-acetamido-2-deoxy-beta-D-glucopyranose-(1-4)-2-acetamido-2-deoxy-beta-D-glucopyranose
4 non-polymer 2-acetamido-2-deoxy-beta-D-glucopyranose
5 non-polymer 'STEARIC ACID'
6 non-polymer 2,4,6-tris(chloromethyl)-1,3,5-triazine
7 water water
#
loop_
_entity_poly.entity_id
_entity_poly.type
_entity_poly.pdbx_seq_one_letter_code
_entity_poly.pdbx_strand_id
1 'polypeptide(L)'
;QCVNLTTRTQLPPAYTNSFTRGVYYPDKVFRSSVLHSTQDLFLPFFSNVTWFHAIHVSGTNGTKRFDNPVLPFNDGVYFA
STEKSNIIRGWIFGTTLDSKTQSLLIVNNATNVVIKVCEFQFCNDPFLGVYYHKNNKSWMESEFRVYSSANNCTFEYVSQ
PFLMDLEGKQGNFKNLREFVFKNIDGYFKIYSKHTPINLVRDLPQGFSALEPLVDLPIGINITRFQTLLALHRSYLTPGD
SSSGWTAGAAAYYVGYLQPRTFLLKYNENGTITDAVDCALDPLSETKCTLKSFTVEKGIYQTSNFRVQPTESIVRFPNIT
NLCPFGEVFNATRFASVYAWNRKRISNCVADYSVLYNSASFSTFKCYGVSPTKLNDLCFTNVYADSFVIRGDEVRQIAPG
QTGKIADYNYKLPDDFTGCVIAWNSNNLDSKVGGNYNYLYRLFRKSNLKPFERDISTEIYQAGSTPCNGVEGFNCYFPLQ
SYGFQPTNGVGYQPYRVVVLSFELLHAPATVCGPKKSTNLVKNKCVNFNFNGLTGTGVLTESNKKFLPFQQFGRDIADTT
DAVRDPQTLEILDITPCSFGGVSVITPGTNTSNQVAVLYQDVNCTEVPVAIHADQLTPTWRVYSTGSNVFQTRAGCLIGA
EHVNNSYECDIPIGAGICASYQTQTNSPRRARSVASQSIIAYTMSLGAENSVAYSNNSIAIPTNFTISVTTEILPVSMTK
TSVDCTMYICGDSTECSNLLLQYGSFCTQLNRALTGIAVEQDKNTQEVFAQVKQIYKTPPIKDFGGFNFSQILPDPSKPS
KRSPIEDLLFNKVTLADAGFIKQYGDCLGDIAARDLICAQKFNGLTVLPPLLTDEMIAQYTSALLAGTITSGWTFGAGPA
LQIPFPMQMAYRFNGIGVTQNVLYENQKLIANQFNSAIGKIQDSLSSTPSALGKLQDVVNQNAQALNTLVKQLSSNFGAI
SSVLNDILSRLDPPEAEVQIDRLITGRLQSLQTYVTQQLIRAAEIRASANLAATKMSECVLGQSKRVDFCGKGYHLMSFP
QSAPHGVVFLHVTYVPAQEKNFTTAPAICHDGKAHFPREGVFVSNGTHWFVTQRNFYEPQIITTDNTFVSGNCDVVIGIV
NNTVYDPLQPELD
;
A,B,C
2 'polypeptide(L)' (ACE)CPYVLG(4J5)(DAL)TCL(0JY)CA(NH2) D,E,F
#
# COMPACT_ATOMS: atom_id res chain seq x y z
N GLN A 1 -42.35 -17.97 -54.02
CA GLN A 1 -41.93 -16.78 -54.74
C GLN A 1 -42.32 -15.52 -53.95
N CYS A 2 -41.62 -14.42 -54.22
CA CYS A 2 -41.76 -13.21 -53.42
C CYS A 2 -43.06 -12.49 -53.78
N VAL A 3 -43.93 -12.31 -52.79
CA VAL A 3 -45.23 -11.68 -52.97
C VAL A 3 -45.26 -10.42 -52.12
N ASN A 4 -45.47 -9.28 -52.78
CA ASN A 4 -45.61 -8.01 -52.07
C ASN A 4 -47.05 -7.86 -51.61
N LEU A 5 -47.24 -7.75 -50.29
CA LEU A 5 -48.58 -7.71 -49.72
C LEU A 5 -49.23 -6.34 -49.95
N THR A 6 -50.57 -6.34 -49.96
CA THR A 6 -51.34 -5.13 -50.08
C THR A 6 -52.40 -5.05 -48.99
N THR A 7 -53.33 -4.09 -49.12
CA THR A 7 -54.44 -3.83 -48.19
C THR A 7 -53.95 -3.59 -46.77
N ARG A 8 -52.83 -2.89 -46.62
CA ARG A 8 -52.31 -2.53 -45.30
C ARG A 8 -52.81 -1.14 -44.92
N THR A 9 -53.19 -1.00 -43.66
CA THR A 9 -53.68 0.27 -43.13
C THR A 9 -52.56 0.93 -42.36
N GLN A 10 -52.21 2.16 -42.74
CA GLN A 10 -51.03 2.85 -42.22
C GLN A 10 -51.41 3.63 -40.96
N LEU A 11 -50.80 3.26 -39.84
CA LEU A 11 -50.93 3.94 -38.56
C LEU A 11 -49.55 4.36 -38.07
N PRO A 12 -49.47 5.39 -37.20
CA PRO A 12 -48.18 5.76 -36.63
C PRO A 12 -47.66 4.67 -35.71
N PRO A 13 -46.34 4.56 -35.55
CA PRO A 13 -45.78 3.52 -34.67
C PRO A 13 -46.06 3.78 -33.20
N ALA A 14 -46.07 2.70 -32.43
CA ALA A 14 -46.39 2.75 -31.01
C ALA A 14 -45.15 2.41 -30.18
N TYR A 15 -45.13 2.94 -28.97
CA TYR A 15 -44.02 2.73 -28.05
C TYR A 15 -44.56 2.39 -26.68
N THR A 16 -43.77 1.60 -25.93
CA THR A 16 -44.17 1.21 -24.59
C THR A 16 -42.93 1.13 -23.71
N ASN A 17 -43.13 0.71 -22.46
CA ASN A 17 -42.09 0.69 -21.45
C ASN A 17 -41.60 -0.73 -21.25
N SER A 18 -40.27 -0.88 -21.15
CA SER A 18 -39.68 -2.19 -20.93
C SER A 18 -39.68 -2.61 -19.46
N PHE A 19 -39.88 -1.66 -18.55
CA PHE A 19 -39.86 -1.84 -17.10
C PHE A 19 -38.57 -2.47 -16.61
N THR A 20 -38.63 -3.71 -16.14
CA THR A 20 -37.46 -4.38 -15.60
C THR A 20 -37.21 -5.72 -16.29
N ARG A 21 -37.24 -5.73 -17.62
CA ARG A 21 -37.08 -6.93 -18.41
C ARG A 21 -35.73 -6.90 -19.13
N GLY A 22 -35.44 -7.99 -19.84
CA GLY A 22 -34.22 -8.10 -20.61
C GLY A 22 -33.01 -8.59 -19.85
N VAL A 23 -33.17 -9.01 -18.60
CA VAL A 23 -32.05 -9.51 -17.81
C VAL A 23 -31.83 -10.99 -18.12
N TYR A 24 -30.60 -11.35 -18.45
CA TYR A 24 -30.22 -12.72 -18.75
C TYR A 24 -29.09 -13.16 -17.83
N TYR A 25 -28.82 -14.45 -17.83
CA TYR A 25 -27.70 -14.99 -17.07
C TYR A 25 -26.40 -14.63 -17.77
N PRO A 26 -25.48 -13.94 -17.09
CA PRO A 26 -24.26 -13.46 -17.77
C PRO A 26 -23.23 -14.56 -18.02
N ASP A 27 -23.21 -15.58 -17.18
CA ASP A 27 -22.26 -16.69 -17.33
C ASP A 27 -22.99 -18.00 -17.08
N LYS A 28 -22.23 -19.08 -16.97
CA LYS A 28 -22.74 -20.41 -16.69
C LYS A 28 -22.26 -20.92 -15.35
N VAL A 29 -22.27 -20.04 -14.35
CA VAL A 29 -21.72 -20.32 -13.03
C VAL A 29 -22.84 -20.20 -12.00
N PHE A 30 -23.02 -21.25 -11.20
CA PHE A 30 -24.06 -21.24 -10.17
C PHE A 30 -23.66 -20.35 -9.01
N ARG A 31 -24.54 -19.41 -8.67
CA ARG A 31 -24.44 -18.64 -7.44
C ARG A 31 -25.80 -18.66 -6.76
N SER A 32 -25.80 -18.66 -5.43
CA SER A 32 -27.03 -18.71 -4.66
C SER A 32 -26.92 -17.79 -3.45
N SER A 33 -28.04 -17.13 -3.13
CA SER A 33 -28.18 -16.23 -1.97
C SER A 33 -27.16 -15.11 -1.99
N VAL A 34 -26.91 -14.54 -3.17
CA VAL A 34 -25.85 -13.56 -3.36
C VAL A 34 -26.38 -12.39 -4.17
N LEU A 35 -25.67 -11.27 -4.09
CA LEU A 35 -25.96 -10.09 -4.90
C LEU A 35 -24.71 -9.84 -5.74
N HIS A 36 -24.77 -10.20 -7.02
CA HIS A 36 -23.61 -10.20 -7.89
C HIS A 36 -23.71 -9.07 -8.90
N SER A 37 -22.68 -8.25 -8.96
CA SER A 37 -22.62 -7.11 -9.87
C SER A 37 -21.79 -7.48 -11.09
N THR A 38 -22.31 -7.18 -12.27
CA THR A 38 -21.58 -7.48 -13.50
C THR A 38 -21.94 -6.45 -14.56
N GLN A 39 -21.01 -6.21 -15.48
CA GLN A 39 -21.23 -5.31 -16.60
C GLN A 39 -21.34 -6.13 -17.88
N ASP A 40 -22.39 -5.88 -18.65
CA ASP A 40 -22.61 -6.60 -19.89
C ASP A 40 -23.54 -5.77 -20.78
N LEU A 41 -23.82 -6.29 -21.96
CA LEU A 41 -24.76 -5.67 -22.89
C LEU A 41 -26.17 -5.95 -22.40
N PHE A 42 -26.76 -4.98 -21.70
CA PHE A 42 -28.08 -5.16 -21.11
C PHE A 42 -29.05 -4.14 -21.71
N LEU A 43 -30.33 -4.50 -21.66
CA LEU A 43 -31.38 -3.55 -21.96
C LEU A 43 -31.65 -2.71 -20.71
N PRO A 44 -31.59 -1.39 -20.79
CA PRO A 44 -31.73 -0.55 -19.59
C PRO A 44 -33.14 -0.60 -19.02
N PHE A 45 -33.22 -0.36 -17.71
CA PHE A 45 -34.50 -0.38 -17.02
C PHE A 45 -35.35 0.81 -17.45
N PHE A 46 -36.65 0.52 -17.68
CA PHE A 46 -37.65 1.48 -18.16
C PHE A 46 -37.21 2.12 -19.48
N SER A 47 -36.99 1.26 -20.48
CA SER A 47 -36.59 1.69 -21.80
C SER A 47 -37.81 1.89 -22.70
N ASN A 48 -37.66 2.76 -23.68
CA ASN A 48 -38.72 3.04 -24.65
C ASN A 48 -38.61 2.01 -25.77
N VAL A 49 -39.37 0.93 -25.65
CA VAL A 49 -39.31 -0.14 -26.63
C VAL A 49 -40.39 0.09 -27.69
N THR A 50 -40.13 -0.39 -28.90
CA THR A 50 -41.03 -0.18 -30.02
C THR A 50 -42.02 -1.35 -30.12
N TRP A 51 -43.27 -1.02 -30.45
CA TRP A 51 -44.40 -1.93 -30.40
C TRP A 51 -44.90 -2.16 -31.82
N PHE A 52 -45.02 -3.43 -32.21
CA PHE A 52 -45.50 -3.81 -33.52
C PHE A 52 -46.63 -4.81 -33.38
N HIS A 53 -47.67 -4.64 -34.20
CA HIS A 53 -48.89 -5.42 -34.08
C HIS A 53 -49.09 -6.27 -35.33
N ALA A 54 -49.88 -7.33 -35.16
CA ALA A 54 -50.44 -8.12 -36.26
C ALA A 54 -51.91 -8.31 -35.93
N ILE A 55 -52.78 -7.61 -36.66
CA ILE A 55 -54.19 -7.54 -36.30
C ILE A 55 -55.01 -7.28 -37.56
N HIS A 56 -56.24 -7.81 -37.56
CA HIS A 56 -57.22 -7.57 -38.63
C HIS A 56 -58.55 -7.29 -37.94
N VAL A 57 -58.83 -6.01 -37.70
CA VAL A 57 -60.08 -5.62 -37.05
C VAL A 57 -61.27 -5.86 -37.97
N SER A 58 -61.15 -5.44 -39.23
CA SER A 58 -62.14 -5.62 -40.31
C SER A 58 -63.52 -5.07 -39.96
N GLY A 62 -61.82 -0.46 -39.75
CA GLY A 62 -61.23 -1.79 -39.73
C GLY A 62 -59.78 -1.80 -40.16
N THR A 63 -58.88 -1.57 -39.21
CA THR A 63 -57.45 -1.52 -39.52
C THR A 63 -56.92 -2.92 -39.80
N LYS A 64 -55.80 -2.97 -40.52
CA LYS A 64 -55.15 -4.22 -40.90
C LYS A 64 -53.65 -3.99 -40.79
N ARG A 65 -53.04 -4.50 -39.72
CA ARG A 65 -51.63 -4.32 -39.45
C ARG A 65 -50.91 -5.65 -39.59
N PHE A 66 -49.85 -5.66 -40.40
CA PHE A 66 -48.94 -6.80 -40.56
C PHE A 66 -47.54 -6.21 -40.57
N ASP A 67 -46.94 -6.11 -39.39
CA ASP A 67 -45.71 -5.33 -39.20
C ASP A 67 -44.50 -6.26 -39.29
N ASN A 68 -43.77 -6.18 -40.40
CA ASN A 68 -42.45 -6.80 -40.52
C ASN A 68 -41.46 -5.83 -41.15
N PRO A 69 -41.08 -4.76 -40.45
CA PRO A 69 -40.13 -3.81 -41.02
C PRO A 69 -38.69 -4.26 -40.81
N VAL A 70 -37.77 -3.55 -41.45
CA VAL A 70 -36.35 -3.80 -41.28
C VAL A 70 -35.81 -2.80 -40.27
N LEU A 71 -35.31 -3.31 -39.16
CA LEU A 71 -34.87 -2.51 -38.04
C LEU A 71 -33.35 -2.62 -37.88
N PRO A 72 -32.70 -1.62 -37.30
CA PRO A 72 -31.27 -1.77 -36.99
C PRO A 72 -31.04 -2.79 -35.88
N PHE A 73 -29.83 -3.35 -35.87
CA PHE A 73 -29.44 -4.32 -34.86
C PHE A 73 -28.69 -3.68 -33.70
N ASN A 74 -27.85 -2.69 -33.98
CA ASN A 74 -27.07 -1.89 -33.02
C ASN A 74 -26.14 -2.83 -32.25
N ASP A 75 -26.15 -2.82 -30.91
CA ASP A 75 -25.26 -3.65 -30.11
C ASP A 75 -25.95 -4.88 -29.54
N GLY A 76 -27.02 -5.34 -30.17
CA GLY A 76 -27.80 -6.43 -29.64
C GLY A 76 -29.27 -6.05 -29.54
N VAL A 77 -30.16 -7.04 -29.52
CA VAL A 77 -31.59 -6.78 -29.62
C VAL A 77 -32.31 -7.59 -28.54
N TYR A 78 -33.19 -6.92 -27.81
CA TYR A 78 -34.19 -7.58 -26.98
C TYR A 78 -35.49 -7.70 -27.78
N PHE A 79 -36.00 -8.92 -27.89
CA PHE A 79 -37.22 -9.20 -28.64
C PHE A 79 -38.23 -9.85 -27.71
N ALA A 80 -39.41 -9.26 -27.60
CA ALA A 80 -40.51 -9.83 -26.83
C ALA A 80 -41.68 -10.11 -27.75
N SER A 81 -42.32 -11.26 -27.58
CA SER A 81 -43.46 -11.62 -28.40
C SER A 81 -44.59 -12.11 -27.51
N THR A 82 -45.72 -11.40 -27.52
CA THR A 82 -46.94 -11.83 -26.86
C THR A 82 -47.85 -12.40 -27.94
N GLU A 83 -48.09 -13.71 -27.89
CA GLU A 83 -48.89 -14.41 -28.88
C GLU A 83 -49.90 -15.31 -28.19
N LYS A 84 -50.91 -15.71 -28.96
CA LYS A 84 -51.78 -16.80 -28.59
C LYS A 84 -51.69 -17.98 -29.53
N SER A 85 -51.62 -17.74 -30.85
CA SER A 85 -51.51 -18.81 -31.83
C SER A 85 -50.41 -18.50 -32.85
N ASN A 86 -49.16 -18.76 -32.46
CA ASN A 86 -48.01 -19.10 -33.31
C ASN A 86 -47.87 -18.27 -34.58
N ILE A 87 -47.70 -16.96 -34.40
CA ILE A 87 -47.57 -16.05 -35.54
C ILE A 87 -46.11 -15.73 -35.84
N ILE A 88 -45.34 -15.32 -34.84
CA ILE A 88 -43.93 -15.02 -35.03
C ILE A 88 -43.17 -16.33 -35.15
N ARG A 89 -42.48 -16.51 -36.28
CA ARG A 89 -41.82 -17.77 -36.58
C ARG A 89 -40.31 -17.69 -36.60
N GLY A 90 -39.73 -16.50 -36.62
CA GLY A 90 -38.29 -16.39 -36.68
C GLY A 90 -37.86 -15.01 -37.14
N TRP A 91 -36.57 -14.90 -37.42
CA TRP A 91 -35.96 -13.61 -37.76
C TRP A 91 -34.92 -13.75 -38.86
N ILE A 92 -34.57 -12.58 -39.39
CA ILE A 92 -33.64 -12.40 -40.50
C ILE A 92 -32.58 -11.41 -40.02
N PHE A 93 -31.31 -11.80 -40.08
CA PHE A 93 -30.22 -10.93 -39.65
C PHE A 93 -29.23 -10.76 -40.78
N GLY A 94 -28.71 -9.54 -40.94
CA GLY A 94 -27.73 -9.31 -41.98
C GLY A 94 -27.32 -7.86 -42.04
N THR A 95 -26.76 -7.47 -43.19
CA THR A 95 -26.42 -6.08 -43.45
C THR A 95 -27.21 -5.51 -44.61
N THR A 96 -27.14 -6.11 -45.79
CA THR A 96 -27.85 -5.62 -46.97
C THR A 96 -29.02 -6.50 -47.37
N LEU A 97 -29.09 -7.74 -46.86
CA LEU A 97 -30.19 -8.67 -47.04
C LEU A 97 -30.47 -8.98 -48.51
N ASP A 98 -29.40 -9.11 -49.29
CA ASP A 98 -29.50 -9.59 -50.66
C ASP A 98 -28.37 -10.58 -50.90
N SER A 99 -28.16 -10.93 -52.18
CA SER A 99 -27.16 -11.92 -52.54
C SER A 99 -25.73 -11.41 -52.43
N LYS A 100 -25.53 -10.11 -52.20
CA LYS A 100 -24.18 -9.56 -52.12
C LYS A 100 -23.50 -9.83 -50.79
N THR A 101 -24.25 -10.20 -49.75
CA THR A 101 -23.69 -10.41 -48.42
C THR A 101 -24.25 -11.71 -47.84
N GLN A 102 -23.73 -12.08 -46.66
CA GLN A 102 -24.17 -13.28 -45.96
C GLN A 102 -25.14 -12.90 -44.86
N SER A 103 -26.19 -13.70 -44.70
CA SER A 103 -27.29 -13.39 -43.80
C SER A 103 -27.69 -14.65 -43.04
N LEU A 104 -28.29 -14.44 -41.88
CA LEU A 104 -28.71 -15.52 -40.98
C LEU A 104 -30.23 -15.62 -40.96
N LEU A 105 -30.74 -16.78 -41.33
CA LEU A 105 -32.14 -17.15 -41.24
C LEU A 105 -32.36 -18.01 -40.00
N ILE A 106 -33.29 -17.60 -39.15
CA ILE A 106 -33.82 -18.47 -38.10
C ILE A 106 -35.32 -18.57 -38.34
N VAL A 107 -35.82 -19.77 -38.55
CA VAL A 107 -37.23 -19.92 -38.91
C VAL A 107 -37.80 -21.18 -38.28
N ASN A 108 -39.11 -21.15 -38.07
CA ASN A 108 -39.91 -22.30 -37.64
C ASN A 108 -41.00 -22.46 -38.71
N ASN A 109 -40.82 -23.43 -39.60
CA ASN A 109 -41.76 -23.64 -40.70
C ASN A 109 -42.84 -24.67 -40.36
N ALA A 110 -43.20 -24.76 -39.07
CA ALA A 110 -44.23 -25.62 -38.46
C ALA A 110 -43.91 -27.11 -38.52
N THR A 111 -42.72 -27.48 -38.97
CA THR A 111 -42.25 -28.86 -38.84
C THR A 111 -40.87 -28.97 -38.23
N ASN A 112 -39.96 -28.03 -38.56
CA ASN A 112 -38.60 -28.04 -38.03
C ASN A 112 -38.20 -26.61 -37.67
N VAL A 113 -37.10 -26.50 -36.95
CA VAL A 113 -36.44 -25.22 -36.70
C VAL A 113 -35.20 -25.17 -37.59
N VAL A 114 -35.19 -24.23 -38.53
CA VAL A 114 -34.14 -24.14 -39.53
C VAL A 114 -33.28 -22.91 -39.22
N ILE A 115 -31.99 -23.14 -39.00
CA ILE A 115 -31.02 -22.08 -38.80
C ILE A 115 -29.99 -22.18 -39.91
N LYS A 116 -29.97 -21.19 -40.81
CA LYS A 116 -29.06 -21.22 -41.94
C LYS A 116 -28.31 -19.89 -42.01
N VAL A 117 -27.10 -19.94 -42.54
CA VAL A 117 -26.30 -18.75 -42.79
C VAL A 117 -25.92 -18.79 -44.26
N CYS A 118 -26.66 -18.05 -45.08
CA CYS A 118 -26.37 -18.05 -46.51
C CYS A 118 -26.62 -16.67 -47.12
N GLU A 119 -26.20 -16.55 -48.38
CA GLU A 119 -26.40 -15.34 -49.18
C GLU A 119 -27.80 -15.40 -49.80
N PHE A 120 -28.80 -15.19 -48.95
CA PHE A 120 -30.17 -15.22 -49.42
C PHE A 120 -30.52 -13.94 -50.16
N GLN A 121 -31.21 -14.09 -51.30
CA GLN A 121 -31.84 -12.96 -51.97
C GLN A 121 -33.23 -12.83 -51.36
N PHE A 122 -33.34 -11.98 -50.34
CA PHE A 122 -34.55 -11.91 -49.56
C PHE A 122 -35.65 -11.13 -50.28
N CYS A 123 -36.88 -11.53 -50.04
CA CYS A 123 -38.03 -10.82 -50.58
C CYS A 123 -38.22 -9.49 -49.87
N ASN A 124 -38.95 -8.58 -50.53
CA ASN A 124 -39.31 -7.32 -49.90
C ASN A 124 -40.31 -7.53 -48.77
N ASP A 125 -41.22 -8.48 -48.93
CA ASP A 125 -42.21 -8.83 -47.92
C ASP A 125 -42.13 -10.33 -47.67
N PRO A 126 -41.25 -10.78 -46.76
CA PRO A 126 -41.15 -12.21 -46.46
C PRO A 126 -42.14 -12.67 -45.39
N PHE A 127 -42.83 -13.78 -45.62
CA PHE A 127 -43.82 -14.26 -44.66
C PHE A 127 -44.03 -15.76 -44.84
N LEU A 128 -44.65 -16.35 -43.83
CA LEU A 128 -45.12 -17.72 -43.87
C LEU A 128 -46.64 -17.72 -43.88
N GLY A 129 -47.23 -18.85 -44.22
CA GLY A 129 -48.67 -18.88 -44.37
C GLY A 129 -49.36 -20.13 -43.88
N VAL A 130 -50.53 -19.95 -43.25
CA VAL A 130 -51.38 -21.05 -42.82
C VAL A 130 -52.71 -20.92 -43.54
N TYR A 131 -53.19 -22.01 -44.13
CA TYR A 131 -54.48 -22.04 -44.79
C TYR A 131 -55.48 -22.79 -43.92
N TYR A 132 -56.67 -22.20 -43.75
CA TYR A 132 -57.74 -22.82 -42.99
C TYR A 132 -58.68 -23.54 -43.96
N HIS A 133 -58.88 -24.83 -43.73
CA HIS A 133 -59.75 -25.65 -44.57
C HIS A 133 -61.08 -25.83 -43.87
N LYS A 134 -62.16 -25.36 -44.53
CA LYS A 134 -63.50 -25.51 -43.97
C LYS A 134 -63.96 -26.97 -44.06
N ASN A 135 -63.61 -27.64 -45.15
CA ASN A 135 -64.07 -29.01 -45.41
C ASN A 135 -63.42 -30.06 -44.52
N ASN A 136 -62.38 -29.70 -43.77
CA ASN A 136 -61.75 -30.65 -42.86
C ASN A 136 -61.52 -30.10 -41.46
N LYS A 137 -61.82 -28.81 -41.22
CA LYS A 137 -61.57 -28.11 -39.95
C LYS A 137 -60.11 -28.22 -39.52
N SER A 138 -59.21 -27.98 -40.47
CA SER A 138 -57.78 -28.15 -40.26
C SER A 138 -57.03 -26.90 -40.71
N TRP A 139 -55.94 -26.61 -40.01
CA TRP A 139 -55.04 -25.52 -40.36
C TRP A 139 -53.73 -26.14 -40.84
N MET A 140 -53.43 -25.96 -42.13
CA MET A 140 -52.24 -26.56 -42.74
C MET A 140 -51.35 -25.48 -43.34
N GLU A 141 -50.05 -25.64 -43.16
CA GLU A 141 -49.07 -24.68 -43.65
C GLU A 141 -48.97 -24.77 -45.17
N SER A 142 -49.04 -23.62 -45.83
CA SER A 142 -49.10 -23.57 -47.29
C SER A 142 -47.96 -22.81 -47.93
N GLU A 143 -47.58 -21.64 -47.40
CA GLU A 143 -46.64 -20.76 -48.05
C GLU A 143 -45.42 -20.51 -47.19
N PHE A 144 -44.26 -20.41 -47.84
CA PHE A 144 -42.99 -20.07 -47.19
C PHE A 144 -42.25 -19.17 -48.18
N ARG A 145 -42.41 -17.85 -48.05
CA ARG A 145 -41.85 -16.89 -48.99
C ARG A 145 -40.90 -15.97 -48.22
N VAL A 146 -39.66 -16.43 -48.06
CA VAL A 146 -38.64 -15.69 -47.33
C VAL A 146 -37.53 -15.22 -48.27
N TYR A 147 -37.04 -16.12 -49.12
CA TYR A 147 -35.93 -15.83 -50.02
C TYR A 147 -36.21 -16.43 -51.39
N SER A 148 -35.52 -15.90 -52.39
CA SER A 148 -35.62 -16.43 -53.74
C SER A 148 -34.44 -17.32 -54.13
N SER A 149 -33.31 -17.20 -53.45
CA SER A 149 -32.14 -18.01 -53.75
C SER A 149 -31.28 -18.15 -52.51
N ALA A 150 -30.40 -19.14 -52.52
CA ALA A 150 -29.45 -19.36 -51.42
C ALA A 150 -28.24 -20.10 -51.98
N ASN A 151 -27.14 -19.37 -52.17
CA ASN A 151 -25.97 -19.91 -52.85
C ASN A 151 -24.71 -19.68 -52.02
N ASN A 152 -23.76 -20.61 -52.16
CA ASN A 152 -22.38 -20.52 -51.65
C ASN A 152 -22.36 -20.30 -50.14
N CYS A 153 -22.86 -21.29 -49.39
CA CYS A 153 -23.16 -21.02 -48.00
C CYS A 153 -22.70 -22.14 -47.07
N THR A 154 -22.46 -21.74 -45.82
CA THR A 154 -21.57 -22.45 -44.89
C THR A 154 -22.29 -23.15 -43.75
N PHE A 155 -23.14 -22.46 -43.00
CA PHE A 155 -23.72 -22.99 -41.77
C PHE A 155 -25.16 -23.39 -42.01
N GLU A 156 -25.52 -24.61 -41.57
CA GLU A 156 -26.86 -25.14 -41.71
C GLU A 156 -27.19 -25.98 -40.49
N TYR A 157 -28.44 -25.89 -40.03
CA TYR A 157 -28.92 -26.71 -38.93
C TYR A 157 -30.42 -26.90 -39.09
N VAL A 158 -30.86 -28.15 -39.02
CA VAL A 158 -32.27 -28.50 -39.03
C VAL A 158 -32.53 -29.35 -37.79
N SER A 159 -33.49 -28.94 -36.96
CA SER A 159 -33.79 -29.64 -35.74
C SER A 159 -34.63 -30.88 -36.01
N GLN A 160 -35.00 -31.59 -34.94
CA GLN A 160 -35.85 -32.76 -35.04
C GLN A 160 -37.27 -32.35 -35.44
N PRO A 161 -37.97 -33.20 -36.20
CA PRO A 161 -39.33 -32.85 -36.63
C PRO A 161 -40.32 -32.83 -35.47
N PHE A 162 -41.35 -32.01 -35.62
CA PHE A 162 -42.41 -31.92 -34.64
C PHE A 162 -43.71 -31.52 -35.33
N LEU A 163 -44.83 -31.78 -34.66
CA LEU A 163 -46.13 -31.34 -35.10
C LEU A 163 -46.50 -30.08 -34.34
N MET A 164 -46.87 -29.03 -35.07
CA MET A 164 -46.96 -27.68 -34.52
C MET A 164 -48.36 -27.16 -34.70
N ASP A 165 -48.95 -26.65 -33.61
CA ASP A 165 -50.35 -26.23 -33.61
C ASP A 165 -50.50 -24.92 -34.36
N LEU A 166 -51.39 -24.90 -35.35
CA LEU A 166 -51.57 -23.73 -36.21
C LEU A 166 -53.00 -23.22 -36.23
N GLU A 167 -53.85 -23.67 -35.31
CA GLU A 167 -55.22 -23.17 -35.26
C GLU A 167 -55.23 -21.73 -34.74
N GLY A 168 -55.94 -20.85 -35.44
CA GLY A 168 -55.97 -19.45 -35.10
C GLY A 168 -56.92 -19.15 -33.95
N LYS A 169 -56.48 -19.44 -32.73
CA LYS A 169 -57.30 -19.28 -31.54
C LYS A 169 -57.60 -17.81 -31.26
N GLN A 170 -58.67 -17.58 -30.50
CA GLN A 170 -59.12 -16.24 -30.15
C GLN A 170 -59.21 -16.10 -28.64
N GLY A 171 -59.13 -14.86 -28.17
CA GLY A 171 -59.20 -14.60 -26.75
C GLY A 171 -58.07 -13.73 -26.24
N ASN A 172 -57.26 -14.27 -25.35
CA ASN A 172 -56.15 -13.54 -24.74
C ASN A 172 -54.82 -14.02 -25.29
N PHE A 173 -53.81 -13.15 -25.21
CA PHE A 173 -52.45 -13.57 -25.49
C PHE A 173 -51.98 -14.50 -24.37
N LYS A 174 -51.59 -15.71 -24.73
CA LYS A 174 -51.33 -16.75 -23.75
C LYS A 174 -49.86 -16.97 -23.47
N ASN A 175 -48.97 -16.66 -24.41
CA ASN A 175 -47.55 -16.96 -24.26
C ASN A 175 -46.72 -15.72 -24.51
N LEU A 176 -45.76 -15.47 -23.63
CA LEU A 176 -44.75 -14.44 -23.82
C LEU A 176 -43.40 -15.13 -24.03
N ARG A 177 -42.73 -14.77 -25.12
CA ARG A 177 -41.42 -15.33 -25.43
C ARG A 177 -40.43 -14.18 -25.56
N GLU A 178 -39.38 -14.21 -24.75
CA GLU A 178 -38.39 -13.14 -24.71
C GLU A 178 -37.03 -13.69 -25.13
N PHE A 179 -36.34 -12.91 -25.95
CA PHE A 179 -35.06 -13.28 -26.53
C PHE A 179 -34.10 -12.10 -26.41
N VAL A 180 -32.83 -12.43 -26.25
CA VAL A 180 -31.74 -11.48 -26.36
C VAL A 180 -30.77 -12.01 -27.41
N PHE A 181 -30.50 -11.20 -28.43
CA PHE A 181 -29.59 -11.54 -29.51
C PHE A 181 -28.35 -10.66 -29.39
N LYS A 182 -27.17 -11.30 -29.39
CA LYS A 182 -25.90 -10.59 -29.42
C LYS A 182 -25.03 -11.18 -30.52
N ASN A 183 -24.12 -10.36 -31.06
CA ASN A 183 -23.22 -10.79 -32.13
C ASN A 183 -21.82 -10.32 -31.77
N ILE A 184 -21.10 -11.16 -31.02
CA ILE A 184 -19.77 -10.82 -30.50
C ILE A 184 -18.77 -11.87 -30.97
N ASP A 185 -17.69 -11.40 -31.61
CA ASP A 185 -16.53 -12.20 -32.00
C ASP A 185 -16.91 -13.37 -32.89
N GLY A 186 -17.81 -13.12 -33.84
CA GLY A 186 -18.28 -14.17 -34.71
C GLY A 186 -19.28 -15.12 -34.10
N TYR A 187 -19.73 -14.87 -32.89
CA TYR A 187 -20.69 -15.73 -32.19
C TYR A 187 -22.01 -15.00 -32.07
N PHE A 188 -23.07 -15.61 -32.57
CA PHE A 188 -24.44 -15.14 -32.38
C PHE A 188 -24.99 -15.83 -31.13
N LYS A 189 -25.08 -15.08 -30.05
CA LYS A 189 -25.55 -15.60 -28.77
C LYS A 189 -27.03 -15.32 -28.64
N ILE A 190 -27.81 -16.37 -28.41
CA ILE A 190 -29.25 -16.29 -28.22
C ILE A 190 -29.57 -16.71 -26.80
N TYR A 191 -30.26 -15.83 -26.07
CA TYR A 191 -30.80 -16.10 -24.74
C TYR A 191 -32.32 -16.05 -24.84
N SER A 192 -33.00 -16.93 -24.13
CA SER A 192 -34.46 -16.99 -24.29
C SER A 192 -35.13 -17.39 -22.99
N LYS A 193 -36.41 -17.04 -22.89
CA LYS A 193 -37.27 -17.49 -21.80
C LYS A 193 -38.72 -17.41 -22.25
N HIS A 194 -39.52 -18.38 -21.81
CA HIS A 194 -40.94 -18.44 -22.10
C HIS A 194 -41.74 -18.34 -20.82
N THR A 195 -42.85 -17.60 -20.86
CA THR A 195 -43.70 -17.39 -19.70
C THR A 195 -45.17 -17.52 -20.10
N PRO A 196 -45.98 -18.24 -19.32
CA PRO A 196 -47.43 -18.26 -19.56
C PRO A 196 -48.06 -16.98 -19.05
N ILE A 197 -48.75 -16.26 -19.94
CA ILE A 197 -49.39 -15.00 -19.60
C ILE A 197 -50.88 -15.10 -19.92
N ASN A 198 -51.61 -14.07 -19.50
CA ASN A 198 -53.02 -13.91 -19.88
C ASN A 198 -53.33 -12.42 -19.87
N LEU A 199 -53.27 -11.79 -21.04
CA LEU A 199 -53.49 -10.36 -21.15
C LEU A 199 -54.03 -10.05 -22.54
N VAL A 200 -54.52 -8.83 -22.72
CA VAL A 200 -55.10 -8.39 -23.97
C VAL A 200 -54.10 -7.63 -24.84
N ARG A 201 -53.32 -6.74 -24.24
CA ARG A 201 -52.43 -5.86 -25.00
C ARG A 201 -51.33 -5.36 -24.08
N ASP A 202 -50.34 -4.70 -24.70
CA ASP A 202 -49.16 -4.07 -24.09
C ASP A 202 -48.20 -5.07 -23.46
N LEU A 203 -46.96 -4.65 -23.25
CA LEU A 203 -45.95 -5.52 -22.66
C LEU A 203 -46.13 -5.55 -21.15
N PRO A 204 -46.29 -6.73 -20.55
CA PRO A 204 -46.53 -6.78 -19.10
C PRO A 204 -45.28 -6.47 -18.30
N GLN A 205 -45.50 -5.94 -17.10
CA GLN A 205 -44.40 -5.72 -16.16
C GLN A 205 -44.09 -7.01 -15.42
N GLY A 206 -42.87 -7.11 -14.93
CA GLY A 206 -42.44 -8.30 -14.21
C GLY A 206 -41.00 -8.65 -14.51
N PHE A 207 -40.45 -9.60 -13.76
CA PHE A 207 -39.06 -10.03 -13.92
C PHE A 207 -39.00 -11.46 -14.41
N SER A 208 -38.11 -11.70 -15.37
CA SER A 208 -37.79 -13.04 -15.82
C SER A 208 -36.34 -13.05 -16.26
N ALA A 209 -35.57 -14.00 -15.74
CA ALA A 209 -34.16 -14.15 -16.11
C ALA A 209 -34.07 -15.05 -17.33
N LEU A 210 -33.48 -14.55 -18.41
CA LEU A 210 -33.40 -15.30 -19.66
C LEU A 210 -32.23 -16.27 -19.57
N GLU A 211 -32.53 -17.56 -19.53
CA GLU A 211 -31.48 -18.57 -19.53
C GLU A 211 -30.85 -18.66 -20.92
N PRO A 212 -29.54 -18.97 -20.99
CA PRO A 212 -28.87 -19.02 -22.29
C PRO A 212 -29.36 -20.19 -23.14
N LEU A 213 -29.66 -19.90 -24.41
CA LEU A 213 -30.17 -20.90 -25.33
C LEU A 213 -29.07 -21.48 -26.21
N VAL A 214 -28.35 -20.65 -26.96
CA VAL A 214 -27.40 -21.17 -27.95
C VAL A 214 -26.35 -20.12 -28.25
N ASP A 215 -25.20 -20.57 -28.77
CA ASP A 215 -24.18 -19.72 -29.38
C ASP A 215 -23.83 -20.31 -30.73
N LEU A 216 -24.07 -19.55 -31.80
CA LEU A 216 -23.87 -20.03 -33.16
C LEU A 216 -22.62 -19.39 -33.75
N PRO A 217 -21.66 -20.18 -34.22
CA PRO A 217 -20.44 -19.59 -34.82
C PRO A 217 -20.63 -19.20 -36.27
N ILE A 218 -21.31 -18.07 -36.48
CA ILE A 218 -21.71 -17.69 -37.83
C ILE A 218 -20.66 -16.83 -38.54
N GLY A 219 -19.94 -15.98 -37.82
CA GLY A 219 -18.84 -15.20 -38.37
C GLY A 219 -19.22 -14.19 -39.44
N ILE A 220 -20.38 -13.56 -39.31
CA ILE A 220 -20.86 -12.61 -40.31
C ILE A 220 -21.07 -11.25 -39.66
N ASN A 221 -21.27 -10.25 -40.52
CA ASN A 221 -21.54 -8.88 -40.12
C ASN A 221 -23.04 -8.65 -40.11
N ILE A 222 -23.55 -8.15 -38.98
CA ILE A 222 -24.99 -7.98 -38.78
C ILE A 222 -25.26 -6.55 -38.34
N THR A 223 -26.06 -5.81 -39.13
CA THR A 223 -26.49 -4.47 -38.76
C THR A 223 -28.01 -4.28 -38.78
N ARG A 224 -28.75 -5.09 -39.54
CA ARG A 224 -30.20 -4.97 -39.66
C ARG A 224 -30.83 -6.34 -39.44
N PHE A 225 -32.10 -6.32 -39.05
CA PHE A 225 -32.85 -7.53 -38.76
C PHE A 225 -34.33 -7.30 -39.06
N GLN A 226 -35.05 -8.39 -39.23
CA GLN A 226 -36.44 -8.34 -39.68
C GLN A 226 -37.19 -9.59 -39.21
N THR A 227 -38.36 -9.39 -38.62
CA THR A 227 -39.14 -10.51 -38.09
C THR A 227 -39.99 -11.13 -39.18
N LEU A 228 -40.05 -12.47 -39.20
CA LEU A 228 -40.88 -13.23 -40.12
C LEU A 228 -42.17 -13.61 -39.40
N LEU A 229 -43.31 -13.19 -39.95
CA LEU A 229 -44.61 -13.52 -39.39
C LEU A 229 -45.35 -14.48 -40.32
N ALA A 230 -46.38 -15.11 -39.76
CA ALA A 230 -47.23 -16.01 -40.51
C ALA A 230 -48.63 -15.41 -40.62
N LEU A 231 -49.14 -15.36 -41.84
CA LEU A 231 -50.50 -14.90 -42.09
C LEU A 231 -51.43 -16.09 -42.27
N HIS A 232 -52.72 -15.79 -42.39
CA HIS A 232 -53.76 -16.79 -42.58
C HIS A 232 -54.52 -16.52 -43.87
N ARG A 233 -54.82 -17.59 -44.58
CA ARG A 233 -55.65 -17.54 -45.77
C ARG A 233 -56.75 -18.58 -45.67
N SER A 234 -57.95 -18.23 -46.12
CA SER A 234 -59.08 -19.15 -46.05
C SER A 234 -60.10 -18.75 -47.10
N TYR A 235 -61.24 -19.44 -47.09
CA TYR A 235 -62.36 -19.09 -47.95
C TYR A 235 -63.00 -17.77 -47.56
N LEU A 236 -62.84 -17.34 -46.31
CA LEU A 236 -63.38 -16.06 -45.84
C LEU A 236 -62.53 -14.87 -46.27
N THR A 237 -61.36 -15.09 -46.86
CA THR A 237 -60.49 -14.02 -47.31
C THR A 237 -60.16 -14.24 -48.78
N PRO A 238 -61.08 -13.87 -49.68
CA PRO A 238 -60.83 -14.07 -51.11
C PRO A 238 -59.94 -12.99 -51.69
N GLY A 239 -59.41 -13.27 -52.88
CA GLY A 239 -58.54 -12.38 -53.60
C GLY A 239 -57.33 -13.12 -54.12
N ASP A 240 -56.36 -12.36 -54.61
CA ASP A 240 -55.12 -12.95 -55.12
C ASP A 240 -54.15 -13.16 -53.96
N SER A 241 -52.88 -13.46 -54.29
CA SER A 241 -51.88 -13.69 -53.26
C SER A 241 -51.50 -12.42 -52.53
N SER A 242 -51.58 -11.26 -53.22
CA SER A 242 -51.19 -10.01 -52.60
C SER A 242 -52.24 -9.47 -51.65
N SER A 243 -53.52 -9.74 -51.90
CA SER A 243 -54.61 -9.14 -51.13
C SER A 243 -55.45 -10.14 -50.35
N GLY A 244 -55.65 -11.35 -50.86
CA GLY A 244 -56.51 -12.31 -50.19
C GLY A 244 -55.87 -12.99 -49.00
N TRP A 245 -55.68 -12.23 -47.92
CA TRP A 245 -55.04 -12.75 -46.72
C TRP A 245 -55.57 -12.01 -45.50
N THR A 246 -55.37 -12.60 -44.34
CA THR A 246 -55.68 -11.96 -43.07
C THR A 246 -54.54 -12.25 -42.09
N ALA A 247 -54.51 -11.47 -41.01
CA ALA A 247 -53.43 -11.55 -40.03
C ALA A 247 -54.01 -12.00 -38.70
N GLY A 248 -53.44 -13.06 -38.14
CA GLY A 248 -53.76 -13.42 -36.77
C GLY A 248 -53.17 -12.44 -35.79
N ALA A 249 -53.82 -12.32 -34.63
CA ALA A 249 -53.44 -11.31 -33.65
C ALA A 249 -52.16 -11.72 -32.93
N ALA A 250 -51.19 -10.82 -32.92
CA ALA A 250 -49.95 -11.01 -32.18
C ALA A 250 -49.32 -9.64 -31.94
N ALA A 251 -48.40 -9.59 -30.99
CA ALA A 251 -47.65 -8.36 -30.77
C ALA A 251 -46.20 -8.69 -30.50
N TYR A 252 -45.30 -7.84 -30.96
CA TYR A 252 -43.90 -7.99 -30.60
C TYR A 252 -43.28 -6.62 -30.32
N TYR A 253 -42.20 -6.66 -29.55
CA TYR A 253 -41.61 -5.49 -28.91
C TYR A 253 -40.11 -5.57 -29.08
N VAL A 254 -39.51 -4.47 -29.52
CA VAL A 254 -38.08 -4.43 -29.85
C VAL A 254 -37.41 -3.39 -28.97
N GLY A 255 -36.33 -3.80 -28.30
CA GLY A 255 -35.49 -2.89 -27.56
C GLY A 255 -34.02 -3.17 -27.88
N TYR A 256 -33.16 -2.24 -27.44
CA TYR A 256 -31.75 -2.28 -27.79
C TYR A 256 -30.87 -2.30 -26.55
N LEU A 257 -29.82 -3.11 -26.61
CA LEU A 257 -28.91 -3.27 -25.48
C LEU A 257 -27.72 -2.32 -25.60
N GLN A 258 -27.21 -1.92 -24.46
CA GLN A 258 -26.01 -1.08 -24.35
C GLN A 258 -25.18 -1.62 -23.19
N PRO A 259 -23.86 -1.30 -23.15
CA PRO A 259 -23.05 -1.76 -22.01
C PRO A 259 -23.42 -1.08 -20.71
N ARG A 260 -24.00 -1.85 -19.80
CA ARG A 260 -24.48 -1.36 -18.52
C ARG A 260 -24.00 -2.29 -17.41
N THR A 261 -23.90 -1.73 -16.21
CA THR A 261 -23.57 -2.50 -15.01
C THR A 261 -24.87 -2.78 -14.26
N PHE A 262 -25.15 -4.06 -14.03
CA PHE A 262 -26.34 -4.51 -13.34
C PHE A 262 -25.93 -5.18 -12.04
N LEU A 263 -26.85 -5.16 -11.07
CA LEU A 263 -26.69 -5.89 -9.82
C LEU A 263 -27.80 -6.92 -9.74
N LEU A 264 -27.45 -8.19 -9.97
CA LEU A 264 -28.42 -9.27 -9.99
C LEU A 264 -28.51 -9.92 -8.61
N LYS A 265 -29.69 -10.46 -8.31
CA LYS A 265 -29.96 -11.10 -7.02
C LYS A 265 -30.23 -12.58 -7.26
N TYR A 266 -29.32 -13.43 -6.77
CA TYR A 266 -29.50 -14.87 -6.80
C TYR A 266 -30.11 -15.29 -5.46
N ASN A 267 -31.25 -15.96 -5.51
CA ASN A 267 -31.92 -16.41 -4.30
C ASN A 267 -31.35 -17.76 -3.87
N GLU A 268 -32.02 -18.44 -2.94
CA GLU A 268 -31.50 -19.65 -2.33
C GLU A 268 -31.46 -20.84 -3.30
N ASN A 269 -32.26 -20.81 -4.36
CA ASN A 269 -32.25 -21.89 -5.34
C ASN A 269 -31.34 -21.61 -6.53
N GLY A 270 -30.72 -20.43 -6.58
CA GLY A 270 -29.83 -20.09 -7.66
C GLY A 270 -30.47 -19.42 -8.86
N THR A 271 -31.70 -18.94 -8.72
CA THR A 271 -32.41 -18.27 -9.81
C THR A 271 -32.29 -16.76 -9.62
N ILE A 272 -32.01 -16.05 -10.70
CA ILE A 272 -31.98 -14.60 -10.66
C ILE A 272 -33.41 -14.08 -10.57
N THR A 273 -33.73 -13.41 -9.46
CA THR A 273 -35.09 -12.98 -9.18
C THR A 273 -35.29 -11.47 -9.21
N ASP A 274 -34.22 -10.69 -9.12
CA ASP A 274 -34.34 -9.23 -9.11
C ASP A 274 -33.04 -8.63 -9.62
N ALA A 275 -33.10 -7.37 -10.03
CA ALA A 275 -31.92 -6.69 -10.57
C ALA A 275 -32.02 -5.20 -10.31
N VAL A 276 -30.85 -4.56 -10.29
CA VAL A 276 -30.72 -3.11 -10.18
C VAL A 276 -29.93 -2.63 -11.39
N ASP A 277 -30.47 -1.63 -12.09
CA ASP A 277 -29.76 -0.95 -13.17
C ASP A 277 -29.02 0.25 -12.58
N CYS A 278 -27.70 0.15 -12.45
CA CYS A 278 -26.92 1.11 -11.68
C CYS A 278 -26.84 2.49 -12.33
N ALA A 279 -27.18 2.63 -13.61
CA ALA A 279 -27.10 3.91 -14.31
C ALA A 279 -28.47 4.50 -14.60
N LEU A 280 -29.51 4.02 -13.91
CA LEU A 280 -30.87 4.51 -14.17
C LEU A 280 -31.10 5.85 -13.49
N ASP A 281 -31.03 5.88 -12.17
CA ASP A 281 -31.18 7.08 -11.35
C ASP A 281 -30.17 6.98 -10.23
N PRO A 282 -29.87 8.10 -9.54
CA PRO A 282 -28.91 8.04 -8.41
C PRO A 282 -29.32 7.13 -7.26
N LEU A 283 -30.61 6.86 -7.08
CA LEU A 283 -31.05 5.90 -6.08
C LEU A 283 -30.52 4.50 -6.38
N SER A 284 -30.57 4.10 -7.65
CA SER A 284 -30.05 2.78 -8.02
C SER A 284 -28.54 2.74 -7.99
N GLU A 285 -27.88 3.88 -8.25
CA GLU A 285 -26.42 3.94 -8.09
C GLU A 285 -26.03 3.77 -6.63
N THR A 286 -26.80 4.36 -5.72
CA THR A 286 -26.59 4.15 -4.29
C THR A 286 -26.87 2.69 -3.90
N LYS A 287 -27.89 2.09 -4.53
CA LYS A 287 -28.18 0.66 -4.30
C LYS A 287 -27.02 -0.22 -4.73
N CYS A 288 -26.41 0.09 -5.87
CA CYS A 288 -25.29 -0.70 -6.36
C CYS A 288 -24.03 -0.47 -5.53
N THR A 289 -23.83 0.76 -5.04
CA THR A 289 -22.69 1.02 -4.16
C THR A 289 -22.86 0.34 -2.80
N LEU A 290 -24.08 0.32 -2.28
CA LEU A 290 -24.35 -0.29 -0.99
C LEU A 290 -24.35 -1.81 -1.03
N LYS A 291 -24.44 -2.40 -2.24
CA LYS A 291 -24.66 -3.83 -2.46
C LYS A 291 -25.90 -4.32 -1.70
N SER A 292 -26.96 -3.52 -1.75
CA SER A 292 -28.21 -3.84 -1.09
C SER A 292 -29.35 -3.21 -1.86
N PHE A 293 -30.49 -3.89 -1.88
CA PHE A 293 -31.67 -3.39 -2.54
C PHE A 293 -32.42 -2.36 -1.70
N THR A 294 -32.13 -2.28 -0.41
CA THR A 294 -32.83 -1.40 0.52
C THR A 294 -31.89 -0.30 1.00
N VAL A 295 -32.36 0.94 0.96
CA VAL A 295 -31.57 2.11 1.32
C VAL A 295 -32.18 2.76 2.55
N GLU A 296 -31.34 3.03 3.55
CA GLU A 296 -31.79 3.64 4.79
C GLU A 296 -31.98 5.15 4.64
N LYS A 297 -32.55 5.76 5.66
CA LYS A 297 -32.81 7.19 5.65
C LYS A 297 -31.51 7.97 5.80
N GLY A 298 -31.30 8.94 4.92
CA GLY A 298 -30.12 9.78 5.03
C GLY A 298 -29.77 10.40 3.68
N ILE A 299 -28.49 10.72 3.54
CA ILE A 299 -27.94 11.33 2.34
C ILE A 299 -26.67 10.57 1.97
N TYR A 300 -26.52 10.25 0.69
CA TYR A 300 -25.47 9.37 0.20
C TYR A 300 -24.80 10.00 -1.00
N GLN A 301 -23.47 10.00 -1.01
CA GLN A 301 -22.74 10.47 -2.18
C GLN A 301 -22.85 9.46 -3.31
N THR A 302 -22.65 9.95 -4.53
CA THR A 302 -22.71 9.11 -5.71
C THR A 302 -21.58 9.53 -6.65
N SER A 303 -21.64 9.06 -7.89
CA SER A 303 -20.64 9.46 -8.87
C SER A 303 -20.83 10.92 -9.23
N ASN A 304 -19.72 11.56 -9.61
CA ASN A 304 -19.74 12.95 -10.03
C ASN A 304 -20.49 13.09 -11.35
N PHE A 305 -20.95 14.30 -11.64
CA PHE A 305 -21.80 14.55 -12.80
C PHE A 305 -20.99 14.42 -14.08
N ARG A 306 -21.29 13.39 -14.87
CA ARG A 306 -20.60 13.11 -16.11
C ARG A 306 -21.37 13.70 -17.29
N VAL A 307 -20.63 14.18 -18.28
CA VAL A 307 -21.18 14.60 -19.56
C VAL A 307 -20.54 13.74 -20.65
N GLN A 308 -21.37 13.13 -21.47
CA GLN A 308 -20.84 12.25 -22.50
C GLN A 308 -20.47 13.01 -23.76
N PRO A 309 -19.48 12.54 -24.52
CA PRO A 309 -19.14 13.21 -25.78
C PRO A 309 -20.22 13.04 -26.84
N THR A 310 -20.44 14.10 -27.61
CA THR A 310 -21.49 14.12 -28.62
C THR A 310 -21.01 13.66 -29.98
N GLU A 311 -19.74 13.91 -30.33
CA GLU A 311 -19.21 13.54 -31.63
C GLU A 311 -17.72 13.31 -31.51
N SER A 312 -17.13 12.79 -32.59
CA SER A 312 -15.70 12.51 -32.66
C SER A 312 -15.09 13.33 -33.78
N ILE A 313 -13.97 13.99 -33.49
CA ILE A 313 -13.26 14.77 -34.50
C ILE A 313 -11.84 14.24 -34.64
N VAL A 314 -11.26 14.46 -35.82
CA VAL A 314 -9.90 14.07 -36.14
C VAL A 314 -9.21 15.26 -36.77
N ARG A 315 -8.06 15.67 -36.22
CA ARG A 315 -7.30 16.79 -36.71
C ARG A 315 -5.89 16.32 -37.05
N PHE A 316 -5.61 16.19 -38.35
CA PHE A 316 -4.33 15.80 -38.92
C PHE A 316 -3.83 16.94 -39.79
N PRO A 317 -2.52 17.06 -40.02
CA PRO A 317 -2.01 18.15 -40.86
C PRO A 317 -2.40 17.98 -42.32
N ASN A 318 -2.35 19.11 -43.05
CA ASN A 318 -2.68 19.11 -44.47
C ASN A 318 -1.56 18.42 -45.26
N ILE A 319 -1.71 17.11 -45.47
CA ILE A 319 -0.68 16.29 -46.08
C ILE A 319 -1.30 15.54 -47.23
N THR A 320 -0.72 15.66 -48.42
CA THR A 320 -1.27 15.07 -49.63
C THR A 320 -0.44 13.95 -50.23
N ASN A 321 0.88 14.05 -50.14
CA ASN A 321 1.75 13.07 -50.79
C ASN A 321 1.77 11.75 -50.04
N LEU A 322 2.06 10.69 -50.77
CA LEU A 322 2.28 9.37 -50.18
C LEU A 322 3.77 9.17 -49.91
N CYS A 323 4.06 8.33 -48.93
CA CYS A 323 5.44 8.11 -48.52
C CYS A 323 6.17 7.26 -49.55
N PRO A 324 7.49 7.50 -49.73
CA PRO A 324 8.22 6.77 -50.77
C PRO A 324 8.44 5.31 -50.45
N PHE A 325 7.38 4.50 -50.52
CA PHE A 325 7.51 3.07 -50.30
C PHE A 325 8.27 2.41 -51.44
N GLY A 326 8.09 2.91 -52.67
CA GLY A 326 8.86 2.38 -53.79
C GLY A 326 10.33 2.74 -53.71
N GLU A 327 10.65 3.91 -53.16
CA GLU A 327 12.04 4.32 -53.06
C GLU A 327 12.76 3.61 -51.91
N VAL A 328 12.03 3.17 -50.89
CA VAL A 328 12.65 2.56 -49.72
C VAL A 328 12.62 1.05 -49.82
N PHE A 329 11.44 0.47 -49.98
CA PHE A 329 11.29 -0.98 -49.97
C PHE A 329 11.51 -1.62 -51.33
N ASN A 330 11.64 -0.83 -52.40
CA ASN A 330 11.81 -1.34 -53.75
C ASN A 330 12.96 -0.60 -54.44
N ALA A 331 13.99 -0.28 -53.69
CA ALA A 331 15.16 0.38 -54.27
C ALA A 331 15.98 -0.59 -55.10
N THR A 332 16.65 -0.07 -56.11
CA THR A 332 17.47 -0.90 -56.98
C THR A 332 18.72 -1.40 -56.25
N ARG A 333 19.39 -0.52 -55.51
CA ARG A 333 20.60 -0.85 -54.79
C ARG A 333 20.38 -0.63 -53.30
N PHE A 334 20.81 -1.61 -52.50
CA PHE A 334 20.76 -1.53 -51.05
C PHE A 334 22.17 -1.41 -50.50
N ALA A 335 22.31 -0.71 -49.38
CA ALA A 335 23.61 -0.47 -48.79
C ALA A 335 24.13 -1.71 -48.08
N SER A 336 25.43 -1.70 -47.81
CA SER A 336 26.03 -2.72 -46.97
C SER A 336 25.72 -2.43 -45.50
N VAL A 337 25.92 -3.44 -44.66
CA VAL A 337 25.52 -3.31 -43.26
C VAL A 337 26.49 -2.42 -42.48
N TYR A 338 27.76 -2.38 -42.89
CA TYR A 338 28.70 -1.49 -42.21
C TYR A 338 28.48 -0.03 -42.63
N ALA A 339 27.91 0.20 -43.81
CA ALA A 339 27.65 1.54 -44.30
C ALA A 339 26.15 1.70 -44.57
N TRP A 340 25.33 1.33 -43.58
CA TRP A 340 23.88 1.29 -43.71
C TRP A 340 23.31 2.67 -44.01
N ASN A 341 22.33 2.72 -44.91
CA ASN A 341 21.84 3.99 -45.43
C ASN A 341 20.70 4.50 -44.58
N ARG A 342 20.78 5.76 -44.18
CA ARG A 342 19.72 6.41 -43.41
C ARG A 342 19.05 7.47 -44.26
N LYS A 343 17.73 7.38 -44.39
CA LYS A 343 16.93 8.28 -45.21
C LYS A 343 15.87 8.94 -44.35
N ARG A 344 15.76 10.26 -44.45
CA ARG A 344 14.76 11.00 -43.71
C ARG A 344 13.43 10.97 -44.46
N ILE A 345 12.34 10.70 -43.74
CA ILE A 345 11.00 10.63 -44.31
C ILE A 345 10.17 11.72 -43.65
N SER A 346 9.60 12.61 -44.48
CA SER A 346 8.83 13.73 -43.96
C SER A 346 7.78 14.15 -44.98
N ASN A 347 6.69 14.72 -44.46
CA ASN A 347 5.61 15.36 -45.24
C ASN A 347 4.94 14.38 -46.20
N CYS A 348 4.44 13.28 -45.63
CA CYS A 348 3.79 12.25 -46.44
C CYS A 348 2.84 11.43 -45.57
N VAL A 349 1.98 10.66 -46.24
CA VAL A 349 0.95 9.84 -45.60
C VAL A 349 1.45 8.40 -45.51
N ALA A 350 1.49 7.85 -44.30
CA ALA A 350 1.99 6.49 -44.08
C ALA A 350 0.88 5.47 -44.31
N ASP A 351 0.54 5.29 -45.58
CA ASP A 351 -0.46 4.31 -46.01
C ASP A 351 0.30 3.08 -46.48
N TYR A 352 0.55 2.15 -45.56
CA TYR A 352 1.34 0.97 -45.86
C TYR A 352 0.52 -0.13 -46.53
N SER A 353 -0.79 0.07 -46.71
CA SER A 353 -1.62 -0.92 -47.38
C SER A 353 -1.24 -1.08 -48.85
N VAL A 354 -0.64 -0.05 -49.45
CA VAL A 354 -0.10 -0.16 -50.81
C VAL A 354 1.10 -1.09 -50.88
N LEU A 355 1.69 -1.47 -49.75
CA LEU A 355 2.69 -2.52 -49.73
C LEU A 355 2.10 -3.91 -49.83
N TYR A 356 0.78 -4.06 -49.71
CA TYR A 356 0.17 -5.38 -49.72
C TYR A 356 0.23 -6.05 -51.08
N ASN A 357 0.46 -5.28 -52.15
CA ASN A 357 0.53 -5.84 -53.48
C ASN A 357 1.85 -6.57 -53.74
N SER A 358 2.97 -6.06 -53.22
CA SER A 358 4.26 -6.46 -53.74
C SER A 358 5.36 -6.69 -52.71
N ALA A 359 5.07 -6.67 -51.41
CA ALA A 359 6.16 -6.71 -50.44
C ALA A 359 6.47 -8.12 -49.95
N SER A 360 5.50 -8.77 -49.31
CA SER A 360 5.63 -10.09 -48.67
C SER A 360 6.79 -10.14 -47.67
N PHE A 361 6.62 -9.37 -46.59
CA PHE A 361 7.64 -9.30 -45.55
C PHE A 361 7.67 -10.58 -44.72
N SER A 362 8.88 -11.01 -44.37
CA SER A 362 9.06 -12.19 -43.53
C SER A 362 9.25 -11.84 -42.05
N THR A 363 9.81 -10.66 -41.75
CA THR A 363 9.96 -10.18 -40.39
C THR A 363 9.35 -8.80 -40.31
N PHE A 364 8.43 -8.60 -39.37
CA PHE A 364 7.85 -7.28 -39.12
C PHE A 364 7.58 -7.18 -37.62
N LYS A 365 8.42 -6.43 -36.91
CA LYS A 365 8.32 -6.33 -35.46
C LYS A 365 8.43 -4.88 -35.03
N CYS A 366 7.35 -4.35 -34.46
CA CYS A 366 7.36 -2.99 -33.92
C CYS A 366 7.57 -3.04 -32.42
N TYR A 367 8.21 -2.00 -31.88
CA TYR A 367 8.69 -2.04 -30.50
C TYR A 367 7.99 -1.04 -29.59
N GLY A 368 7.95 0.23 -29.95
CA GLY A 368 7.31 1.21 -29.11
C GLY A 368 5.85 1.43 -29.37
N VAL A 369 5.24 0.66 -30.27
CA VAL A 369 3.89 0.92 -30.73
C VAL A 369 3.31 -0.39 -31.25
N SER A 370 2.03 -0.62 -30.94
CA SER A 370 1.32 -1.75 -31.52
C SER A 370 1.12 -1.53 -33.02
N PRO A 371 1.19 -2.60 -33.82
CA PRO A 371 0.97 -2.45 -35.28
C PRO A 371 -0.42 -1.97 -35.66
N THR A 372 -1.45 -2.41 -34.93
CA THR A 372 -2.83 -2.03 -35.25
C THR A 372 -3.10 -0.56 -34.97
N LYS A 373 -2.27 0.09 -34.16
CA LYS A 373 -2.38 1.53 -33.95
C LYS A 373 -1.67 2.35 -35.02
N LEU A 374 -0.92 1.70 -35.92
CA LEU A 374 -0.09 2.42 -36.88
C LEU A 374 -0.89 3.24 -37.88
N ASN A 375 -2.14 2.89 -38.12
CA ASN A 375 -2.99 3.68 -39.00
C ASN A 375 -3.60 4.90 -38.32
N ASP A 376 -3.48 5.02 -37.00
CA ASP A 376 -4.17 6.07 -36.26
C ASP A 376 -3.23 7.10 -35.68
N LEU A 377 -1.96 7.11 -36.07
CA LEU A 377 -0.97 7.93 -35.41
C LEU A 377 -0.24 8.84 -36.39
N CYS A 378 0.45 9.82 -35.83
CA CYS A 378 1.37 10.67 -36.57
C CYS A 378 2.78 10.48 -36.02
N PHE A 379 3.76 10.61 -36.89
CA PHE A 379 5.15 10.28 -36.58
C PHE A 379 6.02 11.49 -36.89
N THR A 380 6.90 11.85 -35.96
CA THR A 380 7.61 13.13 -36.03
C THR A 380 8.94 13.06 -36.76
N ASN A 381 9.88 12.26 -36.25
CA ASN A 381 11.24 12.21 -36.78
C ASN A 381 11.45 10.82 -37.37
N VAL A 382 11.06 10.66 -38.63
CA VAL A 382 11.02 9.35 -39.28
C VAL A 382 12.31 9.14 -40.06
N TYR A 383 13.00 8.07 -39.73
CA TYR A 383 14.21 7.68 -40.46
C TYR A 383 14.08 6.21 -40.87
N ALA A 384 14.60 5.89 -42.04
CA ALA A 384 14.65 4.52 -42.54
C ALA A 384 16.11 4.13 -42.73
N ASP A 385 16.54 3.11 -42.02
CA ASP A 385 17.88 2.56 -42.15
C ASP A 385 17.80 1.25 -42.95
N SER A 386 18.41 1.24 -44.13
CA SER A 386 18.34 0.10 -45.03
C SER A 386 19.72 -0.51 -45.20
N PHE A 387 19.76 -1.84 -45.18
CA PHE A 387 20.99 -2.60 -45.42
C PHE A 387 20.63 -4.03 -45.83
N VAL A 388 21.66 -4.84 -46.09
CA VAL A 388 21.51 -6.22 -46.49
C VAL A 388 22.37 -7.08 -45.57
N ILE A 389 21.77 -8.12 -44.99
CA ILE A 389 22.53 -9.10 -44.21
C ILE A 389 22.20 -10.49 -44.72
N ARG A 390 22.71 -11.51 -44.04
CA ARG A 390 22.23 -12.86 -44.31
C ARG A 390 21.08 -13.19 -43.36
N GLY A 391 20.47 -14.35 -43.57
CA GLY A 391 19.26 -14.71 -42.84
C GLY A 391 19.50 -14.94 -41.36
N ASP A 392 20.60 -15.61 -41.02
CA ASP A 392 20.89 -15.97 -39.63
C ASP A 392 21.16 -14.76 -38.74
N GLU A 393 21.49 -13.62 -39.32
CA GLU A 393 21.70 -12.40 -38.57
C GLU A 393 20.47 -11.49 -38.54
N VAL A 394 19.36 -11.92 -39.14
CA VAL A 394 18.13 -11.13 -39.10
C VAL A 394 17.59 -11.02 -37.68
N ARG A 395 17.77 -12.08 -36.88
CA ARG A 395 17.44 -12.03 -35.46
C ARG A 395 18.32 -11.05 -34.68
N GLN A 396 19.50 -10.69 -35.22
CA GLN A 396 20.38 -9.77 -34.51
C GLN A 396 19.94 -8.32 -34.61
N ILE A 397 18.99 -8.00 -35.48
CA ILE A 397 18.48 -6.62 -35.61
C ILE A 397 17.33 -6.51 -34.61
N ALA A 398 17.69 -6.29 -33.35
CA ALA A 398 16.76 -6.19 -32.24
C ALA A 398 17.51 -5.57 -31.07
N PRO A 399 16.83 -4.87 -30.16
CA PRO A 399 17.53 -4.32 -28.99
C PRO A 399 18.04 -5.42 -28.07
N GLY A 400 19.19 -5.16 -27.46
CA GLY A 400 19.78 -6.09 -26.52
C GLY A 400 20.27 -7.39 -27.11
N GLN A 401 20.87 -7.35 -28.30
CA GLN A 401 21.37 -8.54 -28.97
C GLN A 401 22.89 -8.46 -29.07
N THR A 402 23.52 -9.63 -28.97
CA THR A 402 24.95 -9.76 -29.24
C THR A 402 25.12 -10.54 -30.54
N GLY A 403 26.33 -10.46 -31.10
CA GLY A 403 26.60 -11.06 -32.38
C GLY A 403 27.48 -10.13 -33.19
N LYS A 404 27.90 -10.56 -34.37
CA LYS A 404 28.85 -9.77 -35.16
C LYS A 404 28.20 -8.52 -35.73
N ILE A 405 26.96 -8.65 -36.23
CA ILE A 405 26.25 -7.49 -36.80
C ILE A 405 25.84 -6.53 -35.70
N ALA A 406 25.36 -7.05 -34.57
CA ALA A 406 24.87 -6.19 -33.49
C ALA A 406 25.99 -5.50 -32.74
N ASP A 407 27.22 -6.00 -32.81
CA ASP A 407 28.34 -5.38 -32.11
C ASP A 407 29.23 -4.54 -33.01
N TYR A 408 29.46 -4.95 -34.26
CA TYR A 408 30.42 -4.27 -35.09
C TYR A 408 29.81 -3.52 -36.26
N ASN A 409 28.56 -3.78 -36.62
CA ASN A 409 27.98 -3.21 -37.82
C ASN A 409 26.78 -2.30 -37.55
N TYR A 410 25.77 -2.79 -36.84
CA TYR A 410 24.55 -2.01 -36.65
C TYR A 410 23.95 -2.36 -35.30
N LYS A 411 23.79 -1.35 -34.44
CA LYS A 411 23.33 -1.54 -33.08
C LYS A 411 22.11 -0.66 -32.83
N LEU A 412 21.05 -1.26 -32.27
CA LEU A 412 19.83 -0.59 -31.89
C LEU A 412 19.87 -0.23 -30.41
N PRO A 413 19.29 0.92 -30.02
CA PRO A 413 19.27 1.27 -28.59
C PRO A 413 18.29 0.42 -27.81
N ASP A 414 18.49 0.39 -26.50
CA ASP A 414 17.57 -0.33 -25.61
C ASP A 414 16.19 0.33 -25.59
N ASP A 415 16.15 1.66 -25.58
CA ASP A 415 14.91 2.41 -25.72
C ASP A 415 14.80 2.71 -27.21
N PHE A 416 14.29 1.74 -27.96
CA PHE A 416 14.08 1.86 -29.39
C PHE A 416 12.58 1.92 -29.67
N THR A 417 12.15 2.96 -30.36
CA THR A 417 10.76 3.10 -30.81
C THR A 417 10.77 3.06 -32.33
N GLY A 418 10.19 2.01 -32.89
CA GLY A 418 10.17 1.85 -34.33
C GLY A 418 9.83 0.42 -34.69
N CYS A 419 9.98 0.14 -35.98
CA CYS A 419 9.65 -1.17 -36.53
C CYS A 419 10.81 -1.70 -37.36
N VAL A 420 11.20 -2.94 -37.11
CA VAL A 420 12.21 -3.64 -37.89
C VAL A 420 11.47 -4.51 -38.91
N ILE A 421 11.79 -4.32 -40.20
CA ILE A 421 11.19 -5.05 -41.30
C ILE A 421 12.32 -5.73 -42.06
N ALA A 422 12.14 -7.01 -42.37
CA ALA A 422 13.14 -7.76 -43.11
C ALA A 422 12.46 -8.71 -44.07
N TRP A 423 13.05 -8.88 -45.26
CA TRP A 423 12.49 -9.84 -46.20
C TRP A 423 13.60 -10.49 -47.01
N ASN A 424 13.33 -11.70 -47.47
CA ASN A 424 14.27 -12.44 -48.30
C ASN A 424 14.46 -11.76 -49.64
N SER A 425 15.70 -11.71 -50.10
CA SER A 425 16.04 -11.07 -51.36
C SER A 425 17.01 -11.92 -52.15
N ASN A 426 16.78 -13.24 -52.15
CA ASN A 426 17.62 -14.16 -52.92
C ASN A 426 17.42 -14.01 -54.42
N ASN A 427 16.26 -13.52 -54.85
CA ASN A 427 16.01 -13.33 -56.28
C ASN A 427 16.62 -12.04 -56.82
N LEU A 428 17.17 -11.18 -55.95
CA LEU A 428 17.72 -9.90 -56.36
C LEU A 428 19.21 -9.77 -56.07
N ASP A 429 19.65 -10.14 -54.87
CA ASP A 429 21.00 -9.86 -54.41
C ASP A 429 21.93 -11.08 -54.52
N SER A 430 21.51 -12.13 -55.21
CA SER A 430 22.33 -13.31 -55.41
C SER A 430 22.71 -13.46 -56.87
N LYS A 431 23.92 -13.95 -57.10
CA LYS A 431 24.44 -14.21 -58.44
C LYS A 431 24.91 -15.65 -58.50
N VAL A 432 24.86 -16.22 -59.71
CA VAL A 432 25.19 -17.64 -59.91
C VAL A 432 26.66 -17.90 -59.60
N GLY A 433 27.54 -17.03 -60.06
CA GLY A 433 28.94 -17.14 -59.67
C GLY A 433 29.25 -16.65 -58.28
N GLY A 434 28.30 -16.01 -57.62
CA GLY A 434 28.52 -15.45 -56.31
C GLY A 434 28.50 -13.94 -56.30
N ASN A 435 27.67 -13.34 -55.46
CA ASN A 435 27.61 -11.89 -55.31
C ASN A 435 28.41 -11.52 -54.06
N TYR A 436 29.53 -10.81 -54.28
CA TYR A 436 30.43 -10.43 -53.20
C TYR A 436 30.49 -8.93 -52.99
N ASN A 437 29.45 -8.20 -53.40
CA ASN A 437 29.43 -6.75 -53.31
C ASN A 437 28.93 -6.23 -51.97
N TYR A 438 28.43 -7.10 -51.09
CA TYR A 438 27.94 -6.70 -49.79
C TYR A 438 28.98 -7.05 -48.74
N LEU A 439 29.38 -6.06 -47.95
CA LEU A 439 30.44 -6.22 -46.97
C LEU A 439 29.90 -6.11 -45.56
N TYR A 440 30.60 -6.76 -44.63
CA TYR A 440 30.30 -6.66 -43.21
C TYR A 440 31.59 -6.47 -42.45
N ARG A 441 31.50 -5.83 -41.29
CA ARG A 441 32.66 -5.62 -40.43
C ARG A 441 32.81 -6.83 -39.53
N LEU A 442 33.89 -7.61 -39.74
CA LEU A 442 34.14 -8.80 -38.95
C LEU A 442 35.00 -8.52 -37.72
N PHE A 443 35.95 -7.60 -37.84
CA PHE A 443 36.91 -7.33 -36.77
C PHE A 443 36.74 -5.90 -36.28
N ARG A 444 36.66 -5.73 -34.96
CA ARG A 444 36.69 -4.41 -34.36
C ARG A 444 37.24 -4.55 -32.94
N LYS A 445 37.81 -3.44 -32.44
CA LYS A 445 38.41 -3.45 -31.11
C LYS A 445 37.34 -3.43 -30.02
N SER A 446 36.28 -2.65 -30.21
CA SER A 446 35.21 -2.52 -29.24
C SER A 446 33.87 -2.68 -29.95
N ASN A 447 32.79 -2.59 -29.18
CA ASN A 447 31.44 -2.69 -29.72
C ASN A 447 30.93 -1.32 -30.12
N LEU A 448 30.04 -1.31 -31.11
CA LEU A 448 29.45 -0.07 -31.59
C LEU A 448 28.44 0.46 -30.58
N LYS A 449 28.37 1.79 -30.51
CA LYS A 449 27.31 2.49 -29.79
C LYS A 449 26.03 2.46 -30.63
N PRO A 450 24.87 2.65 -30.00
CA PRO A 450 23.61 2.64 -30.78
C PRO A 450 23.54 3.72 -31.84
N PHE A 451 23.09 3.31 -33.04
CA PHE A 451 22.96 4.16 -34.24
C PHE A 451 24.28 4.83 -34.61
N GLU A 452 25.38 4.09 -34.47
CA GLU A 452 26.70 4.57 -34.86
C GLU A 452 27.15 3.83 -36.12
N ARG A 453 27.78 4.55 -37.02
CA ARG A 453 28.22 4.00 -38.31
C ARG A 453 29.74 4.12 -38.40
N ASP A 454 30.41 2.98 -38.56
CA ASP A 454 31.85 2.92 -38.70
C ASP A 454 32.17 2.45 -40.11
N ILE A 455 32.81 3.33 -40.90
CA ILE A 455 33.17 3.03 -42.27
C ILE A 455 34.70 3.00 -42.44
N SER A 456 35.42 2.86 -41.34
CA SER A 456 36.89 2.85 -41.39
C SER A 456 37.40 1.53 -41.97
N THR A 457 38.56 1.60 -42.62
CA THR A 457 39.21 0.45 -43.24
C THR A 457 40.62 0.27 -42.72
N GLU A 458 40.84 0.60 -41.44
CA GLU A 458 42.15 0.42 -40.83
C GLU A 458 42.43 -1.06 -40.58
N ILE A 459 43.68 -1.45 -40.77
CA ILE A 459 44.06 -2.86 -40.66
C ILE A 459 44.01 -3.30 -39.20
N TYR A 460 43.25 -4.35 -38.94
CA TYR A 460 43.02 -4.81 -37.57
C TYR A 460 44.18 -5.66 -37.09
N GLN A 461 44.76 -5.31 -35.95
CA GLN A 461 45.85 -6.07 -35.35
C GLN A 461 45.24 -7.16 -34.47
N ALA A 462 45.36 -8.41 -34.93
CA ALA A 462 44.75 -9.53 -34.21
C ALA A 462 45.70 -10.21 -33.25
N GLY A 463 47.00 -10.23 -33.56
CA GLY A 463 48.00 -10.88 -32.73
C GLY A 463 48.67 -9.91 -31.78
N SER A 464 49.96 -10.14 -31.54
CA SER A 464 50.77 -9.29 -30.67
C SER A 464 51.77 -8.43 -31.43
N THR A 465 52.38 -8.98 -32.48
CA THR A 465 53.25 -8.18 -33.32
C THR A 465 52.41 -7.19 -34.13
N PRO A 466 52.88 -5.95 -34.30
CA PRO A 466 52.08 -4.95 -35.01
C PRO A 466 52.37 -4.77 -36.50
N CYS A 467 51.30 -4.45 -37.22
CA CYS A 467 51.36 -4.14 -38.64
C CYS A 467 51.35 -2.62 -38.83
N ASN A 468 51.77 -2.21 -40.02
CA ASN A 468 52.01 -0.80 -40.30
C ASN A 468 51.11 -0.31 -41.42
N GLY A 469 49.83 -0.66 -41.38
CA GLY A 469 48.91 -0.31 -42.43
C GLY A 469 48.85 -1.31 -43.57
N VAL A 470 49.57 -2.42 -43.46
CA VAL A 470 49.53 -3.48 -44.46
C VAL A 470 49.02 -4.75 -43.80
N GLU A 471 48.41 -5.61 -44.61
CA GLU A 471 47.87 -6.86 -44.09
C GLU A 471 48.89 -7.98 -44.24
N GLY A 472 48.71 -9.03 -43.43
CA GLY A 472 49.61 -10.15 -43.43
C GLY A 472 49.26 -11.18 -42.38
N PHE A 473 50.26 -11.73 -41.70
CA PHE A 473 50.00 -12.72 -40.66
C PHE A 473 49.48 -12.02 -39.41
N ASN A 474 48.30 -12.46 -38.95
CA ASN A 474 47.61 -11.93 -37.76
C ASN A 474 47.30 -10.44 -37.89
N CYS A 475 47.09 -9.96 -39.11
CA CYS A 475 46.71 -8.57 -39.35
C CYS A 475 45.81 -8.56 -40.58
N TYR A 476 44.52 -8.30 -40.36
CA TYR A 476 43.51 -8.53 -41.38
C TYR A 476 42.78 -7.24 -41.73
N PHE A 477 42.27 -7.19 -42.96
CA PHE A 477 41.34 -6.15 -43.36
C PHE A 477 40.04 -6.33 -42.59
N PRO A 478 39.45 -5.26 -42.04
CA PRO A 478 38.30 -5.44 -41.14
C PRO A 478 37.01 -5.78 -41.86
N LEU A 479 36.87 -5.44 -43.14
CA LEU A 479 35.66 -5.71 -43.90
C LEU A 479 35.79 -7.02 -44.66
N GLN A 480 34.71 -7.78 -44.71
CA GLN A 480 34.69 -9.08 -45.36
C GLN A 480 33.46 -9.19 -46.26
N SER A 481 33.58 -10.01 -47.29
CA SER A 481 32.54 -10.12 -48.31
C SER A 481 31.54 -11.20 -47.95
N TYR A 482 30.26 -10.86 -48.04
CA TYR A 482 29.21 -11.87 -48.02
C TYR A 482 29.25 -12.69 -49.30
N GLY A 483 29.14 -14.00 -49.18
CA GLY A 483 29.07 -14.84 -50.36
C GLY A 483 27.65 -15.28 -50.65
N PHE A 484 26.99 -14.62 -51.59
CA PHE A 484 25.57 -14.84 -51.85
C PHE A 484 25.41 -15.60 -53.16
N GLN A 485 24.78 -16.76 -53.07
CA GLN A 485 24.49 -17.64 -54.20
C GLN A 485 23.04 -18.10 -54.12
N PRO A 486 22.40 -18.38 -55.26
CA PRO A 486 21.01 -18.86 -55.20
C PRO A 486 20.87 -20.26 -54.63
N THR A 487 21.90 -21.09 -54.73
CA THR A 487 21.87 -22.45 -54.19
C THR A 487 22.22 -22.50 -52.72
N ASN A 488 22.54 -21.36 -52.10
CA ASN A 488 22.76 -21.31 -50.67
C ASN A 488 21.48 -21.61 -49.92
N GLY A 489 21.59 -22.33 -48.81
CA GLY A 489 20.46 -22.55 -47.96
C GLY A 489 20.04 -21.27 -47.25
N VAL A 490 18.81 -21.26 -46.73
CA VAL A 490 18.33 -20.10 -46.00
C VAL A 490 19.12 -19.99 -44.70
N GLY A 491 19.50 -18.75 -44.36
CA GLY A 491 20.52 -18.49 -43.37
C GLY A 491 21.81 -17.97 -43.96
N TYR A 492 22.12 -18.36 -45.19
CA TYR A 492 23.18 -17.75 -45.99
C TYR A 492 22.60 -17.16 -47.26
N GLN A 493 21.34 -16.75 -47.20
CA GLN A 493 20.67 -16.08 -48.28
C GLN A 493 20.52 -14.59 -47.95
N PRO A 494 20.59 -13.70 -48.95
CA PRO A 494 20.52 -12.27 -48.65
C PRO A 494 19.14 -11.84 -48.19
N TYR A 495 19.12 -10.97 -47.19
CA TYR A 495 17.91 -10.42 -46.61
C TYR A 495 18.04 -8.92 -46.57
N ARG A 496 17.03 -8.23 -47.09
CA ARG A 496 16.97 -6.78 -47.06
C ARG A 496 16.25 -6.34 -45.80
N VAL A 497 16.88 -5.44 -45.04
CA VAL A 497 16.36 -4.98 -43.76
C VAL A 497 16.16 -3.48 -43.82
N VAL A 498 14.96 -3.04 -43.46
CA VAL A 498 14.61 -1.63 -43.30
C VAL A 498 14.15 -1.43 -41.87
N VAL A 499 14.78 -0.50 -41.16
CA VAL A 499 14.45 -0.17 -39.78
C VAL A 499 13.87 1.23 -39.78
N LEU A 500 12.61 1.35 -39.38
CA LEU A 500 11.94 2.65 -39.29
C LEU A 500 11.98 3.11 -37.84
N SER A 501 12.55 4.28 -37.62
CA SER A 501 12.64 4.88 -36.30
C SER A 501 11.86 6.19 -36.29
N PHE A 502 11.05 6.38 -35.24
CA PHE A 502 10.22 7.56 -35.11
C PHE A 502 10.01 7.85 -33.63
N GLU A 503 9.40 9.01 -33.36
CA GLU A 503 9.08 9.42 -32.00
C GLU A 503 7.61 9.84 -31.97
N LEU A 504 6.91 9.47 -30.90
CA LEU A 504 5.45 9.54 -30.88
C LEU A 504 4.94 10.52 -29.82
N LEU A 505 4.05 11.42 -30.26
CA LEU A 505 3.12 12.18 -29.40
C LEU A 505 3.84 13.11 -28.42
N HIS A 506 4.96 13.68 -28.85
CA HIS A 506 5.62 14.72 -28.05
C HIS A 506 6.10 15.91 -28.85
N ALA A 507 6.11 15.84 -30.17
CA ALA A 507 6.67 16.86 -31.04
C ALA A 507 5.74 17.04 -32.22
N PRO A 508 5.84 18.16 -32.95
CA PRO A 508 5.11 18.28 -34.22
C PRO A 508 5.53 17.21 -35.22
N ALA A 509 4.57 16.75 -36.00
CA ALA A 509 4.76 15.61 -36.88
C ALA A 509 4.36 15.96 -38.30
N THR A 510 5.10 15.41 -39.26
CA THR A 510 4.78 15.58 -40.68
C THR A 510 4.45 14.27 -41.38
N VAL A 511 4.59 13.14 -40.71
CA VAL A 511 4.25 11.83 -41.27
C VAL A 511 3.09 11.27 -40.46
N CYS A 512 1.96 11.03 -41.13
CA CYS A 512 0.76 10.55 -40.48
C CYS A 512 0.17 9.39 -41.25
N GLY A 513 -0.84 8.76 -40.65
CA GLY A 513 -1.52 7.65 -41.27
C GLY A 513 -2.55 8.11 -42.29
N PRO A 514 -3.33 7.15 -42.82
CA PRO A 514 -4.31 7.49 -43.86
C PRO A 514 -5.64 7.98 -43.33
N LYS A 515 -5.69 8.40 -42.06
CA LYS A 515 -6.91 8.90 -41.46
C LYS A 515 -7.34 10.21 -42.09
N LYS A 516 -8.65 10.40 -42.23
CA LYS A 516 -9.21 11.60 -42.84
C LYS A 516 -9.59 12.60 -41.76
N SER A 517 -9.15 13.84 -41.93
CA SER A 517 -9.47 14.90 -40.98
C SER A 517 -10.93 15.32 -41.12
N THR A 518 -11.49 15.77 -40.00
CA THR A 518 -12.85 16.28 -39.93
C THR A 518 -12.81 17.77 -39.61
N ASN A 519 -13.99 18.34 -39.41
CA ASN A 519 -14.10 19.74 -39.02
C ASN A 519 -13.78 19.91 -37.54
N LEU A 520 -13.23 21.08 -37.20
CA LEU A 520 -12.88 21.39 -35.82
C LEU A 520 -14.13 21.85 -35.07
N VAL A 521 -14.44 21.19 -33.96
CA VAL A 521 -15.63 21.48 -33.17
C VAL A 521 -15.18 22.02 -31.82
N LYS A 522 -15.71 23.19 -31.45
CA LYS A 522 -15.34 23.86 -30.22
C LYS A 522 -16.57 24.04 -29.34
N ASN A 523 -16.30 24.27 -28.05
CA ASN A 523 -17.28 24.51 -26.98
C ASN A 523 -18.24 23.35 -26.78
N LYS A 524 -17.84 22.13 -27.13
CA LYS A 524 -18.63 20.94 -26.92
C LYS A 524 -17.74 19.81 -26.43
N CYS A 525 -18.31 18.92 -25.63
CA CYS A 525 -17.63 17.71 -25.21
C CYS A 525 -17.53 16.78 -26.40
N VAL A 526 -16.31 16.57 -26.92
CA VAL A 526 -16.08 15.75 -28.09
C VAL A 526 -14.95 14.76 -27.80
N ASN A 527 -14.89 13.73 -28.64
CA ASN A 527 -13.69 12.91 -28.75
C ASN A 527 -12.78 13.53 -29.79
N PHE A 528 -11.52 13.74 -29.45
CA PHE A 528 -10.57 14.36 -30.35
C PHE A 528 -9.42 13.42 -30.67
N ASN A 529 -8.81 13.63 -31.83
CA ASN A 529 -7.61 12.93 -32.27
C ASN A 529 -6.71 13.99 -32.90
N PHE A 530 -5.83 14.57 -32.08
CA PHE A 530 -4.89 15.59 -32.53
C PHE A 530 -3.53 14.94 -32.76
N ASN A 531 -3.15 14.81 -34.03
CA ASN A 531 -1.85 14.30 -34.48
C ASN A 531 -1.55 12.91 -33.92
N GLY A 532 -2.58 12.07 -33.87
CA GLY A 532 -2.44 10.74 -33.31
C GLY A 532 -2.74 10.63 -31.83
N LEU A 533 -2.85 11.75 -31.11
CA LEU A 533 -3.15 11.73 -29.69
C LEU A 533 -4.67 11.83 -29.51
N THR A 534 -5.27 10.77 -29.02
CA THR A 534 -6.72 10.73 -28.83
C THR A 534 -7.09 11.26 -27.44
N GLY A 535 -8.39 11.45 -27.24
CA GLY A 535 -8.87 11.86 -25.93
C GLY A 535 -10.31 12.33 -25.99
N THR A 536 -10.78 12.82 -24.85
CA THR A 536 -12.12 13.36 -24.71
C THR A 536 -12.06 14.68 -23.95
N GLY A 537 -12.88 15.63 -24.33
CA GLY A 537 -12.93 16.90 -23.62
C GLY A 537 -13.62 17.97 -24.42
N VAL A 538 -13.66 19.16 -23.82
CA VAL A 538 -14.15 20.37 -24.45
C VAL A 538 -12.94 21.17 -24.92
N LEU A 539 -12.97 21.62 -26.17
CA LEU A 539 -11.89 22.40 -26.74
C LEU A 539 -12.33 23.86 -26.85
N THR A 540 -11.51 24.76 -26.32
CA THR A 540 -11.81 26.18 -26.38
C THR A 540 -10.58 26.94 -26.88
N GLU A 541 -10.76 28.21 -27.19
CA GLU A 541 -9.65 29.04 -27.61
C GLU A 541 -8.74 29.36 -26.42
N SER A 542 -7.45 29.53 -26.70
CA SER A 542 -6.44 29.67 -25.67
C SER A 542 -5.63 30.94 -25.87
N ASN A 543 -5.17 31.49 -24.75
CA ASN A 543 -4.22 32.60 -24.74
C ASN A 543 -2.78 32.14 -24.67
N LYS A 544 -2.53 30.83 -24.66
CA LYS A 544 -1.17 30.31 -24.61
C LYS A 544 -0.43 30.59 -25.92
N LYS A 545 0.81 31.02 -25.80
CA LYS A 545 1.66 31.32 -26.95
C LYS A 545 2.72 30.24 -27.04
N PHE A 546 2.53 29.31 -27.97
CA PHE A 546 3.45 28.18 -28.10
C PHE A 546 4.70 28.62 -28.85
N LEU A 547 5.84 28.11 -28.39
CA LEU A 547 7.08 28.23 -29.13
C LEU A 547 6.99 27.35 -30.39
N PRO A 548 7.68 27.71 -31.47
CA PRO A 548 7.45 27.02 -32.76
C PRO A 548 7.86 25.55 -32.81
N PHE A 549 8.61 25.05 -31.84
CA PHE A 549 8.96 23.64 -31.80
C PHE A 549 8.02 22.81 -30.94
N GLN A 550 6.97 23.42 -30.39
CA GLN A 550 6.08 22.74 -29.46
C GLN A 550 4.74 22.44 -30.13
N GLN A 551 4.12 21.35 -29.70
CA GLN A 551 2.82 20.91 -30.19
C GLN A 551 1.79 20.73 -29.09
N PHE A 552 2.21 20.21 -27.93
CA PHE A 552 1.29 19.92 -26.84
C PHE A 552 1.71 20.69 -25.60
N GLY A 553 0.73 20.99 -24.76
CA GLY A 553 0.98 21.61 -23.46
C GLY A 553 0.44 20.73 -22.35
N ARG A 554 1.18 20.67 -21.25
CA ARG A 554 0.85 19.78 -20.15
C ARG A 554 0.62 20.56 -18.85
N ASP A 555 -0.17 19.96 -17.97
CA ASP A 555 -0.59 20.56 -16.72
C ASP A 555 0.38 20.19 -15.60
N ILE A 556 0.00 20.46 -14.35
CA ILE A 556 0.85 20.08 -13.23
C ILE A 556 0.77 18.58 -12.96
N ALA A 557 -0.25 17.90 -13.48
CA ALA A 557 -0.36 16.45 -13.40
C ALA A 557 0.13 15.77 -14.67
N ASP A 558 0.82 16.53 -15.54
CA ASP A 558 1.38 16.06 -16.82
C ASP A 558 0.33 15.48 -17.75
N THR A 559 -0.89 16.01 -17.70
CA THR A 559 -1.92 15.66 -18.66
C THR A 559 -2.00 16.75 -19.73
N THR A 560 -2.30 16.33 -20.96
CA THR A 560 -2.30 17.26 -22.09
C THR A 560 -3.52 18.16 -22.00
N ASP A 561 -3.30 19.42 -21.64
CA ASP A 561 -4.39 20.39 -21.53
C ASP A 561 -4.30 21.49 -22.56
N ALA A 562 -3.28 21.49 -23.40
CA ALA A 562 -3.18 22.44 -24.50
C ALA A 562 -2.70 21.71 -25.74
N VAL A 563 -3.14 22.18 -26.91
CA VAL A 563 -2.77 21.57 -28.18
C VAL A 563 -2.68 22.67 -29.24
N ARG A 564 -1.96 22.38 -30.31
CA ARG A 564 -1.94 23.23 -31.49
C ARG A 564 -2.64 22.49 -32.61
N ASP A 565 -3.63 23.14 -33.22
CA ASP A 565 -4.37 22.50 -34.30
C ASP A 565 -3.51 22.43 -35.55
N PRO A 566 -3.36 21.25 -36.16
CA PRO A 566 -2.37 21.10 -37.23
C PRO A 566 -2.75 21.74 -38.55
N GLN A 567 -4.02 22.07 -38.77
CA GLN A 567 -4.42 22.72 -40.03
C GLN A 567 -4.35 24.24 -39.92
N THR A 568 -5.13 24.81 -39.01
CA THR A 568 -5.02 26.22 -38.66
C THR A 568 -4.21 26.32 -37.36
N LEU A 569 -3.07 27.01 -37.44
CA LEU A 569 -2.11 27.02 -36.32
C LEU A 569 -2.64 27.94 -35.23
N GLU A 570 -3.55 27.40 -34.43
CA GLU A 570 -4.13 28.10 -33.30
C GLU A 570 -4.08 27.19 -32.08
N ILE A 571 -3.94 27.80 -30.91
CA ILE A 571 -3.78 27.07 -29.67
C ILE A 571 -5.14 26.83 -29.04
N LEU A 572 -5.42 25.58 -28.70
CA LEU A 572 -6.67 25.18 -28.09
C LEU A 572 -6.39 24.65 -26.69
N ASP A 573 -7.30 24.96 -25.77
CA ASP A 573 -7.26 24.44 -24.41
C ASP A 573 -8.27 23.31 -24.28
N ILE A 574 -7.82 22.19 -23.74
CA ILE A 574 -8.61 20.99 -23.55
C ILE A 574 -9.05 20.93 -22.09
N THR A 575 -10.33 20.69 -21.86
CA THR A 575 -10.91 20.72 -20.54
C THR A 575 -11.78 19.48 -20.34
N PRO A 576 -11.69 18.81 -19.20
CA PRO A 576 -12.54 17.63 -18.97
C PRO A 576 -14.02 17.98 -18.88
N CYS A 577 -14.85 17.05 -19.33
CA CYS A 577 -16.29 17.28 -19.38
C CYS A 577 -16.95 17.06 -18.03
N SER A 578 -16.56 16.02 -17.30
CA SER A 578 -17.20 15.67 -16.04
C SER A 578 -16.71 16.57 -14.92
N PHE A 579 -17.66 17.03 -14.09
CA PHE A 579 -17.41 18.03 -13.06
C PHE A 579 -18.58 18.03 -12.10
N GLY A 580 -18.31 18.23 -10.82
CA GLY A 580 -19.34 18.43 -9.83
C GLY A 580 -19.87 17.14 -9.21
N GLY A 581 -19.89 17.08 -7.88
CA GLY A 581 -20.39 15.91 -7.20
C GLY A 581 -21.91 15.89 -7.07
N VAL A 582 -22.44 14.69 -6.87
CA VAL A 582 -23.88 14.45 -6.78
C VAL A 582 -24.16 13.63 -5.53
N SER A 583 -25.14 14.06 -4.74
CA SER A 583 -25.62 13.30 -3.59
C SER A 583 -27.11 13.08 -3.73
N VAL A 584 -27.61 12.05 -3.06
CA VAL A 584 -29.03 11.72 -3.08
C VAL A 584 -29.52 11.69 -1.62
N ILE A 585 -30.76 12.14 -1.43
CA ILE A 585 -31.39 12.24 -0.12
C ILE A 585 -32.63 11.37 -0.16
N THR A 586 -32.73 10.44 0.77
CA THR A 586 -33.92 9.60 0.84
C THR A 586 -34.39 9.50 2.28
N PRO A 587 -35.70 9.41 2.50
CA PRO A 587 -36.23 9.07 3.82
C PRO A 587 -36.27 7.59 4.12
N GLY A 588 -35.60 6.77 3.31
CA GLY A 588 -35.68 5.34 3.43
C GLY A 588 -36.45 4.74 2.27
N THR A 589 -35.90 3.68 1.67
CA THR A 589 -36.63 3.00 0.59
C THR A 589 -37.84 2.24 1.14
N ASN A 590 -37.80 1.87 2.41
CA ASN A 590 -38.97 1.30 3.07
C ASN A 590 -40.07 2.35 3.23
N THR A 591 -39.69 3.58 3.58
CA THR A 591 -40.68 4.62 3.87
C THR A 591 -41.33 5.18 2.60
N SER A 592 -40.57 5.37 1.53
CA SER A 592 -41.10 5.98 0.31
C SER A 592 -40.20 5.59 -0.86
N ASN A 593 -40.58 6.06 -2.04
CA ASN A 593 -39.80 5.89 -3.25
C ASN A 593 -39.26 7.20 -3.80
N GLN A 594 -39.79 8.34 -3.39
CA GLN A 594 -39.29 9.62 -3.88
C GLN A 594 -37.96 9.97 -3.22
N VAL A 595 -37.07 10.58 -4.01
CA VAL A 595 -35.77 11.02 -3.54
C VAL A 595 -35.62 12.50 -3.87
N ALA A 596 -34.65 13.13 -3.21
CA ALA A 596 -34.18 14.45 -3.60
C ALA A 596 -32.74 14.32 -4.07
N VAL A 597 -32.34 15.15 -5.03
CA VAL A 597 -31.00 15.08 -5.58
C VAL A 597 -30.31 16.41 -5.33
N LEU A 598 -29.13 16.36 -4.71
CA LEU A 598 -28.32 17.53 -4.48
C LEU A 598 -27.17 17.52 -5.48
N TYR A 599 -27.07 18.57 -6.28
CA TYR A 599 -25.99 18.75 -7.24
C TYR A 599 -25.05 19.77 -6.66
N GLN A 600 -23.89 19.32 -6.19
CA GLN A 600 -22.85 20.24 -5.76
C GLN A 600 -22.27 20.96 -6.96
N ASP A 601 -21.75 22.17 -6.70
CA ASP A 601 -21.11 23.03 -7.70
C ASP A 601 -22.02 23.39 -8.87
N VAL A 602 -23.33 23.50 -8.61
CA VAL A 602 -24.30 23.89 -9.62
C VAL A 602 -25.09 25.07 -9.08
N ASN A 603 -25.11 26.17 -9.82
CA ASN A 603 -25.88 27.34 -9.49
C ASN A 603 -27.13 27.35 -10.37
N CYS A 604 -28.30 27.34 -9.74
CA CYS A 604 -29.58 27.38 -10.44
C CYS A 604 -30.25 28.75 -10.36
N THR A 605 -29.50 29.79 -9.94
CA THR A 605 -29.97 31.17 -9.76
C THR A 605 -31.21 31.28 -8.86
N TRP A 620 -28.94 23.73 -17.44
CA TRP A 620 -28.09 23.50 -16.27
C TRP A 620 -27.46 22.12 -16.32
N ARG A 621 -26.41 21.93 -15.54
CA ARG A 621 -25.72 20.63 -15.47
C ARG A 621 -26.42 19.76 -14.43
N VAL A 622 -27.63 19.32 -14.79
CA VAL A 622 -28.44 18.46 -13.95
C VAL A 622 -28.94 17.29 -14.79
N TYR A 623 -29.36 16.23 -14.10
CA TYR A 623 -29.90 15.07 -14.79
C TYR A 623 -31.30 15.35 -15.30
N SER A 624 -32.23 15.65 -14.39
CA SER A 624 -33.61 15.98 -14.75
C SER A 624 -34.09 17.10 -13.86
N THR A 625 -34.66 18.14 -14.47
CA THR A 625 -35.26 19.22 -13.71
C THR A 625 -36.62 18.77 -13.17
N GLY A 626 -37.16 19.56 -12.25
CA GLY A 626 -38.40 19.19 -11.61
C GLY A 626 -39.33 20.35 -11.30
N SER A 627 -40.34 20.09 -10.49
CA SER A 627 -41.30 21.14 -10.14
C SER A 627 -40.70 22.14 -9.15
N ASN A 628 -39.96 21.64 -8.17
CA ASN A 628 -39.34 22.49 -7.15
C ASN A 628 -37.83 22.35 -7.22
N VAL A 629 -37.15 23.46 -7.42
CA VAL A 629 -35.69 23.52 -7.33
C VAL A 629 -35.33 24.55 -6.27
N PHE A 630 -34.25 24.30 -5.57
CA PHE A 630 -33.84 25.14 -4.45
C PHE A 630 -32.33 25.34 -4.52
N GLN A 631 -31.88 26.56 -4.30
CA GLN A 631 -30.45 26.88 -4.40
C GLN A 631 -29.89 27.09 -3.01
N THR A 632 -29.18 26.09 -2.50
CA THR A 632 -28.44 26.20 -1.26
C THR A 632 -26.96 26.42 -1.57
N ARG A 633 -26.19 26.77 -0.54
CA ARG A 633 -24.75 26.90 -0.71
C ARG A 633 -24.07 25.56 -0.90
N ALA A 634 -24.75 24.44 -0.60
CA ALA A 634 -24.28 23.12 -0.95
C ALA A 634 -24.61 22.73 -2.39
N GLY A 635 -25.39 23.55 -3.10
CA GLY A 635 -25.67 23.29 -4.49
C GLY A 635 -27.15 23.40 -4.80
N CYS A 636 -27.56 22.74 -5.87
CA CYS A 636 -28.94 22.77 -6.34
C CYS A 636 -29.66 21.51 -5.88
N LEU A 637 -30.73 21.70 -5.11
CA LEU A 637 -31.54 20.60 -4.59
C LEU A 637 -32.82 20.50 -5.41
N ILE A 638 -33.04 19.33 -6.00
CA ILE A 638 -34.18 19.09 -6.87
C ILE A 638 -34.99 17.94 -6.28
N GLY A 639 -36.29 18.18 -6.09
CA GLY A 639 -37.18 17.19 -5.56
C GLY A 639 -37.66 17.43 -4.14
N ALA A 640 -37.28 18.55 -3.54
CA ALA A 640 -37.68 18.87 -2.17
C ALA A 640 -38.28 20.26 -2.12
N GLU A 641 -39.36 20.39 -1.36
CA GLU A 641 -40.01 21.69 -1.17
C GLU A 641 -39.25 22.52 -0.14
N HIS A 642 -39.18 23.82 -0.38
CA HIS A 642 -38.51 24.74 0.53
C HIS A 642 -39.55 25.44 1.38
N VAL A 643 -39.52 25.19 2.68
CA VAL A 643 -40.45 25.82 3.61
C VAL A 643 -39.72 26.94 4.34
N ASN A 644 -40.48 27.80 5.01
CA ASN A 644 -39.92 28.94 5.72
C ASN A 644 -39.79 28.71 7.21
N ASN A 645 -40.32 27.61 7.74
CA ASN A 645 -40.16 27.30 9.15
C ASN A 645 -38.78 26.72 9.41
N SER A 646 -38.43 26.66 10.70
CA SER A 646 -37.17 26.08 11.14
C SER A 646 -37.44 24.98 12.15
N TYR A 647 -36.91 23.80 11.89
CA TYR A 647 -37.03 22.65 12.77
C TYR A 647 -35.64 22.17 13.14
N GLU A 648 -35.60 21.07 13.90
CA GLU A 648 -34.34 20.40 14.16
C GLU A 648 -33.91 19.62 12.91
N CYS A 649 -32.62 19.31 12.85
CA CYS A 649 -32.08 18.63 11.68
C CYS A 649 -32.46 17.16 11.69
N ASP A 650 -33.16 16.72 10.65
CA ASP A 650 -33.45 15.30 10.47
C ASP A 650 -32.39 14.66 9.56
N ILE A 651 -32.27 15.15 8.34
CA ILE A 651 -31.26 14.70 7.40
C ILE A 651 -30.38 15.90 7.06
N PRO A 652 -29.09 15.88 7.42
CA PRO A 652 -28.23 17.03 7.15
C PRO A 652 -27.85 17.12 5.67
N ILE A 653 -28.24 18.23 5.04
CA ILE A 653 -27.82 18.52 3.68
C ILE A 653 -26.53 19.35 3.67
N GLY A 654 -26.50 20.41 4.45
CA GLY A 654 -25.30 21.21 4.54
C GLY A 654 -25.58 22.70 4.48
N ALA A 655 -24.60 23.49 4.94
CA ALA A 655 -24.65 24.96 4.98
C ALA A 655 -25.89 25.47 5.71
N GLY A 656 -26.23 24.80 6.80
CA GLY A 656 -27.41 25.17 7.57
C GLY A 656 -28.71 24.64 7.04
N ILE A 657 -28.69 23.84 5.98
CA ILE A 657 -29.91 23.31 5.36
C ILE A 657 -30.06 21.86 5.75
N CYS A 658 -31.25 21.48 6.22
CA CYS A 658 -31.60 20.11 6.52
C CYS A 658 -32.86 19.74 5.76
N ALA A 659 -33.15 18.44 5.70
CA ALA A 659 -34.31 17.92 5.00
C ALA A 659 -35.06 16.94 5.88
N SER A 660 -36.36 16.83 5.65
CA SER A 660 -37.21 15.92 6.39
C SER A 660 -38.30 15.41 5.46
N TYR A 661 -39.09 14.47 5.96
CA TYR A 661 -40.16 13.83 5.18
C TYR A 661 -41.49 14.07 5.89
N GLN A 662 -42.24 15.06 5.42
CA GLN A 662 -43.46 15.48 6.10
C GLN A 662 -44.65 15.39 5.15
N THR A 663 -45.84 15.29 5.75
CA THR A 663 -47.08 15.20 4.99
C THR A 663 -47.40 16.52 4.27
N SER A 676 -49.74 12.57 0.01
CA SER A 676 -49.48 13.99 0.23
C SER A 676 -48.13 14.19 0.91
N GLN A 677 -47.45 13.09 1.18
CA GLN A 677 -46.14 13.15 1.81
C GLN A 677 -45.07 13.58 0.81
N SER A 678 -44.14 14.41 1.28
CA SER A 678 -43.09 14.95 0.43
C SER A 678 -41.89 15.33 1.29
N ILE A 679 -40.77 15.52 0.61
CA ILE A 679 -39.53 15.93 1.27
C ILE A 679 -39.52 17.45 1.37
N ILE A 680 -39.29 17.95 2.57
CA ILE A 680 -39.20 19.39 2.80
C ILE A 680 -37.75 19.74 3.15
N ALA A 681 -37.33 20.93 2.72
CA ALA A 681 -36.01 21.45 2.98
C ALA A 681 -36.14 22.74 3.76
N TYR A 682 -35.34 22.88 4.82
CA TYR A 682 -35.50 24.01 5.74
C TYR A 682 -34.14 24.41 6.28
N THR A 683 -34.09 25.60 6.86
CA THR A 683 -32.94 26.02 7.64
C THR A 683 -33.07 25.45 9.04
N MET A 684 -31.98 24.87 9.55
CA MET A 684 -31.99 24.26 10.86
C MET A 684 -32.13 25.32 11.95
N SER A 685 -32.79 24.94 13.05
CA SER A 685 -32.98 25.81 14.19
C SER A 685 -31.99 25.40 15.27
N LEU A 686 -31.30 26.39 15.83
CA LEU A 686 -30.29 26.11 16.85
C LEU A 686 -30.89 25.92 18.24
N GLY A 687 -32.14 26.28 18.42
CA GLY A 687 -32.79 26.12 19.71
C GLY A 687 -33.80 27.22 19.95
N ALA A 688 -34.55 27.06 21.03
CA ALA A 688 -35.56 28.06 21.38
C ALA A 688 -34.90 29.31 21.92
N GLU A 689 -35.46 30.47 21.57
CA GLU A 689 -34.93 31.73 22.06
C GLU A 689 -35.24 31.92 23.53
N ASN A 690 -34.33 32.57 24.24
CA ASN A 690 -34.48 32.79 25.66
C ASN A 690 -33.83 34.13 26.00
N SER A 691 -34.41 34.84 26.96
CA SER A 691 -33.86 36.10 27.44
C SER A 691 -33.88 36.08 28.96
N VAL A 692 -32.69 36.08 29.56
CA VAL A 692 -32.60 36.12 31.01
C VAL A 692 -32.92 37.53 31.49
N ALA A 693 -33.79 37.62 32.50
CA ALA A 693 -34.23 38.91 33.02
C ALA A 693 -33.12 39.50 33.90
N TYR A 694 -32.08 39.99 33.24
CA TYR A 694 -30.95 40.55 33.97
C TYR A 694 -31.30 41.92 34.52
N SER A 695 -30.96 42.13 35.78
CA SER A 695 -31.01 43.43 36.42
C SER A 695 -29.80 43.54 37.33
N ASN A 696 -29.48 44.76 37.73
CA ASN A 696 -28.31 44.95 38.56
C ASN A 696 -28.59 44.74 40.05
N ASN A 697 -29.83 44.45 40.44
CA ASN A 697 -30.13 44.15 41.83
C ASN A 697 -31.17 43.04 41.97
N SER A 698 -31.26 42.16 40.98
CA SER A 698 -32.24 41.08 40.99
C SER A 698 -31.55 39.74 40.90
N ILE A 699 -31.97 38.79 41.72
CA ILE A 699 -31.39 37.46 41.70
C ILE A 699 -32.52 36.45 41.58
N ALA A 700 -32.22 35.29 40.98
CA ALA A 700 -33.15 34.18 40.90
C ALA A 700 -32.60 33.01 41.70
N ILE A 701 -33.40 32.48 42.60
CA ILE A 701 -32.98 31.42 43.51
C ILE A 701 -33.99 30.28 43.40
N PRO A 702 -33.54 29.04 43.22
CA PRO A 702 -34.48 27.92 43.14
C PRO A 702 -35.12 27.61 44.48
N THR A 703 -36.40 27.28 44.44
CA THR A 703 -37.15 26.89 45.62
C THR A 703 -37.38 25.40 45.71
N ASN A 704 -36.93 24.63 44.72
CA ASN A 704 -37.16 23.20 44.69
C ASN A 704 -36.06 22.55 43.86
N PHE A 705 -36.14 21.24 43.69
CA PHE A 705 -35.11 20.53 42.95
C PHE A 705 -35.73 19.30 42.29
N THR A 706 -34.97 18.74 41.36
CA THR A 706 -35.25 17.44 40.76
C THR A 706 -34.01 16.59 40.82
N ILE A 707 -34.21 15.30 41.09
CA ILE A 707 -33.13 14.31 41.08
C ILE A 707 -33.20 13.61 39.73
N SER A 708 -32.19 13.81 38.89
CA SER A 708 -32.25 13.31 37.53
C SER A 708 -31.16 12.27 37.30
N VAL A 709 -31.53 11.18 36.65
CA VAL A 709 -30.59 10.11 36.29
C VAL A 709 -30.50 10.06 34.78
N THR A 710 -29.28 10.21 34.26
CA THR A 710 -29.03 10.18 32.83
C THR A 710 -28.02 9.09 32.49
N THR A 711 -28.11 8.55 31.29
CA THR A 711 -27.23 7.49 30.85
C THR A 711 -26.08 8.03 30.02
N GLU A 712 -24.92 7.40 30.16
CA GLU A 712 -23.79 7.65 29.28
C GLU A 712 -23.22 6.31 28.86
N ILE A 713 -23.17 6.06 27.55
CA ILE A 713 -22.75 4.78 27.00
C ILE A 713 -21.37 4.96 26.40
N LEU A 714 -20.41 4.14 26.83
CA LEU A 714 -19.03 4.27 26.39
C LEU A 714 -18.52 2.93 25.89
N PRO A 715 -17.99 2.86 24.67
CA PRO A 715 -17.28 1.65 24.24
C PRO A 715 -15.98 1.48 25.01
N VAL A 716 -15.63 0.21 25.26
CA VAL A 716 -14.46 -0.14 26.05
C VAL A 716 -13.50 -1.01 25.25
N SER A 717 -14.03 -2.06 24.61
CA SER A 717 -13.20 -2.99 23.86
C SER A 717 -13.89 -3.31 22.54
N MET A 718 -13.14 -3.92 21.63
CA MET A 718 -13.66 -4.46 20.39
C MET A 718 -13.26 -5.92 20.29
N THR A 719 -13.66 -6.57 19.19
CA THR A 719 -13.37 -7.98 19.02
C THR A 719 -11.89 -8.18 18.68
N LYS A 720 -11.29 -9.18 19.30
CA LYS A 720 -9.90 -9.54 19.04
C LYS A 720 -9.88 -10.52 17.88
N THR A 721 -9.15 -10.18 16.83
CA THR A 721 -9.08 -11.02 15.63
C THR A 721 -7.65 -11.44 15.36
N SER A 722 -7.50 -12.63 14.81
CA SER A 722 -6.23 -13.16 14.38
C SER A 722 -6.35 -13.60 12.93
N VAL A 723 -5.30 -13.41 12.15
CA VAL A 723 -5.30 -13.74 10.74
C VAL A 723 -4.15 -14.71 10.47
N ASP A 724 -4.49 -15.87 9.89
CA ASP A 724 -3.49 -16.75 9.29
C ASP A 724 -3.24 -16.24 7.88
N CYS A 725 -2.03 -15.75 7.64
CA CYS A 725 -1.69 -15.19 6.33
C CYS A 725 -1.66 -16.25 5.24
N THR A 726 -1.12 -17.43 5.55
CA THR A 726 -0.97 -18.46 4.54
C THR A 726 -2.33 -19.00 4.09
N MET A 727 -3.27 -19.13 5.01
CA MET A 727 -4.60 -19.59 4.61
C MET A 727 -5.40 -18.49 3.90
N TYR A 728 -5.14 -17.21 4.24
CA TYR A 728 -5.86 -16.15 3.55
C TYR A 728 -5.35 -15.96 2.13
N ILE A 729 -4.03 -15.85 1.95
CA ILE A 729 -3.49 -15.56 0.63
C ILE A 729 -3.40 -16.84 -0.20
N CYS A 730 -2.90 -17.91 0.39
CA CYS A 730 -2.47 -19.11 -0.33
C CYS A 730 -3.07 -20.35 0.31
N GLY A 731 -4.39 -20.33 0.51
CA GLY A 731 -5.09 -21.38 1.23
C GLY A 731 -5.00 -22.77 0.63
N ASP A 732 -4.30 -23.67 1.33
CA ASP A 732 -4.09 -25.07 0.95
C ASP A 732 -3.43 -25.20 -0.43
N SER A 733 -2.46 -24.32 -0.70
CA SER A 733 -1.68 -24.37 -1.93
C SER A 733 -0.21 -24.27 -1.56
N THR A 734 0.57 -25.29 -1.93
CA THR A 734 1.98 -25.32 -1.55
C THR A 734 2.81 -24.38 -2.41
N GLU A 735 2.47 -24.28 -3.70
CA GLU A 735 3.21 -23.39 -4.61
C GLU A 735 3.04 -21.94 -4.22
N CYS A 736 1.83 -21.55 -3.82
CA CYS A 736 1.59 -20.19 -3.35
C CYS A 736 2.34 -19.90 -2.06
N SER A 737 2.44 -20.88 -1.16
CA SER A 737 3.17 -20.68 0.09
C SER A 737 4.67 -20.53 -0.17
N ASN A 738 5.21 -21.36 -1.08
CA ASN A 738 6.60 -21.23 -1.45
C ASN A 738 6.89 -19.92 -2.19
N LEU A 739 5.89 -19.37 -2.88
CA LEU A 739 6.06 -18.03 -3.45
C LEU A 739 5.93 -16.93 -2.40
N LEU A 740 5.08 -17.13 -1.39
CA LEU A 740 4.89 -16.16 -0.34
C LEU A 740 6.10 -16.09 0.58
N LEU A 741 6.92 -17.14 0.62
CA LEU A 741 8.14 -17.11 1.42
C LEU A 741 9.17 -16.08 0.92
N GLN A 742 9.06 -15.63 -0.34
CA GLN A 742 9.94 -14.60 -0.90
C GLN A 742 9.45 -13.19 -0.65
N TYR A 743 8.68 -12.94 0.41
CA TYR A 743 8.31 -11.58 0.77
C TYR A 743 8.81 -11.15 2.13
N GLY A 744 9.18 -12.07 3.00
CA GLY A 744 9.81 -11.70 4.26
C GLY A 744 8.88 -11.68 5.45
N SER A 745 9.12 -10.73 6.36
CA SER A 745 8.43 -10.67 7.65
C SER A 745 7.22 -9.76 7.62
N PHE A 746 6.58 -9.62 6.45
CA PHE A 746 5.37 -8.79 6.35
C PHE A 746 4.23 -9.38 7.17
N CYS A 747 4.03 -10.68 7.08
CA CYS A 747 2.94 -11.31 7.80
C CYS A 747 3.24 -11.48 9.28
N THR A 748 4.52 -11.61 9.63
CA THR A 748 4.91 -11.52 11.04
C THR A 748 4.62 -10.14 11.61
N GLN A 749 4.85 -9.10 10.81
CA GLN A 749 4.51 -7.74 11.22
C GLN A 749 3.01 -7.56 11.42
N LEU A 750 2.20 -8.10 10.48
CA LEU A 750 0.75 -8.00 10.59
C LEU A 750 0.22 -8.75 11.80
N ASN A 751 0.75 -9.95 12.06
CA ASN A 751 0.31 -10.72 13.22
C ASN A 751 0.78 -10.09 14.53
N ARG A 752 1.94 -9.44 14.53
CA ARG A 752 2.39 -8.69 15.70
C ARG A 752 1.48 -7.52 16.02
N ALA A 753 1.04 -6.79 14.97
CA ALA A 753 0.11 -5.69 15.16
C ALA A 753 -1.24 -6.16 15.69
N LEU A 754 -1.76 -7.26 15.13
CA LEU A 754 -3.03 -7.79 15.59
C LEU A 754 -2.95 -8.36 17.00
N THR A 755 -1.81 -8.97 17.36
CA THR A 755 -1.61 -9.44 18.72
C THR A 755 -1.55 -8.28 19.71
N GLY A 756 -0.92 -7.17 19.32
CA GLY A 756 -0.91 -5.99 20.16
C GLY A 756 -2.29 -5.41 20.38
N ILE A 757 -3.11 -5.39 19.32
CA ILE A 757 -4.50 -4.94 19.43
C ILE A 757 -5.29 -5.86 20.37
N ALA A 758 -5.11 -7.18 20.22
CA ALA A 758 -5.85 -8.15 21.02
C ALA A 758 -5.47 -8.07 22.50
N VAL A 759 -4.20 -7.85 22.79
CA VAL A 759 -3.76 -7.67 24.18
C VAL A 759 -4.30 -6.35 24.74
N GLU A 760 -4.33 -5.32 23.91
CA GLU A 760 -4.82 -4.01 24.33
C GLU A 760 -6.31 -4.02 24.66
N GLN A 761 -7.09 -4.88 24.01
CA GLN A 761 -8.52 -4.97 24.34
C GLN A 761 -8.75 -5.49 25.75
N ASP A 762 -8.01 -6.53 26.15
CA ASP A 762 -8.10 -7.05 27.50
C ASP A 762 -7.57 -6.05 28.52
N LYS A 763 -6.52 -5.30 28.14
CA LYS A 763 -6.01 -4.25 29.01
C LYS A 763 -7.05 -3.14 29.21
N ASN A 764 -7.78 -2.80 28.15
CA ASN A 764 -8.83 -1.80 28.22
C ASN A 764 -9.94 -2.22 29.18
N THR A 765 -10.39 -3.47 29.05
CA THR A 765 -11.44 -3.98 29.93
C THR A 765 -10.98 -4.06 31.38
N GLN A 766 -9.74 -4.49 31.60
CA GLN A 766 -9.19 -4.56 32.95
C GLN A 766 -9.05 -3.18 33.57
N GLU A 767 -8.63 -2.18 32.78
CA GLU A 767 -8.47 -0.83 33.31
C GLU A 767 -9.80 -0.17 33.61
N VAL A 768 -10.84 -0.48 32.84
CA VAL A 768 -12.15 0.11 33.13
C VAL A 768 -12.79 -0.57 34.34
N PHE A 769 -12.82 -1.89 34.36
CA PHE A 769 -13.69 -2.59 35.31
C PHE A 769 -12.99 -3.08 36.56
N ALA A 770 -11.72 -3.45 36.50
CA ALA A 770 -11.04 -3.99 37.69
C ALA A 770 -10.36 -2.90 38.50
N GLN A 771 -11.12 -1.86 38.86
CA GLN A 771 -10.56 -0.77 39.66
C GLN A 771 -10.38 -1.20 41.11
N VAL A 772 -11.36 -1.87 41.67
CA VAL A 772 -11.31 -2.31 43.05
C VAL A 772 -10.78 -3.74 43.10
N LYS A 773 -10.15 -4.09 44.22
CA LYS A 773 -9.58 -5.42 44.38
C LYS A 773 -10.34 -6.29 45.37
N GLN A 774 -11.29 -5.72 46.10
CA GLN A 774 -12.17 -6.49 46.97
C GLN A 774 -13.54 -6.62 46.30
N ILE A 775 -14.13 -7.80 46.40
CA ILE A 775 -15.44 -8.06 45.84
C ILE A 775 -16.45 -7.81 46.95
N TYR A 776 -17.00 -6.60 46.97
CA TYR A 776 -17.96 -6.22 48.01
C TYR A 776 -19.34 -6.82 47.72
N LYS A 777 -20.05 -7.13 48.79
CA LYS A 777 -21.39 -7.69 48.70
C LYS A 777 -22.37 -6.79 49.42
N THR A 778 -23.54 -6.61 48.81
CA THR A 778 -24.60 -5.84 49.44
C THR A 778 -25.20 -6.62 50.60
N PRO A 779 -25.73 -5.94 51.62
CA PRO A 779 -26.36 -6.66 52.73
C PRO A 779 -27.64 -7.35 52.28
N PRO A 780 -28.03 -8.44 52.95
CA PRO A 780 -29.26 -9.14 52.53
C PRO A 780 -30.54 -8.38 52.80
N ILE A 781 -30.55 -7.45 53.75
CA ILE A 781 -31.70 -6.59 53.99
C ILE A 781 -31.44 -5.26 53.31
N LYS A 782 -32.32 -4.89 52.38
CA LYS A 782 -32.14 -3.69 51.57
C LYS A 782 -32.94 -2.53 52.15
N ASP A 783 -32.52 -2.09 53.33
CA ASP A 783 -33.11 -0.94 54.00
C ASP A 783 -32.13 0.22 53.85
N PHE A 784 -32.36 1.05 52.83
CA PHE A 784 -31.47 2.16 52.52
C PHE A 784 -32.16 3.50 52.68
N GLY A 785 -33.08 3.61 53.63
CA GLY A 785 -33.75 4.87 53.87
C GLY A 785 -34.78 5.25 52.84
N GLY A 786 -35.32 4.28 52.11
CA GLY A 786 -36.28 4.54 51.06
C GLY A 786 -35.74 4.47 49.67
N PHE A 787 -34.42 4.47 49.50
CA PHE A 787 -33.81 4.39 48.18
C PHE A 787 -33.82 2.95 47.71
N ASN A 788 -34.23 2.75 46.46
CA ASN A 788 -34.45 1.42 45.90
C ASN A 788 -33.48 1.20 44.75
N PHE A 789 -32.49 0.32 44.95
CA PHE A 789 -31.51 0.01 43.94
C PHE A 789 -31.77 -1.33 43.26
N SER A 790 -33.04 -1.76 43.22
CA SER A 790 -33.36 -3.10 42.74
C SER A 790 -33.14 -3.25 41.24
N GLN A 791 -33.23 -2.15 40.49
CA GLN A 791 -33.01 -2.22 39.05
C GLN A 791 -31.54 -2.23 38.66
N ILE A 792 -30.64 -1.89 39.59
CA ILE A 792 -29.21 -1.92 39.29
C ILE A 792 -28.44 -2.96 40.09
N LEU A 793 -29.01 -3.49 41.16
CA LEU A 793 -28.41 -4.59 41.90
C LEU A 793 -28.63 -5.91 41.15
N PRO A 794 -27.77 -6.90 41.35
CA PRO A 794 -27.93 -8.18 40.63
C PRO A 794 -29.19 -8.92 41.03
N ASP A 795 -29.77 -9.61 40.04
CA ASP A 795 -30.95 -10.44 40.26
C ASP A 795 -30.49 -11.86 40.54
N PRO A 796 -30.70 -12.39 41.75
CA PRO A 796 -30.20 -13.74 42.04
C PRO A 796 -31.01 -14.85 41.41
N SER A 797 -32.23 -14.57 40.94
CA SER A 797 -33.07 -15.61 40.36
C SER A 797 -32.59 -16.00 38.97
N LYS A 798 -32.01 -15.07 38.22
CA LYS A 798 -31.59 -15.35 36.86
C LYS A 798 -30.34 -16.23 36.84
N PRO A 799 -30.17 -17.07 35.82
CA PRO A 799 -28.93 -17.85 35.69
C PRO A 799 -27.68 -16.98 35.53
N SER A 800 -27.80 -15.84 34.85
CA SER A 800 -26.75 -14.84 34.83
C SER A 800 -27.08 -13.79 35.88
N LYS A 801 -26.20 -13.61 36.85
CA LYS A 801 -26.46 -12.72 37.98
C LYS A 801 -26.24 -11.26 37.54
N ARG A 802 -27.19 -10.78 36.76
CA ARG A 802 -27.18 -9.43 36.22
C ARG A 802 -28.33 -8.62 36.78
N SER A 803 -28.19 -7.31 36.71
CA SER A 803 -29.28 -6.42 37.04
C SER A 803 -30.33 -6.47 35.93
N PRO A 804 -31.57 -6.07 36.23
CA PRO A 804 -32.57 -5.94 35.16
C PRO A 804 -32.17 -4.98 34.05
N ILE A 805 -31.53 -3.87 34.42
CA ILE A 805 -31.02 -2.93 33.43
C ILE A 805 -29.90 -3.57 32.60
N GLU A 806 -29.01 -4.32 33.25
CA GLU A 806 -27.92 -4.99 32.55
C GLU A 806 -28.45 -6.09 31.63
N ASP A 807 -29.49 -6.80 32.06
CA ASP A 807 -30.12 -7.81 31.20
C ASP A 807 -30.75 -7.16 29.98
N LEU A 808 -31.39 -6.00 30.17
CA LEU A 808 -31.94 -5.26 29.03
C LEU A 808 -30.85 -4.78 28.08
N LEU A 809 -29.72 -4.31 28.63
CA LEU A 809 -28.61 -3.85 27.80
C LEU A 809 -27.98 -5.00 27.02
N PHE A 810 -27.90 -6.17 27.63
CA PHE A 810 -27.33 -7.32 26.92
C PHE A 810 -28.29 -7.88 25.89
N ASN A 811 -29.60 -7.74 26.12
CA ASN A 811 -30.56 -8.16 25.10
C ASN A 811 -30.62 -7.17 23.95
N LYS A 812 -30.31 -5.91 24.19
CA LYS A 812 -30.44 -4.89 23.15
C LYS A 812 -29.21 -4.76 22.25
N VAL A 813 -28.14 -5.50 22.50
CA VAL A 813 -26.96 -5.51 21.65
C VAL A 813 -26.78 -6.91 21.09
N THR A 814 -26.76 -7.02 19.76
CA THR A 814 -26.63 -8.31 19.07
C THR A 814 -25.20 -8.47 18.59
N LEU A 815 -24.47 -9.41 19.17
CA LEU A 815 -23.10 -9.67 18.78
C LEU A 815 -23.05 -10.42 17.44
N ILE A 821 -17.73 -22.01 20.36
CA ILE A 821 -16.94 -22.97 19.60
C ILE A 821 -17.67 -23.38 18.33
N LYS A 822 -17.14 -22.96 17.19
CA LYS A 822 -17.67 -23.35 15.88
C LYS A 822 -16.81 -24.48 15.35
N GLN A 823 -17.35 -25.70 15.42
CA GLN A 823 -16.59 -26.88 15.05
C GLN A 823 -16.55 -27.05 13.53
N TYR A 824 -15.65 -27.93 13.09
CA TYR A 824 -15.55 -28.26 11.68
C TYR A 824 -16.77 -29.02 11.19
N GLY A 825 -17.32 -29.90 12.02
CA GLY A 825 -18.51 -30.65 11.64
C GLY A 825 -19.76 -29.81 11.62
N ASP A 826 -19.80 -28.74 12.41
CA ASP A 826 -20.92 -27.80 12.39
C ASP A 826 -20.82 -26.81 11.25
N CYS A 827 -19.71 -26.80 10.52
CA CYS A 827 -19.46 -25.88 9.44
C CYS A 827 -19.46 -26.53 8.07
N LEU A 828 -18.95 -27.75 7.96
CA LEU A 828 -18.90 -28.46 6.69
C LEU A 828 -20.23 -29.16 6.42
N ASP A 835 -23.10 -19.21 6.32
CA ASP A 835 -22.66 -18.56 7.54
C ASP A 835 -21.45 -17.67 7.28
N LEU A 836 -21.52 -16.42 7.74
CA LEU A 836 -20.43 -15.48 7.52
C LEU A 836 -19.21 -15.82 8.37
N ILE A 837 -19.44 -16.29 9.60
CA ILE A 837 -18.35 -16.68 10.48
C ILE A 837 -17.61 -17.89 9.93
N CYS A 838 -18.35 -18.81 9.30
CA CYS A 838 -17.73 -19.98 8.67
C CYS A 838 -16.85 -19.57 7.50
N ALA A 839 -17.31 -18.61 6.68
CA ALA A 839 -16.51 -18.13 5.57
C ALA A 839 -15.30 -17.33 6.04
N GLN A 840 -15.43 -16.62 7.17
CA GLN A 840 -14.28 -15.94 7.76
C GLN A 840 -13.26 -16.94 8.28
N LYS A 841 -13.73 -17.99 8.96
CA LYS A 841 -12.83 -18.95 9.59
C LYS A 841 -12.17 -19.87 8.57
N PHE A 842 -12.82 -20.11 7.43
CA PHE A 842 -12.19 -20.92 6.40
C PHE A 842 -11.13 -20.16 5.62
N ASN A 843 -11.05 -18.85 5.78
CA ASN A 843 -10.02 -18.04 5.13
C ASN A 843 -8.97 -17.55 6.12
N GLY A 844 -8.84 -18.22 7.25
CA GLY A 844 -7.79 -17.91 8.20
C GLY A 844 -8.08 -16.80 9.18
N LEU A 845 -9.32 -16.31 9.25
CA LEU A 845 -9.68 -15.22 10.14
C LEU A 845 -10.44 -15.78 11.33
N THR A 846 -9.86 -15.66 12.52
CA THR A 846 -10.45 -16.20 13.73
C THR A 846 -10.69 -15.09 14.75
N VAL A 847 -11.65 -15.32 15.64
CA VAL A 847 -11.98 -14.37 16.69
C VAL A 847 -11.60 -14.99 18.02
N LEU A 848 -10.70 -14.33 18.74
CA LEU A 848 -10.28 -14.80 20.05
C LEU A 848 -11.27 -14.34 21.11
N PRO A 849 -11.58 -15.18 22.10
CA PRO A 849 -12.51 -14.76 23.16
C PRO A 849 -11.85 -13.77 24.09
N PRO A 850 -12.62 -12.87 24.69
CA PRO A 850 -12.06 -11.99 25.72
C PRO A 850 -11.66 -12.75 26.97
N LEU A 851 -10.64 -12.23 27.66
CA LEU A 851 -10.11 -12.89 28.85
C LEU A 851 -11.11 -12.90 29.99
N LEU A 852 -11.79 -11.78 30.22
CA LEU A 852 -12.82 -11.71 31.24
C LEU A 852 -14.17 -12.02 30.60
N THR A 853 -14.88 -13.00 31.14
CA THR A 853 -16.22 -13.30 30.68
C THR A 853 -17.19 -12.23 31.16
N ASP A 854 -18.40 -12.26 30.60
CA ASP A 854 -19.42 -11.28 30.97
C ASP A 854 -19.88 -11.44 32.41
N GLU A 855 -19.80 -12.66 32.95
CA GLU A 855 -20.12 -12.88 34.36
C GLU A 855 -19.08 -12.22 35.26
N MET A 856 -17.81 -12.22 34.85
CA MET A 856 -16.77 -11.56 35.63
C MET A 856 -16.92 -10.04 35.59
N ILE A 857 -17.31 -9.50 34.44
CA ILE A 857 -17.57 -8.06 34.32
C ILE A 857 -18.78 -7.67 35.17
N ALA A 858 -19.81 -8.52 35.18
CA ALA A 858 -20.97 -8.26 36.04
C ALA A 858 -20.61 -8.37 37.51
N GLN A 859 -19.70 -9.28 37.87
CA GLN A 859 -19.23 -9.38 39.25
C GLN A 859 -18.46 -8.13 39.68
N TYR A 860 -17.61 -7.60 38.79
CA TYR A 860 -16.90 -6.36 39.07
C TYR A 860 -17.85 -5.19 39.23
N THR A 861 -18.86 -5.12 38.35
CA THR A 861 -19.86 -4.06 38.43
C THR A 861 -20.67 -4.15 39.71
N SER A 862 -21.02 -5.38 40.12
CA SER A 862 -21.74 -5.58 41.38
C SER A 862 -20.90 -5.21 42.59
N ALA A 863 -19.59 -5.51 42.55
CA ALA A 863 -18.70 -5.13 43.64
C ALA A 863 -18.58 -3.61 43.76
N LEU A 864 -18.48 -2.92 42.62
CA LEU A 864 -18.43 -1.46 42.63
C LEU A 864 -19.73 -0.86 43.16
N LEU A 865 -20.88 -1.44 42.76
CA LEU A 865 -22.17 -0.94 43.24
C LEU A 865 -22.34 -1.17 44.73
N ALA A 866 -21.95 -2.34 45.23
CA ALA A 866 -22.06 -2.63 46.65
C ALA A 866 -21.15 -1.74 47.48
N GLY A 867 -19.93 -1.51 47.01
CA GLY A 867 -19.02 -0.61 47.71
C GLY A 867 -19.50 0.83 47.71
N THR A 868 -20.11 1.27 46.60
CA THR A 868 -20.63 2.62 46.54
C THR A 868 -21.83 2.80 47.46
N ILE A 869 -22.79 1.88 47.44
CA ILE A 869 -24.00 2.08 48.25
C ILE A 869 -23.81 1.71 49.70
N THR A 870 -22.71 1.05 50.07
CA THR A 870 -22.48 0.78 51.48
C THR A 870 -21.39 1.62 52.11
N SER A 871 -20.48 2.20 51.32
CA SER A 871 -19.37 2.94 51.89
C SER A 871 -19.16 4.32 51.28
N GLY A 872 -19.88 4.69 50.24
CA GLY A 872 -19.70 6.00 49.65
C GLY A 872 -18.44 6.05 48.82
N TRP A 873 -17.65 7.12 48.99
CA TRP A 873 -16.40 7.26 48.28
C TRP A 873 -15.21 6.73 49.05
N THR A 874 -15.44 6.16 50.24
CA THR A 874 -14.33 5.78 51.10
C THR A 874 -13.61 4.54 50.60
N PHE A 875 -14.31 3.64 49.91
CA PHE A 875 -13.68 2.41 49.44
C PHE A 875 -12.76 2.64 48.24
N GLY A 876 -12.90 3.78 47.56
CA GLY A 876 -12.01 4.09 46.47
C GLY A 876 -10.72 4.75 46.88
N ALA A 877 -10.56 5.09 48.16
CA ALA A 877 -9.38 5.78 48.65
C ALA A 877 -8.70 5.04 49.81
N GLY A 878 -9.18 3.85 50.15
CA GLY A 878 -8.65 3.12 51.28
C GLY A 878 -9.57 2.00 51.68
N PRO A 879 -9.66 1.72 52.98
CA PRO A 879 -10.63 0.73 53.45
C PRO A 879 -12.05 1.22 53.33
N ALA A 880 -12.97 0.29 53.15
CA ALA A 880 -14.39 0.62 53.01
C ALA A 880 -14.96 0.91 54.39
N LEU A 881 -15.34 2.17 54.63
CA LEU A 881 -15.96 2.58 55.89
C LEU A 881 -17.44 2.73 55.67
N GLN A 882 -18.24 1.98 56.43
CA GLN A 882 -19.68 2.00 56.24
C GLN A 882 -20.28 3.31 56.76
N ILE A 883 -21.41 3.68 56.16
CA ILE A 883 -22.15 4.89 56.52
C ILE A 883 -23.59 4.64 56.06
N PRO A 884 -24.60 5.10 56.80
CA PRO A 884 -25.96 5.00 56.29
C PRO A 884 -26.14 5.83 55.03
N PHE A 885 -26.96 5.32 54.12
CA PHE A 885 -27.09 5.93 52.80
C PHE A 885 -27.79 7.29 52.78
N PRO A 886 -28.81 7.58 53.63
CA PRO A 886 -29.21 8.99 53.78
C PRO A 886 -28.09 9.89 54.26
N MET A 887 -27.23 9.43 55.17
CA MET A 887 -26.11 10.24 55.62
C MET A 887 -25.09 10.43 54.51
N GLN A 888 -24.89 9.39 53.69
CA GLN A 888 -23.99 9.50 52.55
C GLN A 888 -24.49 10.51 51.53
N MET A 889 -25.79 10.47 51.21
CA MET A 889 -26.28 11.43 50.24
C MET A 889 -26.45 12.82 50.86
N ALA A 890 -26.53 12.93 52.18
CA ALA A 890 -26.40 14.24 52.83
C ALA A 890 -24.99 14.80 52.67
N TYR A 891 -23.96 13.95 52.74
CA TYR A 891 -22.60 14.37 52.44
C TYR A 891 -22.49 14.84 50.99
N ARG A 892 -23.10 14.11 50.07
CA ARG A 892 -23.05 14.48 48.66
C ARG A 892 -23.86 15.76 48.38
N PHE A 893 -24.90 16.02 49.16
CA PHE A 893 -25.59 17.30 49.10
C PHE A 893 -24.70 18.42 49.59
N ASN A 894 -23.92 18.16 50.64
CA ASN A 894 -22.91 19.13 51.10
C ASN A 894 -21.84 19.37 50.07
N GLY A 895 -21.57 18.39 49.21
CA GLY A 895 -20.55 18.55 48.19
C GLY A 895 -20.94 19.52 47.08
N ILE A 896 -22.23 19.72 46.87
CA ILE A 896 -22.69 20.61 45.80
C ILE A 896 -23.18 21.95 46.33
N GLY A 897 -22.96 22.24 47.61
CA GLY A 897 -23.29 23.53 48.16
C GLY A 897 -24.67 23.65 48.80
N VAL A 898 -25.33 22.54 49.08
CA VAL A 898 -26.62 22.53 49.75
C VAL A 898 -26.43 21.94 51.14
N THR A 899 -27.04 22.56 52.14
CA THR A 899 -26.93 22.05 53.51
C THR A 899 -27.69 20.74 53.64
N GLN A 900 -27.27 19.92 54.61
CA GLN A 900 -27.78 18.56 54.71
C GLN A 900 -29.18 18.49 55.31
N ASN A 901 -29.63 19.54 55.98
CA ASN A 901 -30.99 19.58 56.48
C ASN A 901 -32.02 19.64 55.34
N VAL A 902 -31.61 20.13 54.17
CA VAL A 902 -32.46 20.09 52.99
C VAL A 902 -32.74 18.65 52.59
N LEU A 903 -31.73 17.78 52.67
CA LEU A 903 -31.95 16.37 52.40
C LEU A 903 -32.77 15.71 53.51
N TYR A 904 -32.40 15.96 54.78
CA TYR A 904 -33.05 15.28 55.88
C TYR A 904 -34.50 15.68 56.07
N GLU A 905 -34.88 16.88 55.64
CA GLU A 905 -36.26 17.32 55.69
C GLU A 905 -37.05 16.94 54.44
N ASN A 906 -36.41 16.36 53.44
CA ASN A 906 -37.05 15.97 52.20
C ASN A 906 -36.61 14.59 51.77
N GLN A 907 -36.41 13.68 52.74
CA GLN A 907 -35.81 12.39 52.44
C GLN A 907 -36.73 11.49 51.62
N LYS A 908 -38.03 11.47 51.96
CA LYS A 908 -39.00 10.67 51.22
C LYS A 908 -39.16 11.17 49.79
N LEU A 909 -39.19 12.50 49.61
CA LEU A 909 -39.33 13.06 48.27
C LEU A 909 -38.11 12.77 47.41
N ILE A 910 -36.90 12.88 47.98
CA ILE A 910 -35.67 12.61 47.24
C ILE A 910 -35.59 11.13 46.88
N ALA A 911 -35.97 10.24 47.81
CA ALA A 911 -35.99 8.81 47.53
C ALA A 911 -36.99 8.45 46.44
N ASN A 912 -38.18 9.08 46.47
CA ASN A 912 -39.19 8.82 45.45
C ASN A 912 -38.73 9.32 44.09
N GLN A 913 -38.08 10.48 44.04
CA GLN A 913 -37.59 11.03 42.77
C GLN A 913 -36.47 10.15 42.21
N PHE A 914 -35.59 9.65 43.07
CA PHE A 914 -34.53 8.75 42.63
C PHE A 914 -35.10 7.44 42.06
N ASN A 915 -36.09 6.87 42.75
CA ASN A 915 -36.71 5.63 42.29
C ASN A 915 -37.44 5.81 40.97
N SER A 916 -38.17 6.93 40.83
CA SER A 916 -38.88 7.21 39.59
C SER A 916 -37.91 7.47 38.44
N ALA A 917 -36.77 8.11 38.72
CA ALA A 917 -35.79 8.35 37.67
C ALA A 917 -35.12 7.05 37.21
N ILE A 918 -34.85 6.13 38.14
CA ILE A 918 -34.29 4.84 37.76
C ILE A 918 -35.29 4.03 36.93
N GLY A 919 -36.57 4.05 37.33
CA GLY A 919 -37.60 3.37 36.54
C GLY A 919 -37.79 3.98 35.17
N LYS A 920 -37.70 5.31 35.06
CA LYS A 920 -37.77 5.97 33.75
C LYS A 920 -36.57 5.63 32.90
N ILE A 921 -35.40 5.44 33.51
CA ILE A 921 -34.20 5.00 32.77
C ILE A 921 -34.43 3.61 32.19
N GLN A 922 -35.01 2.71 32.99
CA GLN A 922 -35.33 1.36 32.53
C GLN A 922 -36.32 1.38 31.36
N ASP A 923 -37.38 2.20 31.47
CA ASP A 923 -38.37 2.28 30.40
C ASP A 923 -37.80 2.92 29.13
N SER A 924 -36.97 3.96 29.28
CA SER A 924 -36.41 4.64 28.12
C SER A 924 -35.36 3.79 27.42
N LEU A 925 -34.63 2.97 28.15
CA LEU A 925 -33.72 2.02 27.50
C LEU A 925 -34.49 0.89 26.84
N SER A 926 -35.61 0.47 27.43
CA SER A 926 -36.41 -0.59 26.82
C SER A 926 -37.18 -0.12 25.60
N SER A 927 -37.44 1.17 25.48
CA SER A 927 -38.27 1.69 24.39
C SER A 927 -37.45 2.12 23.18
N THR A 928 -36.44 2.95 23.39
CA THR A 928 -35.71 3.54 22.27
C THR A 928 -34.77 2.50 21.65
N PRO A 929 -34.86 2.26 20.34
CA PRO A 929 -34.01 1.23 19.72
C PRO A 929 -32.60 1.70 19.43
N SER A 930 -32.40 3.00 19.24
CA SER A 930 -31.10 3.56 18.90
C SER A 930 -30.36 4.12 20.10
N ALA A 931 -30.71 3.66 21.31
CA ALA A 931 -30.04 4.17 22.51
C ALA A 931 -28.62 3.64 22.62
N LEU A 932 -28.40 2.37 22.22
CA LEU A 932 -27.10 1.73 22.32
C LEU A 932 -26.41 1.64 20.97
N GLY A 933 -26.55 2.68 20.14
CA GLY A 933 -25.93 2.67 18.83
C GLY A 933 -24.42 2.79 18.85
N LYS A 934 -23.86 3.35 19.92
CA LYS A 934 -22.41 3.47 20.04
C LYS A 934 -21.75 2.10 20.15
N LEU A 935 -22.34 1.19 20.92
CA LEU A 935 -21.79 -0.15 21.02
C LEU A 935 -22.11 -0.99 19.80
N GLN A 936 -23.25 -0.74 19.15
CA GLN A 936 -23.60 -1.49 17.95
C GLN A 936 -22.72 -1.10 16.77
N ASP A 937 -22.27 0.16 16.72
CA ASP A 937 -21.41 0.61 15.64
C ASP A 937 -20.05 -0.09 15.64
N VAL A 938 -19.54 -0.44 16.83
CA VAL A 938 -18.26 -1.13 16.92
C VAL A 938 -18.36 -2.53 16.34
N VAL A 939 -19.43 -3.25 16.72
CA VAL A 939 -19.67 -4.60 16.21
C VAL A 939 -19.92 -4.57 14.71
N ASN A 940 -20.70 -3.58 14.25
CA ASN A 940 -21.00 -3.46 12.82
C ASN A 940 -19.75 -3.15 12.01
N GLN A 941 -18.87 -2.28 12.53
CA GLN A 941 -17.65 -1.92 11.83
C GLN A 941 -16.68 -3.10 11.77
N ASN A 942 -16.55 -3.85 12.86
CA ASN A 942 -15.65 -5.00 12.87
C ASN A 942 -16.15 -6.10 11.94
N ALA A 943 -17.46 -6.39 11.96
CA ALA A 943 -18.03 -7.40 11.07
C ALA A 943 -17.95 -6.97 9.61
N GLN A 944 -18.15 -5.68 9.34
CA GLN A 944 -18.05 -5.17 7.98
C GLN A 944 -16.62 -5.24 7.46
N ALA A 945 -15.64 -4.96 8.33
CA ALA A 945 -14.23 -5.06 7.94
C ALA A 945 -13.85 -6.51 7.62
N LEU A 946 -14.29 -7.45 8.46
CA LEU A 946 -14.00 -8.86 8.20
C LEU A 946 -14.68 -9.37 6.93
N ASN A 947 -15.93 -8.94 6.70
CA ASN A 947 -16.63 -9.37 5.49
C ASN A 947 -16.05 -8.73 4.24
N THR A 948 -15.55 -7.50 4.33
CA THR A 948 -14.84 -6.88 3.22
C THR A 948 -13.53 -7.61 2.92
N LEU A 949 -12.83 -8.04 3.97
CA LEU A 949 -11.61 -8.83 3.79
C LEU A 949 -11.91 -10.17 3.12
N VAL A 950 -13.03 -10.80 3.47
CA VAL A 950 -13.42 -12.04 2.82
C VAL A 950 -13.81 -11.79 1.36
N LYS A 951 -14.57 -10.73 1.10
CA LYS A 951 -15.05 -10.42 -0.24
C LYS A 951 -13.94 -9.95 -1.17
N GLN A 952 -12.83 -9.45 -0.64
CA GLN A 952 -11.71 -9.02 -1.47
C GLN A 952 -10.90 -10.16 -2.04
N LEU A 953 -11.21 -11.41 -1.69
CA LEU A 953 -10.56 -12.57 -2.29
C LEU A 953 -11.10 -12.88 -3.68
N SER A 954 -12.17 -12.22 -4.11
CA SER A 954 -12.73 -12.40 -5.44
C SER A 954 -12.09 -11.49 -6.48
N SER A 955 -11.23 -10.56 -6.07
CA SER A 955 -10.61 -9.64 -7.00
C SER A 955 -9.48 -10.32 -7.77
N ASN A 956 -9.17 -9.77 -8.94
CA ASN A 956 -8.12 -10.31 -9.79
C ASN A 956 -6.79 -9.62 -9.59
N PHE A 957 -6.81 -8.34 -9.23
CA PHE A 957 -5.62 -7.49 -9.03
C PHE A 957 -4.73 -7.45 -10.28
N GLY A 958 -5.35 -7.45 -11.44
CA GLY A 958 -4.62 -7.44 -12.69
C GLY A 958 -4.16 -8.79 -13.18
N ALA A 959 -4.47 -9.87 -12.47
CA ALA A 959 -4.12 -11.20 -12.93
C ALA A 959 -5.21 -11.73 -13.84
N ILE A 960 -5.04 -12.97 -14.30
CA ILE A 960 -6.02 -13.54 -15.23
C ILE A 960 -7.25 -14.07 -14.51
N SER A 961 -7.16 -14.34 -13.22
CA SER A 961 -8.27 -14.92 -12.47
C SER A 961 -8.07 -14.60 -11.00
N SER A 962 -9.05 -15.01 -10.18
CA SER A 962 -8.98 -14.85 -8.74
C SER A 962 -8.81 -16.17 -8.00
N VAL A 963 -9.02 -17.31 -8.67
CA VAL A 963 -8.87 -18.61 -8.05
C VAL A 963 -7.44 -19.10 -8.28
N LEU A 964 -6.79 -19.53 -7.20
CA LEU A 964 -5.45 -20.10 -7.32
C LEU A 964 -5.47 -21.41 -8.07
N ASN A 965 -6.50 -22.23 -7.83
CA ASN A 965 -6.55 -23.56 -8.43
C ASN A 965 -6.86 -23.51 -9.91
N ASP A 966 -7.56 -22.47 -10.37
CA ASP A 966 -7.81 -22.32 -11.80
C ASP A 966 -6.56 -21.85 -12.52
N ILE A 967 -5.74 -21.01 -11.88
CA ILE A 967 -4.46 -20.60 -12.44
C ILE A 967 -3.49 -21.78 -12.48
N LEU A 968 -3.44 -22.56 -11.41
CA LEU A 968 -2.48 -23.66 -11.30
C LEU A 968 -2.80 -24.82 -12.24
N SER A 969 -4.06 -24.97 -12.64
CA SER A 969 -4.46 -26.08 -13.51
C SER A 969 -4.45 -25.70 -14.98
N ARG A 970 -4.07 -24.48 -15.33
CA ARG A 970 -4.01 -24.06 -16.72
C ARG A 970 -2.63 -23.56 -17.15
N LEU A 971 -1.69 -23.41 -16.23
CA LEU A 971 -0.40 -22.83 -16.54
C LEU A 971 0.72 -23.66 -15.93
N ASP A 972 1.88 -23.61 -16.58
CA ASP A 972 3.12 -24.16 -16.03
C ASP A 972 3.61 -23.27 -14.90
N PRO A 973 4.53 -23.75 -14.06
CA PRO A 973 5.05 -22.95 -12.92
C PRO A 973 5.58 -21.56 -13.26
N PRO A 974 6.18 -21.26 -14.47
CA PRO A 974 6.52 -19.84 -14.74
C PRO A 974 5.37 -18.85 -14.87
N GLU A 975 4.41 -19.07 -15.77
CA GLU A 975 3.30 -18.12 -15.88
C GLU A 975 2.36 -18.20 -14.69
N ALA A 976 2.22 -19.38 -14.08
CA ALA A 976 1.51 -19.46 -12.82
C ALA A 976 2.22 -18.68 -11.72
N GLU A 977 3.57 -18.65 -11.74
CA GLU A 977 4.32 -17.83 -10.80
C GLU A 977 4.02 -16.35 -10.99
N VAL A 978 3.89 -15.92 -12.25
CA VAL A 978 3.56 -14.51 -12.54
C VAL A 978 2.17 -14.15 -12.02
N GLN A 979 1.17 -14.99 -12.34
CA GLN A 979 -0.21 -14.68 -11.94
C GLN A 979 -0.40 -14.78 -10.43
N ILE A 980 0.22 -15.79 -9.80
CA ILE A 980 0.14 -15.95 -8.35
C ILE A 980 0.91 -14.83 -7.64
N ASP A 981 1.97 -14.30 -8.27
CA ASP A 981 2.63 -13.13 -7.71
C ASP A 981 1.73 -11.90 -7.71
N ARG A 982 0.96 -11.72 -8.79
CA ARG A 982 -0.04 -10.64 -8.82
C ARG A 982 -1.09 -10.82 -7.73
N LEU A 983 -1.61 -12.04 -7.57
CA LEU A 983 -2.62 -12.31 -6.55
C LEU A 983 -2.06 -12.14 -5.14
N ILE A 984 -0.81 -12.54 -4.93
CA ILE A 984 -0.16 -12.40 -3.63
C ILE A 984 0.02 -10.94 -3.27
N THR A 985 0.43 -10.12 -4.25
CA THR A 985 0.58 -8.68 -4.00
C THR A 985 -0.76 -8.03 -3.67
N GLY A 986 -1.82 -8.40 -4.39
CA GLY A 986 -3.13 -7.83 -4.10
C GLY A 986 -3.69 -8.24 -2.75
N ARG A 987 -3.56 -9.52 -2.39
CA ARG A 987 -4.09 -9.97 -1.11
C ARG A 987 -3.26 -9.47 0.07
N LEU A 988 -1.94 -9.31 -0.13
CA LEU A 988 -1.11 -8.68 0.88
C LEU A 988 -1.49 -7.23 1.10
N GLN A 989 -1.83 -6.52 0.01
CA GLN A 989 -2.32 -5.15 0.14
C GLN A 989 -3.64 -5.09 0.90
N SER A 990 -4.54 -6.05 0.62
CA SER A 990 -5.82 -6.11 1.34
C SER A 990 -5.62 -6.34 2.83
N LEU A 991 -4.72 -7.27 3.18
CA LEU A 991 -4.45 -7.55 4.58
C LEU A 991 -3.80 -6.36 5.28
N GLN A 992 -2.88 -5.68 4.59
CA GLN A 992 -2.23 -4.50 5.18
C GLN A 992 -3.23 -3.37 5.41
N THR A 993 -4.16 -3.17 4.47
CA THR A 993 -5.19 -2.16 4.64
C THR A 993 -6.10 -2.49 5.83
N TYR A 994 -6.47 -3.77 5.97
CA TYR A 994 -7.29 -4.18 7.11
C TYR A 994 -6.57 -3.95 8.43
N VAL A 995 -5.27 -4.27 8.49
CA VAL A 995 -4.51 -4.12 9.72
C VAL A 995 -4.33 -2.65 10.09
N THR A 996 -4.12 -1.79 9.09
CA THR A 996 -3.98 -0.36 9.34
C THR A 996 -5.28 0.25 9.87
N GLN A 997 -6.42 -0.11 9.24
CA GLN A 997 -7.70 0.39 9.73
C GLN A 997 -8.03 -0.15 11.11
N GLN A 998 -7.63 -1.39 11.40
CA GLN A 998 -7.84 -1.94 12.74
C GLN A 998 -6.98 -1.24 13.78
N LEU A 999 -5.77 -0.83 13.40
CA LEU A 999 -4.91 -0.08 14.34
C LEU A 999 -5.50 1.29 14.66
N ILE A 1000 -6.03 1.97 13.64
CA ILE A 1000 -6.65 3.28 13.88
C ILE A 1000 -7.92 3.13 14.73
N ARG A 1001 -8.74 2.12 14.44
CA ARG A 1001 -9.94 1.86 15.23
C ARG A 1001 -9.60 1.47 16.66
N ALA A 1002 -8.52 0.73 16.86
CA ALA A 1002 -8.10 0.35 18.20
C ALA A 1002 -7.58 1.54 18.98
N ALA A 1003 -6.93 2.50 18.30
CA ALA A 1003 -6.54 3.74 18.96
C ALA A 1003 -7.76 4.53 19.43
N GLU A 1004 -8.80 4.58 18.59
CA GLU A 1004 -10.04 5.25 18.99
C GLU A 1004 -10.71 4.54 20.17
N ILE A 1005 -10.73 3.21 20.14
CA ILE A 1005 -11.33 2.42 21.22
C ILE A 1005 -10.53 2.58 22.51
N ARG A 1006 -9.20 2.69 22.41
CA ARG A 1006 -8.36 2.89 23.59
C ARG A 1006 -8.59 4.27 24.20
N ALA A 1007 -8.80 5.30 23.36
CA ALA A 1007 -9.15 6.61 23.89
C ALA A 1007 -10.50 6.59 24.60
N SER A 1008 -11.48 5.89 24.03
CA SER A 1008 -12.79 5.75 24.67
C SER A 1008 -12.70 4.98 25.98
N ALA A 1009 -11.84 3.96 26.03
CA ALA A 1009 -11.69 3.17 27.25
C ALA A 1009 -10.93 3.92 28.33
N ASN A 1010 -9.97 4.76 27.94
CA ASN A 1010 -9.30 5.64 28.91
C ASN A 1010 -10.29 6.64 29.49
N LEU A 1011 -11.18 7.17 28.66
CA LEU A 1011 -12.24 8.05 29.15
C LEU A 1011 -13.19 7.31 30.10
N ALA A 1012 -13.54 6.07 29.76
CA ALA A 1012 -14.43 5.29 30.61
C ALA A 1012 -13.79 4.95 31.96
N ALA A 1013 -12.48 4.65 31.95
CA ALA A 1013 -11.76 4.41 33.20
C ALA A 1013 -11.68 5.68 34.05
N THR A 1014 -11.48 6.84 33.41
CA THR A 1014 -11.48 8.11 34.13
C THR A 1014 -12.85 8.41 34.74
N LYS A 1015 -13.92 8.11 34.00
CA LYS A 1015 -15.28 8.33 34.52
C LYS A 1015 -15.60 7.35 35.64
N MET A 1016 -15.10 6.12 35.56
CA MET A 1016 -15.25 5.18 36.66
C MET A 1016 -14.53 5.65 37.91
N SER A 1017 -13.33 6.20 37.74
CA SER A 1017 -12.58 6.70 38.90
C SER A 1017 -13.23 7.94 39.50
N GLU A 1018 -13.69 8.88 38.68
CA GLU A 1018 -14.08 10.18 39.19
C GLU A 1018 -15.58 10.37 39.40
N CYS A 1019 -16.42 9.56 38.76
CA CYS A 1019 -17.87 9.67 38.93
C CYS A 1019 -18.43 8.59 39.85
N VAL A 1020 -17.89 7.38 39.78
CA VAL A 1020 -18.39 6.27 40.59
C VAL A 1020 -17.67 6.21 41.93
N LEU A 1021 -16.35 6.31 41.92
CA LEU A 1021 -15.56 6.20 43.14
C LEU A 1021 -15.47 7.52 43.90
N GLY A 1022 -16.02 8.60 43.36
CA GLY A 1022 -16.02 9.87 44.04
C GLY A 1022 -17.11 10.75 43.52
N GLN A 1023 -17.14 11.99 44.02
CA GLN A 1023 -18.08 13.00 43.57
C GLN A 1023 -17.30 14.11 42.87
N SER A 1024 -17.68 14.41 41.64
CA SER A 1024 -16.91 15.29 40.78
C SER A 1024 -17.46 16.71 40.80
N LYS A 1025 -16.55 17.69 40.85
CA LYS A 1025 -16.91 19.08 40.67
C LYS A 1025 -16.75 19.54 39.23
N ARG A 1026 -16.28 18.66 38.35
CA ARG A 1026 -16.11 19.02 36.95
C ARG A 1026 -17.47 19.11 36.27
N VAL A 1027 -17.70 20.19 35.54
CA VAL A 1027 -18.99 20.46 34.93
C VAL A 1027 -19.16 19.55 33.72
N ASP A 1028 -20.30 18.85 33.67
CA ASP A 1028 -20.76 17.96 32.60
C ASP A 1028 -19.86 16.74 32.40
N PHE A 1029 -18.95 16.45 33.32
CA PHE A 1029 -18.17 15.23 33.22
C PHE A 1029 -18.99 14.02 33.63
N CYS A 1030 -19.81 14.17 34.65
CA CYS A 1030 -20.61 13.07 35.17
C CYS A 1030 -22.09 13.41 35.10
N GLY A 1031 -22.55 13.89 33.95
CA GLY A 1031 -23.95 14.17 33.72
C GLY A 1031 -24.24 15.66 33.71
N LYS A 1032 -25.48 15.97 33.33
CA LYS A 1032 -25.95 17.34 33.24
C LYS A 1032 -26.63 17.72 34.55
N GLY A 1033 -26.05 18.67 35.27
CA GLY A 1033 -26.50 19.10 36.57
C GLY A 1033 -25.36 19.08 37.55
N TYR A 1034 -25.69 19.24 38.83
CA TYR A 1034 -24.70 19.12 39.90
C TYR A 1034 -24.61 17.66 40.29
N HIS A 1035 -23.44 17.06 40.06
CA HIS A 1035 -23.28 15.63 40.16
C HIS A 1035 -23.37 15.16 41.61
N LEU A 1036 -24.23 14.17 41.85
CA LEU A 1036 -24.29 13.53 43.15
C LEU A 1036 -23.53 12.21 43.14
N MET A 1037 -23.95 11.24 42.33
CA MET A 1037 -23.26 9.96 42.33
C MET A 1037 -23.56 9.22 41.04
N SER A 1038 -22.68 8.29 40.69
CA SER A 1038 -22.84 7.53 39.47
C SER A 1038 -22.80 6.04 39.77
N PHE A 1039 -23.50 5.27 38.94
CA PHE A 1039 -23.57 3.82 39.06
C PHE A 1039 -23.15 3.17 37.75
N PRO A 1040 -22.22 2.21 37.77
CA PRO A 1040 -21.84 1.52 36.54
C PRO A 1040 -22.71 0.32 36.25
N GLN A 1041 -22.88 0.04 34.97
CA GLN A 1041 -23.56 -1.16 34.48
C GLN A 1041 -22.76 -1.72 33.33
N SER A 1042 -22.56 -3.03 33.32
CA SER A 1042 -21.84 -3.67 32.23
C SER A 1042 -22.73 -3.76 31.00
N ALA A 1043 -22.11 -3.65 29.83
CA ALA A 1043 -22.81 -3.75 28.55
C ALA A 1043 -21.89 -4.50 27.60
N PRO A 1044 -22.44 -5.13 26.54
CA PRO A 1044 -21.58 -5.81 25.55
C PRO A 1044 -20.57 -4.88 24.90
N HIS A 1045 -19.29 -5.16 25.20
CA HIS A 1045 -18.14 -4.35 24.81
C HIS A 1045 -18.23 -2.91 25.32
N GLY A 1046 -18.83 -2.69 26.48
CA GLY A 1046 -18.94 -1.31 26.92
C GLY A 1046 -19.44 -1.16 28.33
N VAL A 1047 -19.57 0.10 28.74
CA VAL A 1047 -20.03 0.45 30.07
C VAL A 1047 -21.11 1.51 29.95
N VAL A 1048 -22.15 1.39 30.76
CA VAL A 1048 -23.21 2.38 30.85
C VAL A 1048 -23.17 2.99 32.24
N PHE A 1049 -22.96 4.30 32.31
CA PHE A 1049 -22.95 5.02 33.57
C PHE A 1049 -24.31 5.67 33.77
N LEU A 1050 -24.90 5.44 34.94
CA LEU A 1050 -26.12 6.13 35.36
C LEU A 1050 -25.70 7.26 36.28
N HIS A 1051 -25.81 8.49 35.79
CA HIS A 1051 -25.40 9.67 36.54
C HIS A 1051 -26.61 10.24 37.26
N VAL A 1052 -26.55 10.23 38.58
CA VAL A 1052 -27.54 10.88 39.43
C VAL A 1052 -27.03 12.27 39.75
N THR A 1053 -27.77 13.28 39.29
CA THR A 1053 -27.42 14.68 39.46
C THR A 1053 -28.60 15.43 40.07
N TYR A 1054 -28.25 16.59 40.62
CA TYR A 1054 -29.19 17.52 41.25
C TYR A 1054 -29.44 18.66 40.28
N VAL A 1055 -30.71 18.90 39.95
CA VAL A 1055 -31.10 19.97 39.05
C VAL A 1055 -31.96 20.96 39.84
N PRO A 1056 -31.61 22.24 39.90
CA PRO A 1056 -32.48 23.22 40.55
C PRO A 1056 -33.78 23.39 39.78
N ALA A 1057 -34.84 23.75 40.51
CA ALA A 1057 -36.15 23.87 39.90
C ALA A 1057 -36.99 24.88 40.66
N GLN A 1058 -37.98 25.43 39.96
CA GLN A 1058 -38.98 26.37 40.48
C GLN A 1058 -38.33 27.61 41.09
N GLU A 1059 -37.62 28.34 40.24
CA GLU A 1059 -36.90 29.52 40.70
C GLU A 1059 -37.85 30.68 40.98
N LYS A 1060 -37.43 31.56 41.88
CA LYS A 1060 -38.14 32.78 42.21
C LYS A 1060 -37.15 33.93 42.21
N ASN A 1061 -37.61 35.10 41.79
CA ASN A 1061 -36.75 36.28 41.75
C ASN A 1061 -36.97 37.13 43.00
N PHE A 1062 -35.87 37.59 43.57
CA PHE A 1062 -35.84 38.41 44.77
C PHE A 1062 -34.95 39.61 44.51
N THR A 1063 -35.07 40.62 45.36
CA THR A 1063 -34.16 41.76 45.30
C THR A 1063 -32.92 41.42 46.09
N THR A 1064 -31.75 41.64 45.51
CA THR A 1064 -30.50 41.29 46.17
C THR A 1064 -29.64 42.52 46.40
N ALA A 1065 -28.69 42.39 47.33
CA ALA A 1065 -27.74 43.43 47.66
C ALA A 1065 -26.38 42.82 47.91
N PRO A 1066 -25.29 43.53 47.59
CA PRO A 1066 -23.96 43.00 47.91
C PRO A 1066 -23.64 43.04 49.39
N ALA A 1067 -24.12 44.03 50.13
CA ALA A 1067 -23.77 44.18 51.52
C ALA A 1067 -24.91 44.87 52.26
N ILE A 1068 -24.90 44.71 53.59
CA ILE A 1068 -25.90 45.30 54.46
C ILE A 1068 -25.19 46.25 55.41
N CYS A 1069 -25.63 47.51 55.44
CA CYS A 1069 -25.10 48.52 56.33
C CYS A 1069 -25.99 48.64 57.55
N HIS A 1070 -25.43 48.39 58.73
CA HIS A 1070 -26.22 48.40 59.96
C HIS A 1070 -25.81 49.50 60.93
N ASP A 1071 -24.55 49.56 61.33
CA ASP A 1071 -24.10 50.49 62.35
C ASP A 1071 -22.87 51.23 61.88
N GLY A 1072 -22.89 51.69 60.63
CA GLY A 1072 -21.71 52.26 60.04
C GLY A 1072 -20.69 51.25 59.58
N LYS A 1073 -21.03 49.97 59.60
CA LYS A 1073 -20.14 48.90 59.15
C LYS A 1073 -20.83 48.10 58.07
N ALA A 1074 -20.04 47.64 57.10
CA ALA A 1074 -20.54 46.82 56.01
C ALA A 1074 -20.54 45.36 56.42
N HIS A 1075 -21.66 44.67 56.17
CA HIS A 1075 -21.82 43.27 56.50
C HIS A 1075 -21.94 42.46 55.23
N PHE A 1076 -21.23 41.33 55.18
CA PHE A 1076 -21.22 40.44 54.04
C PHE A 1076 -21.62 39.05 54.51
N PRO A 1077 -22.29 38.25 53.67
CA PRO A 1077 -22.70 36.92 54.13
C PRO A 1077 -21.51 35.98 54.25
N ARG A 1078 -21.53 35.17 55.32
CA ARG A 1078 -20.51 34.15 55.49
C ARG A 1078 -20.63 33.09 54.40
N GLU A 1079 -21.84 32.59 54.19
CA GLU A 1079 -22.14 31.73 53.06
C GLU A 1079 -23.58 31.97 52.66
N GLY A 1080 -23.79 32.41 51.44
CA GLY A 1080 -25.14 32.70 51.01
C GLY A 1080 -25.21 34.06 50.35
N VAL A 1081 -26.42 34.61 50.34
CA VAL A 1081 -26.74 35.81 49.59
C VAL A 1081 -27.89 36.51 50.29
N PHE A 1082 -27.81 37.83 50.38
CA PHE A 1082 -28.91 38.63 50.88
C PHE A 1082 -30.01 38.70 49.83
N VAL A 1083 -31.25 38.43 50.24
CA VAL A 1083 -32.42 38.51 49.38
C VAL A 1083 -33.50 39.30 50.10
N SER A 1084 -34.47 39.76 49.33
CA SER A 1084 -35.53 40.59 49.88
C SER A 1084 -36.82 40.34 49.11
N ASN A 1085 -37.93 40.28 49.85
CA ASN A 1085 -39.26 40.31 49.24
C ASN A 1085 -39.82 41.73 49.16
N GLY A 1086 -39.02 42.68 48.67
CA GLY A 1086 -39.49 44.05 48.63
C GLY A 1086 -39.45 44.78 49.97
N THR A 1087 -40.04 44.19 51.01
CA THR A 1087 -40.11 44.81 52.33
C THR A 1087 -39.05 44.28 53.28
N HIS A 1088 -38.82 42.97 53.30
CA HIS A 1088 -37.95 42.36 54.29
C HIS A 1088 -36.74 41.69 53.65
N TRP A 1089 -35.64 41.71 54.40
CA TRP A 1089 -34.34 41.23 53.99
C TRP A 1089 -33.95 40.00 54.79
N PHE A 1090 -33.42 38.99 54.10
CA PHE A 1090 -32.94 37.75 54.68
C PHE A 1090 -31.60 37.38 54.06
N VAL A 1091 -30.98 36.35 54.61
CA VAL A 1091 -29.81 35.71 54.01
C VAL A 1091 -30.15 34.25 53.77
N THR A 1092 -29.83 33.75 52.59
CA THR A 1092 -30.16 32.37 52.24
C THR A 1092 -28.96 31.71 51.61
N GLN A 1093 -28.99 30.38 51.56
CA GLN A 1093 -28.00 29.66 50.78
C GLN A 1093 -28.30 29.82 49.30
N ARG A 1094 -27.26 29.68 48.48
CA ARG A 1094 -27.33 30.13 47.10
C ARG A 1094 -28.10 29.17 46.19
N ASN A 1095 -28.10 27.87 46.51
CA ASN A 1095 -28.70 26.88 45.62
C ASN A 1095 -30.06 26.39 46.09
N PHE A 1096 -30.60 26.94 47.17
CA PHE A 1096 -31.90 26.53 47.68
C PHE A 1096 -32.44 27.67 48.52
N TYR A 1097 -33.71 28.01 48.30
CA TYR A 1097 -34.30 29.15 49.01
C TYR A 1097 -34.64 28.73 50.43
N GLU A 1098 -33.89 29.28 51.39
CA GLU A 1098 -34.14 29.03 52.81
C GLU A 1098 -33.82 30.31 53.57
N PRO A 1099 -34.78 31.23 53.64
CA PRO A 1099 -34.48 32.56 54.20
C PRO A 1099 -34.33 32.51 55.71
N GLN A 1100 -33.38 33.30 56.21
CA GLN A 1100 -33.09 33.35 57.63
C GLN A 1100 -32.83 34.79 58.03
N ILE A 1101 -33.05 35.08 59.31
CA ILE A 1101 -32.83 36.42 59.86
C ILE A 1101 -31.34 36.74 59.82
N ILE A 1102 -31.00 37.92 59.29
CA ILE A 1102 -29.62 38.35 59.18
C ILE A 1102 -29.08 38.65 60.57
N THR A 1103 -28.19 37.79 61.07
CA THR A 1103 -27.58 37.96 62.37
C THR A 1103 -26.09 38.20 62.20
N THR A 1104 -25.40 38.35 63.33
CA THR A 1104 -23.95 38.47 63.33
C THR A 1104 -23.26 37.13 63.15
N ASP A 1105 -23.98 36.03 63.32
CA ASP A 1105 -23.44 34.71 63.03
C ASP A 1105 -23.53 34.35 61.55
N ASN A 1106 -24.51 34.92 60.84
CA ASN A 1106 -24.64 34.72 59.40
C ASN A 1106 -23.66 35.56 58.60
N THR A 1107 -23.13 36.63 59.18
CA THR A 1107 -22.42 37.66 58.43
C THR A 1107 -21.06 37.92 59.07
N PHE A 1108 -20.21 38.61 58.31
CA PHE A 1108 -18.96 39.15 58.81
C PHE A 1108 -18.85 40.61 58.41
N VAL A 1109 -17.96 41.33 59.09
CA VAL A 1109 -17.85 42.78 58.98
C VAL A 1109 -16.54 43.11 58.29
N SER A 1110 -16.60 43.98 57.27
CA SER A 1110 -15.39 44.46 56.61
C SER A 1110 -15.61 45.91 56.19
N GLY A 1111 -14.94 46.84 56.88
CA GLY A 1111 -14.99 48.23 56.51
C GLY A 1111 -16.26 48.93 56.90
N ASN A 1112 -16.46 50.10 56.31
CA ASN A 1112 -17.65 50.92 56.53
C ASN A 1112 -18.53 50.90 55.27
N CYS A 1113 -19.60 51.70 55.30
CA CYS A 1113 -20.60 51.70 54.25
C CYS A 1113 -20.34 52.72 53.16
N ASP A 1114 -19.07 53.04 52.89
CA ASP A 1114 -18.74 54.07 51.91
C ASP A 1114 -18.13 53.52 50.63
N VAL A 1115 -17.61 52.30 50.64
CA VAL A 1115 -16.89 51.76 49.49
C VAL A 1115 -17.76 50.87 48.63
N VAL A 1116 -18.66 50.10 49.25
CA VAL A 1116 -19.43 49.10 48.53
C VAL A 1116 -20.55 49.78 47.74
N ILE A 1117 -20.58 49.52 46.44
CA ILE A 1117 -21.61 50.09 45.57
C ILE A 1117 -22.87 49.25 45.68
N GLY A 1118 -23.97 49.89 46.04
CA GLY A 1118 -25.23 49.19 46.20
C GLY A 1118 -25.49 48.62 47.57
N ILE A 1119 -24.81 49.14 48.61
CA ILE A 1119 -25.05 48.69 49.97
C ILE A 1119 -26.43 49.16 50.42
N VAL A 1120 -27.09 48.34 51.23
CA VAL A 1120 -28.49 48.51 51.59
C VAL A 1120 -28.59 48.64 53.11
N ASN A 1121 -29.30 49.67 53.57
CA ASN A 1121 -29.55 49.86 55.00
C ASN A 1121 -30.49 48.79 55.52
N ASN A 1122 -30.04 48.04 56.52
CA ASN A 1122 -30.89 47.08 57.22
C ASN A 1122 -30.28 46.82 58.58
N THR A 1123 -31.05 46.17 59.45
CA THR A 1123 -30.62 45.87 60.80
C THR A 1123 -30.03 44.47 60.86
N VAL A 1124 -28.88 44.34 61.51
CA VAL A 1124 -28.24 43.06 61.74
C VAL A 1124 -28.48 42.69 63.20
N TYR A 1125 -29.20 41.61 63.43
CA TYR A 1125 -29.64 41.24 64.76
C TYR A 1125 -28.49 40.64 65.55
N ASP A 1126 -28.38 41.01 66.83
CA ASP A 1126 -27.34 40.50 67.69
C ASP A 1126 -27.94 39.52 68.69
N PRO A 1127 -27.55 38.25 68.67
CA PRO A 1127 -28.13 37.29 69.62
C PRO A 1127 -27.60 37.43 71.04
N LEU A 1128 -26.59 38.27 71.27
CA LEU A 1128 -25.97 38.36 72.58
C LEU A 1128 -26.83 39.13 73.57
N GLN A 1129 -27.66 40.07 73.11
CA GLN A 1129 -28.43 40.81 74.11
C GLN A 1129 -29.96 40.81 73.99
N PRO A 1130 -30.63 39.69 73.68
CA PRO A 1130 -31.92 39.45 74.33
C PRO A 1130 -31.71 38.84 75.72
N GLU A 1131 -30.68 38.01 75.83
CA GLU A 1131 -30.30 37.38 77.10
C GLU A 1131 -29.24 38.19 77.84
N LEU A 1132 -29.48 39.50 77.96
CA LEU A 1132 -28.55 40.39 78.63
C LEU A 1132 -29.26 41.67 79.07
N GLN B 1 43.90 23.92 -48.89
CA GLN B 1 45.25 24.35 -48.49
C GLN B 1 45.37 24.41 -46.98
N CYS B 2 46.59 24.26 -46.47
CA CYS B 2 46.86 24.32 -45.04
C CYS B 2 48.17 25.05 -44.83
N VAL B 3 48.12 26.16 -44.09
CA VAL B 3 49.32 26.86 -43.66
C VAL B 3 49.33 26.87 -42.13
N ASN B 4 50.52 27.07 -41.57
CA ASN B 4 50.71 27.13 -40.13
C ASN B 4 51.06 28.55 -39.73
N LEU B 5 50.29 29.12 -38.81
CA LEU B 5 50.51 30.49 -38.36
C LEU B 5 51.71 30.54 -37.42
N THR B 6 52.44 31.66 -37.47
CA THR B 6 53.71 31.79 -36.78
C THR B 6 53.69 32.84 -35.67
N THR B 7 53.31 34.08 -35.99
CA THR B 7 53.42 35.20 -35.05
C THR B 7 52.32 35.10 -34.00
N ARG B 8 52.54 34.23 -33.03
CA ARG B 8 51.60 34.02 -31.94
C ARG B 8 52.36 34.11 -30.62
N THR B 9 51.81 34.89 -29.69
CA THR B 9 52.44 35.12 -28.39
C THR B 9 51.83 34.17 -27.37
N GLN B 10 52.67 33.44 -26.65
CA GLN B 10 52.24 32.38 -25.75
C GLN B 10 51.93 32.97 -24.37
N LEU B 11 50.67 32.84 -23.95
CA LEU B 11 50.18 33.23 -22.64
C LEU B 11 49.62 32.02 -21.92
N PRO B 12 49.60 32.03 -20.57
CA PRO B 12 48.94 30.95 -19.84
C PRO B 12 47.44 30.99 -20.06
N PRO B 13 46.77 29.84 -19.95
CA PRO B 13 45.31 29.82 -20.17
C PRO B 13 44.54 30.52 -19.06
N ALA B 14 43.36 31.02 -19.43
CA ALA B 14 42.53 31.78 -18.53
C ALA B 14 41.24 31.01 -18.22
N TYR B 15 40.70 31.27 -17.04
CA TYR B 15 39.48 30.61 -16.60
C TYR B 15 38.52 31.66 -16.02
N THR B 16 37.23 31.38 -16.15
CA THR B 16 36.22 32.29 -15.61
C THR B 16 35.06 31.46 -15.09
N ASN B 17 33.99 32.14 -14.69
CA ASN B 17 32.87 31.51 -13.99
C ASN B 17 31.64 31.54 -14.87
N SER B 18 31.04 30.38 -15.08
CA SER B 18 29.69 30.27 -15.63
C SER B 18 28.72 30.30 -14.45
N PHE B 19 27.95 31.38 -14.35
CA PHE B 19 27.16 31.61 -13.15
C PHE B 19 25.85 30.83 -13.18
N THR B 20 24.97 31.19 -14.11
CA THR B 20 23.62 30.62 -14.18
C THR B 20 23.31 30.36 -15.65
N ARG B 21 24.24 29.71 -16.34
CA ARG B 21 24.16 29.51 -17.77
C ARG B 21 24.12 28.02 -18.11
N GLY B 22 23.95 27.74 -19.39
CA GLY B 22 23.91 26.37 -19.87
C GLY B 22 22.59 25.66 -19.70
N VAL B 23 21.51 26.38 -19.40
CA VAL B 23 20.20 25.78 -19.22
C VAL B 23 19.46 25.83 -20.55
N TYR B 24 19.03 24.68 -21.03
CA TYR B 24 18.28 24.56 -22.27
C TYR B 24 16.93 23.92 -22.01
N TYR B 25 16.07 23.94 -23.02
CA TYR B 25 14.77 23.28 -22.92
C TYR B 25 14.96 21.77 -23.01
N PRO B 26 14.52 20.99 -22.01
CA PRO B 26 14.77 19.54 -22.06
C PRO B 26 13.89 18.81 -23.06
N ASP B 27 12.69 19.32 -23.35
CA ASP B 27 11.80 18.68 -24.31
C ASP B 27 11.17 19.77 -25.17
N LYS B 28 10.16 19.37 -25.95
CA LYS B 28 9.41 20.28 -26.82
C LYS B 28 7.98 20.41 -26.36
N VAL B 29 7.79 20.54 -25.04
CA VAL B 29 6.48 20.53 -24.42
C VAL B 29 6.27 21.87 -23.72
N PHE B 30 5.14 22.52 -23.98
CA PHE B 30 4.83 23.80 -23.36
C PHE B 30 4.38 23.58 -21.92
N ARG B 31 5.04 24.27 -20.99
CA ARG B 31 4.59 24.38 -19.62
C ARG B 31 4.63 25.86 -19.23
N SER B 32 3.72 26.26 -18.35
CA SER B 32 3.66 27.66 -17.94
C SER B 32 3.28 27.74 -16.47
N SER B 33 3.88 28.71 -15.77
CA SER B 33 3.63 29.01 -14.36
C SER B 33 3.87 27.80 -13.46
N VAL B 34 4.96 27.07 -13.71
CA VAL B 34 5.21 25.82 -13.03
C VAL B 34 6.70 25.76 -12.66
N LEU B 35 7.02 24.92 -11.68
CA LEU B 35 8.40 24.60 -11.33
C LEU B 35 8.61 23.13 -11.64
N HIS B 36 9.36 22.86 -12.70
CA HIS B 36 9.49 21.52 -13.26
C HIS B 36 10.90 20.99 -13.01
N SER B 37 10.98 19.80 -12.43
CA SER B 37 12.26 19.16 -12.13
C SER B 37 12.61 18.18 -13.23
N THR B 38 13.86 18.23 -13.69
CA THR B 38 14.31 17.37 -14.78
C THR B 38 15.70 16.85 -14.47
N GLN B 39 16.08 15.77 -15.15
CA GLN B 39 17.42 15.19 -15.03
C GLN B 39 18.00 15.06 -16.42
N ASP B 40 19.07 15.80 -16.69
CA ASP B 40 19.64 15.83 -18.03
C ASP B 40 21.10 16.25 -17.94
N LEU B 41 21.76 16.26 -19.10
CA LEU B 41 23.15 16.68 -19.20
C LEU B 41 23.19 18.20 -19.22
N PHE B 42 23.44 18.80 -18.05
CA PHE B 42 23.46 20.24 -17.89
C PHE B 42 24.85 20.69 -17.48
N LEU B 43 25.20 21.91 -17.86
CA LEU B 43 26.38 22.54 -17.33
C LEU B 43 26.11 22.96 -15.89
N PRO B 44 26.90 22.54 -14.91
CA PRO B 44 26.61 22.86 -13.51
C PRO B 44 26.78 24.35 -13.22
N PHE B 45 26.04 24.81 -12.21
CA PHE B 45 26.05 26.22 -11.84
C PHE B 45 27.38 26.61 -11.23
N PHE B 46 27.86 27.81 -11.59
CA PHE B 46 29.13 28.39 -11.16
C PHE B 46 30.30 27.45 -11.52
N SER B 47 30.38 27.12 -12.80
CA SER B 47 31.40 26.20 -13.29
C SER B 47 32.64 26.96 -13.72
N ASN B 48 33.79 26.30 -13.61
CA ASN B 48 35.05 26.87 -14.06
C ASN B 48 35.19 26.62 -15.56
N VAL B 49 34.88 27.65 -16.35
CA VAL B 49 34.89 27.52 -17.81
C VAL B 49 36.20 28.08 -18.35
N THR B 50 36.72 27.42 -19.39
CA THR B 50 37.97 27.85 -20.00
C THR B 50 37.72 29.00 -20.97
N TRP B 51 38.67 29.93 -21.01
CA TRP B 51 38.51 31.21 -21.70
C TRP B 51 39.58 31.31 -22.77
N PHE B 52 39.16 31.64 -23.99
CA PHE B 52 40.06 31.75 -25.12
C PHE B 52 39.80 33.07 -25.83
N HIS B 53 40.88 33.73 -26.25
CA HIS B 53 40.82 35.07 -26.80
C HIS B 53 41.23 35.08 -28.27
N ALA B 54 40.88 36.18 -28.93
CA ALA B 54 41.41 36.53 -30.25
C ALA B 54 41.62 38.04 -30.24
N ILE B 55 42.88 38.47 -30.16
CA ILE B 55 43.21 39.87 -29.95
C ILE B 55 44.57 40.15 -30.58
N HIS B 56 44.78 41.41 -30.97
CA HIS B 56 46.05 41.86 -31.54
C HIS B 56 46.30 43.29 -31.05
N VAL B 57 47.08 43.41 -29.98
CA VAL B 57 47.45 44.72 -29.46
C VAL B 57 48.94 44.96 -29.64
N THR B 63 50.18 39.71 -26.75
CA THR B 63 49.81 40.85 -27.59
C THR B 63 49.25 40.39 -28.93
N LYS B 64 49.27 39.09 -29.16
CA LYS B 64 48.74 38.52 -30.39
C LYS B 64 48.23 37.11 -30.09
N ARG B 65 46.92 36.95 -30.05
CA ARG B 65 46.30 35.68 -29.71
C ARG B 65 45.45 35.18 -30.87
N PHE B 66 45.52 33.88 -31.11
CA PHE B 66 44.62 33.20 -32.05
C PHE B 66 44.42 31.78 -31.49
N ASP B 67 43.36 31.62 -30.71
CA ASP B 67 43.16 30.41 -29.91
C ASP B 67 42.19 29.48 -30.62
N ASN B 68 42.73 28.46 -31.27
CA ASN B 68 41.92 27.34 -31.79
C ASN B 68 42.57 26.01 -31.41
N PRO B 69 42.54 25.62 -30.14
CA PRO B 69 43.13 24.36 -29.74
C PRO B 69 42.14 23.20 -29.92
N VAL B 70 42.65 21.99 -29.76
CA VAL B 70 41.84 20.79 -29.82
C VAL B 70 41.47 20.41 -28.39
N LEU B 71 40.19 20.52 -28.07
CA LEU B 71 39.66 20.33 -26.73
C LEU B 71 38.88 19.01 -26.65
N PRO B 72 38.79 18.42 -25.47
CA PRO B 72 37.98 17.21 -25.32
C PRO B 72 36.49 17.49 -25.46
N PHE B 73 35.74 16.45 -25.80
CA PHE B 73 34.29 16.49 -25.94
C PHE B 73 33.75 15.36 -25.06
N ASN B 74 33.53 15.65 -23.78
CA ASN B 74 33.08 14.65 -22.83
C ASN B 74 31.67 15.00 -22.37
N ASP B 75 30.70 14.17 -22.76
CA ASP B 75 29.29 14.27 -22.38
C ASP B 75 28.65 15.60 -22.78
N GLY B 76 29.08 16.17 -23.91
CA GLY B 76 28.52 17.42 -24.38
C GLY B 76 29.38 18.61 -24.01
N VAL B 77 29.13 19.72 -24.70
CA VAL B 77 29.97 20.91 -24.59
C VAL B 77 29.06 22.14 -24.57
N TYR B 78 29.33 23.07 -23.66
CA TYR B 78 28.75 24.40 -23.67
C TYR B 78 29.76 25.35 -24.31
N PHE B 79 29.33 26.06 -25.35
CA PHE B 79 30.18 26.99 -26.09
C PHE B 79 29.55 28.37 -26.07
N ALA B 80 30.20 29.32 -25.41
CA ALA B 80 29.74 30.70 -25.39
C ALA B 80 30.70 31.55 -26.21
N SER B 81 30.18 32.54 -26.93
CA SER B 81 31.01 33.41 -27.73
C SER B 81 30.54 34.85 -27.56
N THR B 82 31.42 35.71 -27.07
CA THR B 82 31.19 37.15 -27.04
C THR B 82 31.95 37.76 -28.21
N GLU B 83 31.21 38.44 -29.09
CA GLU B 83 31.72 38.71 -30.43
C GLU B 83 31.27 40.07 -30.92
N LYS B 84 32.14 40.69 -31.71
CA LYS B 84 31.77 41.68 -32.70
C LYS B 84 32.50 41.31 -33.98
N SER B 85 31.91 41.69 -35.12
CA SER B 85 32.44 41.55 -36.47
C SER B 85 32.63 40.10 -36.93
N ASN B 86 31.98 39.15 -36.26
CA ASN B 86 31.74 37.77 -36.73
C ASN B 86 33.05 37.02 -37.00
N ILE B 87 33.79 36.78 -35.92
CA ILE B 87 35.05 36.05 -36.00
C ILE B 87 34.83 34.55 -35.92
N ILE B 88 34.07 34.08 -34.93
CA ILE B 88 33.79 32.65 -34.80
C ILE B 88 32.78 32.24 -35.86
N ARG B 89 33.12 31.19 -36.61
CA ARG B 89 32.27 30.72 -37.70
C ARG B 89 31.64 29.36 -37.40
N GLY B 90 32.45 28.35 -37.11
CA GLY B 90 31.93 27.02 -36.92
C GLY B 90 32.84 26.18 -36.06
N TRP B 91 32.61 24.87 -36.12
CA TRP B 91 33.36 23.93 -35.29
C TRP B 91 33.68 22.65 -36.05
N ILE B 92 34.59 21.89 -35.46
CA ILE B 92 35.12 20.63 -35.95
C ILE B 92 34.92 19.61 -34.84
N PHE B 93 34.23 18.52 -35.13
CA PHE B 93 34.01 17.46 -34.16
C PHE B 93 34.52 16.15 -34.72
N GLY B 94 35.15 15.34 -33.89
CA GLY B 94 35.67 14.07 -34.37
C GLY B 94 36.36 13.33 -33.25
N THR B 95 37.25 12.41 -33.63
CA THR B 95 37.99 11.67 -32.62
C THR B 95 39.49 11.61 -32.89
N THR B 96 39.91 11.63 -34.16
CA THR B 96 41.33 11.76 -34.52
C THR B 96 41.62 12.82 -35.57
N LEU B 97 40.62 13.26 -36.35
CA LEU B 97 40.70 14.41 -37.26
C LEU B 97 41.80 14.29 -38.32
N ASP B 98 42.06 13.08 -38.83
CA ASP B 98 43.09 12.92 -39.85
C ASP B 98 42.68 11.94 -40.94
N SER B 99 41.39 11.90 -41.28
CA SER B 99 40.78 11.09 -42.34
C SER B 99 40.87 9.59 -42.09
N LYS B 100 41.26 9.16 -40.89
CA LYS B 100 41.12 7.76 -40.52
C LYS B 100 39.68 7.42 -40.13
N THR B 101 38.96 8.41 -39.58
CA THR B 101 37.57 8.23 -39.20
C THR B 101 36.72 9.36 -39.77
N GLN B 102 35.45 9.40 -39.39
CA GLN B 102 34.53 10.43 -39.86
C GLN B 102 34.48 11.59 -38.88
N SER B 103 34.34 12.80 -39.42
CA SER B 103 34.32 14.01 -38.63
C SER B 103 33.21 14.93 -39.12
N LEU B 104 32.61 15.65 -38.17
CA LEU B 104 31.54 16.59 -38.44
C LEU B 104 32.11 18.00 -38.55
N LEU B 105 31.75 18.70 -39.62
CA LEU B 105 32.20 20.06 -39.88
C LEU B 105 30.98 20.96 -39.94
N ILE B 106 31.00 22.03 -39.17
CA ILE B 106 29.97 23.08 -39.24
C ILE B 106 30.70 24.38 -39.57
N VAL B 107 30.31 25.03 -40.66
CA VAL B 107 30.94 26.28 -41.07
C VAL B 107 29.87 27.33 -41.36
N ASN B 108 30.23 28.58 -41.11
CA ASN B 108 29.44 29.76 -41.39
C ASN B 108 30.24 30.73 -42.23
N ASN B 109 30.78 30.25 -43.34
CA ASN B 109 31.49 31.11 -44.30
C ASN B 109 30.54 32.16 -44.88
N ALA B 110 31.12 33.15 -45.57
CA ALA B 110 30.45 34.42 -45.83
C ALA B 110 29.21 34.38 -46.73
N THR B 111 28.82 33.21 -47.21
CA THR B 111 27.59 33.12 -47.99
C THR B 111 26.61 32.09 -47.46
N ASN B 112 27.09 30.93 -46.98
CA ASN B 112 26.20 29.85 -46.57
C ASN B 112 26.57 29.36 -45.17
N VAL B 113 25.73 28.47 -44.65
CA VAL B 113 26.05 27.66 -43.47
C VAL B 113 26.04 26.21 -43.93
N VAL B 114 27.19 25.55 -43.84
CA VAL B 114 27.35 24.22 -44.41
C VAL B 114 27.71 23.26 -43.27
N ILE B 115 27.01 22.12 -43.24
CA ILE B 115 27.18 21.11 -42.21
C ILE B 115 27.39 19.79 -42.92
N LYS B 116 28.57 19.19 -42.79
CA LYS B 116 28.81 17.93 -43.48
C LYS B 116 29.67 17.01 -42.62
N VAL B 117 29.42 15.72 -42.75
CA VAL B 117 30.15 14.70 -42.01
C VAL B 117 30.98 13.92 -43.02
N CYS B 118 32.30 14.13 -43.00
CA CYS B 118 33.16 13.41 -43.92
C CYS B 118 34.49 13.08 -43.28
N GLU B 119 35.27 12.25 -44.00
CA GLU B 119 36.60 11.83 -43.58
C GLU B 119 37.61 12.89 -43.98
N PHE B 120 37.58 14.01 -43.27
CA PHE B 120 38.42 15.14 -43.58
C PHE B 120 39.85 14.90 -43.12
N GLN B 121 40.81 15.34 -43.94
CA GLN B 121 42.21 15.44 -43.53
C GLN B 121 42.41 16.88 -43.10
N PHE B 122 42.21 17.14 -41.81
CA PHE B 122 42.21 18.49 -41.29
C PHE B 122 43.62 19.04 -41.19
N CYS B 123 43.73 20.37 -41.28
CA CYS B 123 44.99 21.05 -41.11
C CYS B 123 45.37 21.10 -39.63
N ASN B 124 46.62 21.50 -39.36
CA ASN B 124 47.07 21.66 -37.98
C ASN B 124 46.36 22.82 -37.30
N ASP B 125 46.20 23.93 -38.01
CA ASP B 125 45.42 25.07 -37.54
C ASP B 125 44.46 25.50 -38.64
N PRO B 126 43.18 25.13 -38.56
CA PRO B 126 42.22 25.53 -39.58
C PRO B 126 41.56 26.87 -39.29
N PHE B 127 41.40 27.66 -40.34
CA PHE B 127 40.84 29.00 -40.17
C PHE B 127 40.23 29.49 -41.47
N LEU B 128 39.40 30.52 -41.36
CA LEU B 128 38.85 31.26 -42.48
C LEU B 128 39.52 32.63 -42.51
N GLY B 129 39.25 33.40 -43.55
CA GLY B 129 39.96 34.66 -43.72
C GLY B 129 39.14 35.73 -44.42
N VAL B 130 39.32 36.97 -43.97
CA VAL B 130 38.74 38.16 -44.59
C VAL B 130 39.89 39.10 -44.96
N TYR B 131 39.78 39.73 -46.12
CA TYR B 131 40.77 40.71 -46.58
C TYR B 131 40.13 42.10 -46.61
N TYR B 132 40.81 43.06 -45.98
CA TYR B 132 40.43 44.47 -46.07
C TYR B 132 41.20 45.10 -47.22
N HIS B 133 40.46 45.66 -48.18
CA HIS B 133 41.08 46.07 -49.43
C HIS B 133 41.60 47.50 -49.41
N LYS B 134 40.89 48.41 -48.73
CA LYS B 134 41.16 49.84 -48.54
C LYS B 134 41.20 50.65 -49.84
N ASN B 135 40.88 50.04 -50.99
CA ASN B 135 40.74 50.74 -52.25
C ASN B 135 39.29 50.91 -52.68
N ASN B 136 38.41 50.00 -52.27
CA ASN B 136 36.97 50.18 -52.41
C ASN B 136 36.26 50.23 -51.07
N LYS B 137 37.02 50.17 -49.96
CA LYS B 137 36.52 50.23 -48.58
C LYS B 137 35.50 49.12 -48.29
N SER B 138 35.90 47.89 -48.56
CA SER B 138 35.04 46.73 -48.35
C SER B 138 35.87 45.55 -47.89
N TRP B 139 35.18 44.60 -47.25
CA TRP B 139 35.81 43.40 -46.69
C TRP B 139 35.36 42.19 -47.51
N MET B 140 36.31 41.54 -48.18
CA MET B 140 36.04 40.38 -49.00
C MET B 140 36.64 39.13 -48.36
N GLU B 141 35.83 38.08 -48.27
CA GLU B 141 36.32 36.79 -47.79
C GLU B 141 37.21 36.15 -48.84
N SER B 142 38.40 35.73 -48.43
CA SER B 142 39.40 35.24 -49.37
C SER B 142 39.99 33.88 -49.05
N GLU B 143 39.99 33.44 -47.79
CA GLU B 143 40.67 32.20 -47.41
C GLU B 143 39.70 31.27 -46.69
N PHE B 144 39.79 29.98 -47.03
CA PHE B 144 39.04 28.93 -46.35
C PHE B 144 39.97 27.72 -46.26
N ARG B 145 40.69 27.61 -45.14
CA ARG B 145 41.71 26.58 -44.97
C ARG B 145 41.32 25.74 -43.76
N VAL B 146 40.46 24.74 -44.01
CA VAL B 146 39.99 23.85 -42.96
C VAL B 146 40.50 22.43 -43.16
N TYR B 147 40.41 21.91 -44.38
CA TYR B 147 40.80 20.54 -44.67
C TYR B 147 41.54 20.49 -45.99
N SER B 148 42.12 19.34 -46.29
CA SER B 148 42.76 19.10 -47.58
C SER B 148 42.04 18.08 -48.44
N SER B 149 41.18 17.23 -47.85
CA SER B 149 40.48 16.21 -48.62
C SER B 149 39.19 15.84 -47.90
N ALA B 150 38.24 15.30 -48.68
CA ALA B 150 36.99 14.76 -48.15
C ALA B 150 36.49 13.74 -49.16
N ASN B 151 36.70 12.45 -48.87
CA ASN B 151 36.68 11.43 -49.92
C ASN B 151 35.37 10.64 -50.00
N ASN B 152 35.03 9.90 -48.93
CA ASN B 152 33.88 8.99 -48.93
C ASN B 152 32.97 9.41 -47.79
N CYS B 153 31.82 9.99 -48.11
CA CYS B 153 31.06 10.59 -47.02
C CYS B 153 29.57 10.66 -47.31
N THR B 154 28.80 10.81 -46.24
CA THR B 154 27.38 10.48 -46.20
C THR B 154 26.45 11.66 -45.99
N PHE B 155 26.73 12.54 -45.02
CA PHE B 155 25.81 13.59 -44.63
C PHE B 155 26.32 14.94 -45.12
N GLU B 156 25.44 15.70 -45.76
CA GLU B 156 25.78 17.02 -46.29
C GLU B 156 24.53 17.90 -46.25
N TYR B 157 24.72 19.15 -45.85
CA TYR B 157 23.64 20.14 -45.85
C TYR B 157 24.24 21.51 -46.15
N VAL B 158 23.64 22.24 -47.07
CA VAL B 158 24.02 23.60 -47.40
C VAL B 158 22.78 24.47 -47.27
N SER B 159 22.86 25.52 -46.45
CA SER B 159 21.73 26.39 -46.22
C SER B 159 21.56 27.37 -47.38
N GLN B 160 20.53 28.22 -47.27
CA GLN B 160 20.29 29.24 -48.28
C GLN B 160 21.34 30.34 -48.20
N PRO B 161 21.67 30.98 -49.33
CA PRO B 161 22.64 32.07 -49.30
C PRO B 161 22.12 33.30 -48.55
N PHE B 162 23.06 34.05 -47.98
CA PHE B 162 22.72 35.25 -47.22
C PHE B 162 23.85 36.26 -47.32
N LEU B 163 23.52 37.52 -47.04
CA LEU B 163 24.52 38.57 -46.87
C LEU B 163 25.10 38.48 -45.47
N MET B 164 26.41 38.70 -45.37
CA MET B 164 27.12 38.52 -44.11
C MET B 164 28.13 39.65 -43.94
N ASP B 165 28.00 40.42 -42.87
CA ASP B 165 28.84 41.58 -42.64
C ASP B 165 30.18 41.14 -42.07
N LEU B 166 31.26 41.44 -42.79
CA LEU B 166 32.61 41.07 -42.37
C LEU B 166 33.47 42.27 -42.03
N GLU B 167 32.87 43.45 -41.89
CA GLU B 167 33.63 44.65 -41.54
C GLU B 167 34.09 44.56 -40.08
N GLY B 168 35.38 44.79 -39.86
CA GLY B 168 35.93 44.70 -38.53
C GLY B 168 35.58 45.89 -37.67
N LYS B 169 34.66 45.69 -36.73
CA LYS B 169 34.16 46.78 -35.92
C LYS B 169 35.08 47.04 -34.74
N GLN B 170 34.80 48.12 -34.01
CA GLN B 170 35.57 48.49 -32.84
C GLN B 170 34.62 48.91 -31.73
N GLY B 171 35.07 48.76 -30.49
CA GLY B 171 34.27 49.12 -29.35
C GLY B 171 34.02 47.99 -28.38
N ASN B 172 32.77 47.55 -28.28
CA ASN B 172 32.36 46.54 -27.32
C ASN B 172 31.91 45.28 -28.04
N PHE B 173 31.89 44.18 -27.29
CA PHE B 173 31.35 42.92 -27.80
C PHE B 173 29.82 43.05 -27.86
N LYS B 174 29.28 43.10 -29.07
CA LYS B 174 27.87 43.40 -29.24
C LYS B 174 26.96 42.17 -29.14
N ASN B 175 27.46 40.99 -29.50
CA ASN B 175 26.62 39.81 -29.59
C ASN B 175 27.15 38.69 -28.69
N LEU B 176 26.23 37.97 -28.06
CA LEU B 176 26.55 36.80 -27.26
C LEU B 176 25.80 35.61 -27.87
N ARG B 177 26.54 34.54 -28.17
CA ARG B 177 25.95 33.35 -28.76
C ARG B 177 26.33 32.14 -27.93
N GLU B 178 25.34 31.44 -27.39
CA GLU B 178 25.55 30.29 -26.54
C GLU B 178 25.00 29.04 -27.22
N PHE B 179 25.76 27.96 -27.14
CA PHE B 179 25.44 26.69 -27.76
C PHE B 179 25.65 25.56 -26.76
N VAL B 180 24.83 24.53 -26.90
CA VAL B 180 25.01 23.27 -26.19
C VAL B 180 25.03 22.17 -27.24
N PHE B 181 26.12 21.39 -27.25
CA PHE B 181 26.30 20.29 -28.18
C PHE B 181 26.22 18.98 -27.41
N LYS B 182 25.38 18.06 -27.88
CA LYS B 182 25.29 16.72 -27.32
C LYS B 182 25.36 15.70 -28.44
N ASN B 183 25.91 14.52 -28.13
CA ASN B 183 26.06 13.43 -29.10
C ASN B 183 25.50 12.16 -28.47
N ILE B 184 24.20 11.94 -28.63
CA ILE B 184 23.50 10.83 -27.99
C ILE B 184 22.80 10.00 -29.06
N ASP B 185 23.10 8.68 -29.06
CA ASP B 185 22.43 7.67 -29.88
C ASP B 185 22.52 7.98 -31.38
N GLY B 186 23.68 8.46 -31.81
CA GLY B 186 23.87 8.83 -33.19
C GLY B 186 23.28 10.17 -33.58
N TYR B 187 22.73 10.93 -32.62
CA TYR B 187 22.14 12.22 -32.89
C TYR B 187 22.99 13.31 -32.27
N PHE B 188 23.38 14.28 -33.09
CA PHE B 188 24.08 15.49 -32.64
C PHE B 188 23.02 16.55 -32.40
N LYS B 189 22.69 16.78 -31.14
CA LYS B 189 21.68 17.75 -30.76
C LYS B 189 22.35 19.09 -30.48
N ILE B 190 21.85 20.15 -31.11
CA ILE B 190 22.41 21.48 -30.95
C ILE B 190 21.32 22.38 -30.35
N TYR B 191 21.67 23.07 -29.27
CA TYR B 191 20.80 24.07 -28.65
C TYR B 191 21.52 25.41 -28.74
N SER B 192 20.77 26.48 -28.96
CA SER B 192 21.42 27.76 -29.17
C SER B 192 20.55 28.90 -28.65
N LYS B 193 21.21 30.00 -28.31
CA LYS B 193 20.54 31.24 -27.94
C LYS B 193 21.44 32.42 -28.26
N HIS B 194 20.83 33.50 -28.74
CA HIS B 194 21.53 34.73 -29.06
C HIS B 194 21.01 35.87 -28.20
N THR B 195 21.92 36.72 -27.73
CA THR B 195 21.56 37.83 -26.86
C THR B 195 22.36 39.07 -27.24
N PRO B 196 21.70 40.23 -27.39
CA PRO B 196 22.45 41.48 -27.55
C PRO B 196 23.10 41.88 -26.22
N ILE B 197 24.41 42.14 -26.27
CA ILE B 197 25.19 42.47 -25.09
C ILE B 197 26.00 43.73 -25.37
N ASN B 198 26.52 44.32 -24.29
CA ASN B 198 27.49 45.41 -24.38
C ASN B 198 28.39 45.30 -23.15
N LEU B 199 29.52 44.60 -23.33
CA LEU B 199 30.47 44.40 -22.25
C LEU B 199 31.88 44.65 -22.75
N VAL B 200 32.88 44.31 -21.94
CA VAL B 200 34.26 44.53 -22.35
C VAL B 200 34.94 43.21 -22.67
N ARG B 201 35.14 42.38 -21.66
CA ARG B 201 35.97 41.21 -21.92
C ARG B 201 35.41 39.91 -21.36
N ASP B 202 34.74 39.95 -20.21
CA ASP B 202 34.34 38.75 -19.47
C ASP B 202 33.04 38.14 -19.99
N LEU B 203 32.76 36.93 -19.52
CA LEU B 203 31.46 36.29 -19.76
C LEU B 203 30.44 36.87 -18.80
N PRO B 204 29.31 37.39 -19.28
CA PRO B 204 28.38 38.10 -18.40
C PRO B 204 27.57 37.17 -17.51
N GLN B 205 27.12 37.74 -16.39
CA GLN B 205 26.15 37.06 -15.54
C GLN B 205 24.75 37.28 -16.09
N GLY B 206 23.93 36.25 -16.02
CA GLY B 206 22.56 36.32 -16.47
C GLY B 206 22.03 34.96 -16.85
N PHE B 207 20.72 34.88 -17.03
CA PHE B 207 20.05 33.65 -17.41
C PHE B 207 19.53 33.76 -18.83
N SER B 208 19.69 32.67 -19.58
CA SER B 208 19.10 32.54 -20.90
C SER B 208 18.75 31.08 -21.13
N ALA B 209 17.52 30.82 -21.57
CA ALA B 209 17.08 29.47 -21.86
C ALA B 209 17.37 29.16 -23.32
N LEU B 210 18.23 28.17 -23.55
CA LEU B 210 18.65 27.83 -24.90
C LEU B 210 17.58 26.99 -25.59
N GLU B 211 17.20 27.39 -26.79
CA GLU B 211 16.17 26.68 -27.53
C GLU B 211 16.79 25.77 -28.58
N PRO B 212 16.22 24.58 -28.82
CA PRO B 212 16.80 23.66 -29.80
C PRO B 212 16.60 24.15 -31.22
N LEU B 213 17.53 23.78 -32.09
CA LEU B 213 17.31 24.09 -33.50
C LEU B 213 17.49 22.88 -34.41
N VAL B 214 18.39 21.96 -34.09
CA VAL B 214 18.63 20.83 -34.98
C VAL B 214 19.10 19.61 -34.18
N ASP B 215 18.81 18.43 -34.73
CA ASP B 215 19.28 17.13 -34.23
C ASP B 215 19.78 16.36 -35.45
N LEU B 216 21.06 16.52 -35.77
CA LEU B 216 21.62 15.93 -36.98
C LEU B 216 21.87 14.44 -36.78
N PRO B 217 21.37 13.58 -37.66
CA PRO B 217 21.62 12.12 -37.53
C PRO B 217 22.96 11.70 -38.13
N ILE B 218 24.04 11.98 -37.40
CA ILE B 218 25.37 11.83 -37.96
C ILE B 218 25.94 10.43 -37.73
N GLY B 219 25.66 9.83 -36.56
CA GLY B 219 26.08 8.46 -36.27
C GLY B 219 27.57 8.21 -36.20
N ILE B 220 28.34 9.16 -35.66
CA ILE B 220 29.79 9.04 -35.58
C ILE B 220 30.23 9.13 -34.13
N ASN B 221 31.50 8.83 -33.92
CA ASN B 221 32.15 8.83 -32.61
C ASN B 221 32.89 10.16 -32.45
N ILE B 222 32.55 10.91 -31.40
CA ILE B 222 33.10 12.25 -31.19
C ILE B 222 33.73 12.31 -29.81
N THR B 223 35.04 12.58 -29.76
CA THR B 223 35.73 12.79 -28.50
C THR B 223 36.47 14.12 -28.42
N ARG B 224 36.85 14.73 -29.55
CA ARG B 224 37.57 16.00 -29.57
C ARG B 224 36.85 16.98 -30.49
N PHE B 225 37.08 18.26 -30.24
CA PHE B 225 36.48 19.32 -31.04
C PHE B 225 37.40 20.51 -31.07
N GLN B 226 37.19 21.37 -32.08
CA GLN B 226 38.07 22.51 -32.33
C GLN B 226 37.30 23.56 -33.11
N THR B 227 37.33 24.80 -32.62
CA THR B 227 36.53 25.86 -33.22
C THR B 227 37.31 26.56 -34.32
N LEU B 228 36.57 27.11 -35.28
CA LEU B 228 37.13 27.76 -36.46
C LEU B 228 36.94 29.26 -36.33
N LEU B 229 38.03 30.01 -36.54
CA LEU B 229 38.02 31.45 -36.40
C LEU B 229 38.42 32.11 -37.72
N ALA B 230 38.13 33.39 -37.84
CA ALA B 230 38.42 34.15 -39.04
C ALA B 230 39.62 35.08 -38.82
N LEU B 231 40.46 35.19 -39.84
CA LEU B 231 41.61 36.06 -39.88
C LEU B 231 41.25 37.37 -40.56
N HIS B 232 42.09 38.37 -40.34
CA HIS B 232 42.04 39.62 -41.08
C HIS B 232 43.38 39.81 -41.78
N ARG B 233 43.33 40.27 -43.03
CA ARG B 233 44.55 40.54 -43.78
C ARG B 233 44.40 41.85 -44.52
N SER B 234 45.40 42.72 -44.38
CA SER B 234 45.39 44.02 -45.06
C SER B 234 46.83 44.46 -45.26
N TYR B 235 47.01 45.74 -45.61
CA TYR B 235 48.35 46.30 -45.80
C TYR B 235 48.88 46.89 -44.50
N SER B 241 52.08 34.72 -45.74
CA SER B 241 50.84 34.01 -45.43
C SER B 241 50.85 33.49 -44.00
N SER B 242 51.98 32.93 -43.59
CA SER B 242 52.11 32.38 -42.24
C SER B 242 52.21 33.46 -41.18
N SER B 243 52.78 34.62 -41.52
CA SER B 243 53.04 35.67 -40.55
C SER B 243 52.27 36.96 -40.80
N GLY B 244 52.03 37.32 -42.06
CA GLY B 244 51.35 38.56 -42.38
C GLY B 244 49.85 38.53 -42.17
N TRP B 245 49.42 38.49 -40.91
CA TRP B 245 48.01 38.43 -40.59
C TRP B 245 47.76 39.17 -39.29
N THR B 246 46.51 39.58 -39.09
CA THR B 246 46.07 40.19 -37.85
C THR B 246 44.74 39.55 -37.44
N ALA B 247 44.48 39.56 -36.13
CA ALA B 247 43.33 38.87 -35.57
C ALA B 247 42.31 39.89 -35.04
N GLY B 248 41.07 39.74 -35.47
CA GLY B 248 40.01 40.55 -34.90
C GLY B 248 39.65 40.13 -33.49
N ALA B 249 39.06 41.06 -32.75
CA ALA B 249 38.76 40.83 -31.35
C ALA B 249 37.55 39.92 -31.19
N ALA B 250 37.71 38.85 -30.42
CA ALA B 250 36.61 37.96 -30.06
C ALA B 250 37.00 37.20 -28.80
N ALA B 251 36.01 36.61 -28.14
CA ALA B 251 36.31 35.73 -27.02
C ALA B 251 35.32 34.58 -27.01
N TYR B 252 35.78 33.40 -26.61
CA TYR B 252 34.87 32.28 -26.44
C TYR B 252 35.23 31.49 -25.19
N TYR B 253 34.25 30.73 -24.73
CA TYR B 253 34.24 30.11 -23.41
C TYR B 253 33.73 28.69 -23.56
N VAL B 254 34.43 27.74 -22.96
CA VAL B 254 34.13 26.31 -23.11
C VAL B 254 33.87 25.72 -21.74
N GLY B 255 32.71 25.06 -21.60
CA GLY B 255 32.40 24.30 -20.41
C GLY B 255 31.90 22.92 -20.79
N TYR B 256 31.77 22.06 -19.79
CA TYR B 256 31.42 20.66 -20.03
C TYR B 256 30.20 20.27 -19.23
N LEU B 257 29.30 19.51 -19.85
CA LEU B 257 28.04 19.11 -19.25
C LEU B 257 28.21 17.86 -18.41
N GLN B 258 27.36 17.72 -17.40
CA GLN B 258 27.34 16.58 -16.51
C GLN B 258 25.88 16.18 -16.28
N PRO B 259 25.62 14.90 -15.99
CA PRO B 259 24.23 14.50 -15.68
C PRO B 259 23.78 15.03 -14.32
N ARG B 260 22.93 16.06 -14.35
CA ARG B 260 22.48 16.73 -13.14
C ARG B 260 20.96 16.84 -13.14
N THR B 261 20.41 16.99 -11.94
CA THR B 261 19.00 17.30 -11.74
C THR B 261 18.86 18.81 -11.57
N PHE B 262 18.07 19.42 -12.44
CA PHE B 262 17.79 20.85 -12.39
C PHE B 262 16.32 21.08 -12.07
N LEU B 263 16.04 22.24 -11.52
CA LEU B 263 14.67 22.68 -11.26
C LEU B 263 14.44 23.98 -12.03
N LEU B 264 13.67 23.90 -13.11
CA LEU B 264 13.42 25.02 -13.98
C LEU B 264 12.11 25.71 -13.62
N LYS B 265 12.04 27.01 -13.88
CA LYS B 265 10.85 27.81 -13.59
C LYS B 265 10.27 28.32 -14.90
N TYR B 266 9.05 27.87 -15.22
CA TYR B 266 8.32 28.36 -16.37
C TYR B 266 7.36 29.45 -15.89
N ASN B 267 7.47 30.64 -16.47
CA ASN B 267 6.65 31.77 -16.06
C ASN B 267 5.31 31.71 -16.79
N GLU B 268 4.55 32.82 -16.74
CA GLU B 268 3.19 32.84 -17.28
C GLU B 268 3.17 32.78 -18.80
N ASN B 269 4.26 33.15 -19.48
CA ASN B 269 4.32 33.09 -20.93
C ASN B 269 4.92 31.80 -21.45
N GLY B 270 5.41 30.93 -20.56
CA GLY B 270 5.92 29.64 -20.96
C GLY B 270 7.40 29.58 -21.26
N THR B 271 8.17 30.60 -20.89
CA THR B 271 9.61 30.61 -21.09
C THR B 271 10.32 30.33 -19.78
N ILE B 272 11.44 29.61 -19.86
CA ILE B 272 12.20 29.29 -18.66
C ILE B 272 12.96 30.54 -18.20
N THR B 273 12.69 30.97 -16.97
CA THR B 273 13.20 32.22 -16.44
C THR B 273 14.27 32.05 -15.37
N ASP B 274 14.20 30.97 -14.58
CA ASP B 274 15.16 30.74 -13.51
C ASP B 274 15.35 29.24 -13.34
N ALA B 275 16.43 28.88 -12.66
CA ALA B 275 16.75 27.47 -12.45
C ALA B 275 17.50 27.28 -11.14
N VAL B 276 17.45 26.05 -10.64
CA VAL B 276 18.17 25.64 -9.44
C VAL B 276 18.97 24.39 -9.79
N ASP B 277 20.28 24.44 -9.55
CA ASP B 277 21.15 23.27 -9.66
C ASP B 277 21.12 22.57 -8.30
N CYS B 278 20.38 21.46 -8.23
CA CYS B 278 20.09 20.81 -6.96
C CYS B 278 21.27 20.08 -6.35
N ALA B 279 22.41 19.97 -7.05
CA ALA B 279 23.61 19.36 -6.51
C ALA B 279 24.76 20.36 -6.35
N LEU B 280 24.45 21.66 -6.42
CA LEU B 280 25.50 22.67 -6.30
C LEU B 280 25.95 22.84 -4.85
N ASP B 281 25.03 23.24 -3.98
CA ASP B 281 25.25 23.39 -2.55
C ASP B 281 24.02 22.82 -1.88
N PRO B 282 24.11 22.43 -0.59
CA PRO B 282 22.93 21.85 0.07
C PRO B 282 21.75 22.80 0.24
N LEU B 283 21.96 24.13 0.15
CA LEU B 283 20.84 25.07 0.12
C LEU B 283 19.99 24.88 -1.13
N SER B 284 20.64 24.68 -2.28
CA SER B 284 19.89 24.44 -3.51
C SER B 284 19.26 23.05 -3.52
N GLU B 285 19.86 22.09 -2.80
CA GLU B 285 19.22 20.79 -2.64
C GLU B 285 17.95 20.91 -1.80
N THR B 286 17.99 21.77 -0.77
CA THR B 286 16.78 22.08 0.00
C THR B 286 15.75 22.79 -0.87
N LYS B 287 16.20 23.68 -1.76
CA LYS B 287 15.29 24.33 -2.71
C LYS B 287 14.64 23.31 -3.65
N CYS B 288 15.41 22.33 -4.11
CA CYS B 288 14.90 21.29 -5.00
C CYS B 288 13.91 20.38 -4.27
N THR B 289 14.18 20.07 -3.01
CA THR B 289 13.26 19.25 -2.23
C THR B 289 11.98 20.00 -1.89
N LEU B 290 12.09 21.30 -1.61
CA LEU B 290 10.92 22.10 -1.25
C LEU B 290 10.04 22.42 -2.45
N LYS B 291 10.58 22.26 -3.67
CA LYS B 291 9.95 22.70 -4.93
C LYS B 291 9.58 24.18 -4.88
N SER B 292 10.51 24.97 -4.33
CA SER B 292 10.32 26.41 -4.22
C SER B 292 11.69 27.08 -4.22
N PHE B 293 11.76 28.26 -4.82
CA PHE B 293 13.00 29.01 -4.86
C PHE B 293 13.30 29.72 -3.56
N THR B 294 12.30 29.87 -2.69
CA THR B 294 12.44 30.59 -1.43
C THR B 294 12.38 29.60 -0.27
N VAL B 295 13.32 29.70 0.65
CA VAL B 295 13.44 28.80 1.79
C VAL B 295 13.21 29.60 3.05
N GLU B 296 12.31 29.11 3.90
CA GLU B 296 11.97 29.78 5.14
C GLU B 296 13.03 29.54 6.22
N LYS B 297 12.92 30.29 7.30
CA LYS B 297 13.87 30.21 8.40
C LYS B 297 13.69 28.92 9.18
N GLY B 298 14.79 28.19 9.38
CA GLY B 298 14.72 26.97 10.14
C GLY B 298 15.90 26.06 9.82
N ILE B 299 15.67 24.76 10.00
CA ILE B 299 16.66 23.72 9.71
C ILE B 299 15.96 22.62 8.92
N TYR B 300 16.65 22.12 7.90
CA TYR B 300 16.05 21.21 6.93
C TYR B 300 16.98 20.04 6.68
N GLN B 301 16.43 18.83 6.70
CA GLN B 301 17.22 17.65 6.37
C GLN B 301 17.49 17.61 4.87
N THR B 302 18.59 16.95 4.49
CA THR B 302 18.95 16.79 3.09
C THR B 302 19.40 15.34 2.91
N SER B 303 19.98 15.04 1.75
CA SER B 303 20.49 13.70 1.51
C SER B 303 21.74 13.47 2.35
N ASN B 304 21.99 12.20 2.66
CA ASN B 304 23.13 11.85 3.49
C ASN B 304 24.44 12.06 2.73
N PHE B 305 25.53 12.13 3.48
CA PHE B 305 26.83 12.42 2.89
C PHE B 305 27.31 11.22 2.07
N ARG B 306 27.51 11.42 0.78
CA ARG B 306 27.91 10.37 -0.13
C ARG B 306 29.27 10.68 -0.73
N VAL B 307 30.08 9.64 -0.90
CA VAL B 307 31.39 9.74 -1.51
C VAL B 307 31.37 8.99 -2.83
N GLN B 308 31.85 9.62 -3.89
CA GLN B 308 31.85 9.00 -5.21
C GLN B 308 33.04 8.06 -5.36
N PRO B 309 32.90 7.00 -6.17
CA PRO B 309 34.04 6.12 -6.42
C PRO B 309 35.12 6.80 -7.24
N THR B 310 36.37 6.42 -6.97
CA THR B 310 37.52 7.03 -7.61
C THR B 310 37.95 6.27 -8.87
N GLU B 311 38.06 4.95 -8.80
CA GLU B 311 38.49 4.13 -9.92
C GLU B 311 37.59 2.89 -10.02
N SER B 312 37.85 2.08 -11.04
CA SER B 312 37.14 0.84 -11.27
C SER B 312 38.13 -0.30 -11.36
N ILE B 313 37.90 -1.36 -10.59
CA ILE B 313 38.78 -2.53 -10.60
C ILE B 313 37.99 -3.75 -11.05
N VAL B 314 38.73 -4.71 -11.63
CA VAL B 314 38.17 -5.98 -12.08
C VAL B 314 39.06 -7.08 -11.54
N ARG B 315 38.46 -8.04 -10.82
CA ARG B 315 39.21 -9.17 -10.25
C ARG B 315 38.59 -10.46 -10.78
N PHE B 316 39.29 -11.10 -11.72
CA PHE B 316 38.92 -12.36 -12.32
C PHE B 316 40.02 -13.37 -12.00
N PRO B 317 39.73 -14.68 -12.03
CA PRO B 317 40.79 -15.67 -11.89
C PRO B 317 41.77 -15.62 -13.05
N ASN B 318 43.03 -15.94 -12.76
CA ASN B 318 44.09 -15.95 -13.76
C ASN B 318 43.98 -17.24 -14.56
N ILE B 319 43.19 -17.18 -15.63
CA ILE B 319 42.98 -18.29 -16.54
C ILE B 319 43.48 -17.89 -17.93
N THR B 320 44.22 -18.80 -18.56
CA THR B 320 44.88 -18.50 -19.82
C THR B 320 44.30 -19.23 -21.01
N ASN B 321 43.81 -20.46 -20.82
CA ASN B 321 43.31 -21.25 -21.95
C ASN B 321 41.97 -20.72 -22.43
N LEU B 322 41.76 -20.83 -23.74
CA LEU B 322 40.46 -20.54 -24.31
C LEU B 322 39.55 -21.76 -24.21
N CYS B 323 38.24 -21.49 -24.16
CA CYS B 323 37.27 -22.56 -24.04
C CYS B 323 37.20 -23.37 -25.33
N PRO B 324 36.94 -24.69 -25.25
CA PRO B 324 36.96 -25.52 -26.45
C PRO B 324 35.78 -25.27 -27.38
N PHE B 325 35.79 -24.14 -28.08
CA PHE B 325 34.74 -23.84 -29.05
C PHE B 325 34.84 -24.77 -30.25
N GLY B 326 36.07 -25.13 -30.65
CA GLY B 326 36.25 -26.07 -31.73
C GLY B 326 35.80 -27.48 -31.38
N GLU B 327 36.00 -27.90 -30.13
CA GLU B 327 35.60 -29.23 -29.72
C GLU B 327 34.10 -29.35 -29.50
N VAL B 328 33.39 -28.25 -29.29
CA VAL B 328 31.97 -28.29 -28.99
C VAL B 328 31.15 -27.94 -30.23
N PHE B 329 31.40 -26.77 -30.80
CA PHE B 329 30.60 -26.29 -31.93
C PHE B 329 31.10 -26.78 -33.28
N ASN B 330 32.26 -27.43 -33.33
CA ASN B 330 32.86 -27.88 -34.58
C ASN B 330 33.33 -29.32 -34.44
N ALA B 331 32.57 -30.13 -33.69
CA ALA B 331 32.91 -31.54 -33.53
C ALA B 331 32.60 -32.31 -34.80
N THR B 332 33.34 -33.40 -35.02
CA THR B 332 33.13 -34.21 -36.21
C THR B 332 31.82 -34.98 -36.12
N ARG B 333 31.52 -35.55 -34.96
CA ARG B 333 30.30 -36.31 -34.75
C ARG B 333 29.49 -35.70 -33.62
N PHE B 334 28.17 -35.69 -33.78
CA PHE B 334 27.26 -35.23 -32.76
C PHE B 334 26.40 -36.39 -32.28
N ALA B 335 25.94 -36.29 -31.04
CA ALA B 335 25.15 -37.36 -30.45
C ALA B 335 23.71 -37.32 -30.96
N SER B 336 23.01 -38.43 -30.76
CA SER B 336 21.58 -38.47 -31.02
C SER B 336 20.84 -37.75 -29.88
N VAL B 337 19.58 -37.41 -30.13
CA VAL B 337 18.84 -36.63 -29.16
C VAL B 337 18.42 -37.47 -27.95
N TYR B 338 18.21 -38.77 -28.13
CA TYR B 338 17.89 -39.62 -26.98
C TYR B 338 19.12 -39.90 -26.13
N ALA B 339 20.31 -39.82 -26.71
CA ALA B 339 21.57 -40.06 -26.01
C ALA B 339 22.44 -38.81 -26.07
N TRP B 340 21.85 -37.65 -25.75
CA TRP B 340 22.50 -36.35 -25.89
C TRP B 340 23.74 -36.26 -25.03
N ASN B 341 24.80 -35.66 -25.59
CA ASN B 341 26.10 -35.69 -24.95
C ASN B 341 26.28 -34.49 -24.05
N ARG B 342 26.69 -34.73 -22.80
CA ARG B 342 26.95 -33.67 -21.83
C ARG B 342 28.45 -33.56 -21.61
N LYS B 343 28.99 -32.37 -21.82
CA LYS B 343 30.42 -32.10 -21.67
C LYS B 343 30.62 -31.03 -20.61
N ARG B 344 31.54 -31.27 -19.69
CA ARG B 344 31.87 -30.31 -18.65
C ARG B 344 32.94 -29.34 -19.15
N ILE B 345 32.70 -28.05 -18.98
CA ILE B 345 33.62 -27.00 -19.41
C ILE B 345 34.09 -26.27 -18.17
N SER B 346 35.40 -26.21 -17.98
CA SER B 346 35.97 -25.60 -16.78
C SER B 346 37.31 -24.97 -17.10
N ASN B 347 37.63 -23.91 -16.34
CA ASN B 347 38.94 -23.25 -16.30
C ASN B 347 39.36 -22.69 -17.67
N CYS B 348 38.53 -21.79 -18.19
CA CYS B 348 38.83 -21.19 -19.49
C CYS B 348 38.12 -19.84 -19.62
N VAL B 349 38.41 -19.18 -20.74
CA VAL B 349 37.91 -17.85 -21.06
C VAL B 349 36.88 -17.98 -22.18
N ALA B 350 35.67 -17.51 -21.93
CA ALA B 350 34.55 -17.62 -22.87
C ALA B 350 34.55 -16.43 -23.81
N ASP B 351 35.54 -16.41 -24.70
CA ASP B 351 35.63 -15.40 -25.75
C ASP B 351 34.93 -15.95 -26.98
N TYR B 352 33.61 -15.74 -27.04
CA TYR B 352 32.80 -16.28 -28.11
C TYR B 352 32.94 -15.54 -29.43
N SER B 353 33.66 -14.41 -29.44
CA SER B 353 33.91 -13.66 -30.67
C SER B 353 34.78 -14.41 -31.66
N VAL B 354 35.48 -15.47 -31.24
CA VAL B 354 36.17 -16.35 -32.17
C VAL B 354 35.22 -17.25 -32.94
N LEU B 355 33.94 -17.31 -32.54
CA LEU B 355 32.94 -18.03 -33.31
C LEU B 355 32.40 -17.22 -34.49
N TYR B 356 32.78 -15.95 -34.61
CA TYR B 356 32.22 -15.10 -35.66
C TYR B 356 32.78 -15.47 -37.03
N ASN B 357 33.99 -16.02 -37.08
CA ASN B 357 34.60 -16.37 -38.36
C ASN B 357 33.94 -17.60 -38.97
N SER B 358 33.72 -18.64 -38.17
CA SER B 358 33.35 -19.94 -38.71
C SER B 358 31.90 -20.33 -38.47
N ALA B 359 31.25 -19.81 -37.43
CA ALA B 359 29.95 -20.29 -37.00
C ALA B 359 28.89 -19.25 -37.26
N SER B 360 27.78 -19.68 -37.85
CA SER B 360 26.60 -18.84 -38.06
C SER B 360 25.41 -19.55 -37.44
N PHE B 361 24.80 -18.92 -36.45
CA PHE B 361 23.76 -19.55 -35.65
C PHE B 361 22.38 -19.00 -36.03
N SER B 362 21.47 -19.90 -36.38
CA SER B 362 20.09 -19.49 -36.65
C SER B 362 19.31 -19.24 -35.37
N THR B 363 19.60 -19.98 -34.30
CA THR B 363 18.93 -19.83 -33.02
C THR B 363 19.98 -19.57 -31.95
N PHE B 364 19.81 -18.47 -31.21
CA PHE B 364 20.65 -18.17 -30.05
C PHE B 364 19.79 -17.44 -29.04
N LYS B 365 19.34 -18.16 -28.00
CA LYS B 365 18.43 -17.61 -27.02
C LYS B 365 18.94 -17.90 -25.62
N CYS B 366 19.23 -16.86 -24.87
CA CYS B 366 19.66 -16.99 -23.48
C CYS B 366 18.49 -16.69 -22.55
N TYR B 367 18.47 -17.35 -21.39
CA TYR B 367 17.30 -17.33 -20.52
C TYR B 367 17.54 -16.63 -19.20
N GLY B 368 18.56 -17.04 -18.45
CA GLY B 368 18.81 -16.41 -17.17
C GLY B 368 19.70 -15.19 -17.20
N VAL B 369 20.13 -14.75 -18.39
CA VAL B 369 21.15 -13.72 -18.51
C VAL B 369 20.97 -13.04 -19.87
N SER B 370 21.16 -11.73 -19.89
CA SER B 370 21.18 -11.01 -21.15
C SER B 370 22.42 -11.37 -21.96
N PRO B 371 22.32 -11.36 -23.30
CA PRO B 371 23.51 -11.64 -24.13
C PRO B 371 24.64 -10.63 -23.96
N THR B 372 24.29 -9.34 -23.86
CA THR B 372 25.29 -8.28 -23.77
C THR B 372 26.07 -8.32 -22.46
N LYS B 373 25.53 -8.97 -21.43
CA LYS B 373 26.26 -9.16 -20.18
C LYS B 373 27.21 -10.34 -20.20
N LEU B 374 27.15 -11.19 -21.25
CA LEU B 374 27.91 -12.44 -21.27
C LEU B 374 29.42 -12.22 -21.30
N ASN B 375 29.88 -11.07 -21.78
CA ASN B 375 31.30 -10.76 -21.77
C ASN B 375 31.79 -10.25 -20.43
N ASP B 376 30.90 -9.98 -19.47
CA ASP B 376 31.27 -9.35 -18.21
C ASP B 376 31.11 -10.27 -17.01
N LEU B 377 30.88 -11.56 -17.23
CA LEU B 377 30.48 -12.46 -16.15
C LEU B 377 31.43 -13.64 -16.04
N CYS B 378 31.26 -14.38 -14.94
CA CYS B 378 31.94 -15.64 -14.71
C CYS B 378 30.90 -16.71 -14.41
N PHE B 379 31.20 -17.94 -14.79
CA PHE B 379 30.24 -19.03 -14.78
C PHE B 379 30.82 -20.18 -13.98
N THR B 380 30.05 -20.68 -13.01
CA THR B 380 30.61 -21.55 -11.99
C THR B 380 30.85 -22.96 -12.51
N ASN B 381 29.78 -23.68 -12.85
CA ASN B 381 29.91 -24.96 -13.54
C ASN B 381 29.15 -24.89 -14.86
N VAL B 382 29.83 -25.30 -15.93
CA VAL B 382 29.33 -25.11 -17.29
C VAL B 382 29.18 -26.48 -17.93
N TYR B 383 27.99 -26.74 -18.48
CA TYR B 383 27.76 -27.98 -19.19
C TYR B 383 27.22 -27.67 -20.57
N ALA B 384 27.73 -28.38 -21.57
CA ALA B 384 27.29 -28.26 -22.96
C ALA B 384 26.61 -29.56 -23.35
N ASP B 385 25.33 -29.49 -23.67
CA ASP B 385 24.57 -30.63 -24.14
C ASP B 385 24.43 -30.54 -25.66
N SER B 386 24.96 -31.52 -26.37
CA SER B 386 25.01 -31.52 -27.82
C SER B 386 24.16 -32.66 -28.36
N PHE B 387 23.33 -32.34 -29.37
CA PHE B 387 22.56 -33.34 -30.08
C PHE B 387 22.17 -32.80 -31.45
N VAL B 388 21.47 -33.64 -32.22
CA VAL B 388 21.00 -33.30 -33.56
C VAL B 388 19.50 -33.60 -33.63
N ILE B 389 18.73 -32.62 -34.09
CA ILE B 389 17.30 -32.82 -34.34
C ILE B 389 16.97 -32.36 -35.74
N ARG B 390 15.69 -32.35 -36.08
CA ARG B 390 15.27 -31.65 -37.29
C ARG B 390 14.87 -30.22 -36.94
N GLY B 391 14.57 -29.43 -37.98
CA GLY B 391 14.33 -28.01 -37.78
C GLY B 391 13.06 -27.71 -37.01
N ASP B 392 11.98 -28.45 -37.29
CA ASP B 392 10.68 -28.19 -36.68
C ASP B 392 10.66 -28.46 -35.17
N GLU B 393 11.64 -29.19 -34.66
CA GLU B 393 11.74 -29.47 -33.24
C GLU B 393 12.72 -28.55 -32.52
N VAL B 394 13.33 -27.58 -33.22
CA VAL B 394 14.24 -26.64 -32.57
C VAL B 394 13.48 -25.77 -31.57
N ARG B 395 12.24 -25.41 -31.90
CA ARG B 395 11.36 -24.70 -30.99
C ARG B 395 11.01 -25.52 -29.74
N GLN B 396 11.24 -26.83 -29.75
CA GLN B 396 11.03 -27.66 -28.58
C GLN B 396 12.23 -27.67 -27.63
N ILE B 397 13.25 -26.86 -27.88
CA ILE B 397 14.40 -26.80 -26.98
C ILE B 397 14.29 -25.51 -26.19
N ALA B 398 13.09 -25.09 -25.95
CA ALA B 398 12.75 -24.05 -24.99
C ALA B 398 12.14 -24.68 -23.74
N PRO B 399 12.26 -24.03 -22.59
CA PRO B 399 11.55 -24.53 -21.40
C PRO B 399 10.04 -24.40 -21.53
N GLY B 400 9.34 -25.34 -20.91
CA GLY B 400 7.89 -25.35 -20.93
C GLY B 400 7.28 -25.67 -22.28
N GLN B 401 7.85 -26.62 -23.01
CA GLN B 401 7.34 -27.02 -24.32
C GLN B 401 6.90 -28.47 -24.30
N THR B 402 5.99 -28.80 -25.21
CA THR B 402 5.53 -30.16 -25.43
C THR B 402 5.90 -30.58 -26.84
N GLY B 403 5.74 -31.87 -27.12
CA GLY B 403 6.21 -32.46 -28.35
C GLY B 403 7.03 -33.68 -28.02
N LYS B 404 7.38 -34.51 -29.01
CA LYS B 404 8.04 -35.76 -28.71
C LYS B 404 9.48 -35.55 -28.25
N ILE B 405 10.15 -34.52 -28.74
CA ILE B 405 11.51 -34.23 -28.29
C ILE B 405 11.52 -33.72 -26.86
N ALA B 406 10.60 -32.79 -26.54
CA ALA B 406 10.54 -32.20 -25.22
C ALA B 406 9.99 -33.15 -24.17
N ASP B 407 9.24 -34.18 -24.58
CA ASP B 407 8.65 -35.12 -23.63
C ASP B 407 9.45 -36.40 -23.48
N TYR B 408 10.00 -36.95 -24.57
CA TYR B 408 10.60 -38.27 -24.54
C TYR B 408 12.10 -38.26 -24.72
N ASN B 409 12.69 -37.14 -25.17
CA ASN B 409 14.11 -37.12 -25.52
C ASN B 409 14.92 -36.15 -24.67
N TYR B 410 14.54 -34.88 -24.62
CA TYR B 410 15.34 -33.87 -23.95
C TYR B 410 14.43 -32.79 -23.38
N LYS B 411 14.51 -32.57 -22.08
CA LYS B 411 13.64 -31.62 -21.39
C LYS B 411 14.48 -30.64 -20.60
N LEU B 412 14.16 -29.35 -20.73
CA LEU B 412 14.76 -28.26 -19.99
C LEU B 412 13.93 -27.93 -18.75
N PRO B 413 14.55 -27.55 -17.64
CA PRO B 413 13.78 -27.16 -16.46
C PRO B 413 13.10 -25.82 -16.65
N ASP B 414 12.08 -25.59 -15.82
CA ASP B 414 11.37 -24.31 -15.85
C ASP B 414 12.26 -23.18 -15.37
N ASP B 415 13.09 -23.43 -14.36
CA ASP B 415 14.11 -22.50 -13.89
C ASP B 415 15.37 -22.97 -14.61
N PHE B 416 15.54 -22.52 -15.86
CA PHE B 416 16.71 -22.85 -16.65
C PHE B 416 17.54 -21.60 -16.84
N THR B 417 18.81 -21.68 -16.48
CA THR B 417 19.77 -20.61 -16.71
C THR B 417 20.80 -21.09 -17.73
N GLY B 418 20.90 -20.40 -18.85
CA GLY B 418 21.80 -20.81 -19.90
C GLY B 418 21.33 -20.28 -21.24
N CYS B 419 21.97 -20.79 -22.28
CA CYS B 419 21.70 -20.36 -23.66
C CYS B 419 21.54 -21.57 -24.56
N VAL B 420 20.47 -21.56 -25.35
CA VAL B 420 20.22 -22.58 -26.36
C VAL B 420 20.71 -22.04 -27.70
N ILE B 421 21.59 -22.80 -28.35
CA ILE B 421 22.17 -22.44 -29.64
C ILE B 421 21.85 -23.57 -30.62
N ALA B 422 21.35 -23.20 -31.80
CA ALA B 422 21.03 -24.18 -32.82
C ALA B 422 21.40 -23.64 -34.18
N TRP B 423 21.97 -24.48 -35.03
CA TRP B 423 22.31 -24.07 -36.38
C TRP B 423 22.05 -25.21 -37.36
N ASN B 424 21.77 -24.82 -38.60
CA ASN B 424 21.53 -25.78 -39.67
C ASN B 424 22.81 -26.55 -39.99
N SER B 425 22.65 -27.85 -40.21
CA SER B 425 23.78 -28.72 -40.50
C SER B 425 23.45 -29.67 -41.64
N ASN B 426 22.78 -29.15 -42.68
CA ASN B 426 22.43 -29.96 -43.84
C ASN B 426 23.65 -30.33 -44.66
N ASN B 427 24.70 -29.50 -44.62
CA ASN B 427 25.91 -29.78 -45.38
C ASN B 427 26.80 -30.80 -44.70
N LEU B 428 26.48 -31.22 -43.48
CA LEU B 428 27.30 -32.16 -42.73
C LEU B 428 26.57 -33.45 -42.40
N ASP B 429 25.33 -33.37 -41.92
CA ASP B 429 24.61 -34.53 -41.40
C ASP B 429 23.64 -35.12 -42.40
N SER B 430 23.66 -34.68 -43.65
CA SER B 430 22.80 -35.22 -44.69
C SER B 430 23.65 -35.80 -45.81
N LYS B 431 23.13 -36.83 -46.46
CA LYS B 431 23.80 -37.43 -47.60
C LYS B 431 22.75 -37.95 -48.57
N VAL B 432 23.18 -38.17 -49.81
CA VAL B 432 22.29 -38.68 -50.85
C VAL B 432 21.93 -40.12 -50.53
N GLY B 433 20.64 -40.43 -50.63
CA GLY B 433 20.13 -41.71 -50.20
C GLY B 433 19.64 -41.74 -48.77
N GLY B 434 19.90 -40.70 -47.99
CA GLY B 434 19.43 -40.62 -46.63
C GLY B 434 20.49 -40.97 -45.59
N ASN B 435 20.55 -40.16 -44.54
CA ASN B 435 21.39 -40.43 -43.38
C ASN B 435 20.49 -40.84 -42.24
N TYR B 436 20.59 -42.10 -41.81
CA TYR B 436 19.69 -42.67 -40.81
C TYR B 436 20.41 -43.02 -39.52
N ASN B 437 21.53 -42.35 -39.23
CA ASN B 437 22.32 -42.66 -38.04
C ASN B 437 21.87 -41.89 -36.81
N TYR B 438 20.97 -40.93 -36.94
CA TYR B 438 20.49 -40.13 -35.82
C TYR B 438 19.11 -40.65 -35.41
N LEU B 439 18.97 -41.01 -34.14
CA LEU B 439 17.74 -41.61 -33.64
C LEU B 439 17.05 -40.67 -32.66
N TYR B 440 15.73 -40.79 -32.59
CA TYR B 440 14.92 -40.11 -31.60
C TYR B 440 14.02 -41.14 -30.93
N ARG B 441 13.57 -40.81 -29.71
CA ARG B 441 12.68 -41.66 -28.96
C ARG B 441 11.25 -41.25 -29.26
N LEU B 442 10.51 -42.14 -29.92
CA LEU B 442 9.14 -41.84 -30.33
C LEU B 442 8.11 -42.29 -29.32
N PHE B 443 8.38 -43.37 -28.58
CA PHE B 443 7.41 -44.00 -27.70
C PHE B 443 7.94 -44.02 -26.27
N ARG B 444 7.11 -43.58 -25.33
CA ARG B 444 7.39 -43.71 -23.91
C ARG B 444 6.08 -43.89 -23.16
N LYS B 445 6.19 -44.45 -21.95
CA LYS B 445 5.03 -44.55 -21.07
C LYS B 445 4.71 -43.21 -20.42
N SER B 446 5.71 -42.36 -20.21
CA SER B 446 5.51 -41.08 -19.56
C SER B 446 6.59 -40.11 -20.00
N ASN B 447 6.35 -38.83 -19.73
CA ASN B 447 7.35 -37.80 -19.99
C ASN B 447 8.49 -37.90 -18.98
N LEU B 448 9.68 -37.51 -19.39
CA LEU B 448 10.83 -37.57 -18.51
C LEU B 448 11.05 -36.24 -17.80
N LYS B 449 11.80 -36.31 -16.71
CA LYS B 449 12.17 -35.18 -15.89
C LYS B 449 13.21 -34.31 -16.60
N PRO B 450 13.38 -33.05 -16.19
CA PRO B 450 14.42 -32.21 -16.79
C PRO B 450 15.82 -32.77 -16.60
N PHE B 451 16.61 -32.67 -17.68
CA PHE B 451 17.99 -33.16 -17.76
C PHE B 451 18.10 -34.66 -17.42
N GLU B 452 17.12 -35.44 -17.88
CA GLU B 452 17.13 -36.89 -17.72
C GLU B 452 17.38 -37.54 -19.06
N ARG B 453 18.24 -38.55 -19.07
CA ARG B 453 18.63 -39.26 -20.29
C ARG B 453 18.13 -40.69 -20.20
N ASP B 454 17.37 -41.11 -21.20
CA ASP B 454 16.84 -42.47 -21.28
C ASP B 454 17.39 -43.12 -22.54
N ILE B 455 18.23 -44.14 -22.35
CA ILE B 455 18.86 -44.86 -23.44
C ILE B 455 18.34 -46.29 -23.54
N SER B 456 17.21 -46.59 -22.91
CA SER B 456 16.66 -47.94 -22.90
C SER B 456 16.08 -48.29 -24.26
N THR B 457 16.13 -49.58 -24.59
CA THR B 457 15.63 -50.10 -25.86
C THR B 457 14.58 -51.18 -25.63
N GLU B 458 13.76 -51.01 -24.59
CA GLU B 458 12.70 -51.97 -24.30
C GLU B 458 11.55 -51.79 -25.28
N ILE B 459 10.94 -52.91 -25.67
CA ILE B 459 9.89 -52.89 -26.68
C ILE B 459 8.62 -52.25 -26.10
N TYR B 460 8.11 -51.25 -26.79
CA TYR B 460 6.97 -50.49 -26.32
C TYR B 460 5.67 -51.22 -26.63
N GLN B 461 4.80 -51.31 -25.63
CA GLN B 461 3.50 -51.96 -25.78
C GLN B 461 2.47 -50.88 -26.10
N ALA B 462 2.09 -50.79 -27.37
CA ALA B 462 1.16 -49.75 -27.81
C ALA B 462 -0.29 -50.18 -27.75
N GLY B 463 -0.57 -51.48 -27.60
CA GLY B 463 -1.93 -51.95 -27.55
C GLY B 463 -2.30 -52.56 -26.22
N SER B 464 -3.08 -53.64 -26.24
CA SER B 464 -3.50 -54.33 -25.02
C SER B 464 -2.84 -55.68 -24.82
N THR B 465 -2.45 -56.36 -25.90
CA THR B 465 -1.74 -57.62 -25.78
C THR B 465 -0.33 -57.38 -25.27
N PRO B 466 0.23 -58.29 -24.45
CA PRO B 466 1.62 -58.13 -24.04
C PRO B 466 2.58 -58.42 -25.19
N CYS B 467 3.76 -57.82 -25.10
CA CYS B 467 4.69 -57.78 -26.22
C CYS B 467 5.94 -58.61 -26.02
N ASN B 468 6.40 -58.78 -24.77
CA ASN B 468 7.68 -59.41 -24.39
C ASN B 468 8.79 -58.65 -25.10
N GLY B 469 9.67 -59.31 -25.86
CA GLY B 469 10.67 -58.62 -26.65
C GLY B 469 10.61 -59.05 -28.10
N VAL B 470 9.40 -59.30 -28.60
CA VAL B 470 9.23 -59.90 -29.91
C VAL B 470 9.22 -58.85 -31.03
N GLU B 471 8.69 -57.65 -30.75
CA GLU B 471 8.51 -56.55 -31.71
C GLU B 471 7.65 -57.01 -32.90
N GLY B 472 6.39 -57.30 -32.57
CA GLY B 472 5.43 -57.72 -33.57
C GLY B 472 4.34 -56.69 -33.82
N PHE B 473 3.09 -57.15 -33.93
CA PHE B 473 1.97 -56.25 -34.15
C PHE B 473 1.66 -55.48 -32.88
N ASN B 474 1.54 -54.14 -33.01
CA ASN B 474 1.34 -53.19 -31.91
C ASN B 474 2.44 -53.28 -30.85
N CYS B 475 3.64 -53.65 -31.27
CA CYS B 475 4.80 -53.76 -30.39
C CYS B 475 5.98 -53.15 -31.14
N TYR B 476 6.34 -51.92 -30.78
CA TYR B 476 7.27 -51.12 -31.57
C TYR B 476 8.57 -50.91 -30.82
N PHE B 477 9.66 -50.87 -31.57
CA PHE B 477 10.93 -50.42 -31.03
C PHE B 477 10.82 -48.93 -30.70
N PRO B 478 11.28 -48.49 -29.54
CA PRO B 478 11.03 -47.11 -29.12
C PRO B 478 11.86 -46.07 -29.85
N LEU B 479 12.96 -46.47 -30.49
CA LEU B 479 13.83 -45.54 -31.18
C LEU B 479 13.59 -45.61 -32.68
N GLN B 480 13.51 -44.43 -33.31
CA GLN B 480 13.26 -44.33 -34.74
C GLN B 480 14.30 -43.41 -35.36
N SER B 481 14.68 -43.70 -36.60
CA SER B 481 15.75 -42.99 -37.26
C SER B 481 15.24 -41.79 -38.05
N TYR B 482 15.93 -40.67 -37.90
CA TYR B 482 15.69 -39.51 -38.74
C TYR B 482 16.09 -39.81 -40.18
N GLY B 483 15.28 -39.36 -41.13
CA GLY B 483 15.68 -39.46 -42.51
C GLY B 483 16.18 -38.15 -43.06
N PHE B 484 17.49 -37.99 -43.13
CA PHE B 484 18.10 -36.72 -43.51
C PHE B 484 18.63 -36.81 -44.93
N GLN B 485 18.09 -35.98 -45.80
CA GLN B 485 18.48 -35.90 -47.21
C GLN B 485 18.77 -34.45 -47.56
N PRO B 486 19.67 -34.19 -48.52
CA PRO B 486 19.94 -32.79 -48.89
C PRO B 486 18.78 -32.12 -49.59
N THR B 487 17.92 -32.88 -50.26
CA THR B 487 16.76 -32.32 -50.96
C THR B 487 15.55 -32.16 -50.06
N ASN B 488 15.66 -32.52 -48.79
CA ASN B 488 14.59 -32.29 -47.84
C ASN B 488 14.37 -30.81 -47.63
N GLY B 489 13.11 -30.40 -47.48
CA GLY B 489 12.81 -29.04 -47.12
C GLY B 489 13.23 -28.73 -45.71
N VAL B 490 13.37 -27.43 -45.43
CA VAL B 490 13.73 -27.01 -44.09
C VAL B 490 12.57 -27.33 -43.14
N GLY B 491 12.91 -27.84 -41.96
CA GLY B 491 11.98 -28.52 -41.08
C GLY B 491 12.19 -30.02 -41.03
N TYR B 492 12.72 -30.61 -42.10
CA TYR B 492 13.22 -31.97 -42.10
C TYR B 492 14.71 -31.96 -42.47
N GLN B 493 15.37 -30.90 -42.16
CA GLN B 493 16.79 -30.78 -42.33
C GLN B 493 17.50 -30.87 -40.98
N PRO B 494 18.70 -31.44 -40.92
CA PRO B 494 19.35 -31.64 -39.62
C PRO B 494 19.84 -30.33 -39.02
N TYR B 495 19.61 -30.18 -37.73
CA TYR B 495 20.04 -29.01 -36.96
C TYR B 495 20.84 -29.49 -35.77
N ARG B 496 22.02 -28.92 -35.62
CA ARG B 496 22.88 -29.19 -34.47
C ARG B 496 22.53 -28.24 -33.34
N VAL B 497 22.29 -28.78 -32.15
CA VAL B 497 21.86 -28.01 -31.00
C VAL B 497 22.88 -28.20 -29.89
N VAL B 498 23.38 -27.08 -29.36
CA VAL B 498 24.22 -27.03 -28.17
C VAL B 498 23.50 -26.19 -27.13
N VAL B 499 23.25 -26.78 -25.96
CA VAL B 499 22.62 -26.09 -24.84
C VAL B 499 23.68 -25.88 -23.77
N LEU B 500 23.99 -24.62 -23.47
CA LEU B 500 24.94 -24.27 -22.42
C LEU B 500 24.18 -23.97 -21.16
N SER B 501 24.50 -24.67 -20.08
CA SER B 501 23.87 -24.46 -18.78
C SER B 501 24.94 -24.07 -17.77
N PHE B 502 24.66 -23.02 -16.99
CA PHE B 502 25.59 -22.52 -16.00
C PHE B 502 24.81 -21.87 -14.86
N GLU B 503 25.52 -21.68 -13.75
CA GLU B 503 24.98 -21.00 -12.57
C GLU B 503 25.82 -19.76 -12.32
N LEU B 504 25.17 -18.70 -11.85
CA LEU B 504 25.78 -17.37 -11.84
C LEU B 504 25.79 -16.76 -10.46
N LEU B 505 26.97 -16.28 -10.05
CA LEU B 505 27.17 -15.33 -8.93
C LEU B 505 26.75 -15.90 -7.58
N HIS B 506 26.91 -17.20 -7.37
CA HIS B 506 26.67 -17.78 -6.05
C HIS B 506 27.75 -18.75 -5.59
N ALA B 507 28.63 -19.20 -6.48
CA ALA B 507 29.65 -20.21 -6.22
C ALA B 507 30.96 -19.74 -6.84
N PRO B 508 32.10 -20.33 -6.43
CA PRO B 508 33.35 -20.06 -7.15
C PRO B 508 33.26 -20.49 -8.61
N ALA B 509 33.89 -19.71 -9.48
CA ALA B 509 33.77 -19.86 -10.92
C ALA B 509 35.13 -20.01 -11.55
N THR B 510 35.23 -20.92 -12.53
CA THR B 510 36.45 -21.13 -13.28
C THR B 510 36.36 -20.68 -14.74
N VAL B 511 35.17 -20.58 -15.29
CA VAL B 511 34.97 -20.10 -16.66
C VAL B 511 34.58 -18.63 -16.59
N CYS B 512 35.36 -17.78 -17.25
CA CYS B 512 35.14 -16.34 -17.14
C CYS B 512 35.23 -15.68 -18.51
N GLY B 513 34.62 -14.50 -18.62
CA GLY B 513 34.61 -13.76 -19.85
C GLY B 513 35.94 -13.12 -20.17
N PRO B 514 36.07 -12.53 -21.36
CA PRO B 514 37.35 -11.93 -21.78
C PRO B 514 37.58 -10.53 -21.22
N LYS B 515 37.69 -10.45 -19.90
CA LYS B 515 37.96 -9.19 -19.22
C LYS B 515 39.36 -9.21 -18.62
N LYS B 516 40.08 -8.11 -18.81
CA LYS B 516 41.43 -7.97 -18.24
C LYS B 516 41.30 -7.58 -16.78
N SER B 517 41.90 -8.37 -15.90
CA SER B 517 41.92 -8.04 -14.48
C SER B 517 42.88 -6.90 -14.22
N THR B 518 42.54 -6.06 -13.24
CA THR B 518 43.36 -4.93 -12.83
C THR B 518 43.96 -5.21 -11.47
N ASN B 519 44.68 -4.22 -10.95
CA ASN B 519 45.26 -4.33 -9.62
C ASN B 519 44.20 -4.16 -8.56
N LEU B 520 44.37 -4.88 -7.44
CA LEU B 520 43.44 -4.83 -6.33
C LEU B 520 43.85 -3.69 -5.40
N VAL B 521 42.98 -2.69 -5.26
CA VAL B 521 43.22 -1.57 -4.37
C VAL B 521 42.26 -1.66 -3.20
N LYS B 522 42.68 -1.11 -2.07
CA LYS B 522 41.94 -1.22 -0.82
C LYS B 522 41.87 0.14 -0.15
N ASN B 523 40.99 0.22 0.86
CA ASN B 523 40.79 1.39 1.73
C ASN B 523 40.34 2.63 0.95
N LYS B 524 39.66 2.42 -0.17
CA LYS B 524 39.14 3.52 -0.97
C LYS B 524 37.83 3.11 -1.62
N CYS B 525 36.94 4.07 -1.82
CA CYS B 525 35.68 3.83 -2.48
C CYS B 525 35.93 3.62 -3.97
N VAL B 526 35.72 2.39 -4.45
CA VAL B 526 35.97 2.02 -5.83
C VAL B 526 34.74 1.28 -6.37
N ASN B 527 34.71 1.16 -7.69
CA ASN B 527 33.83 0.22 -8.37
C ASN B 527 34.58 -1.10 -8.54
N PHE B 528 33.94 -2.20 -8.17
CA PHE B 528 34.58 -3.50 -8.23
C PHE B 528 33.78 -4.45 -9.12
N ASN B 529 34.49 -5.44 -9.66
CA ASN B 529 33.91 -6.53 -10.46
C ASN B 529 34.61 -7.81 -10.01
N PHE B 530 34.01 -8.50 -9.03
CA PHE B 530 34.55 -9.75 -8.51
C PHE B 530 33.77 -10.91 -9.13
N ASN B 531 34.43 -11.64 -10.04
CA ASN B 531 33.91 -12.86 -10.68
C ASN B 531 32.58 -12.61 -11.40
N GLY B 532 32.46 -11.45 -12.03
CA GLY B 532 31.24 -11.08 -12.69
C GLY B 532 30.24 -10.32 -11.85
N LEU B 533 30.46 -10.23 -10.54
CA LEU B 533 29.58 -9.48 -9.65
C LEU B 533 30.12 -8.07 -9.51
N THR B 534 29.37 -7.09 -10.00
CA THR B 534 29.78 -5.70 -9.96
C THR B 534 29.29 -5.04 -8.67
N GLY B 535 29.81 -3.84 -8.40
CA GLY B 535 29.33 -3.09 -7.27
C GLY B 535 30.21 -1.90 -6.98
N THR B 536 29.88 -1.21 -5.90
CA THR B 536 30.62 -0.03 -5.43
C THR B 536 30.83 -0.14 -3.92
N GLY B 537 31.99 0.28 -3.47
CA GLY B 537 32.25 0.27 -2.04
C GLY B 537 33.74 0.36 -1.75
N VAL B 538 34.04 0.28 -0.45
CA VAL B 538 35.39 0.24 0.07
C VAL B 538 35.71 -1.20 0.43
N LEU B 539 36.87 -1.68 -0.02
CA LEU B 539 37.31 -3.04 0.26
C LEU B 539 38.40 -2.99 1.32
N THR B 540 38.24 -3.79 2.38
CA THR B 540 39.22 -3.86 3.44
C THR B 540 39.54 -5.32 3.74
N GLU B 541 40.61 -5.54 4.51
CA GLU B 541 40.97 -6.89 4.91
C GLU B 541 39.96 -7.42 5.94
N SER B 542 39.64 -8.71 5.83
CA SER B 542 38.59 -9.31 6.62
C SER B 542 39.14 -10.42 7.51
N ASN B 543 38.46 -10.62 8.64
CA ASN B 543 38.76 -11.72 9.55
C ASN B 543 37.88 -12.93 9.31
N LYS B 544 37.03 -12.91 8.29
CA LYS B 544 36.16 -14.03 8.00
C LYS B 544 36.95 -15.20 7.42
N LYS B 545 36.64 -16.39 7.87
CA LYS B 545 37.29 -17.62 7.40
C LYS B 545 36.29 -18.36 6.51
N PHE B 546 36.50 -18.26 5.20
CA PHE B 546 35.57 -18.85 4.25
C PHE B 546 35.83 -20.35 4.13
N LEU B 547 34.76 -21.12 4.06
CA LEU B 547 34.87 -22.53 3.70
C LEU B 547 35.26 -22.64 2.23
N PRO B 548 35.95 -23.72 1.83
CA PRO B 548 36.52 -23.78 0.46
C PRO B 548 35.50 -23.80 -0.67
N PHE B 549 34.23 -24.09 -0.41
CA PHE B 549 33.21 -24.06 -1.44
C PHE B 549 32.50 -22.71 -1.53
N GLN B 550 32.91 -21.72 -0.75
CA GLN B 550 32.22 -20.44 -0.68
C GLN B 550 33.03 -19.35 -1.38
N GLN B 551 32.33 -18.41 -2.00
CA GLN B 551 32.95 -17.27 -2.67
C GLN B 551 32.46 -15.93 -2.16
N PHE B 552 31.18 -15.82 -1.81
CA PHE B 552 30.59 -14.56 -1.36
C PHE B 552 30.02 -14.71 0.03
N GLY B 553 29.96 -13.60 0.74
CA GLY B 553 29.33 -13.57 2.06
C GLY B 553 28.27 -12.49 2.11
N ARG B 554 27.16 -12.80 2.81
CA ARG B 554 26.03 -11.89 2.90
C ARG B 554 25.68 -11.63 4.36
N ASP B 555 25.17 -10.43 4.62
CA ASP B 555 24.73 -9.99 5.93
C ASP B 555 23.25 -10.27 6.12
N ILE B 556 22.65 -9.65 7.14
CA ILE B 556 21.25 -9.86 7.46
C ILE B 556 20.31 -9.33 6.40
N ALA B 557 20.74 -8.36 5.58
CA ALA B 557 19.93 -7.83 4.50
C ALA B 557 20.19 -8.56 3.18
N ASP B 558 21.00 -9.61 3.21
CA ASP B 558 21.36 -10.44 2.05
C ASP B 558 22.01 -9.65 0.92
N THR B 559 22.81 -8.65 1.26
CA THR B 559 23.68 -8.01 0.29
C THR B 559 25.11 -8.50 0.48
N THR B 560 25.88 -8.49 -0.60
CA THR B 560 27.21 -9.08 -0.60
C THR B 560 28.17 -8.14 0.13
N ASP B 561 28.55 -8.51 1.36
CA ASP B 561 29.47 -7.71 2.14
C ASP B 561 30.81 -8.40 2.38
N ALA B 562 31.00 -9.61 1.88
CA ALA B 562 32.29 -10.29 1.94
C ALA B 562 32.54 -11.00 0.63
N VAL B 563 33.79 -10.97 0.17
CA VAL B 563 34.16 -11.60 -1.08
C VAL B 563 35.53 -12.27 -0.90
N ARG B 564 35.82 -13.22 -1.77
CA ARG B 564 37.14 -13.83 -1.86
C ARG B 564 37.77 -13.37 -3.17
N ASP B 565 38.96 -12.79 -3.08
CA ASP B 565 39.66 -12.34 -4.28
C ASP B 565 40.15 -13.55 -5.08
N PRO B 566 39.85 -13.61 -6.38
CA PRO B 566 40.13 -14.85 -7.12
C PRO B 566 41.60 -15.07 -7.45
N GLN B 567 42.41 -14.02 -7.52
CA GLN B 567 43.83 -14.22 -7.82
C GLN B 567 44.59 -14.62 -6.56
N THR B 568 44.63 -13.74 -5.57
CA THR B 568 45.17 -14.06 -4.25
C THR B 568 44.01 -14.39 -3.32
N LEU B 569 43.99 -15.63 -2.81
CA LEU B 569 42.82 -16.10 -2.08
C LEU B 569 42.75 -15.50 -0.68
N GLU B 570 42.35 -14.23 -0.61
CA GLU B 570 42.16 -13.53 0.66
C GLU B 570 40.72 -13.04 0.75
N ILE B 571 40.26 -12.86 1.97
CA ILE B 571 38.88 -12.46 2.22
C ILE B 571 38.84 -10.96 2.40
N LEU B 572 37.97 -10.30 1.63
CA LEU B 572 37.79 -8.86 1.69
C LEU B 572 36.39 -8.54 2.18
N ASP B 573 36.30 -7.51 3.01
CA ASP B 573 35.02 -6.98 3.47
C ASP B 573 34.67 -5.75 2.64
N ILE B 574 33.44 -5.74 2.10
CA ILE B 574 32.93 -4.66 1.29
C ILE B 574 32.02 -3.80 2.15
N THR B 575 32.27 -2.49 2.12
CA THR B 575 31.56 -1.55 2.99
C THR B 575 31.13 -0.35 2.15
N PRO B 576 29.86 0.05 2.19
CA PRO B 576 29.41 1.17 1.34
C PRO B 576 30.03 2.50 1.76
N CYS B 577 30.25 3.36 0.75
CA CYS B 577 30.97 4.61 0.97
C CYS B 577 30.10 5.67 1.63
N SER B 578 28.82 5.74 1.27
CA SER B 578 27.95 6.79 1.75
C SER B 578 27.49 6.55 3.18
N PHE B 579 27.53 7.59 4.00
CA PHE B 579 27.29 7.51 5.43
C PHE B 579 27.09 8.91 5.98
N GLY B 580 26.17 9.05 6.93
CA GLY B 580 26.03 10.29 7.69
C GLY B 580 25.11 11.32 7.06
N GLY B 581 24.11 11.77 7.82
CA GLY B 581 23.15 12.73 7.30
C GLY B 581 23.63 14.16 7.37
N VAL B 582 22.96 15.03 6.60
CA VAL B 582 23.33 16.43 6.45
C VAL B 582 22.07 17.27 6.63
N SER B 583 22.18 18.36 7.40
CA SER B 583 21.09 19.31 7.60
C SER B 583 21.59 20.72 7.30
N VAL B 584 20.65 21.59 6.94
CA VAL B 584 20.94 22.97 6.54
C VAL B 584 20.20 23.90 7.48
N ILE B 585 20.93 24.80 8.11
CA ILE B 585 20.37 25.84 8.97
C ILE B 585 20.38 27.14 8.19
N THR B 586 19.22 27.75 8.03
CA THR B 586 19.14 29.03 7.36
C THR B 586 18.26 29.98 8.17
N PRO B 587 18.58 31.28 8.17
CA PRO B 587 17.68 32.26 8.78
C PRO B 587 16.66 32.79 7.78
N GLY B 588 16.54 32.11 6.65
CA GLY B 588 15.66 32.54 5.59
C GLY B 588 16.41 32.99 4.35
N THR B 589 15.98 32.51 3.18
CA THR B 589 16.53 32.99 1.92
C THR B 589 16.23 34.47 1.70
N ASN B 590 15.05 34.93 2.15
CA ASN B 590 14.72 36.35 2.11
C ASN B 590 15.64 37.17 3.01
N THR B 591 15.97 36.64 4.19
CA THR B 591 16.77 37.40 5.15
C THR B 591 18.24 37.46 4.76
N SER B 592 18.81 36.36 4.25
CA SER B 592 20.23 36.31 3.94
C SER B 592 20.47 35.18 2.96
N ASN B 593 21.72 35.04 2.53
CA ASN B 593 22.14 33.95 1.67
C ASN B 593 23.12 33.00 2.34
N GLN B 594 23.69 33.37 3.48
CA GLN B 594 24.59 32.47 4.20
C GLN B 594 23.78 31.38 4.91
N VAL B 595 24.35 30.18 4.94
CA VAL B 595 23.75 29.04 5.62
C VAL B 595 24.81 28.38 6.47
N ALA B 596 24.34 27.61 7.45
CA ALA B 596 25.20 26.73 8.23
C ALA B 596 24.86 25.30 7.88
N VAL B 597 25.86 24.42 7.89
CA VAL B 597 25.67 23.03 7.53
C VAL B 597 26.00 22.17 8.74
N LEU B 598 25.07 21.30 9.11
CA LEU B 598 25.28 20.34 10.19
C LEU B 598 25.54 18.98 9.57
N TYR B 599 26.68 18.39 9.89
CA TYR B 599 27.05 17.06 9.44
C TYR B 599 26.87 16.14 10.64
N GLN B 600 25.83 15.32 10.61
CA GLN B 600 25.66 14.31 11.62
C GLN B 600 26.70 13.22 11.44
N ASP B 601 27.04 12.56 12.55
CA ASP B 601 27.99 11.44 12.60
C ASP B 601 29.40 11.84 12.13
N VAL B 602 29.78 13.09 12.33
CA VAL B 602 31.10 13.59 11.99
C VAL B 602 31.70 14.22 13.23
N ASN B 603 32.87 13.74 13.64
CA ASN B 603 33.62 14.30 14.76
C ASN B 603 34.76 15.12 14.17
N CYS B 604 34.77 16.42 14.43
CA CYS B 604 35.82 17.32 14.00
C CYS B 604 36.79 17.65 15.12
N THR B 605 36.56 17.13 16.33
CA THR B 605 37.26 17.39 17.62
C THR B 605 37.89 18.77 17.80
N TRP B 620 38.26 15.26 6.84
CA TRP B 620 36.95 14.91 7.40
C TRP B 620 35.94 14.64 6.29
N ARG B 621 34.84 13.99 6.65
CA ARG B 621 33.78 13.70 5.68
C ARG B 621 32.81 14.88 5.64
N VAL B 622 33.30 15.99 5.07
CA VAL B 622 32.54 17.23 4.93
C VAL B 622 32.67 17.70 3.49
N TYR B 623 31.74 18.57 3.10
CA TYR B 623 31.79 19.16 1.76
C TYR B 623 32.89 20.21 1.67
N SER B 624 32.78 21.26 2.49
CA SER B 624 33.78 22.31 2.53
C SER B 624 34.00 22.73 3.98
N THR B 625 35.23 23.14 4.28
CA THR B 625 35.57 23.63 5.61
C THR B 625 35.32 25.14 5.66
N GLY B 626 35.81 25.78 6.71
CA GLY B 626 35.62 27.21 6.85
C GLY B 626 36.29 27.73 8.10
N SER B 627 36.06 29.02 8.37
CA SER B 627 36.64 29.64 9.54
C SER B 627 35.96 29.20 10.82
N ASN B 628 34.66 28.93 10.77
CA ASN B 628 33.88 28.52 11.94
C ASN B 628 33.56 27.04 11.82
N VAL B 629 34.18 26.24 12.69
CA VAL B 629 33.88 24.82 12.80
C VAL B 629 33.60 24.53 14.27
N PHE B 630 32.41 24.02 14.56
CA PHE B 630 31.97 23.76 15.93
C PHE B 630 31.56 22.30 16.04
N GLN B 631 31.91 21.66 17.14
CA GLN B 631 31.63 20.24 17.33
C GLN B 631 30.56 20.09 18.42
N THR B 632 29.31 19.94 17.99
CA THR B 632 28.22 19.64 18.89
C THR B 632 28.02 18.12 18.95
N ARG B 633 27.24 17.69 19.95
CA ARG B 633 26.88 16.28 20.05
C ARG B 633 25.94 15.84 18.94
N ALA B 634 25.30 16.78 18.25
CA ALA B 634 24.54 16.48 17.04
C ALA B 634 25.42 16.42 15.80
N GLY B 635 26.71 16.73 15.89
CA GLY B 635 27.60 16.62 14.77
C GLY B 635 28.44 17.86 14.59
N CYS B 636 29.01 18.01 13.40
CA CYS B 636 29.92 19.10 13.10
C CYS B 636 29.16 20.20 12.37
N LEU B 637 29.19 21.41 12.92
CA LEU B 637 28.50 22.56 12.37
C LEU B 637 29.51 23.49 11.72
N ILE B 638 29.31 23.78 10.43
CA ILE B 638 30.20 24.62 9.65
C ILE B 638 29.40 25.85 9.24
N GLY B 639 29.94 27.03 9.54
CA GLY B 639 29.34 28.28 9.11
C GLY B 639 28.69 29.08 10.20
N ALA B 640 28.75 28.64 11.46
CA ALA B 640 28.15 29.37 12.56
C ALA B 640 29.20 29.62 13.64
N GLU B 641 29.22 30.84 14.16
CA GLU B 641 30.16 31.22 15.20
C GLU B 641 29.63 30.77 16.56
N HIS B 642 30.48 30.10 17.33
CA HIS B 642 30.09 29.62 18.66
C HIS B 642 30.31 30.73 19.67
N VAL B 643 29.24 31.13 20.37
CA VAL B 643 29.32 32.13 21.41
C VAL B 643 29.15 31.44 22.76
N ASN B 644 29.53 32.17 23.82
CA ASN B 644 29.47 31.63 25.17
C ASN B 644 28.24 32.07 25.94
N ASN B 645 27.40 32.93 25.37
CA ASN B 645 26.17 33.33 26.02
C ASN B 645 25.08 32.27 25.82
N SER B 646 23.99 32.43 26.55
CA SER B 646 22.85 31.52 26.47
C SER B 646 21.58 32.34 26.30
N TYR B 647 20.93 32.18 25.16
CA TYR B 647 19.68 32.84 24.85
C TYR B 647 18.56 31.81 24.78
N GLU B 648 17.37 32.29 24.42
CA GLU B 648 16.29 31.37 24.08
C GLU B 648 16.58 30.70 22.75
N CYS B 649 15.96 29.54 22.55
CA CYS B 649 16.19 28.77 21.33
C CYS B 649 15.46 29.42 20.16
N ASP B 650 16.21 29.85 19.16
CA ASP B 650 15.62 30.42 17.95
C ASP B 650 15.43 29.36 16.88
N ILE B 651 16.52 28.73 16.44
CA ILE B 651 16.47 27.62 15.50
C ILE B 651 17.06 26.41 16.21
N PRO B 652 16.29 25.36 16.47
CA PRO B 652 16.82 24.20 17.19
C PRO B 652 17.74 23.36 16.32
N ILE B 653 18.96 23.16 16.81
CA ILE B 653 19.92 22.27 16.16
C ILE B 653 19.94 20.90 16.83
N GLY B 654 20.00 20.86 18.15
CA GLY B 654 19.94 19.61 18.85
C GLY B 654 20.97 19.51 19.96
N ALA B 655 20.72 18.58 20.90
CA ALA B 655 21.59 18.32 22.06
C ALA B 655 21.85 19.58 22.88
N GLY B 656 20.83 20.41 23.02
CA GLY B 656 20.95 21.66 23.74
C GLY B 656 21.55 22.80 22.97
N ILE B 657 21.88 22.60 21.69
CA ILE B 657 22.48 23.63 20.86
C ILE B 657 21.40 24.23 19.98
N CYS B 658 21.32 25.55 19.95
CA CYS B 658 20.43 26.28 19.05
C CYS B 658 21.23 27.29 18.26
N ALA B 659 20.62 27.79 17.18
CA ALA B 659 21.26 28.77 16.31
C ALA B 659 20.34 29.97 16.11
N SER B 660 20.95 31.09 15.79
CA SER B 660 20.21 32.33 15.58
C SER B 660 20.98 33.21 14.61
N TYR B 661 20.30 34.24 14.10
CA TYR B 661 20.88 35.24 13.22
C TYR B 661 21.08 36.51 14.02
N GLN B 662 22.32 37.01 14.04
CA GLN B 662 22.65 38.11 14.93
C GLN B 662 23.83 38.89 14.34
N THR B 663 23.81 40.21 14.56
CA THR B 663 24.86 41.10 14.08
C THR B 663 26.20 40.82 14.77
N SER B 676 27.77 42.37 8.40
CA SER B 676 28.14 42.21 9.80
C SER B 676 27.31 41.13 10.47
N GLN B 677 26.16 40.84 9.88
CA GLN B 677 25.27 39.81 10.41
C GLN B 677 25.84 38.42 10.14
N SER B 678 25.61 37.52 11.08
CA SER B 678 26.15 36.16 10.99
C SER B 678 25.28 35.22 11.81
N ILE B 679 25.48 33.93 11.58
CA ILE B 679 24.79 32.89 12.33
C ILE B 679 25.59 32.55 13.56
N ILE B 680 24.95 32.56 14.72
CA ILE B 680 25.57 32.24 15.99
C ILE B 680 24.97 30.94 16.52
N ALA B 681 25.81 30.13 17.13
CA ALA B 681 25.40 28.87 17.75
C ALA B 681 25.68 28.95 19.25
N TYR B 682 24.72 28.54 20.06
CA TYR B 682 24.82 28.70 21.49
C TYR B 682 24.13 27.55 22.19
N THR B 683 24.44 27.39 23.48
CA THR B 683 23.68 26.50 24.34
C THR B 683 22.43 27.22 24.79
N MET B 684 21.29 26.54 24.67
CA MET B 684 20.02 27.16 25.01
C MET B 684 19.89 27.35 26.52
N SER B 685 19.11 28.36 26.90
CA SER B 685 18.88 28.70 28.30
C SER B 685 17.49 28.26 28.69
N LEU B 686 17.39 27.58 29.83
CA LEU B 686 16.10 27.05 30.28
C LEU B 686 15.26 28.10 30.99
N GLY B 687 15.86 29.21 31.39
CA GLY B 687 15.13 30.26 32.08
C GLY B 687 16.02 30.98 33.06
N ALA B 688 15.48 32.05 33.62
CA ALA B 688 16.22 32.85 34.59
C ALA B 688 16.33 32.11 35.92
N GLU B 689 17.48 32.25 36.56
CA GLU B 689 17.68 31.63 37.87
C GLU B 689 16.89 32.36 38.95
N ASN B 690 16.42 31.60 39.92
CA ASN B 690 15.62 32.14 41.01
C ASN B 690 15.90 31.34 42.26
N SER B 691 15.91 32.02 43.41
CA SER B 691 16.08 31.37 44.70
C SER B 691 14.99 31.90 45.62
N VAL B 692 14.05 31.04 45.98
CA VAL B 692 13.01 31.41 46.93
C VAL B 692 13.62 31.51 48.32
N ALA B 693 13.34 32.61 49.01
CA ALA B 693 13.91 32.86 50.33
C ALA B 693 13.20 32.01 51.36
N TYR B 694 13.54 30.72 51.37
CA TYR B 694 12.91 29.79 52.28
C TYR B 694 13.46 29.96 53.68
N SER B 695 12.56 30.01 54.64
CA SER B 695 12.89 29.95 56.05
C SER B 695 11.80 29.15 56.74
N ASN B 696 12.11 28.68 57.94
CA ASN B 696 11.17 27.83 58.66
C ASN B 696 10.12 28.62 59.44
N ASN B 697 10.19 29.96 59.42
CA ASN B 697 9.16 30.76 60.05
C ASN B 697 8.83 32.01 59.23
N SER B 698 9.05 31.98 57.92
CA SER B 698 8.81 33.13 57.06
C SER B 698 7.79 32.78 55.99
N ILE B 699 6.84 33.67 55.76
CA ILE B 699 5.83 33.48 54.73
C ILE B 699 5.80 34.73 53.85
N ALA B 700 5.39 34.54 52.60
CA ALA B 700 5.19 35.63 51.66
C ALA B 700 3.71 35.67 51.30
N ILE B 701 3.10 36.83 51.45
CA ILE B 701 1.66 36.95 51.23
C ILE B 701 1.42 38.10 50.26
N PRO B 702 0.62 37.90 49.21
CA PRO B 702 0.39 38.98 48.24
C PRO B 702 -0.51 40.07 48.80
N THR B 703 -0.15 41.31 48.50
CA THR B 703 -0.91 42.47 48.93
C THR B 703 -1.75 43.06 47.81
N ASN B 704 -1.72 42.49 46.61
CA ASN B 704 -2.43 43.03 45.47
C ASN B 704 -2.68 41.89 44.48
N PHE B 705 -3.34 42.20 43.38
CA PHE B 705 -3.66 41.19 42.40
C PHE B 705 -3.62 41.77 40.99
N THR B 706 -3.72 40.88 40.02
CA THR B 706 -3.82 41.22 38.61
C THR B 706 -4.90 40.35 38.00
N ILE B 707 -5.78 40.95 37.22
CA ILE B 707 -6.78 40.22 36.45
C ILE B 707 -6.17 40.01 35.06
N SER B 708 -5.91 38.76 34.71
CA SER B 708 -5.19 38.46 33.47
C SER B 708 -6.08 37.68 32.52
N VAL B 709 -6.10 38.09 31.25
CA VAL B 709 -6.85 37.41 30.22
C VAL B 709 -5.86 36.84 29.21
N THR B 710 -5.92 35.53 29.00
CA THR B 710 -5.03 34.84 28.07
C THR B 710 -5.83 34.06 27.04
N THR B 711 -5.26 33.89 25.85
CA THR B 711 -5.91 33.15 24.78
C THR B 711 -5.46 31.70 24.75
N GLU B 712 -6.37 30.83 24.35
CA GLU B 712 -6.04 29.45 24.01
C GLU B 712 -6.76 29.10 22.72
N ILE B 713 -6.01 28.69 21.71
CA ILE B 713 -6.56 28.41 20.39
C ILE B 713 -6.58 26.90 20.19
N LEU B 714 -7.76 26.35 19.88
CA LEU B 714 -7.91 24.93 19.70
C LEU B 714 -8.57 24.63 18.36
N PRO B 715 -7.96 23.77 17.54
CA PRO B 715 -8.67 23.26 16.36
C PRO B 715 -9.84 22.38 16.75
N VAL B 716 -10.89 22.45 15.94
CA VAL B 716 -12.12 21.71 16.19
C VAL B 716 -12.45 20.76 15.03
N SER B 717 -12.40 21.26 13.80
CA SER B 717 -12.71 20.45 12.64
C SER B 717 -11.73 20.77 11.53
N MET B 718 -11.72 19.89 10.52
CA MET B 718 -10.97 20.13 9.29
C MET B 718 -11.93 20.08 8.11
N THR B 719 -11.38 20.26 6.91
CA THR B 719 -12.21 20.26 5.72
C THR B 719 -12.68 18.85 5.38
N LYS B 720 -13.96 18.74 5.02
CA LYS B 720 -14.54 17.49 4.60
C LYS B 720 -14.29 17.31 3.11
N THR B 721 -13.61 16.23 2.74
CA THR B 721 -13.27 15.97 1.35
C THR B 721 -13.90 14.67 0.89
N SER B 722 -14.25 14.63 -0.38
CA SER B 722 -14.76 13.44 -1.03
C SER B 722 -13.97 13.20 -2.30
N VAL B 723 -13.76 11.93 -2.64
CA VAL B 723 -12.95 11.56 -3.79
C VAL B 723 -13.78 10.66 -4.70
N ASP B 724 -13.93 11.06 -5.95
CA ASP B 724 -14.43 10.16 -6.98
C ASP B 724 -13.25 9.35 -7.49
N CYS B 725 -13.28 8.03 -7.23
CA CYS B 725 -12.19 7.16 -7.61
C CYS B 725 -12.04 7.04 -9.12
N THR B 726 -13.15 6.94 -9.84
CA THR B 726 -13.07 6.73 -11.28
C THR B 726 -12.53 7.97 -11.99
N MET B 727 -12.90 9.15 -11.54
CA MET B 727 -12.33 10.35 -12.14
C MET B 727 -10.88 10.57 -11.73
N TYR B 728 -10.47 10.10 -10.56
CA TYR B 728 -9.07 10.27 -10.18
C TYR B 728 -8.18 9.30 -10.93
N ILE B 729 -8.52 8.01 -10.92
CA ILE B 729 -7.66 7.02 -11.52
C ILE B 729 -7.85 6.95 -13.03
N CYS B 730 -9.10 6.90 -13.48
CA CYS B 730 -9.47 6.58 -14.85
C CYS B 730 -10.41 7.62 -15.42
N GLY B 731 -10.04 8.90 -15.29
CA GLY B 731 -10.89 10.02 -15.66
C GLY B 731 -11.31 10.08 -17.12
N ASP B 732 -12.62 9.89 -17.34
CA ASP B 732 -13.26 9.93 -18.67
C ASP B 732 -12.65 8.91 -19.63
N SER B 733 -12.30 7.73 -19.11
CA SER B 733 -11.78 6.64 -19.93
C SER B 733 -12.58 5.39 -19.58
N THR B 734 -13.21 4.79 -20.59
CA THR B 734 -14.05 3.62 -20.34
C THR B 734 -13.22 2.36 -20.13
N GLU B 735 -12.13 2.22 -20.88
CA GLU B 735 -11.27 1.04 -20.78
C GLU B 735 -10.60 0.96 -19.42
N CYS B 736 -10.17 2.11 -18.89
CA CYS B 736 -9.59 2.16 -17.55
C CYS B 736 -10.63 1.83 -16.49
N SER B 737 -11.88 2.27 -16.68
CA SER B 737 -12.94 1.95 -15.73
C SER B 737 -13.25 0.46 -15.72
N ASN B 738 -13.29 -0.16 -16.91
CA ASN B 738 -13.49 -1.60 -16.99
C ASN B 738 -12.33 -2.37 -16.39
N LEU B 739 -11.10 -1.87 -16.52
CA LEU B 739 -9.97 -2.54 -15.87
C LEU B 739 -9.97 -2.31 -14.37
N LEU B 740 -10.48 -1.17 -13.91
CA LEU B 740 -10.57 -0.87 -12.48
C LEU B 740 -11.66 -1.69 -11.81
N LEU B 741 -12.66 -2.15 -12.57
CA LEU B 741 -13.70 -3.01 -11.99
C LEU B 741 -13.19 -4.35 -11.49
N GLN B 742 -12.00 -4.79 -11.91
CA GLN B 742 -11.41 -6.04 -11.44
C GLN B 742 -10.66 -5.92 -10.12
N TYR B 743 -10.67 -4.76 -9.47
CA TYR B 743 -9.98 -4.63 -8.20
C TYR B 743 -10.89 -4.74 -6.99
N GLY B 744 -12.20 -4.53 -7.15
CA GLY B 744 -13.12 -4.80 -6.07
C GLY B 744 -13.61 -3.59 -5.31
N SER B 745 -13.85 -3.77 -4.01
CA SER B 745 -14.46 -2.76 -3.16
C SER B 745 -13.45 -1.86 -2.48
N PHE B 746 -12.28 -1.67 -3.08
CA PHE B 746 -11.25 -0.82 -2.51
C PHE B 746 -11.70 0.63 -2.46
N CYS B 747 -12.33 1.11 -3.53
CA CYS B 747 -12.80 2.48 -3.56
C CYS B 747 -14.06 2.70 -2.75
N THR B 748 -14.88 1.66 -2.58
CA THR B 748 -15.97 1.72 -1.62
C THR B 748 -15.42 1.86 -0.19
N GLN B 749 -14.33 1.15 0.11
CA GLN B 749 -13.67 1.28 1.41
C GLN B 749 -13.12 2.69 1.62
N LEU B 750 -12.49 3.25 0.59
CA LEU B 750 -11.94 4.61 0.68
C LEU B 750 -13.04 5.64 0.89
N ASN B 751 -14.15 5.50 0.16
CA ASN B 751 -15.26 6.43 0.30
C ASN B 751 -15.94 6.29 1.65
N ARG B 752 -16.00 5.07 2.20
CA ARG B 752 -16.55 4.86 3.54
C ARG B 752 -15.70 5.55 4.59
N ALA B 753 -14.36 5.45 4.46
CA ALA B 753 -13.47 6.10 5.40
C ALA B 753 -13.59 7.62 5.32
N LEU B 754 -13.64 8.17 4.11
CA LEU B 754 -13.76 9.62 3.95
C LEU B 754 -15.13 10.14 4.40
N THR B 755 -16.19 9.35 4.20
CA THR B 755 -17.52 9.72 4.69
C THR B 755 -17.56 9.72 6.21
N GLY B 756 -16.89 8.75 6.84
CA GLY B 756 -16.80 8.74 8.30
C GLY B 756 -16.06 9.94 8.83
N ILE B 757 -14.97 10.35 8.16
CA ILE B 757 -14.24 11.56 8.54
C ILE B 757 -15.13 12.81 8.39
N ALA B 758 -15.88 12.89 7.29
CA ALA B 758 -16.71 14.06 7.03
C ALA B 758 -17.86 14.17 8.02
N VAL B 759 -18.44 13.04 8.43
CA VAL B 759 -19.49 13.06 9.45
C VAL B 759 -18.88 13.43 10.81
N GLU B 760 -17.67 12.93 11.08
CA GLU B 760 -17.01 13.20 12.35
C GLU B 760 -16.65 14.68 12.52
N GLN B 761 -16.39 15.39 11.43
CA GLN B 761 -16.10 16.82 11.53
C GLN B 761 -17.32 17.61 12.03
N ASP B 762 -18.50 17.30 11.49
CA ASP B 762 -19.73 17.94 11.95
C ASP B 762 -20.06 17.54 13.37
N LYS B 763 -19.77 16.28 13.74
CA LYS B 763 -19.96 15.85 15.12
C LYS B 763 -19.03 16.59 16.07
N ASN B 764 -17.79 16.86 15.64
CA ASN B 764 -16.83 17.63 16.43
C ASN B 764 -17.34 19.04 16.69
N THR B 765 -17.81 19.71 15.63
CA THR B 765 -18.32 21.07 15.77
C THR B 765 -19.57 21.12 16.64
N GLN B 766 -20.46 20.12 16.50
CA GLN B 766 -21.66 20.07 17.32
C GLN B 766 -21.32 19.81 18.78
N GLU B 767 -20.33 18.96 19.06
CA GLU B 767 -19.97 18.66 20.44
C GLU B 767 -19.29 19.83 21.11
N VAL B 768 -18.51 20.62 20.35
CA VAL B 768 -17.86 21.78 20.95
C VAL B 768 -18.86 22.91 21.18
N PHE B 769 -19.63 23.26 20.15
CA PHE B 769 -20.36 24.53 20.21
C PHE B 769 -21.82 24.42 20.63
N ALA B 770 -22.49 23.30 20.36
CA ALA B 770 -23.91 23.18 20.67
C ALA B 770 -24.12 22.54 22.05
N GLN B 771 -23.53 23.18 23.06
CA GLN B 771 -23.65 22.68 24.42
C GLN B 771 -25.01 23.02 25.01
N VAL B 772 -25.41 24.29 24.94
CA VAL B 772 -26.70 24.73 25.44
C VAL B 772 -27.70 24.71 24.30
N LYS B 773 -28.98 24.48 24.63
CA LYS B 773 -30.02 24.41 23.63
C LYS B 773 -30.99 25.59 23.70
N GLN B 774 -30.71 26.57 24.54
CA GLN B 774 -31.43 27.83 24.57
C GLN B 774 -30.52 28.93 24.04
N ILE B 775 -31.06 29.75 23.13
CA ILE B 775 -30.30 30.86 22.56
C ILE B 775 -30.52 32.06 23.47
N TYR B 776 -29.61 32.24 24.42
CA TYR B 776 -29.72 33.34 25.37
C TYR B 776 -29.29 34.65 24.71
N LYS B 777 -29.97 35.73 25.08
CA LYS B 777 -29.67 37.06 24.59
C LYS B 777 -29.24 37.96 25.74
N THR B 778 -28.32 38.86 25.43
CA THR B 778 -27.87 39.87 26.38
C THR B 778 -28.92 40.99 26.47
N PRO B 779 -29.07 41.61 27.64
CA PRO B 779 -30.03 42.71 27.75
C PRO B 779 -29.57 43.91 26.95
N PRO B 780 -30.51 44.74 26.48
CA PRO B 780 -30.12 45.91 25.66
C PRO B 780 -29.39 46.98 26.45
N ILE B 781 -29.53 47.04 27.76
CA ILE B 781 -28.76 47.95 28.60
C ILE B 781 -27.56 47.17 29.13
N LYS B 782 -26.37 47.74 28.93
CA LYS B 782 -25.12 47.04 29.20
C LYS B 782 -24.46 47.52 30.49
N ASP B 783 -25.25 47.81 31.52
CA ASP B 783 -24.70 48.19 32.82
C ASP B 783 -24.37 46.92 33.58
N PHE B 784 -23.09 46.55 33.59
CA PHE B 784 -22.62 45.35 34.26
C PHE B 784 -21.69 45.66 35.42
N GLY B 785 -21.89 46.81 36.07
CA GLY B 785 -21.07 47.18 37.19
C GLY B 785 -19.70 47.71 36.83
N GLY B 786 -19.53 48.22 35.62
CA GLY B 786 -18.23 48.70 35.16
C GLY B 786 -17.51 47.76 34.23
N PHE B 787 -17.94 46.51 34.15
CA PHE B 787 -17.32 45.55 33.26
C PHE B 787 -17.84 45.74 31.83
N ASN B 788 -16.93 45.71 30.87
CA ASN B 788 -17.22 46.06 29.50
C ASN B 788 -16.88 44.87 28.61
N PHE B 789 -17.92 44.21 28.09
CA PHE B 789 -17.76 43.05 27.21
C PHE B 789 -17.97 43.41 25.75
N SER B 790 -17.71 44.66 25.37
CA SER B 790 -18.02 45.12 24.01
C SER B 790 -17.14 44.48 22.95
N GLN B 791 -15.95 44.03 23.31
CA GLN B 791 -15.07 43.40 22.34
C GLN B 791 -15.37 41.93 22.13
N ILE B 792 -16.19 41.32 23.00
CA ILE B 792 -16.56 39.92 22.84
C ILE B 792 -18.04 39.72 22.55
N LEU B 793 -18.88 40.70 22.82
CA LEU B 793 -20.29 40.65 22.45
C LEU B 793 -20.43 40.91 20.95
N PRO B 794 -21.50 40.41 20.32
CA PRO B 794 -21.68 40.64 18.88
C PRO B 794 -21.90 42.10 18.53
N ASP B 795 -21.40 42.47 17.36
CA ASP B 795 -21.57 43.82 16.84
C ASP B 795 -22.78 43.83 15.91
N PRO B 796 -23.86 44.53 16.25
CA PRO B 796 -25.06 44.48 15.40
C PRO B 796 -24.93 45.29 14.11
N SER B 797 -23.94 46.18 14.01
CA SER B 797 -23.79 46.99 12.82
C SER B 797 -23.22 46.19 11.66
N LYS B 798 -22.41 45.17 11.95
CA LYS B 798 -21.78 44.38 10.89
C LYS B 798 -22.81 43.47 10.22
N PRO B 799 -22.62 43.16 8.93
CA PRO B 799 -23.51 42.18 8.27
C PRO B 799 -23.44 40.79 8.88
N SER B 800 -22.29 40.38 9.39
CA SER B 800 -22.17 39.15 10.18
C SER B 800 -22.13 39.57 11.64
N LYS B 801 -23.07 39.04 12.43
CA LYS B 801 -23.20 39.43 13.84
C LYS B 801 -22.08 38.78 14.63
N ARG B 802 -20.89 39.36 14.52
CA ARG B 802 -19.69 38.85 15.15
C ARG B 802 -19.12 39.90 16.08
N SER B 803 -18.35 39.43 17.06
CA SER B 803 -17.61 40.31 17.93
C SER B 803 -16.45 40.94 17.16
N PRO B 804 -15.91 42.07 17.63
CA PRO B 804 -14.68 42.61 17.03
C PRO B 804 -13.50 41.65 17.10
N ILE B 805 -13.37 40.91 18.20
CA ILE B 805 -12.33 39.89 18.30
C ILE B 805 -12.59 38.77 17.31
N GLU B 806 -13.85 38.35 17.16
CA GLU B 806 -14.20 37.30 16.21
C GLU B 806 -13.97 37.74 14.78
N ASP B 807 -14.26 39.00 14.47
CA ASP B 807 -13.99 39.54 13.13
C ASP B 807 -12.49 39.56 12.85
N LEU B 808 -11.69 39.92 13.86
CA LEU B 808 -10.24 39.89 13.70
C LEU B 808 -9.72 38.47 13.50
N LEU B 809 -10.27 37.51 14.25
CA LEU B 809 -9.85 36.11 14.10
C LEU B 809 -10.24 35.54 12.76
N PHE B 810 -11.40 35.94 12.23
CA PHE B 810 -11.80 35.46 10.91
C PHE B 810 -11.01 36.12 9.80
N ASN B 811 -10.59 37.37 9.98
CA ASN B 811 -9.75 38.01 8.97
C ASN B 811 -8.33 37.47 9.01
N LYS B 812 -7.86 36.99 10.17
CA LYS B 812 -6.48 36.55 10.29
C LYS B 812 -6.25 35.10 9.87
N VAL B 813 -7.30 34.35 9.56
CA VAL B 813 -7.17 32.99 9.04
C VAL B 813 -7.72 32.97 7.63
N THR B 814 -6.87 32.61 6.67
CA THR B 814 -7.21 32.66 5.26
C THR B 814 -7.42 31.24 4.75
N LEU B 815 -8.66 30.91 4.40
CA LEU B 815 -9.00 29.59 3.88
C LEU B 815 -8.52 29.43 2.44
N ILE B 821 -19.53 28.28 -4.35
CA ILE B 821 -19.79 27.32 -5.42
C ILE B 821 -18.91 27.66 -6.62
N LYS B 822 -18.11 26.68 -7.03
CA LYS B 822 -17.24 26.81 -8.20
C LYS B 822 -17.92 26.08 -9.35
N GLN B 823 -18.53 26.85 -10.25
CA GLN B 823 -19.27 26.26 -11.36
C GLN B 823 -18.33 25.81 -12.46
N TYR B 824 -18.88 25.03 -13.40
CA TYR B 824 -18.13 24.60 -14.57
C TYR B 824 -17.86 25.76 -15.53
N GLY B 825 -18.75 26.75 -15.55
CA GLY B 825 -18.59 27.87 -16.47
C GLY B 825 -17.42 28.76 -16.13
N ASP B 826 -17.21 29.03 -14.84
CA ASP B 826 -16.10 29.86 -14.39
C ASP B 826 -14.85 29.06 -14.11
N CYS B 827 -14.76 27.84 -14.62
CA CYS B 827 -13.58 27.01 -14.50
C CYS B 827 -13.14 26.58 -15.88
N LEU B 828 -14.08 26.55 -16.82
CA LEU B 828 -13.82 26.31 -18.24
C LEU B 828 -12.97 27.43 -18.84
N ASP B 835 -5.96 27.70 -11.27
CA ASP B 835 -6.60 27.55 -9.98
C ASP B 835 -6.40 26.14 -9.42
N LEU B 836 -5.96 26.07 -8.16
CA LEU B 836 -5.70 24.77 -7.55
C LEU B 836 -6.99 24.03 -7.24
N ILE B 837 -8.05 24.76 -6.87
CA ILE B 837 -9.33 24.14 -6.56
C ILE B 837 -9.96 23.57 -7.83
N CYS B 838 -9.78 24.25 -8.97
CA CYS B 838 -10.26 23.73 -10.24
C CYS B 838 -9.53 22.44 -10.64
N ALA B 839 -8.22 22.40 -10.42
CA ALA B 839 -7.46 21.19 -10.73
C ALA B 839 -7.81 20.05 -9.79
N GLN B 840 -8.13 20.36 -8.53
CA GLN B 840 -8.60 19.34 -7.60
C GLN B 840 -9.97 18.81 -8.03
N LYS B 841 -10.88 19.71 -8.41
CA LYS B 841 -12.23 19.31 -8.76
C LYS B 841 -12.30 18.61 -10.11
N PHE B 842 -11.32 18.81 -10.99
CA PHE B 842 -11.32 18.10 -12.25
C PHE B 842 -10.74 16.70 -12.14
N ASN B 843 -10.23 16.32 -10.97
CA ASN B 843 -9.71 14.99 -10.74
C ASN B 843 -10.52 14.24 -9.69
N GLY B 844 -11.78 14.61 -9.50
CA GLY B 844 -12.68 13.89 -8.63
C GLY B 844 -12.62 14.27 -7.17
N LEU B 845 -11.84 15.29 -6.80
CA LEU B 845 -11.68 15.69 -5.41
C LEU B 845 -12.54 16.91 -5.14
N THR B 846 -13.53 16.75 -4.25
CA THR B 846 -14.46 17.83 -3.93
C THR B 846 -14.44 18.09 -2.43
N VAL B 847 -14.84 19.31 -2.05
CA VAL B 847 -14.89 19.73 -0.66
C VAL B 847 -16.35 19.96 -0.29
N LEU B 848 -16.83 19.20 0.67
CA LEU B 848 -18.19 19.32 1.16
C LEU B 848 -18.27 20.47 2.17
N PRO B 849 -19.35 21.26 2.14
CA PRO B 849 -19.47 22.35 3.10
C PRO B 849 -19.80 21.82 4.48
N PRO B 850 -19.39 22.51 5.54
CA PRO B 850 -19.82 22.11 6.88
C PRO B 850 -21.31 22.34 7.10
N LEU B 851 -21.89 21.54 7.99
CA LEU B 851 -23.32 21.60 8.24
C LEU B 851 -23.72 22.91 8.91
N LEU B 852 -22.93 23.36 9.88
CA LEU B 852 -23.18 24.64 10.54
C LEU B 852 -22.35 25.72 9.87
N THR B 853 -23.02 26.78 9.43
CA THR B 853 -22.31 27.93 8.89
C THR B 853 -21.65 28.72 10.02
N ASP B 854 -20.77 29.65 9.64
CA ASP B 854 -20.06 30.46 10.62
C ASP B 854 -21.00 31.40 11.37
N GLU B 855 -22.12 31.77 10.76
CA GLU B 855 -23.13 32.56 11.46
C GLU B 855 -23.80 31.76 12.56
N MET B 856 -24.02 30.46 12.34
CA MET B 856 -24.61 29.62 13.39
C MET B 856 -23.64 29.37 14.53
N ILE B 857 -22.34 29.24 14.22
CA ILE B 857 -21.33 29.11 15.26
C ILE B 857 -21.21 30.41 16.05
N ALA B 858 -21.33 31.54 15.36
CA ALA B 858 -21.33 32.83 16.05
C ALA B 858 -22.56 33.00 16.94
N GLN B 859 -23.71 32.46 16.48
CA GLN B 859 -24.92 32.48 17.31
C GLN B 859 -24.77 31.63 18.56
N TYR B 860 -24.17 30.44 18.42
CA TYR B 860 -23.92 29.58 19.57
C TYR B 860 -22.96 30.23 20.56
N THR B 861 -21.90 30.85 20.05
CA THR B 861 -20.94 31.54 20.89
C THR B 861 -21.57 32.73 21.59
N SER B 862 -22.44 33.47 20.90
CA SER B 862 -23.16 34.59 21.49
C SER B 862 -24.12 34.13 22.57
N ALA B 863 -24.78 33.00 22.37
CA ALA B 863 -25.68 32.46 23.38
C ALA B 863 -24.92 32.01 24.63
N LEU B 864 -23.76 31.39 24.44
CA LEU B 864 -22.92 31.00 25.58
C LEU B 864 -22.43 32.22 26.35
N LEU B 865 -22.03 33.27 25.63
CA LEU B 865 -21.57 34.49 26.28
C LEU B 865 -22.69 35.18 27.05
N ALA B 866 -23.89 35.25 26.46
CA ALA B 866 -25.03 35.89 27.12
C ALA B 866 -25.44 35.11 28.36
N GLY B 867 -25.46 33.78 28.27
CA GLY B 867 -25.77 32.96 29.43
C GLY B 867 -24.73 33.08 30.53
N THR B 868 -23.46 33.18 30.17
CA THR B 868 -22.40 33.32 31.16
C THR B 868 -22.48 34.68 31.86
N ILE B 869 -22.64 35.77 31.10
CA ILE B 869 -22.62 37.08 31.74
C ILE B 869 -23.95 37.46 32.38
N THR B 870 -25.03 36.73 32.11
CA THR B 870 -26.28 37.02 32.80
C THR B 870 -26.61 36.05 33.91
N SER B 871 -26.12 34.80 33.85
CA SER B 871 -26.51 33.80 34.82
C SER B 871 -25.35 33.10 35.51
N GLY B 872 -24.11 33.34 35.09
CA GLY B 872 -22.99 32.66 35.71
C GLY B 872 -22.88 31.21 35.30
N TRP B 873 -22.66 30.32 36.25
CA TRP B 873 -22.58 28.89 35.96
C TRP B 873 -23.91 28.18 36.08
N THR B 874 -24.99 28.90 36.37
CA THR B 874 -26.26 28.25 36.65
C THR B 874 -26.93 27.72 35.39
N PHE B 875 -26.72 28.36 34.24
CA PHE B 875 -27.36 27.91 33.02
C PHE B 875 -26.75 26.64 32.45
N GLY B 876 -25.54 26.30 32.86
CA GLY B 876 -24.94 25.05 32.45
C GLY B 876 -25.32 23.84 33.28
N ALA B 877 -26.13 24.04 34.32
CA ALA B 877 -26.51 22.95 35.20
C ALA B 877 -28.03 22.87 35.39
N GLY B 878 -28.80 23.68 34.68
CA GLY B 878 -30.23 23.73 34.85
C GLY B 878 -30.82 24.97 34.23
N PRO B 879 -31.87 25.51 34.83
CA PRO B 879 -32.42 26.79 34.35
C PRO B 879 -31.46 27.94 34.62
N ALA B 880 -31.50 28.94 33.75
CA ALA B 880 -30.65 30.10 33.88
C ALA B 880 -31.22 30.99 34.99
N LEU B 881 -30.47 31.14 36.07
CA LEU B 881 -30.86 32.01 37.18
C LEU B 881 -30.02 33.28 37.12
N GLN B 882 -30.69 34.42 37.00
CA GLN B 882 -29.97 35.68 36.86
C GLN B 882 -29.35 36.10 38.18
N ILE B 883 -28.27 36.87 38.07
CA ILE B 883 -27.50 37.35 39.21
C ILE B 883 -26.75 38.58 38.70
N PRO B 884 -26.60 39.64 39.49
CA PRO B 884 -25.76 40.76 39.05
C PRO B 884 -24.31 40.32 38.87
N PHE B 885 -23.67 40.87 37.84
CA PHE B 885 -22.31 40.46 37.51
C PHE B 885 -21.25 40.74 38.57
N PRO B 886 -21.26 41.87 39.31
CA PRO B 886 -20.36 41.95 40.48
C PRO B 886 -20.59 40.86 41.52
N MET B 887 -21.84 40.47 41.75
CA MET B 887 -22.11 39.38 42.68
C MET B 887 -21.63 38.04 42.14
N GLN B 888 -21.72 37.85 40.82
CA GLN B 888 -21.20 36.64 40.19
C GLN B 888 -19.68 36.56 40.33
N MET B 889 -18.99 37.68 40.10
CA MET B 889 -17.54 37.62 40.24
C MET B 889 -17.11 37.60 41.70
N ALA B 890 -17.96 38.05 42.63
CA ALA B 890 -17.71 37.82 44.04
C ALA B 890 -17.83 36.35 44.40
N TYR B 891 -18.79 35.64 43.81
CA TYR B 891 -18.88 34.19 43.96
C TYR B 891 -17.63 33.51 43.41
N ARG B 892 -17.16 33.97 42.25
CA ARG B 892 -15.96 33.39 41.65
C ARG B 892 -14.70 33.72 42.44
N PHE B 893 -14.67 34.88 43.11
CA PHE B 893 -13.59 35.19 44.04
C PHE B 893 -13.62 34.25 45.23
N ASN B 894 -14.82 33.93 45.73
CA ASN B 894 -14.95 32.93 46.79
C ASN B 894 -14.52 31.55 46.32
N GLY B 895 -14.67 31.26 45.02
CA GLY B 895 -14.28 29.97 44.48
C GLY B 895 -12.78 29.74 44.45
N ILE B 896 -11.99 30.80 44.49
CA ILE B 896 -10.53 30.67 44.49
C ILE B 896 -9.94 31.00 45.85
N GLY B 897 -10.77 31.19 46.87
CA GLY B 897 -10.29 31.36 48.23
C GLY B 897 -10.10 32.78 48.70
N VAL B 898 -10.66 33.77 48.01
CA VAL B 898 -10.59 35.17 48.41
C VAL B 898 -11.98 35.61 48.83
N THR B 899 -12.07 36.36 49.93
CA THR B 899 -13.36 36.82 50.41
C THR B 899 -13.95 37.87 49.47
N GLN B 900 -15.28 37.97 49.47
CA GLN B 900 -15.97 38.79 48.48
C GLN B 900 -15.86 40.28 48.76
N ASN B 901 -15.51 40.68 49.98
CA ASN B 901 -15.30 42.08 50.28
C ASN B 901 -14.05 42.62 49.58
N VAL B 902 -13.11 41.75 49.22
CA VAL B 902 -11.96 42.15 48.43
C VAL B 902 -12.41 42.64 47.06
N LEU B 903 -13.37 41.95 46.45
CA LEU B 903 -13.91 42.41 45.18
C LEU B 903 -14.77 43.66 45.37
N TYR B 904 -15.63 43.66 46.39
CA TYR B 904 -16.57 44.76 46.55
C TYR B 904 -15.88 46.06 46.94
N GLU B 905 -14.73 45.98 47.60
CA GLU B 905 -13.96 47.17 47.93
C GLU B 905 -12.99 47.56 46.83
N ASN B 906 -12.85 46.76 45.79
CA ASN B 906 -11.95 47.04 44.68
C ASN B 906 -12.65 46.82 43.35
N GLN B 907 -13.93 47.20 43.26
CA GLN B 907 -14.73 46.85 42.09
C GLN B 907 -14.31 47.64 40.85
N LYS B 908 -14.06 48.95 41.01
CA LYS B 908 -13.64 49.77 39.89
C LYS B 908 -12.27 49.36 39.36
N LEU B 909 -11.34 49.04 40.25
CA LEU B 909 -10.01 48.61 39.85
C LEU B 909 -10.05 47.27 39.11
N ILE B 910 -10.86 46.32 39.60
CA ILE B 910 -10.99 45.02 38.95
C ILE B 910 -11.64 45.17 37.58
N ALA B 911 -12.67 46.02 37.47
CA ALA B 911 -13.31 46.26 36.18
C ALA B 911 -12.38 46.92 35.19
N ASN B 912 -11.56 47.88 35.65
CA ASN B 912 -10.60 48.53 34.77
C ASN B 912 -9.51 47.57 34.31
N GLN B 913 -9.04 46.70 35.21
CA GLN B 913 -8.04 45.70 34.84
C GLN B 913 -8.60 44.70 33.84
N PHE B 914 -9.86 44.30 34.01
CA PHE B 914 -10.51 43.40 33.07
C PHE B 914 -10.65 44.03 31.69
N ASN B 915 -11.10 45.29 31.64
CA ASN B 915 -11.27 45.99 30.37
C ASN B 915 -9.95 46.21 29.66
N SER B 916 -8.91 46.58 30.41
CA SER B 916 -7.59 46.77 29.82
C SER B 916 -7.00 45.46 29.33
N ALA B 917 -7.27 44.36 30.03
CA ALA B 917 -6.77 43.05 29.58
C ALA B 917 -7.47 42.59 28.32
N ILE B 918 -8.78 42.86 28.19
CA ILE B 918 -9.49 42.52 26.96
C ILE B 918 -8.99 43.35 25.78
N GLY B 919 -8.75 44.65 26.01
CA GLY B 919 -8.20 45.49 24.96
C GLY B 919 -6.79 45.09 24.55
N LYS B 920 -5.96 44.69 25.52
CA LYS B 920 -4.64 44.18 25.22
C LYS B 920 -4.70 42.87 24.46
N ILE B 921 -5.70 42.04 24.74
CA ILE B 921 -5.88 40.78 24.02
C ILE B 921 -6.20 41.06 22.56
N GLN B 922 -7.07 42.06 22.32
CA GLN B 922 -7.40 42.46 20.96
C GLN B 922 -6.19 43.00 20.21
N ASP B 923 -5.39 43.83 20.88
CA ASP B 923 -4.19 44.39 20.25
C ASP B 923 -3.15 43.32 19.97
N SER B 924 -2.95 42.37 20.88
CA SER B 924 -1.94 41.33 20.69
C SER B 924 -2.37 40.32 19.63
N LEU B 925 -3.68 40.10 19.47
CA LEU B 925 -4.13 39.27 18.36
C LEU B 925 -4.01 40.01 17.04
N SER B 926 -4.25 41.33 17.03
CA SER B 926 -4.14 42.09 15.80
C SER B 926 -2.69 42.34 15.39
N SER B 927 -1.74 42.23 16.32
CA SER B 927 -0.35 42.55 16.02
C SER B 927 0.44 41.32 15.59
N THR B 928 0.47 40.29 16.42
CA THR B 928 1.31 39.12 16.17
C THR B 928 0.74 38.27 15.05
N PRO B 929 1.48 38.01 13.98
CA PRO B 929 0.91 37.30 12.82
C PRO B 929 0.81 35.80 13.02
N SER B 930 1.67 35.22 13.85
CA SER B 930 1.71 33.79 14.08
C SER B 930 0.89 33.36 15.30
N ALA B 931 -0.11 34.17 15.68
CA ALA B 931 -0.93 33.82 16.84
C ALA B 931 -1.86 32.65 16.52
N LEU B 932 -2.50 32.67 15.36
CA LEU B 932 -3.40 31.60 14.95
C LEU B 932 -2.66 30.59 14.07
N GLY B 933 -1.60 30.03 14.64
CA GLY B 933 -0.77 29.10 13.89
C GLY B 933 -1.37 27.73 13.73
N LYS B 934 -2.16 27.27 14.69
CA LYS B 934 -2.68 25.90 14.66
C LYS B 934 -3.76 25.72 13.60
N LEU B 935 -4.69 26.66 13.52
CA LEU B 935 -5.76 26.58 12.53
C LEU B 935 -5.22 26.73 11.11
N GLN B 936 -4.27 27.65 10.93
CA GLN B 936 -3.60 27.80 9.64
C GLN B 936 -2.78 26.56 9.30
N ASP B 937 -2.19 25.90 10.30
CA ASP B 937 -1.47 24.66 10.06
C ASP B 937 -2.40 23.55 9.59
N VAL B 938 -3.60 23.48 10.16
CA VAL B 938 -4.59 22.49 9.75
C VAL B 938 -5.01 22.73 8.30
N VAL B 939 -5.30 24.00 7.97
CA VAL B 939 -5.70 24.36 6.61
C VAL B 939 -4.59 24.09 5.61
N ASN B 940 -3.35 24.44 5.97
CA ASN B 940 -2.20 24.22 5.10
C ASN B 940 -1.92 22.74 4.89
N GLN B 941 -2.09 21.93 5.94
CA GLN B 941 -1.88 20.49 5.82
C GLN B 941 -2.90 19.85 4.90
N ASN B 942 -4.17 20.25 5.02
CA ASN B 942 -5.20 19.69 4.15
C ASN B 942 -5.00 20.11 2.69
N ALA B 943 -4.65 21.38 2.46
CA ALA B 943 -4.40 21.85 1.10
C ALA B 943 -3.17 21.20 0.49
N GLN B 944 -2.12 20.99 1.30
CA GLN B 944 -0.91 20.34 0.83
C GLN B 944 -1.17 18.88 0.48
N ALA B 945 -2.00 18.20 1.28
CA ALA B 945 -2.35 16.81 0.98
C ALA B 945 -3.13 16.70 -0.32
N LEU B 946 -4.09 17.61 -0.54
CA LEU B 946 -4.85 17.58 -1.79
C LEU B 946 -3.99 17.92 -3.00
N ASN B 947 -3.06 18.87 -2.85
CA ASN B 947 -2.18 19.22 -3.96
C ASN B 947 -1.17 18.12 -4.25
N THR B 948 -0.71 17.40 -3.23
CA THR B 948 0.15 16.24 -3.45
C THR B 948 -0.60 15.12 -4.16
N LEU B 949 -1.87 14.93 -3.81
CA LEU B 949 -2.70 13.95 -4.50
C LEU B 949 -2.90 14.31 -5.97
N VAL B 950 -3.06 15.60 -6.26
CA VAL B 950 -3.18 16.05 -7.65
C VAL B 950 -1.86 15.86 -8.40
N LYS B 951 -0.75 16.25 -7.77
CA LYS B 951 0.56 16.18 -8.43
C LYS B 951 1.07 14.76 -8.60
N GLN B 952 0.54 13.80 -7.84
CA GLN B 952 0.96 12.41 -7.99
C GLN B 952 0.39 11.74 -9.23
N LEU B 953 -0.50 12.41 -9.97
CA LEU B 953 -1.02 11.88 -11.22
C LEU B 953 -0.01 11.97 -12.37
N SER B 954 1.12 12.66 -12.17
CA SER B 954 2.16 12.77 -13.17
C SER B 954 3.19 11.66 -13.10
N SER B 955 3.10 10.78 -12.11
CA SER B 955 4.04 9.68 -11.97
C SER B 955 3.73 8.58 -12.97
N ASN B 956 4.77 7.81 -13.31
CA ASN B 956 4.62 6.71 -14.26
C ASN B 956 4.34 5.39 -13.58
N PHE B 957 4.82 5.22 -12.34
CA PHE B 957 4.67 4.00 -11.53
C PHE B 957 5.21 2.76 -12.24
N GLY B 958 6.29 2.92 -13.01
CA GLY B 958 6.86 1.83 -13.75
C GLY B 958 6.26 1.58 -15.10
N ALA B 959 5.26 2.35 -15.51
CA ALA B 959 4.68 2.21 -16.83
C ALA B 959 5.46 3.05 -17.83
N ILE B 960 5.00 3.05 -19.08
CA ILE B 960 5.69 3.80 -20.12
C ILE B 960 5.33 5.27 -20.15
N SER B 961 4.27 5.65 -19.44
CA SER B 961 3.79 7.03 -19.47
C SER B 961 2.95 7.28 -18.23
N SER B 962 2.50 8.54 -18.09
CA SER B 962 1.56 8.92 -17.05
C SER B 962 0.21 9.33 -17.60
N VAL B 963 0.11 9.59 -18.90
CA VAL B 963 -1.14 9.97 -19.53
C VAL B 963 -1.86 8.71 -19.96
N LEU B 964 -3.15 8.62 -19.62
CA LEU B 964 -3.96 7.48 -20.03
C LEU B 964 -4.15 7.48 -21.55
N ASN B 965 -4.43 8.64 -22.11
CA ASN B 965 -4.78 8.74 -23.52
C ASN B 965 -3.59 8.53 -24.43
N ASP B 966 -2.38 8.87 -23.96
CA ASP B 966 -1.19 8.64 -24.75
C ASP B 966 -0.86 7.15 -24.82
N ILE B 967 -1.11 6.42 -23.73
CA ILE B 967 -0.98 4.97 -23.73
C ILE B 967 -2.03 4.33 -24.63
N LEU B 968 -3.28 4.82 -24.55
CA LEU B 968 -4.36 4.23 -25.32
C LEU B 968 -4.26 4.52 -26.81
N SER B 969 -3.53 5.57 -27.22
CA SER B 969 -3.42 5.91 -28.62
C SER B 969 -2.20 5.30 -29.29
N ARG B 970 -1.36 4.58 -28.54
CA ARG B 970 -0.19 3.93 -29.11
C ARG B 970 -0.20 2.42 -28.98
N LEU B 971 -1.10 1.86 -28.18
CA LEU B 971 -1.10 0.43 -27.90
C LEU B 971 -2.50 -0.15 -28.10
N ASP B 972 -2.52 -1.38 -28.60
CA ASP B 972 -3.72 -2.19 -28.61
C ASP B 972 -4.06 -2.60 -27.17
N PRO B 973 -5.34 -2.93 -26.90
CA PRO B 973 -5.77 -3.22 -25.51
C PRO B 973 -5.01 -4.33 -24.79
N PRO B 974 -4.47 -5.38 -25.46
CA PRO B 974 -3.53 -6.26 -24.71
C PRO B 974 -2.28 -5.59 -24.19
N GLU B 975 -1.49 -4.93 -25.06
CA GLU B 975 -0.29 -4.27 -24.56
C GLU B 975 -0.59 -2.97 -23.81
N ALA B 976 -1.76 -2.37 -24.05
CA ALA B 976 -2.14 -1.21 -23.26
C ALA B 976 -2.51 -1.61 -21.84
N GLU B 977 -3.11 -2.80 -21.67
CA GLU B 977 -3.69 -3.23 -20.40
C GLU B 977 -2.65 -3.35 -19.29
N VAL B 978 -1.42 -3.73 -19.63
CA VAL B 978 -0.35 -3.84 -18.64
C VAL B 978 0.01 -2.45 -18.09
N GLN B 979 0.14 -1.47 -18.98
CA GLN B 979 0.47 -0.11 -18.55
C GLN B 979 -0.69 0.53 -17.78
N ILE B 980 -1.92 0.27 -18.21
CA ILE B 980 -3.08 0.79 -17.50
C ILE B 980 -3.17 0.16 -16.11
N ASP B 981 -2.81 -1.12 -16.00
CA ASP B 981 -2.80 -1.79 -14.69
C ASP B 981 -1.73 -1.22 -13.77
N ARG B 982 -0.56 -0.88 -14.33
CA ARG B 982 0.48 -0.22 -13.54
C ARG B 982 0.03 1.15 -13.03
N LEU B 983 -0.61 1.94 -13.91
CA LEU B 983 -1.12 3.25 -13.50
C LEU B 983 -2.24 3.12 -12.47
N ILE B 984 -3.10 2.10 -12.62
CA ILE B 984 -4.19 1.85 -11.68
C ILE B 984 -3.65 1.49 -10.31
N THR B 985 -2.62 0.62 -10.27
CA THR B 985 -2.02 0.23 -8.99
C THR B 985 -1.34 1.42 -8.32
N GLY B 986 -0.63 2.25 -9.09
CA GLY B 986 0.03 3.41 -8.51
C GLY B 986 -0.95 4.45 -7.99
N ARG B 987 -2.00 4.74 -8.74
CA ARG B 987 -2.97 5.74 -8.30
C ARG B 987 -3.83 5.22 -7.14
N LEU B 988 -4.09 3.91 -7.10
CA LEU B 988 -4.76 3.31 -5.96
C LEU B 988 -3.89 3.40 -4.71
N GLN B 989 -2.58 3.20 -4.86
CA GLN B 989 -1.67 3.36 -3.72
C GLN B 989 -1.63 4.81 -3.24
N SER B 990 -1.65 5.77 -4.17
CA SER B 990 -1.69 7.18 -3.80
C SER B 990 -2.96 7.53 -3.04
N LEU B 991 -4.10 7.02 -3.50
CA LEU B 991 -5.37 7.28 -2.81
C LEU B 991 -5.41 6.63 -1.44
N GLN B 992 -4.87 5.41 -1.32
CA GLN B 992 -4.84 4.73 -0.03
C GLN B 992 -3.94 5.45 0.97
N THR B 993 -2.80 5.96 0.50
CA THR B 993 -1.91 6.74 1.35
C THR B 993 -2.58 8.02 1.82
N TYR B 994 -3.29 8.71 0.91
CA TYR B 994 -4.02 9.92 1.27
C TYR B 994 -5.10 9.65 2.30
N VAL B 995 -5.84 8.56 2.14
CA VAL B 995 -6.94 8.23 3.05
C VAL B 995 -6.38 7.84 4.43
N THR B 996 -5.26 7.12 4.47
CA THR B 996 -4.65 6.75 5.74
C THR B 996 -4.14 7.98 6.49
N GLN B 997 -3.47 8.90 5.80
CA GLN B 997 -3.01 10.13 6.44
C GLN B 997 -4.18 11.00 6.90
N GLN B 998 -5.27 11.01 6.13
CA GLN B 998 -6.46 11.75 6.54
C GLN B 998 -7.11 11.14 7.77
N LEU B 999 -7.09 9.82 7.89
CA LEU B 999 -7.63 9.15 9.07
C LEU B 999 -6.81 9.47 10.32
N ILE B 1000 -5.48 9.45 10.20
CA ILE B 1000 -4.64 9.79 11.34
C ILE B 1000 -4.81 11.26 11.74
N ARG B 1001 -4.88 12.16 10.75
CA ARG B 1001 -5.10 13.57 11.02
C ARG B 1001 -6.47 13.82 11.63
N ALA B 1002 -7.49 13.07 11.20
CA ALA B 1002 -8.83 13.20 11.77
C ALA B 1002 -8.88 12.69 13.19
N ALA B 1003 -8.11 11.66 13.52
CA ALA B 1003 -8.00 11.22 14.92
C ALA B 1003 -7.38 12.30 15.79
N GLU B 1004 -6.34 12.97 15.28
CA GLU B 1004 -5.73 14.07 16.03
C GLU B 1004 -6.70 15.24 16.21
N ILE B 1005 -7.46 15.57 15.16
CA ILE B 1005 -8.45 16.64 15.22
C ILE B 1005 -9.58 16.27 16.18
N ARG B 1006 -9.97 15.00 16.22
CA ARG B 1006 -11.00 14.54 17.14
C ARG B 1006 -10.53 14.65 18.59
N ALA B 1007 -9.26 14.35 18.85
CA ALA B 1007 -8.71 14.54 20.18
C ALA B 1007 -8.71 16.02 20.58
N SER B 1008 -8.33 16.89 19.65
CA SER B 1008 -8.35 18.33 19.91
C SER B 1008 -9.76 18.84 20.15
N ALA B 1009 -10.74 18.31 19.41
CA ALA B 1009 -12.12 18.75 19.57
C ALA B 1009 -12.73 18.24 20.86
N ASN B 1010 -12.35 17.03 21.30
CA ASN B 1010 -12.78 16.53 22.59
C ASN B 1010 -12.21 17.38 23.72
N LEU B 1011 -10.94 17.79 23.59
CA LEU B 1011 -10.35 18.69 24.57
C LEU B 1011 -11.06 20.05 24.57
N ALA B 1012 -11.41 20.56 23.39
CA ALA B 1012 -12.10 21.85 23.31
C ALA B 1012 -13.50 21.78 23.90
N ALA B 1013 -14.20 20.67 23.69
CA ALA B 1013 -15.51 20.48 24.31
C ALA B 1013 -15.41 20.37 25.82
N THR B 1014 -14.37 19.69 26.33
CA THR B 1014 -14.14 19.62 27.77
C THR B 1014 -13.83 21.00 28.35
N LYS B 1015 -13.04 21.81 27.63
CA LYS B 1015 -12.73 23.15 28.09
C LYS B 1015 -13.94 24.07 28.05
N MET B 1016 -14.81 23.89 27.06
CA MET B 1016 -16.06 24.65 27.03
C MET B 1016 -16.97 24.26 28.19
N SER B 1017 -17.01 22.96 28.53
CA SER B 1017 -17.82 22.53 29.65
C SER B 1017 -17.27 23.02 30.99
N GLU B 1018 -15.96 22.96 31.19
CA GLU B 1018 -15.40 23.17 32.52
C GLU B 1018 -14.86 24.57 32.75
N CYS B 1019 -14.50 25.30 31.71
CA CYS B 1019 -14.01 26.67 31.87
C CYS B 1019 -15.07 27.72 31.61
N VAL B 1020 -15.94 27.51 30.64
CA VAL B 1020 -16.96 28.49 30.29
C VAL B 1020 -18.23 28.29 31.11
N LEU B 1021 -18.70 27.05 31.20
CA LEU B 1021 -19.93 26.74 31.90
C LEU B 1021 -19.73 26.57 33.40
N GLY B 1022 -18.51 26.66 33.89
CA GLY B 1022 -18.25 26.55 35.32
C GLY B 1022 -16.93 27.21 35.65
N GLN B 1023 -16.55 27.11 36.92
CA GLN B 1023 -15.27 27.59 37.41
C GLN B 1023 -14.43 26.38 37.79
N SER B 1024 -13.24 26.29 37.23
CA SER B 1024 -12.41 25.10 37.34
C SER B 1024 -11.38 25.26 38.44
N LYS B 1025 -11.23 24.22 39.25
CA LYS B 1025 -10.17 24.12 40.24
C LYS B 1025 -8.93 23.40 39.71
N ARG B 1026 -8.98 22.90 38.48
CA ARG B 1026 -7.86 22.20 37.89
C ARG B 1026 -6.78 23.21 37.48
N VAL B 1027 -5.54 22.92 37.88
CA VAL B 1027 -4.45 23.86 37.65
C VAL B 1027 -4.05 23.82 36.18
N ASP B 1028 -3.95 25.01 35.57
CA ASP B 1028 -3.51 25.28 34.20
C ASP B 1028 -4.44 24.70 33.15
N PHE B 1029 -5.66 24.30 33.52
CA PHE B 1029 -6.61 23.82 32.53
C PHE B 1029 -7.33 24.95 31.83
N CYS B 1030 -7.56 26.05 32.54
CA CYS B 1030 -8.25 27.22 32.01
C CYS B 1030 -7.41 28.46 32.23
N GLY B 1031 -6.15 28.39 31.82
CA GLY B 1031 -5.26 29.53 31.88
C GLY B 1031 -4.26 29.43 33.01
N LYS B 1032 -3.35 30.41 33.03
CA LYS B 1032 -2.30 30.49 34.04
C LYS B 1032 -2.76 31.41 35.16
N GLY B 1033 -2.82 30.87 36.38
CA GLY B 1033 -3.32 31.62 37.50
C GLY B 1033 -4.50 30.93 38.15
N TYR B 1034 -5.21 31.63 39.03
CA TYR B 1034 -6.41 31.08 39.64
C TYR B 1034 -7.60 31.45 38.77
N HIS B 1035 -8.25 30.44 38.22
CA HIS B 1035 -9.24 30.64 37.17
C HIS B 1035 -10.51 31.30 37.72
N LEU B 1036 -10.90 32.41 37.09
CA LEU B 1036 -12.14 33.08 37.43
C LEU B 1036 -13.25 32.71 36.45
N MET B 1037 -13.06 32.99 35.17
CA MET B 1037 -14.08 32.65 34.17
C MET B 1037 -13.42 32.50 32.81
N SER B 1038 -14.22 32.17 31.81
CA SER B 1038 -13.72 32.00 30.46
C SER B 1038 -14.81 32.38 29.47
N PHE B 1039 -14.38 32.86 28.30
CA PHE B 1039 -15.29 33.29 27.26
C PHE B 1039 -14.91 32.60 25.95
N PRO B 1040 -15.86 32.01 25.24
CA PRO B 1040 -15.56 31.42 23.94
C PRO B 1040 -15.67 32.43 22.80
N GLN B 1041 -14.90 32.19 21.76
CA GLN B 1041 -14.97 32.95 20.52
C GLN B 1041 -14.82 31.98 19.37
N SER B 1042 -15.66 32.11 18.35
CA SER B 1042 -15.57 31.26 17.18
C SER B 1042 -14.39 31.69 16.31
N ALA B 1043 -13.76 30.72 15.67
CA ALA B 1043 -12.64 30.95 14.78
C ALA B 1043 -12.80 29.99 13.61
N PRO B 1044 -12.20 30.32 12.43
CA PRO B 1044 -12.26 29.39 11.30
C PRO B 1044 -11.66 28.03 11.62
N HIS B 1045 -12.54 27.03 11.61
CA HIS B 1045 -12.25 25.64 12.01
C HIS B 1045 -11.71 25.54 13.43
N GLY B 1046 -12.21 26.36 14.35
CA GLY B 1046 -11.71 26.23 15.70
C GLY B 1046 -12.37 27.17 16.69
N VAL B 1047 -11.84 27.14 17.91
CA VAL B 1047 -12.37 27.93 19.01
C VAL B 1047 -11.21 28.63 19.70
N VAL B 1048 -11.47 29.84 20.20
CA VAL B 1048 -10.51 30.60 20.97
C VAL B 1048 -11.12 30.89 22.32
N PHE B 1049 -10.47 30.45 23.38
CA PHE B 1049 -10.92 30.67 24.74
C PHE B 1049 -10.15 31.83 25.35
N LEU B 1050 -10.88 32.82 25.85
CA LEU B 1050 -10.29 33.91 26.64
C LEU B 1050 -10.46 33.55 28.10
N HIS B 1051 -9.36 33.19 28.75
CA HIS B 1051 -9.36 32.78 30.14
C HIS B 1051 -9.07 33.98 31.01
N VAL B 1052 -10.01 34.32 31.89
CA VAL B 1052 -9.84 35.36 32.90
C VAL B 1052 -9.43 34.68 34.19
N THR B 1053 -8.23 34.99 34.66
CA THR B 1053 -7.64 34.38 35.84
C THR B 1053 -7.17 35.46 36.80
N TYR B 1054 -6.95 35.03 38.04
CA TYR B 1054 -6.49 35.86 39.15
C TYR B 1054 -5.03 35.54 39.38
N VAL B 1055 -4.17 36.55 39.35
CA VAL B 1055 -2.75 36.39 39.60
C VAL B 1055 -2.39 37.19 40.84
N PRO B 1056 -1.82 36.59 41.87
CA PRO B 1056 -1.35 37.37 43.03
C PRO B 1056 -0.19 38.28 42.65
N ALA B 1057 -0.08 39.40 43.35
CA ALA B 1057 0.95 40.38 43.02
C ALA B 1057 1.32 41.16 44.26
N GLN B 1058 2.54 41.71 44.22
CA GLN B 1058 3.12 42.59 45.25
C GLN B 1058 3.15 41.89 46.62
N GLU B 1059 3.91 40.81 46.68
CA GLU B 1059 4.01 40.02 47.89
C GLU B 1059 4.88 40.71 48.94
N LYS B 1060 4.65 40.32 50.20
CA LYS B 1060 5.40 40.88 51.31
C LYS B 1060 5.81 39.76 52.25
N ASN B 1061 6.96 39.96 52.90
CA ASN B 1061 7.48 39.04 53.89
C ASN B 1061 6.81 39.26 55.25
N PHE B 1062 6.49 38.15 55.93
CA PHE B 1062 5.98 38.21 57.29
C PHE B 1062 6.55 37.05 58.06
N THR B 1063 6.61 37.21 59.40
CA THR B 1063 6.93 36.08 60.26
C THR B 1063 5.67 35.27 60.48
N THR B 1064 5.80 33.96 60.54
CA THR B 1064 4.62 33.11 60.67
C THR B 1064 4.83 32.09 61.78
N ALA B 1065 3.71 31.59 62.30
CA ALA B 1065 3.70 30.58 63.33
C ALA B 1065 2.61 29.57 63.04
N PRO B 1066 2.82 28.29 63.39
CA PRO B 1066 1.75 27.31 63.17
C PRO B 1066 0.59 27.46 64.13
N ALA B 1067 0.84 27.85 65.37
CA ALA B 1067 -0.20 27.96 66.37
C ALA B 1067 0.17 29.04 67.36
N ILE B 1068 -0.81 29.44 68.17
CA ILE B 1068 -0.63 30.51 69.15
C ILE B 1068 -1.12 30.00 70.50
N CYS B 1069 -0.28 30.15 71.52
CA CYS B 1069 -0.58 29.72 72.88
C CYS B 1069 -1.03 30.93 73.68
N HIS B 1070 -2.24 30.86 74.23
CA HIS B 1070 -2.77 31.97 75.01
C HIS B 1070 -2.98 31.62 76.48
N ASP B 1071 -3.76 30.59 76.78
CA ASP B 1071 -4.10 30.25 78.15
C ASP B 1071 -3.73 28.80 78.45
N GLY B 1072 -2.55 28.39 78.02
CA GLY B 1072 -2.17 27.00 78.12
C GLY B 1072 -2.89 26.11 77.14
N LYS B 1073 -3.37 26.67 76.04
CA LYS B 1073 -3.99 25.89 74.98
C LYS B 1073 -3.57 26.44 73.64
N ALA B 1074 -3.46 25.55 72.65
CA ALA B 1074 -3.04 25.94 71.31
C ALA B 1074 -4.23 26.45 70.52
N HIS B 1075 -4.00 27.51 69.75
CA HIS B 1075 -5.02 28.10 68.88
C HIS B 1075 -4.55 28.01 67.45
N PHE B 1076 -5.44 27.56 66.57
CA PHE B 1076 -5.16 27.39 65.16
C PHE B 1076 -6.13 28.23 64.35
N PRO B 1077 -5.73 28.77 63.21
CA PRO B 1077 -6.65 29.61 62.43
C PRO B 1077 -7.75 28.80 61.79
N ARG B 1078 -8.95 29.38 61.75
CA ARG B 1078 -10.07 28.71 61.12
C ARG B 1078 -9.92 28.71 59.60
N GLU B 1079 -9.85 29.89 59.00
CA GLU B 1079 -9.58 30.06 57.57
C GLU B 1079 -8.55 31.19 57.45
N GLY B 1080 -7.28 30.83 57.51
CA GLY B 1080 -6.26 31.85 57.39
C GLY B 1080 -4.92 31.37 57.90
N VAL B 1081 -4.05 32.34 58.19
CA VAL B 1081 -2.68 32.09 58.59
C VAL B 1081 -2.27 33.20 59.54
N PHE B 1082 -1.56 32.83 60.61
CA PHE B 1082 -0.99 33.80 61.53
C PHE B 1082 0.22 34.47 60.90
N VAL B 1083 0.26 35.80 60.99
CA VAL B 1083 1.38 36.58 60.47
C VAL B 1083 1.80 37.59 61.51
N SER B 1084 3.03 38.05 61.38
CA SER B 1084 3.61 39.06 62.25
C SER B 1084 4.40 40.03 61.40
N ASN B 1085 4.16 41.32 61.61
CA ASN B 1085 4.87 42.40 60.96
C ASN B 1085 6.15 42.78 61.71
N GLY B 1086 6.45 42.09 62.80
CA GLY B 1086 7.64 42.35 63.58
C GLY B 1086 7.34 42.50 65.05
N THR B 1087 6.22 43.16 65.37
CA THR B 1087 5.81 43.38 66.75
C THR B 1087 4.49 42.70 67.08
N HIS B 1088 3.48 42.84 66.24
CA HIS B 1088 2.14 42.39 66.54
C HIS B 1088 1.75 41.21 65.66
N TRP B 1089 0.86 40.37 66.18
CA TRP B 1089 0.42 39.16 65.51
C TRP B 1089 -1.01 39.32 65.04
N PHE B 1090 -1.27 38.93 63.79
CA PHE B 1090 -2.59 38.99 63.18
C PHE B 1090 -2.89 37.65 62.53
N VAL B 1091 -4.13 37.50 62.08
CA VAL B 1091 -4.53 36.40 61.22
C VAL B 1091 -5.05 37.00 59.92
N THR B 1092 -4.76 36.35 58.80
CA THR B 1092 -5.15 36.88 57.51
C THR B 1092 -5.56 35.74 56.60
N GLN B 1093 -6.31 36.07 55.55
CA GLN B 1093 -6.57 35.11 54.50
C GLN B 1093 -5.29 34.86 53.70
N ARG B 1094 -5.22 33.68 53.09
CA ARG B 1094 -3.95 33.21 52.55
C ARG B 1094 -3.57 33.88 51.22
N ASN B 1095 -4.55 34.26 50.41
CA ASN B 1095 -4.28 34.77 49.07
C ASN B 1095 -4.35 36.28 48.97
N PHE B 1096 -4.59 36.97 50.08
CA PHE B 1096 -4.68 38.43 50.08
C PHE B 1096 -4.35 38.91 51.49
N TYR B 1097 -3.51 39.93 51.59
CA TYR B 1097 -3.10 40.42 52.90
C TYR B 1097 -4.23 41.26 53.49
N GLU B 1098 -4.84 40.75 54.57
CA GLU B 1098 -5.89 41.46 55.28
C GLU B 1098 -5.77 41.13 56.75
N PRO B 1099 -4.91 41.84 57.48
CA PRO B 1099 -4.64 41.47 58.87
C PRO B 1099 -5.80 41.82 59.79
N GLN B 1100 -6.08 40.90 60.72
CA GLN B 1100 -7.17 41.08 61.66
C GLN B 1100 -6.71 40.64 63.05
N ILE B 1101 -7.38 41.18 64.06
CA ILE B 1101 -7.08 40.84 65.44
C ILE B 1101 -7.46 39.38 65.70
N ILE B 1102 -6.54 38.63 66.30
CA ILE B 1102 -6.77 37.22 66.58
C ILE B 1102 -7.78 37.10 67.72
N THR B 1103 -8.98 36.63 67.39
CA THR B 1103 -10.04 36.45 68.37
C THR B 1103 -10.39 34.98 68.48
N THR B 1104 -11.38 34.69 69.32
CA THR B 1104 -11.88 33.33 69.45
C THR B 1104 -12.79 32.94 68.30
N ASP B 1105 -13.26 33.90 67.50
CA ASP B 1105 -14.01 33.60 66.29
C ASP B 1105 -13.10 33.29 65.12
N ASN B 1106 -11.89 33.86 65.10
CA ASN B 1106 -10.94 33.59 64.04
C ASN B 1106 -10.24 32.25 64.21
N THR B 1107 -10.23 31.69 65.41
CA THR B 1107 -9.39 30.55 65.76
C THR B 1107 -10.23 29.44 66.37
N PHE B 1108 -9.62 28.26 66.47
CA PHE B 1108 -10.18 27.15 67.23
C PHE B 1108 -9.08 26.55 68.10
N VAL B 1109 -9.50 25.84 69.14
CA VAL B 1109 -8.62 25.34 70.18
C VAL B 1109 -8.49 23.83 70.03
N SER B 1110 -7.26 23.32 70.06
CA SER B 1110 -7.02 21.88 70.06
C SER B 1110 -5.78 21.60 70.90
N GLY B 1111 -5.97 20.98 72.06
CA GLY B 1111 -4.86 20.58 72.89
C GLY B 1111 -4.23 21.73 73.66
N ASN B 1112 -2.99 21.50 74.10
CA ASN B 1112 -2.22 22.48 74.83
C ASN B 1112 -0.96 22.82 74.04
N CYS B 1113 -0.07 23.59 74.66
CA CYS B 1113 1.07 24.20 73.98
C CYS B 1113 2.35 23.40 74.13
N ASP B 1114 2.24 22.06 74.20
CA ASP B 1114 3.42 21.22 74.35
C ASP B 1114 3.74 20.36 73.14
N VAL B 1115 2.78 20.15 72.26
CA VAL B 1115 2.95 19.24 71.12
C VAL B 1115 3.38 19.98 69.87
N VAL B 1116 2.85 21.18 69.66
CA VAL B 1116 3.05 21.91 68.40
C VAL B 1116 4.46 22.50 68.41
N ILE B 1117 5.24 22.19 67.38
CA ILE B 1117 6.60 22.71 67.26
C ILE B 1117 6.53 24.09 66.64
N GLY B 1118 7.07 25.08 67.33
CA GLY B 1118 7.06 26.45 66.84
C GLY B 1118 5.89 27.28 67.29
N ILE B 1119 5.20 26.89 68.36
CA ILE B 1119 4.08 27.67 68.87
C ILE B 1119 4.61 28.98 69.47
N VAL B 1120 3.81 30.03 69.36
CA VAL B 1120 4.22 31.38 69.69
C VAL B 1120 3.27 31.94 70.73
N ASN B 1121 3.81 32.50 71.81
CA ASN B 1121 3.01 33.11 72.87
C ASN B 1121 2.39 34.41 72.36
N ASN B 1122 1.06 34.48 72.40
CA ASN B 1122 0.35 35.70 72.07
C ASN B 1122 -1.02 35.64 72.74
N THR B 1123 -1.68 36.79 72.80
CA THR B 1123 -3.00 36.88 73.40
C THR B 1123 -4.08 36.68 72.34
N VAL B 1124 -5.17 36.03 72.76
CA VAL B 1124 -6.34 35.81 71.91
C VAL B 1124 -7.48 36.56 72.55
N TYR B 1125 -7.98 37.59 71.86
CA TYR B 1125 -8.95 38.51 72.45
C TYR B 1125 -10.34 37.89 72.42
N ASP B 1126 -10.95 37.77 73.59
CA ASP B 1126 -12.31 37.25 73.69
C ASP B 1126 -13.29 38.40 73.57
N PRO B 1127 -14.16 38.43 72.55
CA PRO B 1127 -15.13 39.52 72.43
C PRO B 1127 -16.29 39.45 73.41
N LEU B 1128 -16.39 38.39 74.22
CA LEU B 1128 -17.51 38.25 75.14
C LEU B 1128 -17.37 39.15 76.35
N GLN B 1129 -16.15 39.46 76.78
CA GLN B 1129 -16.02 40.27 78.00
C GLN B 1129 -15.25 41.60 77.88
N PRO B 1130 -15.44 42.43 76.84
CA PRO B 1130 -15.38 43.87 77.10
C PRO B 1130 -16.73 44.38 77.55
N GLU B 1131 -17.79 43.66 77.16
CA GLU B 1131 -19.13 44.01 77.58
C GLU B 1131 -19.36 43.67 79.05
N LEU B 1132 -18.89 42.51 79.49
CA LEU B 1132 -19.12 42.06 80.85
C LEU B 1132 -18.06 42.61 81.80
N GLN C 1 32.30 -63.04 -10.01
CA GLN C 1 31.00 -63.63 -10.29
C GLN C 1 30.07 -63.47 -9.09
N CYS C 2 28.76 -63.51 -9.36
CA CYS C 2 27.77 -63.32 -8.31
C CYS C 2 27.67 -64.56 -7.43
N VAL C 3 27.63 -64.34 -6.12
CA VAL C 3 27.54 -65.41 -5.13
C VAL C 3 26.36 -65.12 -4.23
N ASN C 4 25.41 -66.06 -4.17
CA ASN C 4 24.24 -65.94 -3.29
C ASN C 4 24.58 -66.58 -1.95
N LEU C 5 25.28 -65.83 -1.12
CA LEU C 5 25.66 -66.30 0.22
C LEU C 5 24.71 -65.67 1.24
N THR C 6 23.86 -66.49 1.84
CA THR C 6 23.03 -65.97 2.92
C THR C 6 23.61 -66.31 4.29
N THR C 7 23.55 -67.61 4.66
CA THR C 7 23.88 -68.23 5.95
C THR C 7 23.53 -67.36 7.16
N ARG C 8 22.36 -66.71 7.12
CA ARG C 8 21.99 -65.65 8.04
C ARG C 8 20.92 -66.14 9.01
N THR C 9 20.85 -65.47 10.15
CA THR C 9 19.78 -65.68 11.13
C THR C 9 18.78 -64.53 10.99
N GLN C 10 17.55 -64.86 10.62
CA GLN C 10 16.55 -63.85 10.29
C GLN C 10 15.99 -63.24 11.57
N LEU C 11 16.32 -61.97 11.81
CA LEU C 11 15.86 -61.19 12.94
C LEU C 11 15.01 -60.01 12.45
N PRO C 12 14.07 -59.52 13.26
CA PRO C 12 13.25 -58.38 12.84
C PRO C 12 14.07 -57.12 12.73
N PRO C 13 13.68 -56.17 11.87
CA PRO C 13 14.43 -54.93 11.74
C PRO C 13 14.28 -54.03 12.96
N ALA C 14 15.28 -53.16 13.13
CA ALA C 14 15.35 -52.25 14.26
C ALA C 14 15.20 -50.80 13.79
N TYR C 15 14.77 -49.95 14.71
CA TYR C 15 14.57 -48.54 14.43
C TYR C 15 15.23 -47.71 15.52
N THR C 16 15.72 -46.53 15.14
CA THR C 16 16.50 -45.70 16.03
C THR C 16 16.11 -44.25 15.80
N ASN C 17 15.99 -43.48 16.88
CA ASN C 17 15.67 -42.07 16.76
C ASN C 17 16.85 -41.30 16.15
N SER C 18 16.56 -40.47 15.16
CA SER C 18 17.53 -39.54 14.59
C SER C 18 17.21 -38.16 15.14
N PHE C 19 17.90 -37.79 16.21
CA PHE C 19 17.58 -36.63 17.02
C PHE C 19 17.69 -35.30 16.29
N THR C 20 18.91 -34.92 15.91
CA THR C 20 19.20 -33.60 15.37
C THR C 20 20.16 -33.74 14.19
N ARG C 21 19.89 -34.67 13.30
CA ARG C 21 20.80 -34.99 12.20
C ARG C 21 20.18 -34.62 10.87
N GLY C 22 20.94 -34.84 9.79
CA GLY C 22 20.45 -34.58 8.46
C GLY C 22 20.44 -33.13 8.04
N VAL C 23 21.17 -32.28 8.75
CA VAL C 23 21.23 -30.86 8.42
C VAL C 23 22.50 -30.61 7.60
N TYR C 24 22.33 -30.02 6.43
CA TYR C 24 23.44 -29.73 5.52
C TYR C 24 23.41 -28.24 5.17
N TYR C 25 24.49 -27.78 4.56
CA TYR C 25 24.53 -26.40 4.08
C TYR C 25 23.66 -26.27 2.85
N PRO C 26 22.65 -25.38 2.85
CA PRO C 26 21.74 -25.31 1.70
C PRO C 26 22.33 -24.64 0.49
N ASP C 27 23.28 -23.73 0.65
CA ASP C 27 23.92 -23.06 -0.47
C ASP C 27 25.42 -22.99 -0.20
N LYS C 28 26.12 -22.23 -1.04
CA LYS C 28 27.56 -22.05 -0.93
C LYS C 28 27.89 -20.60 -0.56
N VAL C 29 27.12 -20.03 0.36
CA VAL C 29 27.20 -18.62 0.73
C VAL C 29 27.59 -18.54 2.19
N PHE C 30 28.64 -17.77 2.49
CA PHE C 30 29.08 -17.58 3.87
C PHE C 30 28.10 -16.69 4.61
N ARG C 31 27.64 -17.16 5.77
CA ARG C 31 26.88 -16.35 6.72
C ARG C 31 27.45 -16.58 8.10
N SER C 32 27.42 -15.55 8.93
CA SER C 32 27.97 -15.65 10.27
C SER C 32 27.12 -14.85 11.25
N SER C 33 26.94 -15.42 12.46
CA SER C 33 26.22 -14.81 13.58
C SER C 33 24.79 -14.43 13.21
N VAL C 34 24.09 -15.34 12.54
CA VAL C 34 22.76 -15.04 12.02
C VAL C 34 21.90 -16.30 12.07
N LEU C 35 20.61 -16.10 12.31
CA LEU C 35 19.63 -17.17 12.28
C LEU C 35 18.91 -17.10 10.93
N HIS C 36 19.21 -18.06 10.06
CA HIS C 36 18.75 -18.03 8.68
C HIS C 36 17.71 -19.12 8.44
N SER C 37 16.57 -18.73 7.88
CA SER C 37 15.49 -19.66 7.59
C SER C 37 15.55 -20.10 6.15
N THR C 38 15.35 -21.39 5.90
CA THR C 38 15.42 -21.95 4.56
C THR C 38 14.38 -23.04 4.42
N GLN C 39 14.08 -23.39 3.17
CA GLN C 39 13.12 -24.45 2.84
C GLN C 39 13.79 -25.41 1.87
N ASP C 40 13.99 -26.64 2.30
CA ASP C 40 14.72 -27.61 1.46
C ASP C 40 14.32 -29.02 1.88
N LEU C 41 14.87 -30.00 1.17
CA LEU C 41 14.65 -31.41 1.47
C LEU C 41 15.54 -31.78 2.65
N PHE C 42 14.97 -31.80 3.84
CA PHE C 42 15.71 -32.10 5.06
C PHE C 42 15.17 -33.35 5.71
N LEU C 43 16.02 -34.02 6.48
CA LEU C 43 15.56 -35.11 7.33
C LEU C 43 14.87 -34.51 8.55
N PRO C 44 13.61 -34.84 8.82
CA PRO C 44 12.89 -34.21 9.94
C PRO C 44 13.44 -34.62 11.29
N PHE C 45 13.27 -33.72 12.26
CA PHE C 45 13.81 -33.93 13.59
C PHE C 45 13.04 -35.03 14.32
N PHE C 46 13.79 -35.87 15.04
CA PHE C 46 13.26 -36.98 15.85
C PHE C 46 12.42 -37.96 15.02
N SER C 47 12.86 -38.19 13.79
CA SER C 47 12.24 -39.20 12.94
C SER C 47 12.95 -40.53 13.11
N ASN C 48 12.18 -41.61 13.13
CA ASN C 48 12.76 -42.93 13.29
C ASN C 48 13.41 -43.36 11.98
N VAL C 49 14.64 -43.85 12.08
CA VAL C 49 15.40 -44.31 10.93
C VAL C 49 15.64 -45.79 11.09
N THR C 50 15.79 -46.49 9.96
CA THR C 50 15.96 -47.92 9.98
C THR C 50 17.41 -48.27 10.26
N TRP C 51 17.62 -49.30 11.07
CA TRP C 51 18.90 -49.65 11.65
C TRP C 51 19.33 -51.01 11.09
N PHE C 52 20.55 -51.08 10.58
CA PHE C 52 21.09 -52.28 9.98
C PHE C 52 22.45 -52.57 10.56
N HIS C 53 22.75 -53.85 10.78
CA HIS C 53 23.95 -54.27 11.48
C HIS C 53 24.84 -55.13 10.59
N ALA C 54 26.05 -55.38 11.09
CA ALA C 54 26.94 -56.38 10.50
C ALA C 54 27.77 -56.93 11.66
N ILE C 55 27.46 -58.17 12.07
CA ILE C 55 28.01 -58.73 13.31
C ILE C 55 28.19 -60.24 13.12
N HIS C 56 29.10 -60.81 13.91
CA HIS C 56 29.40 -62.25 14.00
C HIS C 56 29.83 -62.87 12.67
N LYS C 64 26.09 -63.96 10.44
CA LYS C 64 24.84 -63.92 11.18
C LYS C 64 23.92 -62.81 10.68
N ARG C 65 24.44 -61.58 10.67
CA ARG C 65 23.72 -60.44 10.14
C ARG C 65 24.59 -59.76 9.09
N PHE C 66 24.18 -59.84 7.83
CA PHE C 66 24.86 -59.20 6.71
C PHE C 66 23.83 -58.60 5.76
N ASP C 67 22.84 -57.91 6.33
CA ASP C 67 21.72 -57.45 5.52
C ASP C 67 22.11 -56.21 4.71
N ASN C 68 21.89 -56.30 3.39
CA ASN C 68 22.08 -55.17 2.48
C ASN C 68 20.87 -55.11 1.55
N PRO C 69 19.70 -54.75 2.06
CA PRO C 69 18.47 -54.85 1.25
C PRO C 69 18.34 -53.69 0.27
N VAL C 70 17.44 -53.88 -0.69
CA VAL C 70 17.10 -52.85 -1.65
C VAL C 70 16.00 -51.99 -1.04
N LEU C 71 16.33 -50.74 -0.74
CA LEU C 71 15.46 -49.80 -0.09
C LEU C 71 14.96 -48.76 -1.08
N PRO C 72 13.80 -48.15 -0.84
CA PRO C 72 13.37 -47.03 -1.70
C PRO C 72 14.25 -45.81 -1.51
N PHE C 73 14.22 -44.92 -2.50
CA PHE C 73 14.98 -43.68 -2.46
C PHE C 73 14.14 -42.49 -2.08
N ASN C 74 12.88 -42.45 -2.53
CA ASN C 74 11.87 -41.44 -2.22
C ASN C 74 12.36 -40.08 -2.69
N ASP C 75 12.48 -39.07 -1.83
CA ASP C 75 12.90 -37.73 -2.23
C ASP C 75 14.33 -37.42 -1.78
N GLY C 76 15.13 -38.43 -1.52
CA GLY C 76 16.47 -38.24 -0.99
C GLY C 76 16.71 -39.13 0.21
N VAL C 77 17.97 -39.40 0.53
CA VAL C 77 18.29 -40.39 1.55
C VAL C 77 19.36 -39.83 2.48
N TYR C 78 19.13 -39.95 3.79
CA TYR C 78 20.16 -39.74 4.79
C TYR C 78 20.75 -41.09 5.16
N PHE C 79 22.07 -41.22 5.02
CA PHE C 79 22.79 -42.46 5.28
C PHE C 79 23.84 -42.19 6.36
N ALA C 80 23.70 -42.84 7.52
CA ALA C 80 24.68 -42.75 8.58
C ALA C 80 25.38 -44.09 8.73
N SER C 81 26.68 -44.07 9.04
CA SER C 81 27.43 -45.30 9.21
C SER C 81 28.37 -45.15 10.39
N THR C 82 28.23 -46.03 11.38
CA THR C 82 29.17 -46.15 12.49
C THR C 82 30.06 -47.36 12.23
N GLU C 83 31.36 -47.11 12.09
CA GLU C 83 32.30 -48.11 11.62
C GLU C 83 33.58 -48.07 12.45
N LYS C 84 34.27 -49.21 12.46
CA LYS C 84 35.64 -49.28 12.96
C LYS C 84 36.57 -50.08 12.06
N SER C 85 36.06 -50.71 10.99
CA SER C 85 36.89 -51.61 10.19
C SER C 85 36.70 -51.44 8.69
N ASN C 86 36.05 -50.35 8.26
CA ASN C 86 35.83 -50.00 6.85
C ASN C 86 35.05 -51.09 6.10
N ILE C 87 33.82 -51.31 6.54
CA ILE C 87 32.96 -52.33 5.93
C ILE C 87 32.08 -51.72 4.84
N ILE C 88 31.44 -50.60 5.13
CA ILE C 88 30.61 -49.92 4.13
C ILE C 88 31.53 -49.27 3.10
N ARG C 89 31.37 -49.64 1.84
CA ARG C 89 32.25 -49.17 0.78
C ARG C 89 31.56 -48.31 -0.27
N GLY C 90 30.24 -48.29 -0.34
CA GLY C 90 29.57 -47.51 -1.36
C GLY C 90 28.13 -47.94 -1.50
N TRP C 91 27.49 -47.41 -2.53
CA TRP C 91 26.07 -47.63 -2.75
C TRP C 91 25.76 -47.83 -4.23
N ILE C 92 24.53 -48.31 -4.45
CA ILE C 92 23.97 -48.64 -5.75
C ILE C 92 22.65 -47.90 -5.86
N PHE C 93 22.48 -47.10 -6.92
CA PHE C 93 21.27 -46.32 -7.12
C PHE C 93 20.67 -46.67 -8.48
N GLY C 94 19.36 -46.75 -8.55
CA GLY C 94 18.72 -47.04 -9.82
C GLY C 94 17.23 -47.20 -9.68
N THR C 95 16.62 -47.84 -10.68
CA THR C 95 15.20 -48.17 -10.64
C THR C 95 14.97 -49.68 -10.63
N THR C 96 15.46 -50.40 -11.63
CA THR C 96 15.26 -51.84 -11.71
C THR C 96 16.52 -52.64 -11.41
N LEU C 97 17.69 -51.99 -11.44
CA LEU C 97 19.00 -52.57 -11.08
C LEU C 97 19.35 -53.79 -11.94
N ASP C 98 19.03 -53.72 -13.23
CA ASP C 98 19.46 -54.73 -14.19
C ASP C 98 19.91 -54.01 -15.45
N SER C 99 20.12 -54.78 -16.52
CA SER C 99 20.64 -54.24 -17.77
C SER C 99 19.62 -53.41 -18.55
N LYS C 100 18.35 -53.43 -18.14
CA LYS C 100 17.32 -52.70 -18.87
C LYS C 100 17.31 -51.20 -18.59
N THR C 101 17.97 -50.76 -17.51
CA THR C 101 17.99 -49.35 -17.13
C THR C 101 19.42 -48.95 -16.78
N GLN C 102 19.61 -47.66 -16.53
CA GLN C 102 20.90 -47.11 -16.15
C GLN C 102 20.95 -46.93 -14.64
N SER C 103 22.10 -47.27 -14.05
CA SER C 103 22.27 -47.27 -12.60
C SER C 103 23.61 -46.66 -12.24
N LEU C 104 23.67 -46.09 -11.03
CA LEU C 104 24.84 -45.40 -10.51
C LEU C 104 25.51 -46.25 -9.45
N LEU C 105 26.76 -46.60 -9.69
CA LEU C 105 27.62 -47.30 -8.75
C LEU C 105 28.60 -46.30 -8.14
N ILE C 106 28.62 -46.22 -6.81
CA ILE C 106 29.66 -45.50 -6.07
C ILE C 106 30.33 -46.54 -5.19
N VAL C 107 31.64 -46.71 -5.32
CA VAL C 107 32.32 -47.77 -4.60
C VAL C 107 33.73 -47.32 -4.23
N ASN C 108 34.23 -47.89 -3.13
CA ASN C 108 35.62 -47.77 -2.70
C ASN C 108 36.16 -49.20 -2.66
N ASN C 109 36.94 -49.57 -3.68
CA ASN C 109 37.48 -50.93 -3.78
C ASN C 109 38.86 -51.07 -3.15
N ALA C 110 39.14 -50.27 -2.10
CA ALA C 110 40.35 -50.21 -1.28
C ALA C 110 41.57 -49.68 -2.03
N THR C 111 41.43 -49.27 -3.27
CA THR C 111 42.51 -48.59 -3.98
C THR C 111 42.09 -47.28 -4.61
N ASN C 112 40.86 -47.21 -5.14
CA ASN C 112 40.34 -46.01 -5.76
C ASN C 112 38.88 -45.82 -5.35
N VAL C 113 38.33 -44.67 -5.70
CA VAL C 113 36.91 -44.40 -5.57
C VAL C 113 36.33 -44.36 -6.97
N VAL C 114 35.46 -45.31 -7.28
CA VAL C 114 34.91 -45.48 -8.62
C VAL C 114 33.45 -45.02 -8.60
N ILE C 115 33.12 -44.06 -9.46
CA ILE C 115 31.76 -43.57 -9.64
C ILE C 115 31.41 -43.78 -11.11
N LYS C 116 30.59 -44.79 -11.39
CA LYS C 116 30.21 -45.10 -12.76
C LYS C 116 28.70 -45.09 -12.89
N VAL C 117 28.20 -44.64 -14.05
CA VAL C 117 26.76 -44.63 -14.30
C VAL C 117 26.53 -45.47 -15.55
N CYS C 118 26.30 -46.78 -15.35
CA CYS C 118 26.18 -47.70 -16.48
C CYS C 118 24.98 -48.61 -16.30
N GLU C 119 24.69 -49.38 -17.35
CA GLU C 119 23.63 -50.38 -17.34
C GLU C 119 24.16 -51.68 -16.73
N PHE C 120 24.36 -51.64 -15.42
CA PHE C 120 24.91 -52.79 -14.72
C PHE C 120 23.86 -53.88 -14.56
N GLN C 121 24.26 -55.12 -14.82
CA GLN C 121 23.47 -56.29 -14.42
C GLN C 121 23.93 -56.68 -13.04
N PHE C 122 23.23 -56.18 -12.03
CA PHE C 122 23.66 -56.32 -10.65
C PHE C 122 23.37 -57.72 -10.12
N CYS C 123 24.23 -58.17 -9.22
CA CYS C 123 24.02 -59.45 -8.55
C CYS C 123 22.89 -59.33 -7.53
N ASN C 124 22.34 -60.49 -7.16
CA ASN C 124 21.32 -60.52 -6.11
C ASN C 124 21.92 -60.16 -4.76
N ASP C 125 23.14 -60.62 -4.50
CA ASP C 125 23.89 -60.29 -3.28
C ASP C 125 25.18 -59.61 -3.69
N PRO C 126 25.21 -58.28 -3.78
CA PRO C 126 26.43 -57.59 -4.20
C PRO C 126 27.36 -57.27 -3.03
N PHE C 127 28.63 -57.66 -3.10
CA PHE C 127 29.52 -57.40 -1.97
C PHE C 127 30.98 -57.34 -2.40
N LEU C 128 31.80 -56.78 -1.53
CA LEU C 128 33.24 -56.78 -1.66
C LEU C 128 33.83 -57.73 -0.63
N GLY C 129 35.12 -58.02 -0.76
CA GLY C 129 35.73 -58.99 0.12
C GLY C 129 37.13 -58.68 0.58
N VAL C 130 37.39 -58.89 1.87
CA VAL C 130 38.72 -58.76 2.45
C VAL C 130 39.11 -60.12 3.02
N TYR C 131 40.31 -60.57 2.70
CA TYR C 131 40.82 -61.83 3.23
C TYR C 131 41.75 -61.59 4.41
N SER C 138 48.04 -59.64 7.76
CA SER C 138 47.88 -59.00 6.46
C SER C 138 46.49 -59.25 5.89
N TRP C 139 45.79 -58.17 5.54
CA TRP C 139 44.44 -58.24 4.98
C TRP C 139 44.50 -57.71 3.55
N MET C 140 44.40 -58.62 2.59
CA MET C 140 44.41 -58.27 1.18
C MET C 140 42.99 -58.28 0.61
N GLU C 141 42.67 -57.28 -0.21
CA GLU C 141 41.38 -57.21 -0.87
C GLU C 141 41.28 -58.33 -1.92
N SER C 142 40.20 -59.09 -1.86
CA SER C 142 40.09 -60.33 -2.64
C SER C 142 39.00 -60.26 -3.70
N GLU C 143 37.75 -59.97 -3.32
CA GLU C 143 36.61 -60.15 -4.20
C GLU C 143 35.89 -58.83 -4.45
N PHE C 144 35.31 -58.72 -5.65
CA PHE C 144 34.55 -57.55 -6.10
C PHE C 144 33.36 -58.10 -6.88
N ARG C 145 32.24 -58.33 -6.18
CA ARG C 145 31.11 -59.11 -6.68
C ARG C 145 29.83 -58.29 -6.57
N VAL C 146 29.87 -57.10 -7.17
CA VAL C 146 28.71 -56.20 -7.19
C VAL C 146 27.89 -56.38 -8.45
N TYR C 147 28.52 -56.39 -9.63
CA TYR C 147 27.82 -56.53 -10.90
C TYR C 147 28.49 -57.60 -11.75
N SER C 148 27.82 -57.94 -12.86
CA SER C 148 28.35 -58.92 -13.79
C SER C 148 28.64 -58.36 -15.17
N SER C 149 28.03 -57.23 -15.56
CA SER C 149 28.28 -56.63 -16.86
C SER C 149 28.05 -55.12 -16.77
N ALA C 150 28.64 -54.39 -17.72
CA ALA C 150 28.45 -52.95 -17.82
C ALA C 150 28.73 -52.59 -19.28
N ASN C 151 27.66 -52.36 -20.06
CA ASN C 151 27.75 -52.40 -21.52
C ASN C 151 27.86 -51.03 -22.16
N ASN C 152 26.86 -50.17 -21.99
CA ASN C 152 26.82 -48.87 -22.65
C ASN C 152 26.68 -47.79 -21.58
N CYS C 153 27.65 -46.88 -21.52
CA CYS C 153 27.53 -45.80 -20.54
C CYS C 153 28.29 -44.54 -20.94
N THR C 154 28.06 -43.50 -20.13
CA THR C 154 28.47 -42.13 -20.38
C THR C 154 29.35 -41.55 -19.31
N PHE C 155 29.08 -41.80 -18.03
CA PHE C 155 29.78 -41.15 -16.93
C PHE C 155 30.64 -42.16 -16.18
N GLU C 156 31.92 -41.83 -16.02
CA GLU C 156 32.88 -42.67 -15.32
C GLU C 156 33.90 -41.76 -14.65
N TYR C 157 34.15 -41.99 -13.37
CA TYR C 157 35.16 -41.26 -12.62
C TYR C 157 35.94 -42.24 -11.76
N VAL C 158 37.26 -42.15 -11.81
CA VAL C 158 38.15 -42.92 -10.95
C VAL C 158 39.08 -41.93 -10.26
N SER C 159 39.12 -41.97 -8.93
CA SER C 159 39.91 -41.01 -8.17
C SER C 159 41.38 -41.41 -8.17
N GLN C 160 42.18 -40.63 -7.45
CA GLN C 160 43.61 -40.92 -7.31
C GLN C 160 43.80 -42.17 -6.45
N PRO C 161 44.84 -42.97 -6.72
CA PRO C 161 45.07 -44.18 -5.94
C PRO C 161 45.47 -43.91 -4.51
N PHE C 162 45.13 -44.85 -3.63
CA PHE C 162 45.49 -44.78 -2.22
C PHE C 162 45.57 -46.19 -1.66
N LEU C 163 46.24 -46.31 -0.52
CA LEU C 163 46.28 -47.54 0.24
C LEU C 163 45.36 -47.37 1.45
N MET C 164 44.38 -48.25 1.56
CA MET C 164 43.28 -48.09 2.51
C MET C 164 43.39 -49.18 3.56
N ASP C 165 43.29 -48.79 4.83
CA ASP C 165 43.56 -49.68 5.95
C ASP C 165 42.38 -50.62 6.15
N LEU C 166 42.53 -51.86 5.74
CA LEU C 166 41.55 -52.91 6.01
C LEU C 166 42.10 -53.81 7.11
N GLU C 167 41.37 -53.88 8.22
CA GLU C 167 41.73 -54.71 9.37
C GLU C 167 40.50 -54.82 10.25
N GLY C 168 40.22 -56.03 10.72
CA GLY C 168 39.10 -56.24 11.62
C GLY C 168 39.44 -55.77 13.03
N LYS C 169 39.44 -54.46 13.23
CA LYS C 169 39.90 -53.85 14.47
C LYS C 169 38.94 -54.16 15.62
N GLN C 170 39.45 -53.98 16.83
CA GLN C 170 38.76 -54.36 18.05
C GLN C 170 38.32 -53.12 18.83
N GLY C 171 37.23 -53.26 19.57
CA GLY C 171 36.78 -52.19 20.44
C GLY C 171 35.47 -51.56 20.01
N ASN C 172 35.43 -50.24 20.00
CA ASN C 172 34.22 -49.48 19.73
C ASN C 172 34.22 -48.96 18.30
N PHE C 173 33.06 -48.45 17.88
CA PHE C 173 32.94 -47.80 16.58
C PHE C 173 33.65 -46.46 16.63
N LYS C 174 34.74 -46.33 15.85
CA LYS C 174 35.60 -45.17 15.95
C LYS C 174 35.20 -44.03 15.03
N ASN C 175 34.56 -44.33 13.90
CA ASN C 175 34.26 -43.32 12.90
C ASN C 175 32.78 -43.29 12.59
N LEU C 176 32.25 -42.09 12.40
CA LEU C 176 30.88 -41.88 11.98
C LEU C 176 30.88 -41.08 10.69
N ARG C 177 30.17 -41.59 9.68
CA ARG C 177 30.11 -40.93 8.38
C ARG C 177 28.66 -40.73 8.00
N GLU C 178 28.27 -39.49 7.77
CA GLU C 178 26.89 -39.15 7.41
C GLU C 178 26.86 -38.56 6.02
N PHE C 179 25.85 -38.96 5.25
CA PHE C 179 25.68 -38.56 3.86
C PHE C 179 24.23 -38.17 3.63
N VAL C 180 24.04 -37.21 2.73
CA VAL C 180 22.72 -36.86 2.21
C VAL C 180 22.80 -36.96 0.70
N PHE C 181 21.92 -37.79 0.12
CA PHE C 181 21.83 -37.99 -1.32
C PHE C 181 20.53 -37.37 -1.83
N LYS C 182 20.66 -36.54 -2.87
CA LYS C 182 19.51 -35.97 -3.55
C LYS C 182 19.67 -36.18 -5.05
N ASN C 183 18.54 -36.25 -5.76
CA ASN C 183 18.54 -36.44 -7.21
C ASN C 183 17.57 -35.43 -7.82
N ILE C 184 18.07 -34.22 -8.10
CA ILE C 184 17.25 -33.13 -8.59
C ILE C 184 17.78 -32.67 -9.94
N ASP C 185 16.88 -32.65 -10.95
CA ASP C 185 17.14 -32.09 -12.28
C ASP C 185 18.32 -32.75 -12.98
N GLY C 186 18.44 -34.07 -12.84
CA GLY C 186 19.56 -34.78 -13.40
C GLY C 186 20.86 -34.63 -12.64
N TYR C 187 20.84 -34.03 -11.45
CA TYR C 187 22.03 -33.85 -10.65
C TYR C 187 21.90 -34.69 -9.38
N PHE C 188 22.89 -35.55 -9.16
CA PHE C 188 23.02 -36.31 -7.92
C PHE C 188 23.88 -35.49 -6.96
N LYS C 189 23.24 -34.88 -5.98
CA LYS C 189 23.94 -34.05 -5.01
C LYS C 189 24.28 -34.89 -3.80
N ILE C 190 25.57 -34.95 -3.46
CA ILE C 190 26.07 -35.67 -2.31
C ILE C 190 26.63 -34.65 -1.33
N TYR C 191 26.11 -34.68 -0.11
CA TYR C 191 26.61 -33.92 1.03
C TYR C 191 27.14 -34.92 2.04
N SER C 192 28.24 -34.58 2.71
CA SER C 192 28.85 -35.55 3.61
C SER C 192 29.51 -34.86 4.79
N LYS C 193 29.67 -35.62 5.87
CA LYS C 193 30.46 -35.20 7.01
C LYS C 193 31.00 -36.43 7.74
N HIS C 194 32.17 -36.26 8.36
CA HIS C 194 32.82 -37.31 9.13
C HIS C 194 33.07 -36.80 10.55
N THR C 195 32.92 -37.69 11.53
CA THR C 195 33.09 -37.34 12.93
C THR C 195 33.78 -38.47 13.67
N PRO C 196 34.83 -38.17 14.45
CA PRO C 196 35.40 -39.19 15.34
C PRO C 196 34.45 -39.44 16.52
N ILE C 197 34.10 -40.72 16.72
CA ILE C 197 33.14 -41.11 17.74
C ILE C 197 33.73 -42.26 18.55
N ASN C 198 33.13 -42.48 19.72
CA ASN C 198 33.47 -43.65 20.54
C ASN C 198 32.22 -44.03 21.34
N LEU C 199 31.44 -44.96 20.79
CA LEU C 199 30.31 -45.54 21.50
C LEU C 199 30.16 -46.99 21.04
N VAL C 200 29.19 -47.69 21.63
CA VAL C 200 29.12 -49.14 21.46
C VAL C 200 28.31 -49.51 20.23
N ARG C 201 27.03 -49.16 20.22
CA ARG C 201 26.14 -49.75 19.22
C ARG C 201 25.14 -48.81 18.56
N ASP C 202 24.84 -47.65 19.12
CA ASP C 202 23.71 -46.86 18.66
C ASP C 202 24.18 -45.68 17.83
N LEU C 203 23.21 -44.95 17.28
CA LEU C 203 23.47 -43.71 16.55
C LEU C 203 23.58 -42.57 17.55
N PRO C 204 24.66 -41.80 17.56
CA PRO C 204 24.87 -40.80 18.61
C PRO C 204 23.95 -39.60 18.47
N GLN C 205 23.61 -39.01 19.61
CA GLN C 205 22.92 -37.73 19.64
C GLN C 205 23.93 -36.60 19.47
N GLY C 206 23.54 -35.59 18.73
CA GLY C 206 24.40 -34.43 18.53
C GLY C 206 24.03 -33.72 17.24
N PHE C 207 24.81 -32.68 16.94
CA PHE C 207 24.62 -31.90 15.74
C PHE C 207 25.89 -31.91 14.90
N SER C 208 25.72 -32.02 13.59
CA SER C 208 26.82 -31.90 12.65
C SER C 208 26.28 -31.31 11.36
N ALA C 209 26.91 -30.26 10.87
CA ALA C 209 26.52 -29.63 9.62
C ALA C 209 27.24 -30.32 8.47
N LEU C 210 26.48 -30.90 7.54
CA LEU C 210 27.06 -31.68 6.44
C LEU C 210 27.48 -30.73 5.33
N GLU C 211 28.79 -30.55 5.16
CA GLU C 211 29.29 -29.73 4.08
C GLU C 211 29.10 -30.44 2.74
N PRO C 212 28.86 -29.68 1.66
CA PRO C 212 28.64 -30.32 0.35
C PRO C 212 29.89 -31.01 -0.18
N LEU C 213 29.67 -32.17 -0.80
CA LEU C 213 30.76 -32.97 -1.35
C LEU C 213 30.84 -32.86 -2.86
N VAL C 214 29.76 -33.20 -3.57
CA VAL C 214 29.83 -33.28 -5.03
C VAL C 214 28.44 -33.12 -5.64
N ASP C 215 28.39 -32.71 -6.91
CA ASP C 215 27.20 -32.74 -7.75
C ASP C 215 27.56 -33.49 -9.03
N LEU C 216 26.95 -34.67 -9.23
CA LEU C 216 27.26 -35.50 -10.39
C LEU C 216 26.17 -35.36 -11.43
N PRO C 217 26.47 -34.98 -12.66
CA PRO C 217 25.43 -34.86 -13.71
C PRO C 217 25.09 -36.21 -14.33
N ILE C 218 24.34 -37.03 -13.58
CA ILE C 218 24.13 -38.41 -14.01
C ILE C 218 22.92 -38.52 -14.95
N GLY C 219 21.88 -37.73 -14.72
CA GLY C 219 20.72 -37.70 -15.60
C GLY C 219 19.93 -38.98 -15.71
N ILE C 220 19.76 -39.71 -14.61
CA ILE C 220 19.05 -40.98 -14.62
C ILE C 220 17.89 -40.93 -13.63
N ASN C 221 17.05 -41.96 -13.70
CA ASN C 221 15.91 -42.13 -12.82
C ASN C 221 16.28 -43.06 -11.67
N ILE C 222 16.05 -42.62 -10.45
CA ILE C 222 16.46 -43.35 -9.25
C ILE C 222 15.26 -43.48 -8.32
N THR C 223 14.90 -44.72 -8.00
CA THR C 223 13.81 -44.98 -7.06
C THR C 223 14.26 -45.91 -5.94
N ARG C 224 15.27 -46.74 -6.19
CA ARG C 224 15.76 -47.72 -5.23
C ARG C 224 17.27 -47.61 -5.09
N PHE C 225 17.77 -48.06 -3.94
CA PHE C 225 19.19 -47.99 -3.64
C PHE C 225 19.56 -49.14 -2.70
N GLN C 226 20.85 -49.47 -2.68
CA GLN C 226 21.33 -50.63 -1.95
C GLN C 226 22.79 -50.43 -1.59
N THR C 227 23.13 -50.62 -0.32
CA THR C 227 24.50 -50.41 0.12
C THR C 227 25.38 -51.60 -0.26
N LEU C 228 26.69 -51.41 -0.14
CA LEU C 228 27.68 -52.43 -0.43
C LEU C 228 28.58 -52.59 0.78
N LEU C 229 28.66 -53.80 1.31
CA LEU C 229 29.48 -54.10 2.48
C LEU C 229 30.65 -54.99 2.08
N ALA C 230 31.57 -55.18 3.01
CA ALA C 230 32.76 -55.99 2.79
C ALA C 230 32.73 -57.22 3.71
N LEU C 231 33.53 -58.22 3.34
CA LEU C 231 33.62 -59.45 4.11
C LEU C 231 34.82 -59.44 5.04
N ARG C 233 36.06 -63.03 5.57
CA ARG C 233 36.48 -64.23 4.86
C ARG C 233 37.90 -64.64 5.24
N SER C 234 38.03 -65.80 5.87
CA SER C 234 39.33 -66.29 6.31
C SER C 234 39.35 -67.81 6.37
N SER C 241 32.64 -73.70 1.62
CA SER C 241 32.53 -73.35 0.22
C SER C 241 32.68 -71.85 0.03
N SER C 242 32.07 -71.33 -1.05
CA SER C 242 32.08 -69.89 -1.28
C SER C 242 31.22 -69.14 -0.28
N SER C 243 30.21 -69.79 0.28
CA SER C 243 29.43 -69.19 1.37
C SER C 243 29.94 -69.62 2.73
N GLY C 244 31.26 -69.48 2.93
CA GLY C 244 31.86 -69.60 4.24
C GLY C 244 32.66 -68.36 4.56
N TRP C 245 32.18 -67.55 5.51
CA TRP C 245 32.70 -66.21 5.69
C TRP C 245 32.29 -65.70 7.06
N THR C 246 32.90 -64.59 7.45
CA THR C 246 32.54 -63.87 8.66
C THR C 246 32.32 -62.40 8.33
N ALA C 247 31.51 -61.72 9.14
CA ALA C 247 31.16 -60.34 8.91
C ALA C 247 31.80 -59.48 9.99
N GLY C 248 32.57 -58.47 9.56
CA GLY C 248 33.09 -57.50 10.50
C GLY C 248 31.99 -56.62 11.04
N ALA C 249 32.21 -56.09 12.25
CA ALA C 249 31.18 -55.32 12.94
C ALA C 249 31.06 -53.93 12.31
N ALA C 250 29.83 -53.56 11.95
CA ALA C 250 29.53 -52.24 11.43
C ALA C 250 28.04 -51.98 11.63
N ALA C 251 27.64 -50.71 11.51
CA ALA C 251 26.22 -50.41 11.54
C ALA C 251 25.93 -49.25 10.60
N TYR C 252 24.75 -49.27 9.99
CA TYR C 252 24.32 -48.13 9.19
C TYR C 252 22.83 -47.88 9.41
N TYR C 253 22.44 -46.65 9.10
CA TYR C 253 21.13 -46.09 9.43
C TYR C 253 20.61 -45.34 8.23
N VAL C 254 19.36 -45.61 7.87
CA VAL C 254 18.76 -45.04 6.65
C VAL C 254 17.52 -44.26 7.05
N GLY C 255 17.49 -42.97 6.65
CA GLY C 255 16.32 -42.14 6.82
C GLY C 255 16.00 -41.40 5.53
N TYR C 256 14.84 -40.74 5.51
CA TYR C 256 14.33 -40.15 4.28
C TYR C 256 14.04 -38.66 4.48
N LEU C 257 14.28 -37.88 3.42
CA LEU C 257 14.13 -36.44 3.48
C LEU C 257 12.75 -36.02 2.97
N GLN C 258 12.23 -34.95 3.54
CA GLN C 258 10.96 -34.35 3.19
C GLN C 258 11.16 -32.85 3.01
N PRO C 259 10.29 -32.18 2.21
CA PRO C 259 10.39 -30.72 2.10
C PRO C 259 9.99 -30.01 3.38
N ARG C 260 10.96 -29.44 4.08
CA ARG C 260 10.76 -28.84 5.38
C ARG C 260 11.39 -27.46 5.42
N THR C 261 10.86 -26.63 6.31
CA THR C 261 11.44 -25.32 6.62
C THR C 261 12.28 -25.45 7.89
N PHE C 262 13.55 -25.13 7.78
CA PHE C 262 14.49 -25.21 8.89
C PHE C 262 14.99 -23.81 9.23
N LEU C 263 15.31 -23.61 10.50
CA LEU C 263 15.95 -22.39 10.97
C LEU C 263 17.35 -22.74 11.46
N LEU C 264 18.36 -22.40 10.66
CA LEU C 264 19.74 -22.71 10.99
C LEU C 264 20.39 -21.56 11.73
N LYS C 265 21.38 -21.88 12.55
CA LYS C 265 22.12 -20.89 13.32
C LYS C 265 23.56 -20.89 12.87
N TYR C 266 24.04 -19.73 12.40
CA TYR C 266 25.43 -19.54 12.02
C TYR C 266 26.12 -18.75 13.12
N ASN C 267 27.18 -19.32 13.69
CA ASN C 267 27.90 -18.68 14.77
C ASN C 267 28.92 -17.70 14.21
N GLU C 268 29.85 -17.24 15.06
CA GLU C 268 30.80 -16.20 14.67
C GLU C 268 31.84 -16.68 13.67
N ASN C 269 32.04 -17.98 13.54
CA ASN C 269 33.00 -18.53 12.60
C ASN C 269 32.36 -19.01 11.30
N GLY C 270 31.05 -18.87 11.16
CA GLY C 270 30.36 -19.27 9.95
C GLY C 270 29.97 -20.72 9.86
N THR C 271 30.01 -21.46 10.98
CA THR C 271 29.64 -22.86 11.01
C THR C 271 28.21 -23.00 11.51
N ILE C 272 27.41 -23.83 10.84
CA ILE C 272 26.07 -24.13 11.32
C ILE C 272 26.18 -25.03 12.55
N THR C 273 25.71 -24.53 13.70
CA THR C 273 25.86 -25.23 14.97
C THR C 273 24.55 -25.69 15.58
N ASP C 274 23.41 -25.16 15.15
CA ASP C 274 22.12 -25.55 15.71
C ASP C 274 21.04 -25.31 14.67
N ALA C 275 19.91 -25.98 14.85
CA ALA C 275 18.81 -25.86 13.90
C ALA C 275 17.48 -26.08 14.61
N VAL C 276 16.42 -25.57 13.99
CA VAL C 276 15.05 -25.75 14.45
C VAL C 276 14.24 -26.30 13.28
N ASP C 277 13.60 -27.46 13.50
CA ASP C 277 12.63 -28.01 12.56
C ASP C 277 11.29 -27.34 12.84
N CYS C 278 10.91 -26.40 11.98
CA CYS C 278 9.78 -25.52 12.24
C CYS C 278 8.42 -26.20 12.15
N ALA C 279 8.35 -27.44 11.67
CA ALA C 279 7.10 -28.18 11.58
C ALA C 279 7.08 -29.41 12.48
N LEU C 280 7.94 -29.43 13.51
CA LEU C 280 8.01 -30.60 14.39
C LEU C 280 6.90 -30.56 15.45
N ASP C 281 6.90 -29.52 16.28
CA ASP C 281 5.91 -29.29 17.31
C ASP C 281 5.59 -27.80 17.28
N PRO C 282 4.46 -27.38 17.87
CA PRO C 282 4.14 -25.93 17.91
C PRO C 282 5.17 -25.06 18.63
N LEU C 283 5.94 -25.63 19.56
CA LEU C 283 7.02 -24.87 20.20
C LEU C 283 8.09 -24.47 19.19
N SER C 284 8.46 -25.39 18.29
CA SER C 284 9.45 -25.07 17.27
C SER C 284 8.88 -24.15 16.21
N GLU C 285 7.56 -24.23 15.96
CA GLU C 285 6.95 -23.27 15.05
C GLU C 285 6.96 -21.86 15.65
N THR C 286 6.75 -21.75 16.97
CA THR C 286 6.90 -20.48 17.65
C THR C 286 8.35 -19.99 17.61
N LYS C 287 9.31 -20.91 17.74
CA LYS C 287 10.73 -20.56 17.60
C LYS C 287 11.04 -20.04 16.20
N CYS C 288 10.44 -20.66 15.18
CA CYS C 288 10.64 -20.22 13.80
C CYS C 288 10.00 -18.86 13.55
N THR C 289 8.82 -18.61 14.12
CA THR C 289 8.17 -17.32 13.94
C THR C 289 8.88 -16.21 14.71
N LEU C 290 9.40 -16.52 15.91
CA LEU C 290 10.10 -15.52 16.71
C LEU C 290 11.48 -15.19 16.17
N LYS C 291 12.02 -16.05 15.30
CA LYS C 291 13.41 -16.00 14.82
C LYS C 291 14.39 -15.99 15.99
N SER C 292 14.11 -16.83 16.98
CA SER C 292 14.95 -16.97 18.15
C SER C 292 14.81 -18.38 18.69
N PHE C 293 15.90 -18.90 19.25
CA PHE C 293 15.89 -20.25 19.80
C PHE C 293 15.32 -20.29 21.22
N THR C 294 15.16 -19.15 21.86
CA THR C 294 14.66 -19.06 23.23
C THR C 294 13.30 -18.39 23.24
N VAL C 295 12.36 -18.97 23.98
CA VAL C 295 10.98 -18.52 24.03
C VAL C 295 10.66 -18.09 25.46
N GLU C 296 10.13 -16.88 25.61
CA GLU C 296 9.78 -16.30 26.90
C GLU C 296 8.40 -16.83 27.34
N LYS C 297 8.14 -16.74 28.65
CA LYS C 297 6.90 -17.22 29.24
C LYS C 297 5.69 -16.45 28.70
N GLY C 298 4.68 -17.19 28.28
CA GLY C 298 3.48 -16.56 27.75
C GLY C 298 2.67 -17.56 26.94
N ILE C 299 1.85 -17.01 26.06
CA ILE C 299 1.04 -17.79 25.13
C ILE C 299 1.19 -17.18 23.74
N TYR C 300 1.43 -18.02 22.73
CA TYR C 300 1.79 -17.56 21.40
C TYR C 300 0.89 -18.21 20.37
N GLN C 301 0.38 -17.43 19.43
CA GLN C 301 -0.37 -17.99 18.32
C GLN C 301 0.57 -18.71 17.36
N THR C 302 0.02 -19.66 16.61
CA THR C 302 0.79 -20.42 15.64
C THR C 302 -0.05 -20.57 14.38
N SER C 303 0.38 -21.47 13.49
CA SER C 303 -0.38 -21.75 12.30
C SER C 303 -1.68 -22.47 12.66
N ASN C 304 -2.70 -22.24 11.84
CA ASN C 304 -3.99 -22.87 12.05
C ASN C 304 -3.89 -24.38 11.79
N PHE C 305 -4.85 -25.11 12.33
CA PHE C 305 -4.83 -26.57 12.23
C PHE C 305 -5.15 -26.99 10.80
N ARG C 306 -4.18 -27.62 10.13
CA ARG C 306 -4.33 -28.05 8.76
C ARG C 306 -4.30 -29.57 8.68
N VAL C 307 -5.12 -30.12 7.78
CA VAL C 307 -5.18 -31.55 7.53
C VAL C 307 -4.72 -31.79 6.10
N GLN C 308 -3.78 -32.71 5.93
CA GLN C 308 -3.22 -33.00 4.62
C GLN C 308 -4.15 -33.92 3.83
N PRO C 309 -4.13 -33.81 2.50
CA PRO C 309 -4.92 -34.74 1.68
C PRO C 309 -4.37 -36.16 1.74
N THR C 310 -5.29 -37.12 1.63
CA THR C 310 -4.94 -38.53 1.75
C THR C 310 -4.69 -39.20 0.40
N GLU C 311 -5.48 -38.87 -0.62
CA GLU C 311 -5.33 -39.48 -1.94
C GLU C 311 -5.69 -38.46 -3.00
N SER C 312 -5.67 -38.91 -4.26
CA SER C 312 -5.96 -38.07 -5.40
C SER C 312 -7.16 -38.63 -6.15
N ILE C 313 -7.96 -37.74 -6.72
CA ILE C 313 -9.20 -38.08 -7.40
C ILE C 313 -9.23 -37.36 -8.74
N VAL C 314 -9.49 -38.11 -9.82
CA VAL C 314 -9.68 -37.55 -11.15
C VAL C 314 -11.06 -37.94 -11.62
N ARG C 315 -11.88 -36.95 -11.98
CA ARG C 315 -13.23 -37.17 -12.47
C ARG C 315 -13.39 -36.49 -13.82
N PHE C 316 -13.43 -37.29 -14.88
CA PHE C 316 -13.61 -36.87 -16.26
C PHE C 316 -14.87 -37.52 -16.82
N PRO C 317 -15.51 -36.95 -17.84
CA PRO C 317 -16.68 -37.58 -18.42
C PRO C 317 -16.34 -38.87 -19.17
N ASN C 318 -17.35 -39.73 -19.31
CA ASN C 318 -17.20 -41.00 -20.03
C ASN C 318 -17.16 -40.70 -21.52
N ILE C 319 -15.95 -40.62 -22.08
CA ILE C 319 -15.77 -40.43 -23.51
C ILE C 319 -14.75 -41.45 -23.99
N THR C 320 -15.07 -42.13 -25.10
CA THR C 320 -14.25 -43.22 -25.60
C THR C 320 -13.59 -42.92 -26.94
N ASN C 321 -14.23 -42.15 -27.80
CA ASN C 321 -13.68 -41.87 -29.12
C ASN C 321 -12.49 -40.92 -29.04
N LEU C 322 -11.58 -41.07 -29.98
CA LEU C 322 -10.50 -40.12 -30.14
C LEU C 322 -10.93 -38.98 -31.03
N CYS C 323 -10.30 -37.82 -30.85
CA CYS C 323 -10.64 -36.64 -31.62
C CYS C 323 -10.17 -36.80 -33.06
N PRO C 324 -10.90 -36.24 -34.03
CA PRO C 324 -10.55 -36.45 -35.44
C PRO C 324 -9.28 -35.74 -35.87
N PHE C 325 -8.13 -36.24 -35.41
CA PHE C 325 -6.85 -35.68 -35.82
C PHE C 325 -6.59 -35.95 -37.29
N GLY C 326 -7.01 -37.11 -37.79
CA GLY C 326 -6.87 -37.40 -39.21
C GLY C 326 -7.77 -36.55 -40.08
N GLU C 327 -8.98 -36.25 -39.61
CA GLU C 327 -9.90 -35.46 -40.40
C GLU C 327 -9.53 -33.98 -40.41
N VAL C 328 -8.79 -33.51 -39.41
CA VAL C 328 -8.46 -32.09 -39.29
C VAL C 328 -7.06 -31.83 -39.84
N PHE C 329 -6.07 -32.52 -39.29
CA PHE C 329 -4.68 -32.27 -39.63
C PHE C 329 -4.20 -33.06 -40.84
N ASN C 330 -4.99 -34.01 -41.34
CA ASN C 330 -4.62 -34.79 -42.51
C ASN C 330 -5.74 -34.83 -43.53
N ALA C 331 -6.47 -33.73 -43.68
CA ALA C 331 -7.53 -33.65 -44.67
C ALA C 331 -6.95 -33.58 -46.07
N THR C 332 -7.72 -34.08 -47.04
CA THR C 332 -7.27 -34.09 -48.43
C THR C 332 -7.22 -32.68 -49.00
N ARG C 333 -8.19 -31.85 -48.66
CA ARG C 333 -8.25 -30.47 -49.13
C ARG C 333 -8.40 -29.53 -47.96
N PHE C 334 -7.79 -28.36 -48.08
CA PHE C 334 -7.90 -27.30 -47.09
C PHE C 334 -8.60 -26.10 -47.73
N ALA C 335 -9.26 -25.31 -46.90
CA ALA C 335 -10.00 -24.16 -47.39
C ALA C 335 -9.06 -23.01 -47.72
N SER C 336 -9.59 -22.05 -48.47
CA SER C 336 -8.88 -20.79 -48.69
C SER C 336 -8.96 -19.93 -47.43
N VAL C 337 -8.07 -18.93 -47.36
CA VAL C 337 -7.99 -18.12 -46.15
C VAL C 337 -9.19 -17.18 -46.02
N TYR C 338 -9.72 -16.68 -47.15
CA TYR C 338 -10.90 -15.82 -47.08
C TYR C 338 -12.16 -16.62 -46.75
N ALA C 339 -12.18 -17.92 -47.03
CA ALA C 339 -13.32 -18.78 -46.74
C ALA C 339 -12.88 -19.89 -45.80
N TRP C 340 -12.20 -19.51 -44.71
CA TRP C 340 -11.60 -20.46 -43.80
C TRP C 340 -12.64 -21.35 -43.12
N ASN C 341 -12.31 -22.63 -42.99
CA ASN C 341 -13.30 -23.62 -42.57
C ASN C 341 -13.29 -23.79 -41.06
N ARG C 342 -14.46 -23.71 -40.44
CA ARG C 342 -14.60 -23.90 -39.01
C ARG C 342 -15.33 -25.21 -38.74
N LYS C 343 -14.70 -26.06 -37.93
CA LYS C 343 -15.23 -27.37 -37.60
C LYS C 343 -15.43 -27.48 -36.10
N ARG C 344 -16.58 -28.02 -35.70
CA ARG C 344 -16.89 -28.22 -34.29
C ARG C 344 -16.40 -29.58 -33.84
N ILE C 345 -15.69 -29.60 -32.71
CA ILE C 345 -15.10 -30.82 -32.16
C ILE C 345 -15.75 -31.09 -30.81
N SER C 346 -16.33 -32.28 -30.65
CA SER C 346 -17.01 -32.62 -29.41
C SER C 346 -16.92 -34.12 -29.16
N ASN C 347 -17.03 -34.48 -27.88
CA ASN C 347 -17.21 -35.85 -27.38
C ASN C 347 -16.01 -36.73 -27.71
N CYS C 348 -14.82 -36.28 -27.33
CA CYS C 348 -13.62 -37.03 -27.67
C CYS C 348 -12.48 -36.68 -26.71
N VAL C 349 -11.40 -37.44 -26.86
CA VAL C 349 -10.20 -37.34 -26.03
C VAL C 349 -9.09 -36.73 -26.87
N ALA C 350 -8.50 -35.65 -26.37
CA ALA C 350 -7.45 -34.90 -27.06
C ALA C 350 -6.08 -35.52 -26.77
N ASP C 351 -5.90 -36.72 -27.32
CA ASP C 351 -4.63 -37.42 -27.23
C ASP C 351 -3.80 -37.03 -28.46
N TYR C 352 -3.07 -35.93 -28.35
CA TYR C 352 -2.30 -35.42 -29.47
C TYR C 352 -0.98 -36.16 -29.66
N SER C 353 -0.64 -37.08 -28.76
CA SER C 353 0.57 -37.89 -28.92
C SER C 353 0.50 -38.78 -30.15
N VAL C 354 -0.71 -39.15 -30.58
CA VAL C 354 -0.89 -39.88 -31.83
C VAL C 354 -0.56 -39.03 -33.05
N LEU C 355 -0.44 -37.71 -32.90
CA LEU C 355 0.08 -36.88 -33.97
C LEU C 355 1.57 -37.04 -34.15
N TYR C 356 2.28 -37.59 -33.14
CA TYR C 356 3.74 -37.57 -33.13
C TYR C 356 4.37 -38.40 -34.24
N ASN C 357 3.62 -39.33 -34.84
CA ASN C 357 4.15 -40.09 -35.96
C ASN C 357 4.18 -39.27 -37.26
N SER C 358 3.21 -38.37 -37.46
CA SER C 358 3.06 -37.77 -38.78
C SER C 358 2.73 -36.28 -38.77
N ALA C 359 3.14 -35.52 -37.76
CA ALA C 359 2.77 -34.10 -37.71
C ALA C 359 3.84 -33.21 -38.33
N SER C 360 5.01 -33.15 -37.70
CA SER C 360 6.10 -32.22 -38.02
C SER C 360 5.61 -30.77 -38.12
N PHE C 361 5.10 -30.26 -37.01
CA PHE C 361 4.60 -28.89 -36.97
C PHE C 361 5.74 -27.90 -36.82
N SER C 362 5.76 -26.88 -37.67
CA SER C 362 6.77 -25.83 -37.59
C SER C 362 6.38 -24.71 -36.64
N THR C 363 5.08 -24.45 -36.49
CA THR C 363 4.58 -23.43 -35.58
C THR C 363 3.54 -24.07 -34.67
N PHE C 364 3.74 -23.95 -33.36
CA PHE C 364 2.75 -24.39 -32.39
C PHE C 364 2.81 -23.44 -31.21
N LYS C 365 1.81 -22.56 -31.10
CA LYS C 365 1.81 -21.54 -30.06
C LYS C 365 0.44 -21.47 -29.41
N CYS C 366 0.39 -21.72 -28.11
CA CYS C 366 -0.84 -21.61 -27.34
C CYS C 366 -0.84 -20.31 -26.56
N TYR C 367 -2.04 -19.77 -26.31
CA TYR C 367 -2.17 -18.42 -25.78
C TYR C 367 -2.81 -18.39 -24.40
N GLY C 368 -3.96 -19.00 -24.20
CA GLY C 368 -4.58 -18.97 -22.90
C GLY C 368 -4.19 -20.08 -21.96
N VAL C 369 -3.26 -20.94 -22.35
CA VAL C 369 -2.97 -22.16 -21.61
C VAL C 369 -1.56 -22.61 -21.96
N SER C 370 -0.82 -23.06 -20.94
CA SER C 370 0.49 -23.65 -21.20
C SER C 370 0.32 -24.99 -21.91
N PRO C 371 1.25 -25.34 -22.82
CA PRO C 371 1.13 -26.63 -23.53
C PRO C 371 1.25 -27.84 -22.63
N THR C 372 2.10 -27.78 -21.60
CA THR C 372 2.30 -28.91 -20.71
C THR C 372 1.08 -29.22 -19.86
N LYS C 373 0.16 -28.27 -19.70
CA LYS C 373 -1.10 -28.50 -19.02
C LYS C 373 -2.17 -29.10 -19.93
N LEU C 374 -1.90 -29.20 -21.24
CA LEU C 374 -2.93 -29.60 -22.20
C LEU C 374 -3.39 -31.05 -22.00
N ASN C 375 -2.53 -31.90 -21.42
CA ASN C 375 -2.91 -33.27 -21.14
C ASN C 375 -3.76 -33.41 -19.89
N ASP C 376 -3.89 -32.36 -19.08
CA ASP C 376 -4.58 -32.45 -17.80
C ASP C 376 -5.87 -31.65 -17.75
N LEU C 377 -6.39 -31.22 -18.89
CA LEU C 377 -7.51 -30.29 -18.92
C LEU C 377 -8.65 -30.84 -19.74
N CYS C 378 -9.78 -30.12 -19.66
CA CYS C 378 -10.96 -30.39 -20.47
C CYS C 378 -11.41 -29.08 -21.12
N PHE C 379 -11.98 -29.21 -22.31
CA PHE C 379 -12.26 -28.06 -23.17
C PHE C 379 -13.73 -28.08 -23.54
N THR C 380 -14.41 -26.94 -23.39
CA THR C 380 -15.86 -26.92 -23.42
C THR C 380 -16.41 -26.97 -24.83
N ASN C 381 -16.16 -25.96 -25.64
CA ASN C 381 -16.51 -25.98 -27.06
C ASN C 381 -15.27 -25.70 -27.90
N VAL C 382 -14.92 -26.67 -28.74
CA VAL C 382 -13.68 -26.64 -29.49
C VAL C 382 -13.99 -26.40 -30.96
N TYR C 383 -13.34 -25.41 -31.54
CA TYR C 383 -13.49 -25.12 -32.95
C TYR C 383 -12.12 -25.13 -33.62
N ALA C 384 -12.04 -25.75 -34.79
CA ALA C 384 -10.82 -25.79 -35.58
C ALA C 384 -11.03 -24.98 -36.84
N ASP C 385 -10.24 -23.94 -37.02
CA ASP C 385 -10.25 -23.12 -38.22
C ASP C 385 -9.08 -23.52 -39.10
N SER C 386 -9.38 -24.01 -40.30
CA SER C 386 -8.39 -24.53 -41.22
C SER C 386 -8.33 -23.65 -42.46
N PHE C 387 -7.10 -23.31 -42.88
CA PHE C 387 -6.88 -22.60 -44.14
C PHE C 387 -5.43 -22.80 -44.58
N VAL C 388 -5.10 -22.21 -45.73
CA VAL C 388 -3.77 -22.28 -46.34
C VAL C 388 -3.32 -20.85 -46.64
N ILE C 389 -2.11 -20.50 -46.21
CA ILE C 389 -1.55 -19.18 -46.47
C ILE C 389 -0.13 -19.33 -47.02
N ARG C 390 0.51 -18.19 -47.23
CA ARG C 390 1.92 -18.14 -47.56
C ARG C 390 2.76 -18.43 -46.32
N GLY C 391 4.04 -18.71 -46.55
CA GLY C 391 4.94 -18.93 -45.43
C GLY C 391 5.26 -17.66 -44.66
N ASP C 392 5.24 -16.51 -45.33
CA ASP C 392 5.54 -15.24 -44.69
C ASP C 392 4.39 -14.70 -43.86
N GLU C 393 3.19 -15.24 -44.01
CA GLU C 393 2.01 -14.71 -43.36
C GLU C 393 1.57 -15.55 -42.16
N VAL C 394 2.39 -16.50 -41.73
CA VAL C 394 2.08 -17.29 -40.54
C VAL C 394 2.13 -16.40 -39.29
N ARG C 395 3.07 -15.44 -39.27
CA ARG C 395 3.18 -14.51 -38.16
C ARG C 395 1.97 -13.60 -38.01
N GLN C 396 1.12 -13.49 -39.03
CA GLN C 396 -0.13 -12.75 -38.97
C GLN C 396 -1.27 -13.57 -38.38
N ILE C 397 -1.01 -14.78 -37.90
CA ILE C 397 -2.06 -15.59 -37.27
C ILE C 397 -1.80 -15.55 -35.77
N ALA C 398 -1.27 -14.43 -35.30
CA ALA C 398 -1.18 -14.07 -33.90
C ALA C 398 -2.16 -12.93 -33.59
N PRO C 399 -2.66 -12.85 -32.36
CA PRO C 399 -3.52 -11.70 -32.01
C PRO C 399 -2.75 -10.40 -31.98
N GLY C 400 -3.47 -9.31 -32.28
CA GLY C 400 -2.88 -7.99 -32.34
C GLY C 400 -1.90 -7.79 -33.46
N GLN C 401 -2.18 -8.32 -34.63
CA GLN C 401 -1.27 -8.28 -35.76
C GLN C 401 -1.91 -7.54 -36.93
N THR C 402 -1.07 -6.88 -37.73
CA THR C 402 -1.51 -6.22 -38.94
C THR C 402 -0.89 -6.89 -40.15
N GLY C 403 -1.47 -6.61 -41.31
CA GLY C 403 -1.06 -7.26 -42.54
C GLY C 403 -2.27 -7.53 -43.41
N LYS C 404 -2.07 -8.09 -44.59
CA LYS C 404 -3.19 -8.34 -45.50
C LYS C 404 -4.10 -9.46 -44.98
N ILE C 405 -3.50 -10.54 -44.47
CA ILE C 405 -4.28 -11.67 -43.96
C ILE C 405 -4.98 -11.30 -42.66
N ALA C 406 -4.27 -10.60 -41.76
CA ALA C 406 -4.84 -10.26 -40.46
C ALA C 406 -5.92 -9.19 -40.55
N ASP C 407 -5.94 -8.38 -41.62
CA ASP C 407 -6.95 -7.34 -41.76
C ASP C 407 -8.11 -7.73 -42.66
N TYR C 408 -7.84 -8.42 -43.77
CA TYR C 408 -8.88 -8.66 -44.76
C TYR C 408 -9.35 -10.10 -44.82
N ASN C 409 -8.61 -11.05 -44.23
CA ASN C 409 -8.92 -12.46 -44.39
C ASN C 409 -9.28 -13.16 -43.10
N TYR C 410 -8.43 -13.10 -42.09
CA TYR C 410 -8.65 -13.85 -40.85
C TYR C 410 -8.06 -13.09 -39.69
N LYS C 411 -8.88 -12.79 -38.69
CA LYS C 411 -8.45 -12.04 -37.52
C LYS C 411 -8.77 -12.82 -36.26
N LEU C 412 -7.85 -12.79 -35.32
CA LEU C 412 -7.96 -13.39 -34.00
C LEU C 412 -8.30 -12.33 -32.96
N PRO C 413 -9.10 -12.66 -31.95
CA PRO C 413 -9.46 -11.66 -30.94
C PRO C 413 -8.29 -11.35 -30.02
N ASP C 414 -8.41 -10.19 -29.36
CA ASP C 414 -7.40 -9.77 -28.40
C ASP C 414 -7.34 -10.71 -27.20
N ASP C 415 -8.49 -11.14 -26.70
CA ASP C 415 -8.58 -12.17 -25.68
C ASP C 415 -8.83 -13.44 -26.48
N PHE C 416 -7.76 -14.09 -26.91
CA PHE C 416 -7.84 -15.34 -27.64
C PHE C 416 -7.31 -16.46 -26.75
N THR C 417 -8.13 -17.49 -26.56
CA THR C 417 -7.72 -18.70 -25.86
C THR C 417 -7.73 -19.85 -26.86
N GLY C 418 -6.59 -20.48 -27.05
CA GLY C 418 -6.46 -21.54 -28.01
C GLY C 418 -5.02 -21.66 -28.45
N CYS C 419 -4.82 -22.47 -29.49
CA CYS C 419 -3.49 -22.76 -30.02
C CYS C 419 -3.49 -22.61 -31.53
N VAL C 420 -2.48 -21.95 -32.07
CA VAL C 420 -2.26 -21.83 -33.50
C VAL C 420 -1.20 -22.85 -33.90
N ILE C 421 -1.54 -23.68 -34.88
CA ILE C 421 -0.66 -24.72 -35.40
C ILE C 421 -0.50 -24.48 -36.89
N ALA C 422 0.74 -24.49 -37.36
CA ALA C 422 1.01 -24.27 -38.78
C ALA C 422 2.15 -25.17 -39.22
N TRP C 423 2.03 -25.75 -40.41
CA TRP C 423 3.09 -26.58 -40.95
C TRP C 423 3.20 -26.39 -42.45
N ASN C 424 4.42 -26.60 -42.96
CA ASN C 424 4.69 -26.50 -44.38
C ASN C 424 3.96 -27.60 -45.15
N SER C 425 3.38 -27.23 -46.28
CA SER C 425 2.63 -28.16 -47.11
C SER C 425 3.01 -27.98 -48.58
N ASN C 426 4.32 -27.83 -48.84
CA ASN C 426 4.81 -27.68 -50.20
C ASN C 426 4.70 -28.98 -50.99
N ASN C 427 4.71 -30.12 -50.31
CA ASN C 427 4.59 -31.41 -50.97
C ASN C 427 3.16 -31.77 -51.32
N LEU C 428 2.18 -30.99 -50.87
CA LEU C 428 0.78 -31.27 -51.11
C LEU C 428 0.08 -30.20 -51.92
N ASP C 429 0.28 -28.93 -51.59
CA ASP C 429 -0.46 -27.83 -52.17
C ASP C 429 0.28 -27.11 -53.28
N SER C 430 1.39 -27.67 -53.76
CA SER C 430 2.16 -27.08 -54.84
C SER C 430 2.28 -28.06 -55.99
N LYS C 431 2.18 -27.56 -57.22
CA LYS C 431 2.41 -28.36 -58.41
C LYS C 431 3.31 -27.59 -59.35
N VAL C 432 3.86 -28.31 -60.33
CA VAL C 432 4.94 -27.81 -61.18
C VAL C 432 4.48 -26.63 -62.04
N GLY C 433 3.28 -26.73 -62.61
CA GLY C 433 2.76 -25.61 -63.37
C GLY C 433 2.25 -24.46 -62.52
N GLY C 434 2.12 -24.66 -61.21
CA GLY C 434 1.59 -23.63 -60.35
C GLY C 434 0.18 -23.94 -59.88
N ASN C 435 -0.03 -23.96 -58.58
CA ASN C 435 -1.36 -24.18 -58.01
C ASN C 435 -1.97 -22.84 -57.68
N TYR C 436 -3.11 -22.53 -58.31
CA TYR C 436 -3.78 -21.24 -58.15
C TYR C 436 -5.18 -21.38 -57.58
N ASN C 437 -5.45 -22.48 -56.87
CA ASN C 437 -6.77 -22.73 -56.32
C ASN C 437 -6.98 -22.11 -54.94
N TYR C 438 -5.95 -21.54 -54.34
CA TYR C 438 -6.06 -20.91 -53.03
C TYR C 438 -6.10 -19.40 -53.21
N LEU C 439 -7.16 -18.77 -52.71
CA LEU C 439 -7.39 -17.35 -52.89
C LEU C 439 -7.23 -16.60 -51.58
N TYR C 440 -6.90 -15.32 -51.69
CA TYR C 440 -6.83 -14.42 -50.55
C TYR C 440 -7.53 -13.12 -50.92
N ARG C 441 -8.07 -12.44 -49.91
CA ARG C 441 -8.70 -11.15 -50.12
C ARG C 441 -7.64 -10.07 -50.03
N LEU C 442 -7.35 -9.44 -51.17
CA LEU C 442 -6.35 -8.39 -51.23
C LEU C 442 -6.93 -7.01 -50.98
N PHE C 443 -8.16 -6.76 -51.41
CA PHE C 443 -8.77 -5.45 -51.36
C PHE C 443 -10.01 -5.47 -50.48
N ARG C 444 -10.08 -4.54 -49.53
CA ARG C 444 -11.27 -4.36 -48.72
C ARG C 444 -11.31 -2.93 -48.22
N LYS C 445 -12.51 -2.44 -47.96
CA LYS C 445 -12.69 -1.05 -47.52
C LYS C 445 -12.46 -0.88 -46.01
N SER C 446 -12.44 -1.96 -45.25
CA SER C 446 -12.25 -1.88 -43.81
C SER C 446 -11.65 -3.19 -43.32
N ASN C 447 -11.11 -3.15 -42.11
CA ASN C 447 -10.54 -4.35 -41.50
C ASN C 447 -11.64 -5.25 -40.95
N LEU C 448 -11.37 -6.55 -40.96
CA LEU C 448 -12.31 -7.52 -40.44
C LEU C 448 -12.37 -7.48 -38.92
N LYS C 449 -13.56 -7.78 -38.39
CA LYS C 449 -13.73 -8.01 -36.97
C LYS C 449 -13.20 -9.41 -36.62
N PRO C 450 -12.89 -9.67 -35.35
CA PRO C 450 -12.39 -11.00 -34.97
C PRO C 450 -13.39 -12.11 -35.25
N PHE C 451 -12.87 -13.21 -35.83
CA PHE C 451 -13.63 -14.40 -36.23
C PHE C 451 -14.78 -14.06 -37.18
N GLU C 452 -14.54 -13.13 -38.09
CA GLU C 452 -15.51 -12.75 -39.11
C GLU C 452 -15.03 -13.27 -40.46
N ARG C 453 -15.96 -13.82 -41.24
CA ARG C 453 -15.65 -14.41 -42.54
C ARG C 453 -16.35 -13.60 -43.63
N ASP C 454 -15.59 -13.12 -44.60
CA ASP C 454 -16.11 -12.34 -45.71
C ASP C 454 -15.86 -13.12 -47.00
N ILE C 455 -16.94 -13.56 -47.64
CA ILE C 455 -16.86 -14.33 -48.87
C ILE C 455 -17.44 -13.55 -50.05
N SER C 456 -17.59 -12.24 -49.91
CA SER C 456 -18.15 -11.42 -50.96
C SER C 456 -17.17 -11.24 -52.11
N THR C 457 -17.71 -11.06 -53.31
CA THR C 457 -16.92 -10.89 -54.53
C THR C 457 -17.31 -9.61 -55.25
N GLU C 458 -17.64 -8.57 -54.49
CA GLU C 458 -17.98 -7.28 -55.07
C GLU C 458 -16.74 -6.58 -55.59
N ILE C 459 -16.88 -5.88 -56.72
CA ILE C 459 -15.74 -5.24 -57.37
C ILE C 459 -15.28 -4.05 -56.53
N TYR C 460 -13.99 -4.00 -56.24
CA TYR C 460 -13.43 -2.99 -55.35
C TYR C 460 -13.10 -1.73 -56.12
N GLN C 461 -13.58 -0.59 -55.61
CA GLN C 461 -13.31 0.71 -56.22
C GLN C 461 -12.00 1.23 -55.64
N ALA C 462 -10.93 1.14 -56.43
CA ALA C 462 -9.61 1.54 -55.96
C ALA C 462 -9.30 3.00 -56.25
N GLY C 463 -10.07 3.65 -57.12
CA GLY C 463 -9.82 5.04 -57.44
C GLY C 463 -11.00 5.95 -57.14
N SER C 464 -11.40 6.76 -58.12
CA SER C 464 -12.53 7.67 -57.98
C SER C 464 -13.68 7.36 -58.91
N THR C 465 -13.42 6.76 -60.06
CA THR C 465 -14.50 6.38 -60.97
C THR C 465 -15.24 5.17 -60.41
N PRO C 466 -16.57 5.19 -60.38
CA PRO C 466 -17.32 4.01 -59.91
C PRO C 466 -17.18 2.83 -60.87
N CYS C 467 -17.28 1.63 -60.30
CA CYS C 467 -17.03 0.41 -61.05
C CYS C 467 -18.26 -0.08 -61.82
N ASN C 468 -19.47 0.20 -61.29
CA ASN C 468 -20.75 -0.25 -61.85
C ASN C 468 -20.82 -1.77 -61.98
N GLY C 469 -20.22 -2.48 -61.02
CA GLY C 469 -20.28 -3.93 -61.01
C GLY C 469 -19.38 -4.63 -61.98
N VAL C 470 -18.49 -3.92 -62.66
CA VAL C 470 -17.57 -4.52 -63.63
C VAL C 470 -16.15 -4.07 -63.29
N GLU C 471 -15.18 -4.87 -63.75
CA GLU C 471 -13.79 -4.59 -63.47
C GLU C 471 -13.15 -3.87 -64.65
N GLY C 472 -12.06 -3.16 -64.37
CA GLY C 472 -11.37 -2.39 -65.39
C GLY C 472 -10.24 -1.56 -64.82
N PHE C 473 -10.12 -0.31 -65.26
CA PHE C 473 -9.08 0.56 -64.73
C PHE C 473 -9.46 1.04 -63.34
N ASN C 474 -8.59 0.76 -62.36
CA ASN C 474 -8.76 1.09 -60.94
C ASN C 474 -10.02 0.45 -60.34
N CYS C 475 -10.45 -0.69 -60.90
CA CYS C 475 -11.59 -1.44 -60.39
C CYS C 475 -11.21 -2.91 -60.45
N TYR C 476 -10.91 -3.50 -59.29
CA TYR C 476 -10.29 -4.81 -59.23
C TYR C 476 -11.20 -5.81 -58.53
N PHE C 477 -11.07 -7.07 -58.95
CA PHE C 477 -11.68 -8.17 -58.22
C PHE C 477 -10.98 -8.33 -56.88
N PRO C 478 -11.73 -8.51 -55.78
CA PRO C 478 -11.10 -8.48 -54.45
C PRO C 478 -10.30 -9.73 -54.11
N LEU C 479 -10.58 -10.86 -54.75
CA LEU C 479 -9.88 -12.11 -54.46
C LEU C 479 -8.76 -12.32 -55.46
N GLN C 480 -7.61 -12.78 -54.97
CA GLN C 480 -6.43 -12.99 -55.81
C GLN C 480 -5.85 -14.37 -55.53
N SER C 481 -5.22 -14.94 -56.54
CA SER C 481 -4.72 -16.31 -56.49
C SER C 481 -3.33 -16.35 -55.87
N TYR C 482 -3.14 -17.27 -54.93
CA TYR C 482 -1.79 -17.61 -54.50
C TYR C 482 -1.06 -18.36 -55.59
N GLY C 483 0.20 -18.01 -55.80
CA GLY C 483 1.02 -18.75 -56.75
C GLY C 483 1.95 -19.72 -56.05
N PHE C 484 1.59 -21.00 -56.01
CA PHE C 484 2.33 -22.00 -55.25
C PHE C 484 3.06 -22.92 -56.23
N GLN C 485 4.38 -22.98 -56.10
CA GLN C 485 5.25 -23.83 -56.89
C GLN C 485 6.24 -24.51 -55.98
N PRO C 486 6.71 -25.72 -56.33
CA PRO C 486 7.72 -26.39 -55.49
C PRO C 486 9.08 -25.71 -55.50
N THR C 487 9.40 -24.95 -56.54
CA THR C 487 10.67 -24.24 -56.65
C THR C 487 10.61 -22.87 -55.98
N ASN C 488 9.48 -22.49 -55.42
CA ASN C 488 9.36 -21.24 -54.69
C ASN C 488 10.19 -21.30 -53.41
N GLY C 489 10.77 -20.16 -53.04
CA GLY C 489 11.49 -20.07 -51.79
C GLY C 489 10.55 -20.16 -50.61
N VAL C 490 11.12 -20.52 -49.45
CA VAL C 490 10.34 -20.62 -48.22
C VAL C 490 9.88 -19.22 -47.81
N GLY C 491 8.60 -19.12 -47.47
CA GLY C 491 7.93 -17.85 -47.36
C GLY C 491 7.06 -17.52 -48.56
N TYR C 492 7.27 -18.21 -49.69
CA TYR C 492 6.38 -18.16 -50.83
C TYR C 492 5.71 -19.49 -51.08
N GLN C 493 5.94 -20.48 -50.22
CA GLN C 493 5.48 -21.86 -50.16
C GLN C 493 4.19 -21.96 -49.35
N PRO C 494 3.31 -22.90 -49.68
CA PRO C 494 2.04 -23.01 -48.95
C PRO C 494 2.24 -23.54 -47.54
N TYR C 495 1.46 -23.01 -46.60
CA TYR C 495 1.47 -23.44 -45.22
C TYR C 495 0.03 -23.71 -44.80
N ARG C 496 -0.19 -24.88 -44.21
CA ARG C 496 -1.49 -25.25 -43.68
C ARG C 496 -1.57 -24.80 -42.22
N VAL C 497 -2.66 -24.10 -41.88
CA VAL C 497 -2.85 -23.53 -40.56
C VAL C 497 -4.15 -24.06 -39.99
N VAL C 498 -4.07 -24.62 -38.78
CA VAL C 498 -5.21 -25.03 -37.98
C VAL C 498 -5.16 -24.24 -36.67
N VAL C 499 -6.24 -23.50 -36.39
CA VAL C 499 -6.35 -22.71 -35.17
C VAL C 499 -7.42 -23.34 -34.31
N LEU C 500 -7.04 -23.84 -33.14
CA LEU C 500 -7.96 -24.44 -32.19
C LEU C 500 -8.37 -23.40 -31.16
N SER C 501 -9.67 -23.18 -31.02
CA SER C 501 -10.21 -22.24 -30.06
C SER C 501 -11.11 -22.98 -29.09
N PHE C 502 -10.95 -22.69 -27.80
CA PHE C 502 -11.72 -23.34 -26.75
C PHE C 502 -11.82 -22.40 -25.57
N GLU C 503 -12.68 -22.75 -24.62
CA GLU C 503 -12.89 -22.00 -23.40
C GLU C 503 -12.75 -22.94 -22.22
N LEU C 504 -12.09 -22.50 -21.16
CA LEU C 504 -11.59 -23.38 -20.11
C LEU C 504 -12.22 -23.07 -18.75
N LEU C 505 -12.69 -24.14 -18.09
CA LEU C 505 -12.96 -24.18 -16.65
C LEU C 505 -14.07 -23.22 -16.20
N HIS C 506 -15.05 -22.95 -17.06
CA HIS C 506 -16.20 -22.14 -16.67
C HIS C 506 -17.53 -22.72 -17.09
N ALA C 507 -17.56 -23.66 -18.02
CA ALA C 507 -18.76 -24.27 -18.58
C ALA C 507 -18.59 -25.77 -18.53
N PRO C 508 -19.67 -26.54 -18.71
CA PRO C 508 -19.50 -27.99 -18.89
C PRO C 508 -18.66 -28.30 -20.11
N ALA C 509 -17.75 -29.25 -19.95
CA ALA C 509 -16.75 -29.58 -20.96
C ALA C 509 -16.98 -30.99 -21.47
N THR C 510 -16.62 -31.20 -22.73
CA THR C 510 -17.04 -32.41 -23.41
C THR C 510 -15.82 -33.05 -24.09
N VAL C 511 -14.87 -32.23 -24.52
CA VAL C 511 -13.58 -32.70 -25.02
C VAL C 511 -12.59 -32.71 -23.87
N CYS C 512 -11.96 -33.86 -23.63
CA CYS C 512 -11.06 -33.97 -22.48
C CYS C 512 -9.76 -34.67 -22.86
N GLY C 513 -8.73 -34.41 -22.05
CA GLY C 513 -7.43 -34.97 -22.30
C GLY C 513 -7.34 -36.43 -21.91
N PRO C 514 -6.18 -37.04 -22.15
CA PRO C 514 -6.00 -38.50 -21.91
C PRO C 514 -5.68 -38.82 -20.46
N LYS C 515 -6.60 -38.48 -19.56
CA LYS C 515 -6.47 -38.78 -18.14
C LYS C 515 -7.47 -39.86 -17.77
N LYS C 516 -6.99 -40.89 -17.07
CA LYS C 516 -7.86 -41.96 -16.61
C LYS C 516 -8.57 -41.52 -15.33
N SER C 517 -9.89 -41.64 -15.33
CA SER C 517 -10.67 -41.25 -14.16
C SER C 517 -10.53 -42.30 -13.07
N THR C 518 -10.65 -41.85 -11.83
CA THR C 518 -10.56 -42.70 -10.65
C THR C 518 -11.94 -42.80 -9.99
N ASN C 519 -11.98 -43.50 -8.86
CA ASN C 519 -13.21 -43.60 -8.10
C ASN C 519 -13.46 -42.33 -7.32
N LEU C 520 -14.74 -42.03 -7.08
CA LEU C 520 -15.15 -40.84 -6.37
C LEU C 520 -15.30 -41.18 -4.89
N VAL C 521 -14.45 -40.61 -4.06
CA VAL C 521 -14.52 -40.79 -2.61
C VAL C 521 -15.02 -39.50 -2.00
N LYS C 522 -15.74 -39.64 -0.88
CA LYS C 522 -16.35 -38.51 -0.19
C LYS C 522 -15.94 -38.52 1.27
N ASN C 523 -16.26 -37.42 1.95
CA ASN C 523 -16.09 -37.20 3.39
C ASN C 523 -14.62 -37.27 3.83
N LYS C 524 -13.68 -37.05 2.91
CA LYS C 524 -12.26 -37.08 3.24
C LYS C 524 -11.56 -35.96 2.48
N CYS C 525 -10.49 -35.43 3.08
CA CYS C 525 -9.68 -34.42 2.42
C CYS C 525 -8.85 -35.07 1.33
N VAL C 526 -9.12 -34.72 0.08
CA VAL C 526 -8.48 -35.31 -1.09
C VAL C 526 -8.03 -34.21 -2.03
N ASN C 527 -7.15 -34.57 -2.95
CA ASN C 527 -6.87 -33.75 -4.12
C ASN C 527 -7.81 -34.18 -5.23
N PHE C 528 -8.56 -33.23 -5.79
CA PHE C 528 -9.55 -33.52 -6.82
C PHE C 528 -9.15 -32.86 -8.13
N ASN C 529 -9.61 -33.48 -9.23
CA ASN C 529 -9.46 -32.94 -10.58
C ASN C 529 -10.79 -33.15 -11.28
N PHE C 530 -11.65 -32.13 -11.24
CA PHE C 530 -12.97 -32.17 -11.88
C PHE C 530 -12.89 -31.40 -13.19
N ASN C 531 -12.92 -32.14 -14.32
CA ASN C 531 -12.96 -31.60 -15.68
C ASN C 531 -11.78 -30.66 -15.97
N GLY C 532 -10.61 -31.02 -15.46
CA GLY C 532 -9.44 -30.20 -15.60
C GLY C 532 -9.21 -29.18 -14.51
N LEU C 533 -10.19 -28.97 -13.63
CA LEU C 533 -10.04 -28.05 -12.51
C LEU C 533 -9.52 -28.82 -11.30
N THR C 534 -8.30 -28.52 -10.89
CA THR C 534 -7.68 -29.21 -9.77
C THR C 534 -8.01 -28.49 -8.46
N GLY C 535 -7.68 -29.14 -7.35
CA GLY C 535 -7.83 -28.51 -6.06
C GLY C 535 -7.69 -29.51 -4.93
N THR C 536 -7.91 -29.01 -3.71
CA THR C 536 -7.84 -29.82 -2.51
C THR C 536 -9.04 -29.50 -1.62
N GLY C 537 -9.59 -30.53 -1.00
CA GLY C 537 -10.71 -30.32 -0.08
C GLY C 537 -11.46 -31.60 0.17
N VAL C 538 -12.53 -31.46 0.93
CA VAL C 538 -13.46 -32.54 1.26
C VAL C 538 -14.68 -32.37 0.36
N LEU C 539 -15.10 -33.46 -0.27
CA LEU C 539 -16.27 -33.46 -1.13
C LEU C 539 -17.42 -34.14 -0.41
N THR C 540 -18.55 -33.44 -0.30
CA THR C 540 -19.73 -33.97 0.35
C THR C 540 -20.93 -33.83 -0.57
N GLU C 541 -22.01 -34.54 -0.24
CA GLU C 541 -23.23 -34.42 -1.01
C GLU C 541 -23.89 -33.08 -0.79
N SER C 542 -24.52 -32.56 -1.85
CA SER C 542 -25.07 -31.21 -1.84
C SER C 542 -26.53 -31.24 -2.25
N ASN C 543 -27.29 -30.27 -1.72
CA ASN C 543 -28.67 -30.06 -2.11
C ASN C 543 -28.82 -28.90 -3.10
N LYS C 544 -27.71 -28.43 -3.67
CA LYS C 544 -27.77 -27.41 -4.70
C LYS C 544 -28.37 -27.98 -5.98
N LYS C 545 -29.24 -27.21 -6.62
CA LYS C 545 -29.91 -27.61 -7.84
C LYS C 545 -29.28 -26.81 -8.98
N PHE C 546 -28.36 -27.44 -9.70
CA PHE C 546 -27.69 -26.78 -10.80
C PHE C 546 -28.59 -26.72 -12.02
N LEU C 547 -28.56 -25.58 -12.70
CA LEU C 547 -29.21 -25.47 -14.00
C LEU C 547 -28.42 -26.30 -15.03
N PRO C 548 -29.09 -26.80 -16.09
CA PRO C 548 -28.42 -27.75 -16.99
C PRO C 548 -27.24 -27.19 -17.78
N PHE C 549 -27.06 -25.88 -17.85
CA PHE C 549 -25.91 -25.29 -18.51
C PHE C 549 -24.75 -25.00 -17.56
N GLN C 550 -24.84 -25.43 -16.30
CA GLN C 550 -23.86 -25.08 -15.29
C GLN C 550 -23.05 -26.30 -14.88
N GLN C 551 -21.80 -26.06 -14.51
CA GLN C 551 -20.87 -27.10 -14.06
C GLN C 551 -20.25 -26.79 -12.71
N PHE C 552 -19.95 -25.53 -12.43
CA PHE C 552 -19.28 -25.14 -11.19
C PHE C 552 -20.13 -24.13 -10.43
N GLY C 553 -19.89 -24.07 -9.13
CA GLY C 553 -20.56 -23.10 -8.28
C GLY C 553 -19.55 -22.31 -7.47
N ARG C 554 -19.84 -21.03 -7.27
CA ARG C 554 -18.94 -20.12 -6.58
C ARG C 554 -19.65 -19.41 -5.45
N ASP C 555 -18.88 -19.10 -4.40
CA ASP C 555 -19.36 -18.40 -3.22
C ASP C 555 -19.07 -16.90 -3.34
N ILE C 556 -19.19 -16.19 -2.22
CA ILE C 556 -18.98 -14.75 -2.20
C ILE C 556 -17.52 -14.36 -2.44
N ALA C 557 -16.58 -15.28 -2.24
CA ALA C 557 -15.17 -15.03 -2.51
C ALA C 557 -14.75 -15.49 -3.90
N ASP C 558 -15.72 -15.97 -4.70
CA ASP C 558 -15.52 -16.46 -6.08
C ASP C 558 -14.51 -17.60 -6.15
N THR C 559 -14.54 -18.50 -5.16
CA THR C 559 -13.83 -19.76 -5.25
C THR C 559 -14.82 -20.88 -5.50
N THR C 560 -14.35 -21.95 -6.14
CA THR C 560 -15.23 -23.04 -6.55
C THR C 560 -15.57 -23.88 -5.33
N ASP C 561 -16.83 -23.78 -4.87
CA ASP C 561 -17.28 -24.57 -3.73
C ASP C 561 -18.35 -25.57 -4.08
N ALA C 562 -18.77 -25.66 -5.34
CA ALA C 562 -19.71 -26.69 -5.76
C ALA C 562 -19.31 -27.15 -7.16
N VAL C 563 -19.56 -28.42 -7.45
CA VAL C 563 -19.21 -28.99 -8.75
C VAL C 563 -20.22 -30.08 -9.10
N ARG C 564 -20.47 -30.24 -10.40
CA ARG C 564 -21.24 -31.36 -10.89
C ARG C 564 -20.28 -32.45 -11.33
N ASP C 565 -20.46 -33.65 -10.78
CA ASP C 565 -19.57 -34.76 -11.13
C ASP C 565 -19.88 -35.23 -12.54
N PRO C 566 -18.86 -35.38 -13.40
CA PRO C 566 -19.15 -35.60 -14.83
C PRO C 566 -19.63 -37.01 -15.15
N GLN C 567 -19.28 -38.02 -14.35
CA GLN C 567 -19.76 -39.37 -14.64
C GLN C 567 -21.18 -39.58 -14.15
N THR C 568 -21.39 -39.47 -12.83
CA THR C 568 -22.72 -39.47 -12.25
C THR C 568 -23.10 -38.03 -11.95
N LEU C 569 -24.15 -37.53 -12.61
CA LEU C 569 -24.50 -36.10 -12.55
C LEU C 569 -25.13 -35.81 -11.19
N GLU C 570 -24.27 -35.65 -10.18
CA GLU C 570 -24.68 -35.28 -8.84
C GLU C 570 -23.85 -34.09 -8.39
N ILE C 571 -24.46 -33.25 -7.56
CA ILE C 571 -23.84 -32.01 -7.11
C ILE C 571 -23.07 -32.28 -5.83
N LEU C 572 -21.79 -31.92 -5.81
CA LEU C 572 -20.93 -32.08 -4.67
C LEU C 572 -20.51 -30.71 -4.16
N ASP C 573 -20.42 -30.59 -2.85
CA ASP C 573 -19.93 -29.38 -2.19
C ASP C 573 -18.49 -29.61 -1.74
N ILE C 574 -17.62 -28.66 -2.07
CA ILE C 574 -16.21 -28.71 -1.74
C ILE C 574 -15.96 -27.83 -0.53
N THR C 575 -15.30 -28.39 0.48
CA THR C 575 -15.09 -27.70 1.76
C THR C 575 -13.62 -27.86 2.12
N PRO C 576 -12.88 -26.79 2.39
CA PRO C 576 -11.45 -26.92 2.70
C PRO C 576 -11.20 -27.64 4.02
N CYS C 577 -10.09 -28.40 4.06
CA CYS C 577 -9.82 -29.26 5.20
C CYS C 577 -9.16 -28.52 6.35
N SER C 578 -8.43 -27.44 6.07
CA SER C 578 -7.73 -26.70 7.11
C SER C 578 -8.68 -25.75 7.82
N PHE C 579 -8.70 -25.81 9.15
CA PHE C 579 -9.67 -25.09 9.96
C PHE C 579 -9.20 -25.08 11.41
N GLY C 580 -9.41 -23.96 12.09
CA GLY C 580 -9.17 -23.88 13.52
C GLY C 580 -7.79 -23.38 13.91
N GLY C 581 -7.73 -22.35 14.75
CA GLY C 581 -6.45 -21.81 15.17
C GLY C 581 -5.83 -22.57 16.33
N VAL C 582 -4.52 -22.43 16.46
CA VAL C 582 -3.72 -23.16 17.45
C VAL C 582 -2.83 -22.15 18.18
N SER C 583 -2.81 -22.22 19.51
CA SER C 583 -1.90 -21.44 20.33
C SER C 583 -1.13 -22.38 21.24
N VAL C 584 0.01 -21.91 21.74
CA VAL C 584 0.88 -22.71 22.60
C VAL C 584 1.26 -21.88 23.81
N ILE C 585 1.03 -22.45 25.00
CA ILE C 585 1.35 -21.84 26.27
C ILE C 585 2.67 -22.43 26.76
N THR C 586 3.62 -21.56 27.08
CA THR C 586 4.87 -22.01 27.66
C THR C 586 5.19 -21.19 28.89
N PRO C 587 5.84 -21.80 29.90
CA PRO C 587 6.34 -21.03 31.04
C PRO C 587 7.75 -20.50 30.80
N GLY C 588 8.19 -20.58 29.55
CA GLY C 588 9.54 -20.20 29.20
C GLY C 588 10.38 -21.39 28.80
N THR C 589 11.13 -21.27 27.71
CA THR C 589 12.06 -22.31 27.30
C THR C 589 13.20 -22.45 28.32
N ASN C 590 13.60 -21.34 28.94
CA ASN C 590 14.60 -21.37 30.01
C ASN C 590 14.08 -22.13 31.23
N THR C 591 12.81 -21.95 31.59
CA THR C 591 12.27 -22.59 32.79
C THR C 591 12.01 -24.08 32.60
N SER C 592 11.47 -24.48 31.45
CA SER C 592 11.11 -25.87 31.22
C SER C 592 11.00 -26.11 29.72
N ASN C 593 10.80 -27.38 29.37
CA ASN C 593 10.58 -27.77 27.98
C ASN C 593 9.15 -28.20 27.70
N GLN C 594 8.35 -28.44 28.74
CA GLN C 594 6.96 -28.83 28.54
C GLN C 594 6.11 -27.62 28.17
N VAL C 595 5.18 -27.83 27.24
CA VAL C 595 4.26 -26.79 26.80
C VAL C 595 2.84 -27.34 26.91
N ALA C 596 1.88 -26.43 26.87
CA ALA C 596 0.48 -26.78 26.70
C ALA C 596 0.00 -26.23 25.35
N VAL C 597 -0.92 -26.93 24.72
CA VAL C 597 -1.42 -26.54 23.42
C VAL C 597 -2.91 -26.25 23.52
N LEU C 598 -3.32 -25.08 23.06
CA LEU C 598 -4.72 -24.71 22.99
C LEU C 598 -5.19 -24.83 21.55
N TYR C 599 -6.21 -25.62 21.33
CA TYR C 599 -6.82 -25.80 20.02
C TYR C 599 -8.15 -25.05 20.06
N GLN C 600 -8.19 -23.90 19.40
CA GLN C 600 -9.44 -23.18 19.24
C GLN C 600 -10.35 -23.93 18.27
N ASP C 601 -11.66 -23.72 18.46
CA ASP C 601 -12.72 -24.31 17.63
C ASP C 601 -12.71 -25.84 17.66
N VAL C 602 -12.24 -26.43 18.76
CA VAL C 602 -12.26 -27.87 18.97
C VAL C 602 -12.97 -28.13 20.28
N ASN C 603 -14.04 -28.92 20.22
CA ASN C 603 -14.79 -29.30 21.41
C ASN C 603 -14.50 -30.76 21.70
N CYS C 604 -13.84 -31.02 22.82
CA CYS C 604 -13.50 -32.38 23.24
C CYS C 604 -14.54 -32.96 24.19
N THR C 605 -15.77 -32.45 24.14
CA THR C 605 -16.91 -32.85 24.98
C THR C 605 -16.61 -32.81 26.48
N TRP C 620 -10.54 -36.54 17.11
CA TRP C 620 -10.56 -35.10 17.29
C TRP C 620 -9.54 -34.42 16.39
N ARG C 621 -9.75 -33.15 16.09
CA ARG C 621 -8.84 -32.40 15.24
C ARG C 621 -7.73 -31.79 16.11
N VAL C 622 -6.86 -32.67 16.60
CA VAL C 622 -5.73 -32.31 17.44
C VAL C 622 -4.48 -32.97 16.88
N TYR C 623 -3.32 -32.43 17.28
CA TYR C 623 -2.05 -33.02 16.84
C TYR C 623 -1.76 -34.31 17.60
N SER C 624 -1.63 -34.20 18.93
CA SER C 624 -1.36 -35.36 19.77
C SER C 624 -2.17 -35.24 21.05
N THR C 625 -2.91 -36.29 21.38
CA THR C 625 -3.66 -36.31 22.63
C THR C 625 -2.73 -36.69 23.79
N GLY C 626 -3.26 -36.58 24.99
CA GLY C 626 -2.49 -36.89 26.17
C GLY C 626 -3.36 -37.25 27.34
N SER C 627 -2.78 -37.19 28.54
CA SER C 627 -3.49 -37.51 29.76
C SER C 627 -4.21 -36.32 30.37
N ASN C 628 -3.85 -35.10 29.98
CA ASN C 628 -4.48 -33.88 30.48
C ASN C 628 -5.20 -33.22 29.32
N VAL C 629 -6.53 -33.38 29.29
CA VAL C 629 -7.37 -32.76 28.27
C VAL C 629 -8.45 -31.97 29.00
N PHE C 630 -8.51 -30.67 28.74
CA PHE C 630 -9.44 -29.79 29.43
C PHE C 630 -10.18 -28.95 28.41
N GLN C 631 -11.50 -28.92 28.49
CA GLN C 631 -12.32 -28.21 27.51
C GLN C 631 -12.72 -26.85 28.09
N THR C 632 -12.01 -25.81 27.68
CA THR C 632 -12.37 -24.45 28.01
C THR C 632 -13.22 -23.87 26.87
N ARG C 633 -13.85 -22.72 27.15
CA ARG C 633 -14.60 -22.03 26.10
C ARG C 633 -13.70 -21.40 25.04
N ALA C 634 -12.41 -21.30 25.30
CA ALA C 634 -11.43 -20.93 24.29
C ALA C 634 -10.94 -22.12 23.47
N GLY C 635 -11.36 -23.34 23.82
CA GLY C 635 -11.01 -24.51 23.03
C GLY C 635 -10.51 -25.63 23.90
N CYS C 636 -9.84 -26.60 23.27
CA CYS C 636 -9.34 -27.78 23.97
C CYS C 636 -7.88 -27.57 24.34
N LEU C 637 -7.58 -27.69 25.62
CA LEU C 637 -6.24 -27.47 26.15
C LEU C 637 -5.64 -28.82 26.51
N ILE C 638 -4.48 -29.11 25.92
CA ILE C 638 -3.80 -30.39 26.08
C ILE C 638 -2.44 -30.11 26.71
N GLY C 639 -2.16 -30.78 27.83
CA GLY C 639 -0.88 -30.65 28.50
C GLY C 639 -0.91 -29.88 29.80
N ALA C 640 -2.08 -29.46 30.27
CA ALA C 640 -2.20 -28.73 31.51
C ALA C 640 -3.23 -29.40 32.40
N GLU C 641 -2.91 -29.52 33.69
CA GLU C 641 -3.82 -30.12 34.66
C GLU C 641 -4.82 -29.09 35.15
N HIS C 642 -6.09 -29.46 35.20
CA HIS C 642 -7.14 -28.56 35.65
C HIS C 642 -7.30 -28.68 37.16
N VAL C 643 -7.14 -27.56 37.87
CA VAL C 643 -7.30 -27.52 39.31
C VAL C 643 -8.59 -26.76 39.64
N ASN C 644 -9.06 -26.96 40.86
CA ASN C 644 -10.30 -26.34 41.31
C ASN C 644 -10.10 -25.05 42.10
N ASN C 645 -8.85 -24.69 42.40
CA ASN C 645 -8.58 -23.45 43.10
C ASN C 645 -8.60 -22.27 42.13
N SER C 646 -8.60 -21.07 42.69
CA SER C 646 -8.58 -19.85 41.91
C SER C 646 -7.42 -18.98 42.38
N TYR C 647 -6.60 -18.53 41.42
CA TYR C 647 -5.48 -17.66 41.73
C TYR C 647 -5.53 -16.41 40.87
N GLU C 648 -4.51 -15.57 40.96
CA GLU C 648 -4.37 -14.48 40.02
C GLU C 648 -3.98 -15.02 38.65
N CYS C 649 -4.29 -14.25 37.61
CA CYS C 649 -4.03 -14.67 36.25
C CYS C 649 -2.54 -14.54 35.96
N ASP C 650 -1.85 -15.68 35.84
CA ASP C 650 -0.44 -15.66 35.47
C ASP C 650 -0.28 -15.58 33.96
N ILE C 651 -0.74 -16.60 33.25
CA ILE C 651 -0.71 -16.60 31.79
C ILE C 651 -2.15 -16.63 31.29
N PRO C 652 -2.62 -15.58 30.61
CA PRO C 652 -4.03 -15.54 30.18
C PRO C 652 -4.30 -16.48 29.01
N ILE C 653 -5.17 -17.46 29.24
CA ILE C 653 -5.62 -18.34 28.16
C ILE C 653 -6.87 -17.78 27.51
N GLY C 654 -7.86 -17.41 28.30
CA GLY C 654 -9.06 -16.78 27.77
C GLY C 654 -10.30 -17.37 28.41
N ALA C 655 -11.41 -16.63 28.27
CA ALA C 655 -12.74 -16.98 28.78
C ALA C 655 -12.73 -17.26 30.29
N GLY C 656 -11.95 -16.47 31.02
CA GLY C 656 -11.82 -16.66 32.45
C GLY C 656 -10.83 -17.72 32.87
N ILE C 657 -10.16 -18.39 31.93
CA ILE C 657 -9.21 -19.44 32.24
C ILE C 657 -7.80 -18.87 32.10
N CYS C 658 -6.97 -19.11 33.10
CA CYS C 658 -5.56 -18.74 33.06
C CYS C 658 -4.72 -19.96 33.38
N ALA C 659 -3.43 -19.89 33.08
CA ALA C 659 -2.50 -20.97 33.30
C ALA C 659 -1.30 -20.49 34.09
N SER C 660 -0.67 -21.42 34.80
CA SER C 660 0.49 -21.12 35.61
C SER C 660 1.40 -22.34 35.64
N TYR C 661 2.61 -22.13 36.15
CA TYR C 661 3.61 -23.19 36.26
C TYR C 661 3.90 -23.40 37.74
N GLN C 662 3.56 -24.57 38.27
CA GLN C 662 3.75 -24.83 39.68
C GLN C 662 3.97 -26.31 39.91
N THR C 663 4.53 -26.63 41.07
CA THR C 663 4.81 -28.01 41.45
C THR C 663 3.52 -28.78 41.74
N SER C 676 8.59 -32.73 39.06
CA SER C 676 7.33 -32.61 39.78
C SER C 676 6.57 -31.36 39.35
N GLN C 677 7.27 -30.44 38.70
CA GLN C 677 6.66 -29.21 38.22
C GLN C 677 5.78 -29.50 37.00
N SER C 678 4.65 -28.81 36.94
CA SER C 678 3.68 -29.00 35.87
C SER C 678 3.00 -27.67 35.57
N ILE C 679 2.12 -27.69 34.56
CA ILE C 679 1.35 -26.53 34.16
C ILE C 679 -0.08 -26.74 34.62
N ILE C 680 -0.60 -25.78 35.37
CA ILE C 680 -1.96 -25.86 35.90
C ILE C 680 -2.83 -24.85 35.17
N ALA C 681 -4.09 -25.21 35.00
CA ALA C 681 -5.10 -24.35 34.39
C ALA C 681 -6.22 -24.14 35.40
N TYR C 682 -6.64 -22.89 35.57
CA TYR C 682 -7.60 -22.56 36.61
C TYR C 682 -8.48 -21.42 36.13
N THR C 683 -9.54 -21.18 36.89
CA THR C 683 -10.36 -19.98 36.71
C THR C 683 -9.76 -18.86 37.53
N MET C 684 -9.59 -17.70 36.92
CA MET C 684 -8.96 -16.57 37.60
C MET C 684 -9.88 -16.00 38.67
N SER C 685 -9.29 -15.62 39.80
CA SER C 685 -10.03 -14.99 40.88
C SER C 685 -9.99 -13.48 40.68
N LEU C 686 -11.16 -12.86 40.84
CA LEU C 686 -11.26 -11.41 40.64
C LEU C 686 -10.77 -10.63 41.84
N GLY C 687 -10.65 -11.27 42.99
CA GLY C 687 -10.17 -10.59 44.19
C GLY C 687 -10.72 -11.27 45.42
N ALA C 688 -10.22 -10.80 46.57
CA ALA C 688 -10.66 -11.33 47.85
C ALA C 688 -12.09 -10.88 48.15
N GLU C 689 -12.86 -11.79 48.74
CA GLU C 689 -14.24 -11.46 49.09
C GLU C 689 -14.28 -10.53 50.30
N ASN C 690 -15.28 -9.66 50.31
CA ASN C 690 -15.42 -8.67 51.35
C ASN C 690 -16.90 -8.34 51.51
N SER C 691 -17.29 -8.00 52.74
CA SER C 691 -18.66 -7.61 53.04
C SER C 691 -18.62 -6.44 54.00
N VAL C 692 -19.09 -5.28 53.54
CA VAL C 692 -19.15 -4.11 54.40
C VAL C 692 -20.28 -4.29 55.41
N ALA C 693 -19.99 -4.03 56.68
CA ALA C 693 -20.97 -4.21 57.75
C ALA C 693 -21.93 -3.03 57.76
N TYR C 694 -22.84 -3.04 56.78
CA TYR C 694 -23.79 -1.94 56.63
C TYR C 694 -24.88 -2.06 57.67
N SER C 695 -25.21 -0.93 58.29
CA SER C 695 -26.38 -0.79 59.13
C SER C 695 -26.89 0.62 58.93
N ASN C 696 -28.14 0.85 59.34
CA ASN C 696 -28.75 2.15 59.11
C ASN C 696 -28.43 3.17 60.20
N ASN C 697 -27.65 2.78 61.22
CA ASN C 697 -27.19 3.75 62.21
C ASN C 697 -25.75 3.51 62.63
N SER C 698 -24.94 2.86 61.79
CA SER C 698 -23.57 2.52 62.13
C SER C 698 -22.62 3.21 61.17
N ILE C 699 -21.55 3.80 61.70
CA ILE C 699 -20.55 4.47 60.88
C ILE C 699 -19.18 3.93 61.29
N ALA C 700 -18.26 3.92 60.34
CA ALA C 700 -16.87 3.55 60.57
C ALA C 700 -16.01 4.78 60.33
N ILE C 701 -15.18 5.11 61.32
CA ILE C 701 -14.38 6.32 61.23
C ILE C 701 -12.92 5.97 61.52
N PRO C 702 -11.97 6.39 60.69
CA PRO C 702 -10.58 6.03 60.91
C PRO C 702 -9.96 6.78 62.08
N THR C 703 -9.17 6.06 62.86
CA THR C 703 -8.47 6.63 64.00
C THR C 703 -7.01 6.94 63.71
N ASN C 704 -6.53 6.64 62.51
CA ASN C 704 -5.12 6.80 62.19
C ASN C 704 -4.99 6.98 60.68
N PHE C 705 -3.76 7.11 60.21
CA PHE C 705 -3.52 7.32 58.79
C PHE C 705 -2.17 6.74 58.40
N THR C 706 -1.97 6.58 57.10
CA THR C 706 -0.68 6.26 56.52
C THR C 706 -0.40 7.24 55.39
N ILE C 707 0.85 7.66 55.31
CA ILE C 707 1.33 8.48 54.20
C ILE C 707 1.96 7.55 53.19
N SER C 708 1.37 7.46 52.00
CA SER C 708 1.78 6.48 51.01
C SER C 708 2.31 7.18 49.76
N VAL C 709 3.46 6.72 49.27
CA VAL C 709 4.04 7.24 48.05
C VAL C 709 4.00 6.13 47.01
N THR C 710 3.38 6.42 45.86
CA THR C 710 3.28 5.47 44.76
C THR C 710 3.93 6.06 43.51
N THR C 711 4.32 5.19 42.58
CA THR C 711 4.93 5.62 41.34
C THR C 711 3.94 5.56 40.19
N GLU C 712 4.12 6.48 39.25
CA GLU C 712 3.40 6.43 37.98
C GLU C 712 4.39 6.74 36.87
N ILE C 713 4.59 5.78 35.97
CA ILE C 713 5.57 5.91 34.90
C ILE C 713 4.81 6.22 33.62
N LEU C 714 5.19 7.32 32.96
CA LEU C 714 4.51 7.74 31.75
C LEU C 714 5.53 7.99 30.65
N PRO C 715 5.38 7.37 29.48
CA PRO C 715 6.22 7.74 28.33
C PRO C 715 5.90 9.15 27.84
N VAL C 716 6.93 9.85 27.39
CA VAL C 716 6.81 11.23 26.94
C VAL C 716 7.18 11.36 25.47
N SER C 717 8.31 10.80 25.07
CA SER C 717 8.78 10.89 23.70
C SER C 717 9.33 9.54 23.26
N MET C 718 9.63 9.42 21.97
CA MET C 718 10.33 8.27 21.43
C MET C 718 11.49 8.78 20.58
N THR C 719 12.20 7.85 19.95
CA THR C 719 13.37 8.22 19.16
C THR C 719 12.95 8.89 17.86
N LYS C 720 13.66 9.96 17.51
CA LYS C 720 13.43 10.66 16.25
C LYS C 720 14.26 9.99 15.17
N THR C 721 13.61 9.54 14.11
CA THR C 721 14.28 8.85 13.02
C THR C 721 14.12 9.62 11.73
N SER C 722 15.13 9.49 10.87
CA SER C 722 15.11 10.06 9.54
C SER C 722 15.53 8.97 8.55
N VAL C 723 14.93 8.99 7.36
CA VAL C 723 15.18 7.96 6.36
C VAL C 723 15.60 8.65 5.07
N ASP C 724 16.78 8.27 4.57
CA ASP C 724 17.16 8.57 3.19
C ASP C 724 16.57 7.50 2.29
N CYS C 725 15.58 7.87 1.48
CA CYS C 725 14.95 6.92 0.57
C CYS C 725 15.90 6.41 -0.49
N THR C 726 16.72 7.28 -1.05
CA THR C 726 17.58 6.89 -2.16
C THR C 726 18.68 5.93 -1.73
N MET C 727 19.03 5.92 -0.44
CA MET C 727 19.97 4.91 0.04
C MET C 727 19.28 3.66 0.57
N TYR C 728 18.05 3.77 1.05
CA TYR C 728 17.33 2.56 1.45
C TYR C 728 16.93 1.73 0.24
N ILE C 729 16.35 2.37 -0.77
CA ILE C 729 15.83 1.64 -1.91
C ILE C 729 16.92 1.33 -2.91
N CYS C 730 17.77 2.30 -3.20
CA CYS C 730 18.68 2.28 -4.34
C CYS C 730 20.10 2.63 -3.93
N GLY C 731 20.59 1.98 -2.89
CA GLY C 731 21.85 2.33 -2.24
C GLY C 731 23.08 2.29 -3.12
N ASP C 732 23.62 3.48 -3.42
CA ASP C 732 24.81 3.70 -4.27
C ASP C 732 24.63 3.09 -5.66
N SER C 733 23.44 3.24 -6.24
CA SER C 733 23.16 2.79 -7.59
C SER C 733 22.48 3.92 -8.35
N THR C 734 23.10 4.34 -9.46
CA THR C 734 22.56 5.46 -10.23
C THR C 734 21.35 5.06 -11.05
N GLU C 735 21.36 3.85 -11.60
CA GLU C 735 20.24 3.38 -12.43
C GLU C 735 18.97 3.24 -11.60
N CYS C 736 19.10 2.75 -10.37
CA CYS C 736 17.94 2.66 -9.48
C CYS C 736 17.44 4.04 -9.09
N SER C 737 18.33 5.01 -8.91
CA SER C 737 17.91 6.38 -8.58
C SER C 737 17.15 7.01 -9.73
N ASN C 738 17.64 6.80 -10.96
CA ASN C 738 16.94 7.30 -12.13
C ASN C 738 15.59 6.61 -12.32
N LEU C 739 15.48 5.33 -11.94
CA LEU C 739 14.18 4.66 -11.99
C LEU C 739 13.24 5.13 -10.88
N LEU C 740 13.79 5.43 -9.71
CA LEU C 740 13.01 5.92 -8.58
C LEU C 740 12.50 7.33 -8.83
N LEU C 741 13.15 8.09 -9.72
CA LEU C 741 12.66 9.42 -10.08
C LEU C 741 11.31 9.38 -10.79
N GLN C 742 10.92 8.26 -11.38
CA GLN C 742 9.60 8.10 -12.01
C GLN C 742 8.49 7.72 -11.05
N TYR C 743 8.63 7.98 -9.74
CA TYR C 743 7.54 7.73 -8.82
C TYR C 743 6.99 8.99 -8.17
N GLY C 744 7.75 10.08 -8.15
CA GLY C 744 7.22 11.35 -7.69
C GLY C 744 7.56 11.71 -6.26
N SER C 745 6.60 12.33 -5.57
CA SER C 745 6.82 12.92 -4.25
C SER C 745 6.48 11.96 -3.12
N PHE C 746 6.58 10.65 -3.36
CA PHE C 746 6.30 9.66 -2.31
C PHE C 746 7.30 9.77 -1.17
N CYS C 747 8.58 9.88 -1.49
CA CYS C 747 9.58 9.98 -0.45
C CYS C 747 9.65 11.36 0.19
N THR C 748 9.26 12.40 -0.54
CA THR C 748 9.05 13.70 0.09
C THR C 748 7.92 13.62 1.12
N GLN C 749 6.85 12.89 0.79
CA GLN C 749 5.75 12.67 1.73
C GLN C 749 6.21 11.89 2.97
N LEU C 750 7.00 10.83 2.75
CA LEU C 750 7.51 10.03 3.88
C LEU C 750 8.44 10.84 4.79
N ASN C 751 9.33 11.63 4.19
CA ASN C 751 10.23 12.46 4.99
C ASN C 751 9.48 13.57 5.70
N ARG C 752 8.41 14.10 5.09
CA ARG C 752 7.58 15.10 5.76
C ARG C 752 6.87 14.50 6.98
N ALA C 753 6.37 13.27 6.86
CA ALA C 753 5.73 12.61 7.99
C ALA C 753 6.72 12.34 9.12
N LEU C 754 7.92 11.86 8.77
CA LEU C 754 8.92 11.60 9.79
C LEU C 754 9.44 12.89 10.44
N THR C 755 9.54 13.97 9.67
CA THR C 755 9.93 15.26 10.23
C THR C 755 8.87 15.80 11.18
N GLY C 756 7.59 15.61 10.85
CA GLY C 756 6.53 15.99 11.76
C GLY C 756 6.56 15.21 13.05
N ILE C 757 6.85 13.91 12.96
CA ILE C 757 7.01 13.08 14.16
C ILE C 757 8.19 13.56 15.02
N ALA C 758 9.32 13.87 14.36
CA ALA C 758 10.52 14.27 15.08
C ALA C 758 10.35 15.64 15.75
N VAL C 759 9.61 16.55 15.12
CA VAL C 759 9.30 17.83 15.76
C VAL C 759 8.33 17.62 16.93
N GLU C 760 7.37 16.71 16.76
CA GLU C 760 6.38 16.44 17.80
C GLU C 760 7.01 15.84 19.05
N GLN C 761 8.10 15.08 18.91
CA GLN C 761 8.77 14.51 20.09
C GLN C 761 9.36 15.60 20.99
N ASP C 762 10.03 16.58 20.39
CA ASP C 762 10.58 17.70 21.15
C ASP C 762 9.46 18.57 21.72
N LYS C 763 8.36 18.72 20.98
CA LYS C 763 7.19 19.43 21.50
C LYS C 763 6.60 18.73 22.72
N ASN C 764 6.55 17.38 22.69
CA ASN C 764 6.05 16.60 23.81
C ASN C 764 6.91 16.79 25.05
N THR C 765 8.23 16.72 24.88
CA THR C 765 9.14 16.91 26.01
C THR C 765 9.07 18.33 26.57
N GLN C 766 8.93 19.32 25.69
CA GLN C 766 8.80 20.70 26.14
C GLN C 766 7.48 20.94 26.88
N GLU C 767 6.40 20.31 26.43
CA GLU C 767 5.12 20.47 27.13
C GLU C 767 5.10 19.77 28.46
N VAL C 768 5.81 18.65 28.61
CA VAL C 768 5.83 17.97 29.89
C VAL C 768 6.73 18.70 30.88
N PHE C 769 7.95 19.04 30.47
CA PHE C 769 8.97 19.40 31.47
C PHE C 769 9.23 20.89 31.61
N ALA C 770 8.90 21.71 30.61
CA ALA C 770 9.23 23.13 30.62
C ALA C 770 8.06 23.98 31.08
N GLN C 771 7.32 23.51 32.09
CA GLN C 771 6.13 24.21 32.57
C GLN C 771 6.46 25.57 33.17
N VAL C 772 7.54 25.66 33.95
CA VAL C 772 7.95 26.92 34.55
C VAL C 772 9.20 27.43 33.85
N LYS C 773 9.18 28.70 33.48
CA LYS C 773 10.35 29.37 32.90
C LYS C 773 11.11 30.14 33.97
N GLN C 774 11.43 29.45 35.06
CA GLN C 774 12.11 30.07 36.19
C GLN C 774 12.79 28.95 36.96
N ILE C 775 14.13 28.95 36.96
CA ILE C 775 14.88 27.84 37.55
C ILE C 775 14.98 28.11 39.05
N TYR C 776 14.14 27.43 39.83
CA TYR C 776 14.16 27.59 41.28
C TYR C 776 15.22 26.69 41.88
N LYS C 777 15.84 27.17 42.96
CA LYS C 777 16.90 26.45 43.65
C LYS C 777 16.51 26.22 45.09
N THR C 778 16.84 25.02 45.59
CA THR C 778 16.58 24.69 46.98
C THR C 778 17.59 25.43 47.88
N PRO C 779 17.18 25.78 49.11
CA PRO C 779 18.12 26.44 50.02
C PRO C 779 19.22 25.49 50.45
N PRO C 780 20.41 26.01 50.79
CA PRO C 780 21.53 25.13 51.16
C PRO C 780 21.33 24.41 52.48
N ILE C 781 20.50 24.92 53.38
CA ILE C 781 20.20 24.25 54.64
C ILE C 781 18.87 23.52 54.47
N LYS C 782 18.89 22.21 54.65
CA LYS C 782 17.73 21.37 54.39
C LYS C 782 16.97 21.06 55.68
N ASP C 783 16.43 22.11 56.27
CA ASP C 783 15.60 21.98 57.48
C ASP C 783 14.15 22.19 57.04
N PHE C 784 13.44 21.09 56.83
CA PHE C 784 12.06 21.13 56.37
C PHE C 784 11.10 20.53 57.39
N GLY C 785 11.42 20.68 58.67
CA GLY C 785 10.56 20.18 59.72
C GLY C 785 10.59 18.69 59.91
N GLY C 786 11.67 18.02 59.50
CA GLY C 786 11.80 16.59 59.60
C GLY C 786 11.58 15.84 58.30
N PHE C 787 11.01 16.51 57.30
CA PHE C 787 10.81 15.89 56.00
C PHE C 787 12.12 15.87 55.24
N ASN C 788 12.45 14.73 54.65
CA ASN C 788 13.76 14.48 54.05
C ASN C 788 13.56 14.18 52.58
N PHE C 789 13.98 15.11 51.72
CA PHE C 789 13.86 14.96 50.27
C PHE C 789 15.18 14.61 49.61
N SER C 790 16.08 13.95 50.34
CA SER C 790 17.42 13.69 49.83
C SER C 790 17.42 12.71 48.67
N GLN C 791 16.44 11.82 48.61
CA GLN C 791 16.37 10.85 47.53
C GLN C 791 15.76 11.40 46.26
N ILE C 792 15.16 12.59 46.30
CA ILE C 792 14.60 13.21 45.11
C ILE C 792 15.28 14.52 44.74
N LEU C 793 16.01 15.14 45.64
CA LEU C 793 16.79 16.32 45.33
C LEU C 793 18.06 15.91 44.57
N PRO C 794 18.64 16.81 43.76
CA PRO C 794 19.85 16.44 43.01
C PRO C 794 21.05 16.17 43.92
N ASP C 795 21.87 15.22 43.48
CA ASP C 795 23.11 14.89 44.19
C ASP C 795 24.24 15.71 43.59
N PRO C 796 24.84 16.62 44.34
CA PRO C 796 25.90 17.47 43.75
C PRO C 796 27.22 16.75 43.54
N SER C 797 27.42 15.59 44.18
CA SER C 797 28.68 14.88 44.04
C SER C 797 28.80 14.20 42.69
N LYS C 798 27.69 13.76 42.11
CA LYS C 798 27.72 13.06 40.84
C LYS C 798 28.03 14.02 39.69
N PRO C 799 28.72 13.55 38.64
CA PRO C 799 28.93 14.40 37.45
C PRO C 799 27.65 14.81 36.76
N SER C 800 26.63 13.95 36.75
CA SER C 800 25.30 14.31 36.32
C SER C 800 24.48 14.65 37.55
N LYS C 801 23.99 15.89 37.64
CA LYS C 801 23.30 16.36 38.82
C LYS C 801 21.88 15.78 38.85
N ARG C 802 21.81 14.50 39.21
CA ARG C 802 20.56 13.76 39.29
C ARG C 802 20.32 13.32 40.72
N SER C 803 19.06 13.04 41.01
CA SER C 803 18.69 12.44 42.28
C SER C 803 19.13 10.97 42.30
N PRO C 804 19.25 10.38 43.49
CA PRO C 804 19.50 8.92 43.54
C PRO C 804 18.42 8.09 42.87
N ILE C 805 17.16 8.49 43.00
CA ILE C 805 16.07 7.82 42.31
C ILE C 805 16.21 7.99 40.80
N GLU C 806 16.57 9.20 40.34
CA GLU C 806 16.74 9.44 38.92
C GLU C 806 17.94 8.68 38.36
N ASP C 807 19.02 8.55 39.15
CA ASP C 807 20.16 7.75 38.72
C ASP C 807 19.79 6.27 38.60
N LEU C 808 18.99 5.77 39.54
CA LEU C 808 18.50 4.40 39.46
C LEU C 808 17.60 4.19 38.24
N LEU C 809 16.73 5.17 37.95
CA LEU C 809 15.85 5.09 36.79
C LEU C 809 16.64 5.11 35.48
N PHE C 810 17.69 5.92 35.42
CA PHE C 810 18.49 5.98 34.20
C PHE C 810 19.37 4.74 34.04
N ASN C 811 19.77 4.12 35.14
CA ASN C 811 20.51 2.87 35.03
C ASN C 811 19.59 1.71 34.66
N LYS C 812 18.32 1.77 35.03
CA LYS C 812 17.41 0.66 34.78
C LYS C 812 16.78 0.64 33.40
N VAL C 813 17.05 1.65 32.56
CA VAL C 813 16.56 1.67 31.19
C VAL C 813 17.77 1.68 30.25
N THR C 814 17.83 0.70 29.36
CA THR C 814 18.94 0.53 28.43
C THR C 814 18.51 1.04 27.06
N LEU C 815 19.12 2.14 26.62
CA LEU C 815 18.82 2.71 25.32
C LEU C 815 19.46 1.88 24.20
N ILE C 821 28.01 9.83 18.82
CA ILE C 821 28.33 9.95 17.41
C ILE C 821 29.02 8.67 16.93
N LYS C 822 28.44 8.03 15.93
CA LYS C 822 29.01 6.83 15.32
C LYS C 822 29.66 7.23 14.00
N GLN C 823 30.99 7.28 13.99
CA GLN C 823 31.71 7.74 12.82
C GLN C 823 31.80 6.63 11.77
N TYR C 824 32.24 7.02 10.57
CA TYR C 824 32.51 6.05 9.52
C TYR C 824 33.77 5.24 9.83
N GLY C 825 34.71 5.82 10.58
CA GLY C 825 35.94 5.12 10.90
C GLY C 825 35.76 3.94 11.84
N ASP C 826 34.91 4.10 12.86
CA ASP C 826 34.63 3.03 13.81
C ASP C 826 33.47 2.16 13.36
N CYS C 827 33.01 2.33 12.13
CA CYS C 827 32.02 1.46 11.51
C CYS C 827 32.55 0.71 10.30
N LEU C 828 33.63 1.19 9.68
CA LEU C 828 34.27 0.53 8.54
C LEU C 828 34.91 -0.78 8.96
N ASP C 835 27.20 -4.59 14.31
CA ASP C 835 26.41 -3.57 15.00
C ASP C 835 25.11 -3.31 14.26
N LEU C 836 24.00 -3.30 14.99
CA LEU C 836 22.71 -3.04 14.38
C LEU C 836 22.55 -1.59 13.99
N ILE C 837 23.13 -0.67 14.79
CA ILE C 837 23.07 0.75 14.48
C ILE C 837 23.87 1.07 13.22
N CYS C 838 24.99 0.38 13.03
CA CYS C 838 25.79 0.53 11.81
C CYS C 838 25.03 0.04 10.58
N ALA C 839 24.31 -1.07 10.70
CA ALA C 839 23.52 -1.58 9.59
C ALA C 839 22.33 -0.68 9.28
N GLN C 840 21.74 -0.06 10.31
CA GLN C 840 20.69 0.92 10.08
C GLN C 840 21.24 2.16 9.39
N LYS C 841 22.42 2.62 9.81
CA LYS C 841 22.98 3.86 9.28
C LYS C 841 23.52 3.68 7.88
N PHE C 842 23.93 2.47 7.51
CA PHE C 842 24.39 2.23 6.16
C PHE C 842 23.25 2.08 5.15
N ASN C 843 22.01 1.97 5.63
CA ASN C 843 20.85 1.85 4.76
C ASN C 843 20.01 3.12 4.78
N GLY C 844 20.59 4.25 5.19
CA GLY C 844 19.91 5.53 5.15
C GLY C 844 19.04 5.85 6.34
N LEU C 845 19.06 5.03 7.38
CA LEU C 845 18.24 5.26 8.57
C LEU C 845 19.11 5.85 9.67
N THR C 846 18.80 7.07 10.09
CA THR C 846 19.57 7.77 11.11
C THR C 846 18.66 8.18 12.26
N VAL C 847 19.26 8.39 13.42
CA VAL C 847 18.55 8.79 14.63
C VAL C 847 19.00 10.19 15.00
N LEU C 848 18.07 11.13 15.02
CA LEU C 848 18.35 12.49 15.41
C LEU C 848 18.32 12.61 16.93
N PRO C 849 19.25 13.37 17.52
CA PRO C 849 19.24 13.54 18.97
C PRO C 849 18.11 14.43 19.42
N PRO C 850 17.58 14.23 20.62
CA PRO C 850 16.57 15.17 21.14
C PRO C 850 17.16 16.53 21.43
N LEU C 851 16.31 17.55 21.35
CA LEU C 851 16.75 18.94 21.50
C LEU C 851 17.21 19.21 22.93
N LEU C 852 16.48 18.71 23.92
CA LEU C 852 16.88 18.88 25.31
C LEU C 852 17.68 17.66 25.76
N THR C 853 18.87 17.90 26.29
CA THR C 853 19.68 16.83 26.86
C THR C 853 19.08 16.37 28.18
N ASP C 854 19.58 15.24 28.68
CA ASP C 854 19.10 14.70 29.95
C ASP C 854 19.45 15.59 31.13
N GLU C 855 20.55 16.34 31.03
CA GLU C 855 20.89 17.31 32.06
C GLU C 855 19.89 18.47 32.09
N MET C 856 19.37 18.87 30.93
CA MET C 856 18.37 19.93 30.91
C MET C 856 17.04 19.47 31.48
N ILE C 857 16.66 18.22 31.21
CA ILE C 857 15.45 17.65 31.80
C ILE C 857 15.61 17.50 33.31
N ALA C 858 16.81 17.13 33.76
CA ALA C 858 17.08 17.04 35.20
C ALA C 858 17.05 18.41 35.85
N GLN C 859 17.51 19.44 35.13
CA GLN C 859 17.43 20.81 35.64
C GLN C 859 15.99 21.28 35.77
N TYR C 860 15.15 20.97 34.78
CA TYR C 860 13.73 21.32 34.84
C TYR C 860 13.03 20.60 35.99
N THR C 861 13.34 19.31 36.16
CA THR C 861 12.77 18.53 37.26
C THR C 861 13.21 19.07 38.62
N SER C 862 14.48 19.46 38.74
CA SER C 862 15.00 20.04 39.98
C SER C 862 14.35 21.39 40.27
N ALA C 863 14.11 22.20 39.24
CA ALA C 863 13.44 23.48 39.45
C ALA C 863 12.00 23.29 39.90
N LEU C 864 11.30 22.31 39.33
CA LEU C 864 9.94 22.00 39.76
C LEU C 864 9.91 21.50 41.20
N LEU C 865 10.87 20.65 41.57
CA LEU C 865 10.94 20.13 42.93
C LEU C 865 11.25 21.23 43.94
N ALA C 866 12.20 22.12 43.62
CA ALA C 866 12.54 23.21 44.52
C ALA C 866 11.38 24.17 44.70
N GLY C 867 10.67 24.49 43.60
CA GLY C 867 9.50 25.34 43.70
C GLY C 867 8.38 24.72 44.50
N THR C 868 8.20 23.40 44.37
CA THR C 868 7.16 22.72 45.13
C THR C 868 7.49 22.68 46.62
N ILE C 869 8.72 22.33 46.98
CA ILE C 869 9.03 22.20 48.40
C ILE C 869 9.32 23.53 49.08
N THR C 870 9.50 24.61 48.32
CA THR C 870 9.69 25.91 48.96
C THR C 870 8.50 26.83 48.86
N SER C 871 7.63 26.68 47.87
CA SER C 871 6.52 27.59 47.71
C SER C 871 5.16 26.93 47.62
N GLY C 872 5.09 25.61 47.60
CA GLY C 872 3.79 24.95 47.53
C GLY C 872 3.23 25.03 46.12
N TRP C 873 1.94 25.35 46.03
CA TRP C 873 1.28 25.51 44.73
C TRP C 873 1.31 26.94 44.22
N THR C 874 1.95 27.86 44.95
CA THR C 874 1.87 29.26 44.60
C THR C 874 2.70 29.61 43.37
N PHE C 875 3.80 28.88 43.14
CA PHE C 875 4.65 29.18 42.00
C PHE C 875 4.06 28.72 40.68
N GLY C 876 3.07 27.83 40.71
CA GLY C 876 2.39 27.45 39.49
C GLY C 876 1.29 28.38 39.04
N ALA C 877 0.92 29.35 39.88
CA ALA C 877 -0.13 30.30 39.57
C ALA C 877 0.34 31.74 39.49
N GLY C 878 1.59 32.02 39.85
CA GLY C 878 2.09 33.37 39.85
C GLY C 878 3.50 33.44 40.41
N PRO C 879 3.76 34.42 41.27
CA PRO C 879 5.05 34.46 41.96
C PRO C 879 5.19 33.35 42.97
N ALA C 880 6.43 32.93 43.20
CA ALA C 880 6.71 31.90 44.20
C ALA C 880 6.69 32.55 45.58
N LEU C 881 5.68 32.23 46.37
CA LEU C 881 5.56 32.73 47.73
C LEU C 881 6.02 31.66 48.70
N GLN C 882 7.04 31.96 49.48
CA GLN C 882 7.60 30.97 50.38
C GLN C 882 6.66 30.72 51.56
N ILE C 883 6.75 29.52 52.11
CA ILE C 883 5.93 29.08 53.23
C ILE C 883 6.71 27.94 53.88
N PRO C 884 6.72 27.81 55.21
CA PRO C 884 7.34 26.63 55.83
C PRO C 884 6.65 25.34 55.39
N PHE C 885 7.46 24.30 55.21
CA PHE C 885 6.92 23.04 54.71
C PHE C 885 5.94 22.34 55.65
N PRO C 886 6.07 22.37 56.99
CA PRO C 886 4.93 21.92 57.81
C PRO C 886 3.65 22.73 57.60
N MET C 887 3.75 24.03 57.39
CA MET C 887 2.54 24.81 57.15
C MET C 887 1.95 24.51 55.78
N GLN C 888 2.80 24.24 54.79
CA GLN C 888 2.32 23.79 53.48
C GLN C 888 1.62 22.45 53.60
N MET C 889 2.20 21.51 54.37
CA MET C 889 1.57 20.21 54.58
C MET C 889 0.25 20.33 55.34
N ALA C 890 0.16 21.32 56.24
CA ALA C 890 -1.12 21.58 56.92
C ALA C 890 -2.16 22.12 55.95
N TYR C 891 -1.73 22.93 54.98
CA TYR C 891 -2.65 23.38 53.93
C TYR C 891 -3.14 22.20 53.09
N ARG C 892 -2.24 21.27 52.75
CA ARG C 892 -2.65 20.08 51.99
C ARG C 892 -3.55 19.17 52.80
N PHE C 893 -3.36 19.12 54.13
CA PHE C 893 -4.28 18.38 54.98
C PHE C 893 -5.65 19.02 55.01
N ASN C 894 -5.70 20.35 55.02
CA ASN C 894 -6.98 21.05 54.91
C ASN C 894 -7.64 20.82 53.56
N GLY C 895 -6.84 20.59 52.52
CA GLY C 895 -7.39 20.35 51.19
C GLY C 895 -8.09 19.01 51.03
N ILE C 896 -7.84 18.06 51.93
CA ILE C 896 -8.51 16.76 51.89
C ILE C 896 -9.50 16.59 53.03
N GLY C 897 -9.86 17.66 53.72
CA GLY C 897 -10.89 17.60 54.74
C GLY C 897 -10.43 17.21 56.13
N VAL C 898 -9.14 17.36 56.43
CA VAL C 898 -8.60 17.08 57.76
C VAL C 898 -8.10 18.39 58.33
N THR C 899 -8.41 18.64 59.60
CA THR C 899 -7.97 19.88 60.24
C THR C 899 -6.46 19.85 60.46
N GLN C 900 -5.86 21.05 60.51
CA GLN C 900 -4.41 21.17 60.50
C GLN C 900 -3.76 20.81 61.82
N ASN C 901 -4.52 20.76 62.92
CA ASN C 901 -3.95 20.32 64.19
C ASN C 901 -3.63 18.84 64.17
N VAL C 902 -4.27 18.06 63.31
CA VAL C 902 -3.90 16.67 63.10
C VAL C 902 -2.49 16.57 62.52
N LEU C 903 -2.16 17.47 61.59
CA LEU C 903 -0.80 17.53 61.06
C LEU C 903 0.18 18.01 62.12
N TYR C 904 -0.18 19.06 62.86
CA TYR C 904 0.79 19.67 63.77
C TYR C 904 1.05 18.82 65.01
N GLU C 905 0.06 18.04 65.44
CA GLU C 905 0.23 17.19 66.61
C GLU C 905 0.80 15.83 66.26
N ASN C 906 1.01 15.54 64.98
CA ASN C 906 1.60 14.28 64.52
C ASN C 906 2.68 14.55 63.50
N GLN C 907 3.48 15.60 63.71
CA GLN C 907 4.42 16.04 62.69
C GLN C 907 5.60 15.08 62.54
N LYS C 908 6.15 14.61 63.66
CA LYS C 908 7.26 13.66 63.61
C LYS C 908 6.84 12.34 62.98
N LEU C 909 5.65 11.85 63.32
CA LEU C 909 5.14 10.61 62.76
C LEU C 909 4.91 10.73 61.25
N ILE C 910 4.33 11.85 60.81
CA ILE C 910 4.05 12.06 59.39
C ILE C 910 5.35 12.20 58.60
N ALA C 911 6.33 12.91 59.17
CA ALA C 911 7.63 13.03 58.52
C ALA C 911 8.35 11.70 58.43
N ASN C 912 8.28 10.88 59.48
CA ASN C 912 8.89 9.55 59.47
C ASN C 912 8.22 8.64 58.45
N GLN C 913 6.89 8.70 58.35
CA GLN C 913 6.16 7.89 57.37
C GLN C 913 6.51 8.31 55.95
N PHE C 914 6.65 9.62 55.72
CA PHE C 914 7.05 10.12 54.41
C PHE C 914 8.45 9.65 54.03
N ASN C 915 9.39 9.74 54.97
CA ASN C 915 10.77 9.32 54.70
C ASN C 915 10.86 7.81 54.44
N SER C 916 10.13 7.02 55.24
CA SER C 916 10.10 5.57 55.04
C SER C 916 9.45 5.20 53.71
N ALA C 917 8.42 5.94 53.30
CA ALA C 917 7.77 5.66 52.02
C ALA C 917 8.68 5.98 50.85
N ILE C 918 9.44 7.07 50.94
CA ILE C 918 10.40 7.40 49.87
C ILE C 918 11.51 6.36 49.80
N GLY C 919 12.01 5.90 50.95
CA GLY C 919 13.01 4.85 50.95
C GLY C 919 12.50 3.52 50.41
N LYS C 920 11.25 3.18 50.73
CA LYS C 920 10.63 1.98 50.17
C LYS C 920 10.42 2.12 48.67
N ILE C 921 10.15 3.33 48.19
CA ILE C 921 10.00 3.55 46.76
C ILE C 921 11.32 3.30 46.04
N GLN C 922 12.42 3.79 46.63
CA GLN C 922 13.74 3.55 46.05
C GLN C 922 14.09 2.06 46.05
N ASP C 923 13.80 1.35 47.14
CA ASP C 923 14.08 -0.09 47.21
C ASP C 923 13.23 -0.88 46.22
N SER C 924 11.94 -0.53 46.08
CA SER C 924 11.06 -1.25 45.18
C SER C 924 11.40 -0.97 43.72
N LEU C 925 11.90 0.22 43.40
CA LEU C 925 12.38 0.47 42.05
C LEU C 925 13.69 -0.26 41.79
N SER C 926 14.56 -0.35 42.80
CA SER C 926 15.83 -1.04 42.61
C SER C 926 15.69 -2.55 42.56
N SER C 927 14.60 -3.10 43.10
CA SER C 927 14.43 -4.55 43.18
C SER C 927 13.63 -5.12 42.01
N THR C 928 12.48 -4.54 41.70
CA THR C 928 11.60 -5.11 40.68
C THR C 928 12.17 -4.85 39.29
N PRO C 929 12.37 -5.87 38.46
CA PRO C 929 12.99 -5.67 37.15
C PRO C 929 12.05 -5.07 36.10
N SER C 930 10.76 -5.40 36.19
CA SER C 930 9.77 -4.97 35.21
C SER C 930 8.98 -3.74 35.67
N ALA C 931 9.59 -2.90 36.51
CA ALA C 931 8.88 -1.72 37.00
C ALA C 931 8.80 -0.64 35.91
N LEU C 932 9.84 -0.53 35.08
CA LEU C 932 9.91 0.49 34.04
C LEU C 932 9.63 -0.10 32.66
N GLY C 933 8.66 -1.00 32.58
CA GLY C 933 8.40 -1.72 31.34
C GLY C 933 7.84 -0.89 30.22
N LYS C 934 7.20 0.25 30.52
CA LYS C 934 6.59 1.06 29.48
C LYS C 934 7.64 1.75 28.62
N LEU C 935 8.63 2.38 29.25
CA LEU C 935 9.70 3.06 28.51
C LEU C 935 10.56 2.07 27.75
N GLN C 936 10.86 0.92 28.39
CA GLN C 936 11.59 -0.14 27.70
C GLN C 936 10.79 -0.72 26.54
N ASP C 937 9.46 -0.79 26.68
CA ASP C 937 8.62 -1.25 25.58
C ASP C 937 8.65 -0.27 24.40
N VAL C 938 8.67 1.03 24.70
CA VAL C 938 8.77 2.04 23.65
C VAL C 938 10.09 1.91 22.90
N VAL C 939 11.19 1.77 23.66
CA VAL C 939 12.52 1.61 23.07
C VAL C 939 12.62 0.34 22.23
N ASN C 940 12.06 -0.76 22.76
CA ASN C 940 12.09 -2.04 22.06
C ASN C 940 11.25 -2.01 20.80
N GLN C 941 10.10 -1.33 20.83
CA GLN C 941 9.26 -1.22 19.65
C GLN C 941 9.95 -0.42 18.55
N ASN C 942 10.60 0.69 18.91
CA ASN C 942 11.29 1.48 17.90
C ASN C 942 12.48 0.73 17.31
N ALA C 943 13.26 0.04 18.15
CA ALA C 943 14.41 -0.73 17.66
C ALA C 943 13.95 -1.91 16.80
N GLN C 944 12.84 -2.55 17.17
CA GLN C 944 12.32 -3.67 16.40
C GLN C 944 11.80 -3.21 15.05
N ALA C 945 11.17 -2.02 15.00
CA ALA C 945 10.70 -1.47 13.73
C ALA C 945 11.86 -1.15 12.80
N LEU C 946 12.93 -0.55 13.33
CA LEU C 946 14.09 -0.25 12.50
C LEU C 946 14.80 -1.50 12.02
N ASN C 947 14.91 -2.52 12.89
CA ASN C 947 15.55 -3.76 12.48
C ASN C 947 14.71 -4.54 11.48
N THR C 948 13.39 -4.47 11.59
CA THR C 948 12.52 -5.08 10.59
C THR C 948 12.65 -4.38 9.25
N LEU C 949 12.78 -3.04 9.27
CA LEU C 949 13.01 -2.29 8.04
C LEU C 949 14.33 -2.66 7.39
N VAL C 950 15.37 -2.91 8.20
CA VAL C 950 16.65 -3.36 7.66
C VAL C 950 16.53 -4.76 7.08
N LYS C 951 15.88 -5.67 7.82
CA LYS C 951 15.77 -7.06 7.39
C LYS C 951 14.87 -7.26 6.20
N GLN C 952 13.96 -6.32 5.92
CA GLN C 952 13.08 -6.44 4.77
C GLN C 952 13.76 -6.13 3.45
N LEU C 953 15.03 -5.70 3.48
CA LEU C 953 15.81 -5.50 2.27
C LEU C 953 16.27 -6.81 1.62
N SER C 954 16.09 -7.94 2.30
CA SER C 954 16.48 -9.23 1.76
C SER C 954 15.37 -9.90 0.96
N SER C 955 14.18 -9.31 0.92
CA SER C 955 13.08 -9.90 0.17
C SER C 955 13.24 -9.63 -1.33
N ASN C 956 12.59 -10.48 -2.12
CA ASN C 956 12.65 -10.36 -3.58
C ASN C 956 11.49 -9.59 -4.16
N PHE C 957 10.32 -9.63 -3.50
CA PHE C 957 9.08 -8.95 -3.92
C PHE C 957 8.65 -9.38 -5.33
N GLY C 958 8.85 -10.66 -5.64
CA GLY C 958 8.50 -11.17 -6.95
C GLY C 958 9.57 -11.02 -8.01
N ALA C 959 10.69 -10.37 -7.70
CA ALA C 959 11.78 -10.23 -8.65
C ALA C 959 12.67 -11.47 -8.60
N ILE C 960 13.71 -11.48 -9.41
CA ILE C 960 14.59 -12.63 -9.48
C ILE C 960 15.62 -12.65 -8.36
N SER C 961 15.84 -11.51 -7.70
CA SER C 961 16.86 -11.41 -6.66
C SER C 961 16.52 -10.24 -5.76
N SER C 962 17.25 -10.17 -4.64
CA SER C 962 17.14 -9.06 -3.71
C SER C 962 18.30 -8.08 -3.83
N VAL C 963 19.43 -8.50 -4.39
CA VAL C 963 20.60 -7.64 -4.54
C VAL C 963 20.45 -6.85 -5.83
N LEU C 964 20.62 -5.52 -5.72
CA LEU C 964 20.60 -4.66 -6.89
C LEU C 964 21.79 -4.92 -7.80
N ASN C 965 22.97 -5.14 -7.20
CA ASN C 965 24.18 -5.29 -7.99
C ASN C 965 24.25 -6.63 -8.70
N ASP C 966 23.57 -7.64 -8.16
CA ASP C 966 23.49 -8.92 -8.85
C ASP C 966 22.56 -8.84 -10.05
N ILE C 967 21.47 -8.07 -9.93
CA ILE C 967 20.57 -7.85 -11.05
C ILE C 967 21.25 -7.03 -12.14
N LEU C 968 21.98 -5.98 -11.75
CA LEU C 968 22.61 -5.09 -12.71
C LEU C 968 23.77 -5.74 -13.45
N SER C 969 24.37 -6.79 -12.90
CA SER C 969 25.51 -7.45 -13.51
C SER C 969 25.13 -8.67 -14.33
N ARG C 970 23.83 -8.98 -14.45
CA ARG C 970 23.38 -10.11 -15.24
C ARG C 970 22.39 -9.75 -16.33
N LEU C 971 21.87 -8.53 -16.34
CA LEU C 971 20.81 -8.16 -17.25
C LEU C 971 21.13 -6.84 -17.94
N ASP C 972 20.62 -6.70 -19.16
CA ASP C 972 20.68 -5.43 -19.88
C ASP C 972 19.71 -4.47 -19.23
N PRO C 973 19.84 -3.15 -19.48
CA PRO C 973 18.94 -2.14 -18.85
C PRO C 973 17.43 -2.40 -19.00
N PRO C 974 16.88 -3.05 -20.08
CA PRO C 974 15.44 -3.40 -20.02
C PRO C 974 15.00 -4.41 -18.96
N GLU C 975 15.55 -5.62 -18.92
CA GLU C 975 15.07 -6.57 -17.91
C GLU C 975 15.56 -6.18 -16.52
N ALA C 976 16.73 -5.51 -16.43
CA ALA C 976 17.14 -4.92 -15.17
C ALA C 976 16.17 -3.84 -14.73
N GLU C 977 15.60 -3.08 -15.67
CA GLU C 977 14.56 -2.10 -15.34
C GLU C 977 13.33 -2.78 -14.77
N VAL C 978 12.95 -3.93 -15.34
CA VAL C 978 11.78 -4.67 -14.84
C VAL C 978 12.01 -5.17 -13.41
N GLN C 979 13.16 -5.82 -13.18
CA GLN C 979 13.44 -6.38 -11.85
C GLN C 979 13.64 -5.29 -10.81
N ILE C 980 14.34 -4.21 -11.16
CA ILE C 980 14.56 -3.11 -10.24
C ILE C 980 13.26 -2.36 -9.98
N ASP C 981 12.33 -2.35 -10.94
CA ASP C 981 11.00 -1.78 -10.68
C ASP C 981 10.24 -2.61 -9.66
N ARG C 982 10.35 -3.94 -9.73
CA ARG C 982 9.76 -4.80 -8.71
C ARG C 982 10.36 -4.53 -7.32
N LEU C 983 11.69 -4.42 -7.25
CA LEU C 983 12.36 -4.16 -5.98
C LEU C 983 12.02 -2.78 -5.43
N ILE C 984 11.87 -1.80 -6.32
CA ILE C 984 11.52 -0.44 -5.92
C ILE C 984 10.11 -0.40 -5.33
N THR C 985 9.17 -1.10 -5.97
CA THR C 985 7.81 -1.17 -5.45
C THR C 985 7.76 -1.85 -4.08
N GLY C 986 8.51 -2.94 -3.91
CA GLY C 986 8.53 -3.63 -2.64
C GLY C 986 9.15 -2.80 -1.51
N ARG C 987 10.28 -2.14 -1.80
CA ARG C 987 10.94 -1.36 -0.76
C ARG C 987 10.18 -0.07 -0.45
N LEU C 988 9.48 0.50 -1.44
CA LEU C 988 8.60 1.63 -1.19
C LEU C 988 7.42 1.22 -0.31
N GLN C 989 6.88 0.01 -0.53
CA GLN C 989 5.82 -0.49 0.34
C GLN C 989 6.32 -0.71 1.77
N SER C 990 7.54 -1.22 1.92
CA SER C 990 8.13 -1.40 3.24
C SER C 990 8.30 -0.07 3.97
N LEU C 991 8.79 0.96 3.25
CA LEU C 991 8.97 2.27 3.86
C LEU C 991 7.64 2.90 4.23
N GLN C 992 6.62 2.75 3.38
CA GLN C 992 5.30 3.29 3.68
C GLN C 992 4.68 2.60 4.90
N THR C 993 4.86 1.29 5.02
CA THR C 993 4.38 0.57 6.19
C THR C 993 5.07 1.05 7.47
N TYR C 994 6.38 1.25 7.41
CA TYR C 994 7.12 1.75 8.56
C TYR C 994 6.66 3.14 8.97
N VAL C 995 6.43 4.02 7.98
CA VAL C 995 6.02 5.40 8.27
C VAL C 995 4.61 5.44 8.85
N THR C 996 3.71 4.59 8.34
CA THR C 996 2.35 4.53 8.87
C THR C 996 2.31 4.03 10.31
N GLN C 997 3.06 2.96 10.61
CA GLN C 997 3.13 2.46 11.97
C GLN C 997 3.79 3.46 12.91
N GLN C 998 4.79 4.20 12.42
CA GLN C 998 5.41 5.23 13.23
C GLN C 998 4.46 6.38 13.52
N LEU C 999 3.59 6.72 12.56
CA LEU C 999 2.61 7.77 12.78
C LEU C 999 1.57 7.37 13.84
N ILE C 1000 1.12 6.11 13.78
CA ILE C 1000 0.17 5.62 14.79
C ILE C 1000 0.82 5.57 16.17
N ARG C 1001 2.06 5.09 16.25
CA ARG C 1001 2.80 5.06 17.51
C ARG C 1001 3.08 6.46 18.04
N ALA C 1002 3.32 7.43 17.15
CA ALA C 1002 3.54 8.81 17.58
C ALA C 1002 2.26 9.43 18.12
N ALA C 1003 1.11 9.06 17.55
CA ALA C 1003 -0.16 9.52 18.10
C ALA C 1003 -0.40 8.97 19.50
N GLU C 1004 -0.07 7.69 19.71
CA GLU C 1004 -0.19 7.10 21.04
C GLU C 1004 0.77 7.76 22.05
N ILE C 1005 2.00 8.03 21.61
CA ILE C 1005 2.99 8.68 22.48
C ILE C 1005 2.57 10.12 22.80
N ARG C 1006 1.95 10.80 21.84
CA ARG C 1006 1.46 12.16 22.07
C ARG C 1006 0.31 12.17 23.05
N ALA C 1007 -0.57 11.16 23.00
CA ALA C 1007 -1.63 11.05 24.01
C ALA C 1007 -1.04 10.82 25.39
N SER C 1008 -0.02 9.96 25.48
CA SER C 1008 0.65 9.73 26.76
C SER C 1008 1.35 10.99 27.28
N ALA C 1009 1.95 11.77 26.38
CA ALA C 1009 2.65 12.98 26.79
C ALA C 1009 1.69 14.08 27.19
N ASN C 1010 0.52 14.16 26.53
CA ASN C 1010 -0.51 15.10 26.97
C ASN C 1010 -1.04 14.74 28.36
N LEU C 1011 -1.19 13.43 28.62
CA LEU C 1011 -1.57 12.98 29.96
C LEU C 1011 -0.48 13.33 30.99
N ALA C 1012 0.79 13.17 30.62
CA ALA C 1012 1.89 13.50 31.53
C ALA C 1012 1.96 14.99 31.81
N ALA C 1013 1.71 15.83 30.79
CA ALA C 1013 1.67 17.27 31.00
C ALA C 1013 0.51 17.68 31.89
N THR C 1014 -0.64 17.03 31.73
CA THR C 1014 -1.79 17.29 32.60
C THR C 1014 -1.51 16.88 34.04
N LYS C 1015 -0.83 15.74 34.23
CA LYS C 1015 -0.47 15.32 35.57
C LYS C 1015 0.59 16.22 36.20
N MET C 1016 1.50 16.74 35.39
CA MET C 1016 2.47 17.72 35.90
C MET C 1016 1.78 19.01 36.33
N SER C 1017 0.78 19.45 35.56
CA SER C 1017 0.05 20.65 35.93
C SER C 1017 -0.81 20.45 37.17
N GLU C 1018 -1.51 19.32 37.27
CA GLU C 1018 -2.55 19.18 38.27
C GLU C 1018 -2.13 18.41 39.52
N CYS C 1019 -1.04 17.65 39.48
CA CYS C 1019 -0.56 16.92 40.65
C CYS C 1019 0.68 17.54 41.26
N VAL C 1020 1.57 18.09 40.45
CA VAL C 1020 2.80 18.69 40.95
C VAL C 1020 2.60 20.16 41.28
N LEU C 1021 1.98 20.91 40.39
CA LEU C 1021 1.76 22.34 40.61
C LEU C 1021 0.53 22.64 41.44
N GLY C 1022 -0.23 21.63 41.86
CA GLY C 1022 -1.39 21.86 42.69
C GLY C 1022 -1.81 20.59 43.38
N GLN C 1023 -2.83 20.71 44.21
CA GLN C 1023 -3.44 19.58 44.89
C GLN C 1023 -4.74 19.24 44.17
N SER C 1024 -4.88 17.97 43.76
CA SER C 1024 -5.98 17.56 42.92
C SER C 1024 -7.08 16.89 43.75
N LYS C 1025 -8.32 17.26 43.47
CA LYS C 1025 -9.48 16.63 44.06
C LYS C 1025 -10.03 15.50 43.20
N ARG C 1026 -9.46 15.27 42.02
CA ARG C 1026 -9.91 14.18 41.15
C ARG C 1026 -9.46 12.84 41.71
N VAL C 1027 -10.38 11.90 41.77
CA VAL C 1027 -10.12 10.60 42.39
C VAL C 1027 -9.25 9.77 41.45
N ASP C 1028 -8.16 9.22 41.99
CA ASP C 1028 -7.20 8.32 41.35
C ASP C 1028 -6.42 8.96 40.21
N PHE C 1029 -6.49 10.28 40.05
CA PHE C 1029 -5.71 10.94 39.01
C PHE C 1029 -4.26 11.09 39.42
N CYS C 1030 -4.00 11.29 40.71
CA CYS C 1030 -2.66 11.47 41.25
C CYS C 1030 -2.41 10.48 42.37
N GLY C 1031 -2.68 9.21 42.11
CA GLY C 1031 -2.41 8.14 43.05
C GLY C 1031 -3.67 7.65 43.75
N LYS C 1032 -3.50 6.55 44.49
CA LYS C 1032 -4.60 5.92 45.20
C LYS C 1032 -4.63 6.45 46.63
N GLY C 1033 -5.77 7.00 47.02
CA GLY C 1033 -5.91 7.71 48.28
C GLY C 1033 -6.23 9.17 48.05
N TYR C 1034 -6.31 9.90 49.16
CA TYR C 1034 -6.55 11.33 49.09
C TYR C 1034 -5.24 12.03 48.80
N HIS C 1035 -5.18 12.74 47.68
CA HIS C 1035 -3.92 13.25 47.15
C HIS C 1035 -3.39 14.41 47.99
N LEU C 1036 -2.14 14.30 48.42
CA LEU C 1036 -1.47 15.39 49.11
C LEU C 1036 -0.56 16.17 48.17
N MET C 1037 0.43 15.53 47.58
CA MET C 1037 1.30 16.21 46.64
C MET C 1037 1.95 15.19 45.70
N SER C 1038 2.78 15.68 44.81
CA SER C 1038 3.47 14.82 43.85
C SER C 1038 4.82 15.42 43.53
N PHE C 1039 5.77 14.54 43.20
CA PHE C 1039 7.12 14.94 42.87
C PHE C 1039 7.51 14.34 41.52
N PRO C 1040 7.99 15.14 40.57
CA PRO C 1040 8.44 14.58 39.30
C PRO C 1040 9.89 14.11 39.35
N GLN C 1041 10.16 13.08 38.56
CA GLN C 1041 11.51 12.59 38.33
C GLN C 1041 11.65 12.28 36.85
N SER C 1042 12.79 12.65 36.28
CA SER C 1042 13.02 12.37 34.87
C SER C 1042 13.43 10.92 34.67
N ALA C 1043 13.07 10.37 33.53
CA ALA C 1043 13.40 9.01 33.16
C ALA C 1043 13.73 9.03 31.67
N PRO C 1044 14.51 8.04 31.18
CA PRO C 1044 14.77 7.95 29.73
C PRO C 1044 13.51 7.82 28.91
N HIS C 1045 13.24 8.86 28.11
CA HIS C 1045 12.03 9.04 27.33
C HIS C 1045 10.77 9.03 28.18
N GLY C 1046 10.82 9.56 29.39
CA GLY C 1046 9.61 9.55 30.19
C GLY C 1046 9.72 10.29 31.49
N VAL C 1047 8.63 10.23 32.26
CA VAL C 1047 8.54 10.90 33.54
C VAL C 1047 7.99 9.90 34.56
N VAL C 1048 8.50 9.96 35.78
CA VAL C 1048 8.01 9.17 36.90
C VAL C 1048 7.45 10.14 37.93
N PHE C 1049 6.19 9.98 38.29
CA PHE C 1049 5.56 10.79 39.30
C PHE C 1049 5.51 10.01 40.61
N LEU C 1050 6.01 10.62 41.67
CA LEU C 1050 5.88 10.07 43.03
C LEU C 1050 4.69 10.77 43.67
N HIS C 1051 3.58 10.05 43.80
CA HIS C 1051 2.35 10.58 44.36
C HIS C 1051 2.33 10.30 45.86
N VAL C 1052 2.36 11.37 46.65
CA VAL C 1052 2.19 11.30 48.08
C VAL C 1052 0.71 11.50 48.38
N THR C 1053 0.09 10.48 48.98
CA THR C 1053 -1.33 10.48 49.29
C THR C 1053 -1.53 10.10 50.74
N TYR C 1054 -2.74 10.41 51.22
CA TYR C 1054 -3.20 10.15 52.58
C TYR C 1054 -4.15 8.97 52.51
N VAL C 1055 -3.86 7.92 53.27
CA VAL C 1055 -4.73 6.75 53.32
C VAL C 1055 -5.24 6.62 54.76
N PRO C 1056 -6.55 6.66 54.98
CA PRO C 1056 -7.08 6.44 56.33
C PRO C 1056 -6.86 5.01 56.79
N ALA C 1057 -6.69 4.84 58.11
CA ALA C 1057 -6.34 3.55 58.64
C ALA C 1057 -6.87 3.41 60.05
N GLN C 1058 -7.00 2.15 60.49
CA GLN C 1058 -7.43 1.75 61.84
C GLN C 1058 -8.81 2.31 62.18
N GLU C 1059 -9.80 1.89 61.40
CA GLU C 1059 -11.16 2.37 61.54
C GLU C 1059 -11.83 1.76 62.78
N LYS C 1060 -12.87 2.45 63.25
CA LYS C 1060 -13.62 2.01 64.42
C LYS C 1060 -15.11 2.19 64.15
N ASN C 1061 -15.90 1.33 64.79
CA ASN C 1061 -17.36 1.37 64.70
C ASN C 1061 -17.93 2.36 65.71
N PHE C 1062 -18.92 3.13 65.28
CA PHE C 1062 -19.65 4.02 66.18
C PHE C 1062 -21.11 4.02 65.77
N THR C 1063 -21.98 4.34 66.74
CA THR C 1063 -23.37 4.59 66.42
C THR C 1063 -23.50 6.01 65.90
N THR C 1064 -24.34 6.21 64.89
CA THR C 1064 -24.45 7.52 64.28
C THR C 1064 -25.91 7.97 64.24
N ALA C 1065 -26.09 9.28 64.12
CA ALA C 1065 -27.40 9.90 64.03
C ALA C 1065 -27.36 11.02 63.02
N PRO C 1066 -28.45 11.25 62.29
CA PRO C 1066 -28.48 12.40 61.38
C PRO C 1066 -28.62 13.73 62.09
N ALA C 1067 -29.32 13.78 63.22
CA ALA C 1067 -29.57 15.03 63.91
C ALA C 1067 -29.72 14.77 65.39
N ILE C 1068 -29.54 15.83 66.18
CA ILE C 1068 -29.66 15.79 67.62
C ILE C 1068 -30.80 16.70 68.04
N CYS C 1069 -31.75 16.17 68.79
CA CYS C 1069 -32.89 16.94 69.29
C CYS C 1069 -32.60 17.34 70.73
N HIS C 1070 -32.56 18.66 70.98
CA HIS C 1070 -32.24 19.16 72.31
C HIS C 1070 -33.40 19.88 72.97
N ASP C 1071 -33.93 20.92 72.35
CA ASP C 1071 -34.94 21.77 72.96
C ASP C 1071 -36.15 21.90 72.05
N GLY C 1072 -36.59 20.78 71.49
CA GLY C 1072 -37.58 20.82 70.43
C GLY C 1072 -37.03 21.37 69.14
N LYS C 1073 -35.72 21.25 68.93
CA LYS C 1073 -35.05 21.77 67.76
C LYS C 1073 -34.10 20.72 67.22
N ALA C 1074 -34.03 20.61 65.90
CA ALA C 1074 -33.11 19.69 65.26
C ALA C 1074 -31.76 20.36 65.06
N HIS C 1075 -30.71 19.70 65.53
CA HIS C 1075 -29.34 20.21 65.42
C HIS C 1075 -28.55 19.35 64.46
N PHE C 1076 -27.88 19.98 63.52
CA PHE C 1076 -27.09 19.32 62.50
C PHE C 1076 -25.63 19.76 62.63
N PRO C 1077 -24.68 18.89 62.31
CA PRO C 1077 -23.27 19.28 62.45
C PRO C 1077 -22.86 20.29 61.38
N ARG C 1078 -22.04 21.26 61.79
CA ARG C 1078 -21.55 22.25 60.85
C ARG C 1078 -20.54 21.62 59.89
N GLU C 1079 -19.46 21.05 60.43
CA GLU C 1079 -18.47 20.31 59.65
C GLU C 1079 -18.14 19.07 60.48
N GLY C 1080 -18.87 17.99 60.26
CA GLY C 1080 -18.57 16.77 61.00
C GLY C 1080 -19.74 15.82 60.97
N VAL C 1081 -19.73 14.91 61.94
CA VAL C 1081 -20.68 13.82 62.04
C VAL C 1081 -20.88 13.50 63.51
N PHE C 1082 -22.14 13.29 63.91
CA PHE C 1082 -22.46 12.84 65.24
C PHE C 1082 -22.12 11.37 65.39
N VAL C 1083 -21.39 11.04 66.45
CA VAL C 1083 -21.03 9.65 66.75
C VAL C 1083 -21.32 9.38 68.22
N SER C 1084 -21.44 8.10 68.52
CA SER C 1084 -21.68 7.63 69.88
C SER C 1084 -20.84 6.40 70.11
N ASN C 1085 -20.12 6.40 71.23
CA ASN C 1085 -19.30 5.27 71.66
C ASN C 1085 -20.10 4.26 72.47
N GLY C 1086 -21.40 4.49 72.66
CA GLY C 1086 -22.24 3.58 73.39
C GLY C 1086 -23.06 4.29 74.44
N THR C 1087 -22.46 5.27 75.12
CA THR C 1087 -23.13 6.05 76.15
C THR C 1087 -23.27 7.52 75.79
N HIS C 1088 -22.18 8.16 75.36
CA HIS C 1088 -22.15 9.60 75.15
C HIS C 1088 -22.10 9.92 73.67
N TRP C 1089 -22.58 11.11 73.32
CA TRP C 1089 -22.66 11.57 71.94
C TRP C 1089 -21.66 12.71 71.72
N PHE C 1090 -20.90 12.60 70.63
CA PHE C 1090 -19.91 13.59 70.25
C PHE C 1090 -20.12 13.98 68.79
N VAL C 1091 -19.40 15.02 68.38
CA VAL C 1091 -19.30 15.40 66.97
C VAL C 1091 -17.82 15.36 66.59
N THR C 1092 -17.52 14.72 65.47
CA THR C 1092 -16.14 14.56 65.04
C THR C 1092 -16.02 14.93 63.56
N GLN C 1093 -14.80 15.25 63.15
CA GLN C 1093 -14.53 15.40 61.74
C GLN C 1093 -14.59 14.03 61.06
N ARG C 1094 -14.91 14.03 59.76
CA ARG C 1094 -15.32 12.81 59.09
C ARG C 1094 -14.15 11.89 58.75
N ASN C 1095 -12.96 12.43 58.51
CA ASN C 1095 -11.84 11.63 58.05
C ASN C 1095 -10.84 11.29 59.14
N PHE C 1096 -11.09 11.70 60.38
CA PHE C 1096 -10.17 11.42 61.48
C PHE C 1096 -11.00 11.45 62.76
N TYR C 1097 -10.79 10.47 63.64
CA TYR C 1097 -11.58 10.40 64.86
C TYR C 1097 -11.06 11.41 65.86
N GLU C 1098 -11.85 12.43 66.14
CA GLU C 1098 -11.52 13.46 67.13
C GLU C 1098 -12.79 13.92 67.79
N PRO C 1099 -13.26 13.20 68.81
CA PRO C 1099 -14.57 13.51 69.39
C PRO C 1099 -14.56 14.79 70.21
N GLN C 1100 -15.66 15.53 70.13
CA GLN C 1100 -15.79 16.80 70.82
C GLN C 1100 -17.21 16.93 71.35
N ILE C 1101 -17.36 17.78 72.38
CA ILE C 1101 -18.66 18.01 72.99
C ILE C 1101 -19.56 18.76 72.01
N ILE C 1102 -20.78 18.27 71.84
CA ILE C 1102 -21.75 18.89 70.93
C ILE C 1102 -22.19 20.22 71.53
N THR C 1103 -21.75 21.33 70.95
CA THR C 1103 -22.11 22.66 71.39
C THR C 1103 -22.91 23.37 70.31
N THR C 1104 -23.31 24.61 70.61
CA THR C 1104 -23.98 25.44 69.61
C THR C 1104 -23.02 25.99 68.57
N ASP C 1105 -21.71 25.96 68.84
CA ASP C 1105 -20.74 26.35 67.83
C ASP C 1105 -20.45 25.21 66.86
N ASN C 1106 -20.59 23.97 67.30
CA ASN C 1106 -20.39 22.81 66.44
C ASN C 1106 -21.57 22.56 65.52
N THR C 1107 -22.75 23.06 65.85
CA THR C 1107 -24.00 22.68 65.22
C THR C 1107 -24.74 23.90 64.71
N PHE C 1108 -25.74 23.64 63.87
CA PHE C 1108 -26.71 24.66 63.49
C PHE C 1108 -28.11 24.06 63.61
N VAL C 1109 -29.09 24.95 63.72
CA VAL C 1109 -30.47 24.58 64.04
C VAL C 1109 -31.31 24.74 62.78
N SER C 1110 -32.15 23.74 62.49
CA SER C 1110 -33.09 23.82 61.38
C SER C 1110 -34.33 23.01 61.72
N GLY C 1111 -35.40 23.70 62.08
CA GLY C 1111 -36.68 23.06 62.32
C GLY C 1111 -36.79 22.39 63.68
N ASN C 1112 -37.86 21.62 63.84
CA ASN C 1112 -38.10 20.87 65.06
C ASN C 1112 -37.73 19.40 64.83
N CYS C 1113 -38.04 18.56 65.81
CA CYS C 1113 -37.64 17.16 65.81
C CYS C 1113 -38.73 16.23 65.28
N ASP C 1114 -39.54 16.69 64.33
CA ASP C 1114 -40.64 15.89 63.80
C ASP C 1114 -40.43 15.41 62.38
N VAL C 1115 -39.51 16.03 61.64
CA VAL C 1115 -39.33 15.73 60.23
C VAL C 1115 -38.18 14.75 60.01
N VAL C 1116 -37.09 14.91 60.76
CA VAL C 1116 -35.89 14.11 60.53
C VAL C 1116 -36.10 12.69 61.04
N ILE C 1117 -35.85 11.72 60.17
CA ILE C 1117 -35.99 10.32 60.53
C ILE C 1117 -34.70 9.87 61.20
N GLY C 1118 -34.82 9.36 62.43
CA GLY C 1118 -33.67 8.90 63.16
C GLY C 1118 -33.01 9.93 64.06
N ILE C 1119 -33.72 11.00 64.40
CA ILE C 1119 -33.17 12.02 65.28
C ILE C 1119 -33.05 11.46 66.69
N VAL C 1120 -32.01 11.88 67.41
CA VAL C 1120 -31.62 11.28 68.68
C VAL C 1120 -31.65 12.35 69.75
N ASN C 1121 -32.31 12.05 70.87
CA ASN C 1121 -32.38 12.97 71.99
C ASN C 1121 -31.02 13.07 72.67
N ASN C 1122 -30.47 14.28 72.72
CA ASN C 1122 -29.23 14.55 73.46
C ASN C 1122 -29.20 16.03 73.80
N THR C 1123 -28.30 16.39 74.69
CA THR C 1123 -28.16 17.77 75.11
C THR C 1123 -27.11 18.48 74.26
N VAL C 1124 -27.38 19.74 73.94
CA VAL C 1124 -26.46 20.60 73.23
C VAL C 1124 -26.01 21.69 74.19
N TYR C 1125 -24.73 21.70 74.51
CA TYR C 1125 -24.21 22.55 75.57
C TYR C 1125 -24.00 23.97 75.05
N ASP C 1126 -24.60 24.94 75.73
CA ASP C 1126 -24.45 26.34 75.36
C ASP C 1126 -23.29 26.94 76.12
N PRO C 1127 -22.24 27.44 75.46
CA PRO C 1127 -21.10 28.02 76.19
C PRO C 1127 -21.38 29.40 76.75
N LEU C 1128 -22.54 29.99 76.46
CA LEU C 1128 -22.82 31.35 76.89
C LEU C 1128 -23.18 31.43 78.37
N GLN C 1129 -23.78 30.39 78.94
CA GLN C 1129 -24.19 30.49 80.34
C GLN C 1129 -23.61 29.46 81.32
N PRO C 1130 -22.29 29.14 81.29
CA PRO C 1130 -21.63 28.87 82.57
C PRO C 1130 -21.13 30.17 83.18
N GLU C 1131 -20.90 31.16 82.32
CA GLU C 1131 -20.52 32.49 82.80
C GLU C 1131 -21.72 33.19 83.44
N LEU C 1132 -22.88 33.10 82.82
CA LEU C 1132 -24.06 33.80 83.31
C LEU C 1132 -24.88 32.91 84.23
N CYS D 2 36.20 -12.63 -58.54
CA CYS D 2 36.49 -12.29 -57.17
C CYS D 2 37.27 -10.96 -57.13
N PRO D 3 36.91 -10.07 -56.19
CA PRO D 3 37.59 -8.78 -56.07
C PRO D 3 39.02 -8.91 -55.57
N TYR D 4 39.30 -9.97 -54.81
CA TYR D 4 40.63 -10.27 -54.31
C TYR D 4 40.89 -11.76 -54.47
N VAL D 5 42.13 -12.15 -54.26
CA VAL D 5 42.50 -13.57 -54.25
C VAL D 5 42.07 -14.15 -52.91
N LEU D 6 42.09 -15.48 -52.80
CA LEU D 6 41.63 -16.15 -51.59
C LEU D 6 42.61 -15.94 -50.46
N GLY D 7 42.16 -15.26 -49.40
CA GLY D 7 42.99 -14.98 -48.25
C GLY D 7 43.34 -13.51 -48.09
N THR D 10 38.96 -8.54 -48.86
CA THR D 10 37.69 -8.87 -48.23
C THR D 10 37.34 -10.33 -48.49
N CYS D 11 38.31 -11.09 -48.99
CA CYS D 11 38.14 -12.50 -49.29
C CYS D 11 39.06 -13.35 -48.42
N LEU D 12 39.21 -12.96 -47.17
CA LEU D 12 40.07 -13.66 -46.21
C LEU D 12 39.49 -15.02 -45.84
N CYS D 14 37.76 -17.02 -47.67
CA CYS D 14 37.43 -17.76 -48.89
C CYS D 14 37.83 -19.23 -48.76
N ALA D 15 37.37 -20.02 -49.73
CA ALA D 15 37.54 -21.48 -49.80
C ALA D 15 37.02 -22.15 -48.53
N CYS E 2 19.90 -49.23 -45.73
CA CYS E 2 19.00 -49.13 -44.60
C CYS E 2 19.44 -50.09 -43.50
N PRO E 3 19.40 -49.64 -42.23
CA PRO E 3 19.79 -50.49 -41.09
C PRO E 3 18.83 -51.65 -40.89
N TYR E 4 17.55 -51.41 -41.17
CA TYR E 4 16.52 -52.43 -41.09
C TYR E 4 15.65 -52.35 -42.33
N VAL E 5 14.79 -53.35 -42.51
CA VAL E 5 13.82 -53.33 -43.59
C VAL E 5 12.68 -52.40 -43.18
N LEU E 6 11.82 -52.05 -44.15
CA LEU E 6 10.77 -51.07 -43.90
C LEU E 6 9.70 -51.67 -43.00
N GLY E 7 9.45 -51.02 -41.87
CA GLY E 7 8.48 -51.50 -40.91
C GLY E 7 9.12 -52.10 -39.67
N THR E 10 14.35 -49.53 -36.42
CA THR E 10 14.24 -48.09 -36.32
C THR E 10 13.69 -47.51 -37.62
N CYS E 11 13.14 -48.37 -38.46
CA CYS E 11 12.58 -48.00 -39.75
C CYS E 11 11.10 -48.33 -39.82
N LEU E 12 10.39 -48.12 -38.72
CA LEU E 12 8.96 -48.43 -38.62
C LEU E 12 8.14 -47.48 -39.47
N CYS E 14 9.02 -46.00 -42.21
CA CYS E 14 9.64 -45.90 -43.52
C CYS E 14 8.62 -45.86 -44.64
N ALA E 15 8.96 -45.12 -45.70
CA ALA E 15 8.16 -44.92 -46.91
C ALA E 15 6.75 -44.40 -46.62
N CYS F 2 -4.26 -21.51 -66.44
CA CYS F 2 -4.63 -20.38 -65.60
C CYS F 2 -6.15 -20.17 -65.66
N PRO F 3 -6.77 -19.87 -64.52
CA PRO F 3 -8.23 -19.65 -64.47
C PRO F 3 -8.65 -18.38 -65.20
N TYR F 4 -7.76 -17.39 -65.25
CA TYR F 4 -8.00 -16.15 -65.96
C TYR F 4 -6.73 -15.77 -66.71
N VAL F 5 -6.85 -14.78 -67.59
CA VAL F 5 -5.69 -14.23 -68.29
C VAL F 5 -4.97 -13.29 -67.34
N LEU F 6 -3.75 -12.89 -67.71
CA LEU F 6 -2.93 -12.05 -66.83
C LEU F 6 -3.51 -10.64 -66.75
N GLY F 7 -3.85 -10.22 -65.54
CA GLY F 7 -4.44 -8.91 -65.34
C GLY F 7 -5.91 -8.96 -64.99
N THR F 10 -8.73 -13.31 -60.81
CA THR F 10 -7.90 -13.49 -59.63
C THR F 10 -6.42 -13.54 -60.02
N CYS F 11 -6.14 -13.16 -61.26
CA CYS F 11 -4.78 -13.15 -61.81
C CYS F 11 -4.38 -11.72 -62.17
N LEU F 12 -4.73 -10.76 -61.32
CA LEU F 12 -4.42 -9.35 -61.55
C LEU F 12 -2.93 -9.09 -61.33
N CYS F 14 -0.45 -11.04 -61.91
CA CYS F 14 0.34 -11.99 -62.67
C CYS F 14 1.51 -11.30 -63.38
N ALA F 15 2.35 -12.13 -64.02
CA ALA F 15 3.61 -11.74 -64.67
C ALA F 15 4.53 -10.99 -63.70
#